data_8KAL
#
_entry.id   8KAL
#
_cell.length_a   362.049
_cell.length_b   70.956
_cell.length_c   200.100
_cell.angle_alpha   90.000
_cell.angle_beta   101.524
_cell.angle_gamma   90.000
#
_symmetry.space_group_name_H-M   'C 1 2 1'
#
loop_
_entity.id
_entity.type
_entity.pdbx_description
1 polymer 'RNA (98-MER)'
2 polymer 'CRISPR-associated endonuclease Cas9/Csn1'
3 polymer 'DNA (25-MER)'
4 polymer "DNA (5'-D(*TP*TP*TP*AP*GP*GP*TP*AP*TP*TP*G)-3')"
5 non-polymer 'SULFATE ION'
6 water water
#
loop_
_entity_poly.entity_id
_entity_poly.type
_entity_poly.pdbx_seq_one_letter_code
_entity_poly.pdbx_strand_id
1 'polyribonucleotide'
;GGUCCGUGUUCUAAUUGAAGGUUUUAGAGCUAGAAAUAGCAAGUUAAAAUAAGGCUAGUCCGUUAUCAACUUGAAAAAGU
GGCACCGAGUCGGUGCUC
;
A,E
2 'polypeptide(L)'
;MDKKYSIGLAIGTNSVGWAVITDEYKVPSKKFKVLGNTDRHSIKKNLIGALLFDSGETAEATRLKRTARRRYTRRKNRIC
YLQEIFSNEMAKVDDSFFHRLEESFLVEEDKKHERHPIFGNIVDEVAYHEKYPTIYHLRKKLVDSTDKADLRLIYLALAH
MIKFRGHFLIEGDLNPDNSDVDKLFIQLVQTYNQLFEENPINASGVDAKAILSARLSKSRRLENLIAQLPGEKKNGLFGN
LIALSLGLTPNFKSNFDLAEDAKLQLSKDTYDDDLDNLLAQIGDQYADLFLAAKNLSDAILLSDILRVNTEITKAPLSAS
MIKRYDEHHQDLTLLKALVRQQLPEKYKEIFFDQSKNGYAGYIDGGASQEEFYKFIKPILEKMDGTEELLVKLNREDLLR
KQRTFDNGSIPHQIHLGELHAILRRQEDFYPFLKDNREKIEKILTFRIPYYVGPLARGNSRFAWMTRKSEETITPWNFEE
VVDKGASAQSFIERMTNFDKNLPNEKVLPKHSLLYEYFTVYNELTKVKYVTEGMRKPAFLSGEQKKAIVDLLFKTNRKVT
VKQLKEDYFKKIECFDSVEISGVEDRFNASLGTYHDLLKIIKDKDFLDNEENEDILEDIVLTLTLFEDREMIEERLKTYA
HLFDDKVMKQLKRRRYTGWGRLSRKLINGIRDKQSGKTILDFLKSDGFANRNFMQLIHDDSLTFKEDIQKAQVSGQGDSL
HEHIANLAGSPAIKKGILQTVKVVDELVKVMGRHKPENIVIEMARENQTTQKGQKNSRERMKRIEEGIKELGSQILKEHP
VENTQLQNEKLYLYYLQNGRDMYVDQELDINRLSDYDVDAIVPQSFLKDDSIDNKVLTRSDKNRGKSDNVPSEEVVKKMK
NYWRQLLNAKLITQRKFDNLTKAERGGLSELDKAGFIKRQLVETRQITKHVAQILDSRMNTKYDENDKLIREVKVITLKS
KLVSDFRKDFQFYKVREINNYHHAHDAYLNAVVGTALIKKYPKLESEFVYGDYKVYDVRKMIAKSEQEIGKATAKYFFYS
NIMNFFKTEITLANGEIRKRPLIETNGETGEIVWDKGRDFATVRKVLSMPQVNIVKKTEVQTGGFSKESILPKRNSDKLI
ARKKDWDPKKYGGFDSPTVAYSVLVVAKVEKGKSKKLKSVKELLGITIMERSSFEKNPIDFLEAKGYKEVKKDLIIKLPK
YSLFELENGRKRMLASAGELQKGNELALPSKYVNFLYLASHYEKLKGSPEDNEQKQLFVEQHKHYLDEIIEQISEFSKRV
ILADANLDKVLSAYNKHRDKPIREQAENIIHLFTLTNLGAPAAFKYFDTTIDRKRYTSTKEVLDATLIHQSITGLYETRI
DLSQLGGD
;
B,G
3 'polydeoxyribonucleotide'
;(DC)(DA)(DA)(DT)(DA)(DC)(DC)(DT)(DC)(DT)(DT)(DC)(DA)(DA)(DT)(DT)(DA)(DG)(DA)(DA)
(DC)(DA)(DC)(DG)(DG)
;
C,H
4 'polydeoxyribonucleotide' (DT)(DT)(DT)(DA)(DG)(DG)(DT)(DA)(DT)(DT)(DG) D,J
#
loop_
_chem_comp.id
_chem_comp.type
_chem_comp.name
_chem_comp.formula
A RNA linking ADENOSINE-5'-MONOPHOSPHATE 'C10 H14 N5 O7 P'
C RNA linking CYTIDINE-5'-MONOPHOSPHATE 'C9 H14 N3 O8 P'
DA DNA linking 2'-DEOXYADENOSINE-5'-MONOPHOSPHATE 'C10 H14 N5 O6 P'
DC DNA linking 2'-DEOXYCYTIDINE-5'-MONOPHOSPHATE 'C9 H14 N3 O7 P'
DG DNA linking 2'-DEOXYGUANOSINE-5'-MONOPHOSPHATE 'C10 H14 N5 O7 P'
DT DNA linking THYMIDINE-5'-MONOPHOSPHATE 'C10 H15 N2 O8 P'
G RNA linking GUANOSINE-5'-MONOPHOSPHATE 'C10 H14 N5 O8 P'
SO4 non-polymer 'SULFATE ION' 'O4 S -2'
U RNA linking URIDINE-5'-MONOPHOSPHATE 'C9 H13 N2 O9 P'
#
# COMPACT_ATOMS: atom_id res chain seq x y z
N LYS B 4 -21.88 6.78 -20.81
CA LYS B 4 -20.59 7.34 -21.21
C LYS B 4 -20.48 8.76 -20.70
N TYR B 5 -21.36 9.11 -19.77
CA TYR B 5 -21.51 10.47 -19.28
C TYR B 5 -21.41 10.48 -17.78
N SER B 6 -21.16 11.65 -17.22
CA SER B 6 -21.14 11.75 -15.76
C SER B 6 -21.86 13.00 -15.27
N ILE B 7 -22.58 12.88 -14.16
CA ILE B 7 -23.39 13.98 -13.61
C ILE B 7 -22.86 14.55 -12.32
N GLY B 8 -22.65 15.85 -12.31
CA GLY B 8 -22.16 16.54 -11.13
C GLY B 8 -23.22 17.52 -10.71
N LEU B 9 -23.53 17.57 -9.42
CA LEU B 9 -24.60 18.42 -8.94
C LEU B 9 -24.17 19.24 -7.74
N ALA B 10 -24.76 20.42 -7.60
CA ALA B 10 -24.52 21.27 -6.45
C ALA B 10 -25.82 21.46 -5.68
N ILE B 11 -25.78 21.14 -4.40
CA ILE B 11 -26.96 21.18 -3.55
C ILE B 11 -26.80 22.29 -2.52
N GLY B 12 -27.66 23.32 -2.63
CA GLY B 12 -27.67 24.43 -1.70
C GLY B 12 -29.05 24.67 -1.08
N THR B 13 -29.09 25.66 -0.18
CA THR B 13 -30.31 26.00 0.56
C THR B 13 -31.47 26.32 -0.37
N ASN B 14 -31.23 27.23 -1.31
CA ASN B 14 -32.22 27.74 -2.25
C ASN B 14 -32.05 27.20 -3.67
N SER B 15 -30.86 26.77 -4.04
CA SER B 15 -30.52 26.39 -5.40
C SER B 15 -30.11 24.93 -5.45
N VAL B 16 -30.13 24.35 -6.66
CA VAL B 16 -29.53 23.04 -6.91
C VAL B 16 -28.90 23.01 -8.29
N GLY B 17 -27.57 22.87 -8.35
CA GLY B 17 -26.87 22.92 -9.62
C GLY B 17 -26.57 21.54 -10.17
N TRP B 18 -26.93 21.34 -11.45
CA TRP B 18 -26.61 20.10 -12.14
C TRP B 18 -25.89 20.39 -13.46
N ALA B 19 -25.30 19.32 -14.03
CA ALA B 19 -24.51 19.33 -15.26
C ALA B 19 -24.43 17.91 -15.78
N VAL B 20 -24.04 17.75 -17.05
CA VAL B 20 -23.75 16.43 -17.64
C VAL B 20 -22.48 16.55 -18.50
N ILE B 21 -21.59 15.56 -18.41
CA ILE B 21 -20.27 15.64 -19.05
C ILE B 21 -20.00 14.45 -19.98
N THR B 22 -19.38 14.74 -21.13
CA THR B 22 -19.02 13.75 -22.15
C THR B 22 -17.86 12.91 -21.64
N ASP B 23 -17.22 12.21 -22.56
CA ASP B 23 -16.01 11.52 -22.21
C ASP B 23 -14.80 12.42 -22.24
N GLU B 24 -14.88 13.56 -22.94
CA GLU B 24 -13.82 14.56 -22.88
C GLU B 24 -14.27 15.84 -22.22
N TYR B 25 -15.07 15.72 -21.18
CA TYR B 25 -15.40 16.83 -20.31
C TYR B 25 -16.16 17.90 -21.05
N LYS B 26 -16.54 17.63 -22.30
CA LYS B 26 -17.51 18.47 -23.00
C LYS B 26 -18.84 18.34 -22.25
N VAL B 27 -19.85 19.13 -22.66
CA VAL B 27 -21.15 19.00 -22.06
C VAL B 27 -22.19 18.74 -23.35
N PRO B 28 -22.97 17.72 -23.22
CA PRO B 28 -23.72 17.33 -24.44
C PRO B 28 -24.80 18.34 -24.77
N SER B 29 -25.32 18.18 -26.00
CA SER B 29 -26.19 19.18 -26.63
C SER B 29 -27.26 18.42 -27.43
N LYS B 30 -28.44 18.28 -26.84
CA LYS B 30 -29.50 17.46 -27.39
C LYS B 30 -30.68 18.29 -27.88
N LYS B 31 -31.42 17.71 -28.82
CA LYS B 31 -32.62 18.28 -29.41
C LYS B 31 -33.83 17.53 -28.86
N PHE B 32 -34.79 18.26 -28.30
CA PHE B 32 -35.90 17.70 -27.51
C PHE B 32 -37.24 17.84 -28.22
N LYS B 33 -38.28 17.27 -27.61
CA LYS B 33 -39.64 17.49 -28.06
C LYS B 33 -40.32 18.54 -27.19
N VAL B 34 -41.45 19.01 -27.69
CA VAL B 34 -42.15 20.17 -27.14
C VAL B 34 -43.63 19.94 -27.42
N LEU B 35 -44.37 19.54 -26.39
CA LEU B 35 -45.78 19.24 -26.51
C LEU B 35 -46.59 20.52 -26.39
N GLY B 36 -47.74 20.59 -27.07
CA GLY B 36 -48.58 21.77 -26.97
C GLY B 36 -49.07 22.19 -28.34
N ASN B 37 -49.58 23.41 -28.44
CA ASN B 37 -50.13 23.88 -29.71
C ASN B 37 -49.27 24.82 -30.54
N THR B 38 -48.13 25.24 -30.00
CA THR B 38 -47.34 26.25 -30.69
C THR B 38 -46.72 25.63 -31.93
N ASP B 39 -46.27 26.48 -32.84
CA ASP B 39 -45.77 26.02 -34.11
C ASP B 39 -44.57 25.11 -33.90
N ARG B 40 -43.72 25.43 -32.94
CA ARG B 40 -42.50 24.66 -32.75
C ARG B 40 -42.82 23.23 -32.37
N HIS B 41 -42.01 22.30 -32.85
CA HIS B 41 -42.16 20.92 -32.44
C HIS B 41 -40.92 20.36 -31.78
N SER B 42 -39.82 21.08 -31.87
CA SER B 42 -38.61 20.70 -31.14
C SER B 42 -37.74 21.90 -30.87
N ILE B 43 -36.99 21.85 -29.78
CA ILE B 43 -36.02 22.88 -29.46
C ILE B 43 -34.76 22.22 -28.94
N LYS B 44 -33.62 22.84 -29.18
CA LYS B 44 -32.35 22.25 -28.78
C LYS B 44 -31.79 22.99 -27.61
N LYS B 45 -31.45 22.25 -26.57
CA LYS B 45 -30.90 22.83 -25.37
C LYS B 45 -29.71 22.06 -24.86
N ASN B 46 -28.85 22.72 -24.12
CA ASN B 46 -27.68 22.10 -23.52
C ASN B 46 -28.02 21.25 -22.31
N LEU B 47 -27.07 20.43 -21.89
CA LEU B 47 -27.31 19.42 -20.87
C LEU B 47 -26.86 19.85 -19.49
N ILE B 48 -26.70 21.14 -19.27
CA ILE B 48 -26.31 21.66 -17.97
C ILE B 48 -27.28 22.74 -17.52
N GLY B 49 -27.40 22.97 -16.23
CA GLY B 49 -28.31 23.99 -15.73
C GLY B 49 -28.48 24.06 -14.22
N ALA B 50 -29.44 24.86 -13.78
CA ALA B 50 -29.85 24.90 -12.37
C ALA B 50 -31.35 25.05 -12.17
N LEU B 51 -31.89 24.36 -11.17
CA LEU B 51 -33.27 24.50 -10.71
C LEU B 51 -33.27 25.25 -9.39
N LEU B 52 -33.85 26.45 -9.41
CA LEU B 52 -33.97 27.23 -8.20
C LEU B 52 -35.27 26.88 -7.50
N PHE B 53 -35.55 27.54 -6.37
CA PHE B 53 -36.81 27.37 -5.65
C PHE B 53 -36.81 28.30 -4.45
N ASP B 54 -37.95 28.33 -3.76
CA ASP B 54 -38.08 29.08 -2.51
C ASP B 54 -37.50 28.25 -1.38
N SER B 55 -36.82 28.90 -0.46
CA SER B 55 -36.17 28.19 0.60
C SER B 55 -37.21 27.50 1.43
N GLY B 56 -36.92 26.29 1.87
CA GLY B 56 -37.85 25.53 2.67
C GLY B 56 -38.00 26.17 4.03
N GLU B 57 -39.15 25.99 4.67
CA GLU B 57 -39.43 26.66 5.93
C GLU B 57 -39.67 25.72 7.10
N THR B 58 -39.05 26.04 8.23
CA THR B 58 -39.13 25.24 9.45
C THR B 58 -40.51 25.35 10.03
N ALA B 59 -40.84 24.47 10.96
CA ALA B 59 -42.15 24.49 11.57
C ALA B 59 -42.26 25.38 12.78
N GLU B 60 -41.18 26.07 13.13
CA GLU B 60 -41.10 26.77 14.42
C GLU B 60 -42.15 27.87 14.58
N ALA B 61 -42.36 28.65 13.55
CA ALA B 61 -43.44 29.64 13.57
C ALA B 61 -44.80 28.98 13.60
N THR B 62 -44.97 27.93 12.82
CA THR B 62 -46.26 27.28 12.74
C THR B 62 -46.61 26.66 14.08
N ARG B 63 -45.64 26.05 14.74
CA ARG B 63 -45.89 25.51 16.07
C ARG B 63 -46.28 26.59 17.09
N LEU B 64 -45.57 27.74 17.05
CA LEU B 64 -45.90 28.80 18.00
C LEU B 64 -47.26 29.42 17.70
N LYS B 65 -47.75 29.23 16.47
CA LYS B 65 -49.16 29.27 16.09
C LYS B 65 -49.98 28.11 16.65
N ARG B 66 -49.45 26.89 16.54
CA ARG B 66 -50.18 25.69 16.94
C ARG B 66 -50.43 25.89 18.40
N THR B 67 -49.39 26.32 19.09
CA THR B 67 -49.47 26.51 20.51
C THR B 67 -50.48 27.57 20.81
N ALA B 68 -50.46 28.64 20.03
CA ALA B 68 -51.25 29.79 20.37
C ALA B 68 -52.73 29.47 20.37
N ARG B 69 -53.16 28.81 19.32
CA ARG B 69 -54.57 28.51 19.18
C ARG B 69 -55.06 27.56 20.25
N ARG B 70 -54.25 26.58 20.61
CA ARG B 70 -54.63 25.71 21.70
C ARG B 70 -54.68 26.62 22.92
N ARG B 71 -53.72 27.52 23.04
CA ARG B 71 -53.69 28.43 24.17
C ARG B 71 -54.84 29.44 24.30
N TYR B 72 -55.20 30.13 23.23
CA TYR B 72 -56.18 31.20 23.33
C TYR B 72 -57.56 30.73 23.73
N THR B 73 -57.98 29.60 23.18
CA THR B 73 -59.28 29.00 23.49
C THR B 73 -59.41 28.53 24.92
N ARG B 74 -58.34 28.00 25.49
CA ARG B 74 -58.41 27.52 26.87
C ARG B 74 -58.75 28.70 27.74
N ARG B 75 -58.11 29.82 27.46
CA ARG B 75 -58.37 31.03 28.23
C ARG B 75 -59.81 31.42 28.06
N LYS B 76 -60.33 31.24 26.86
CA LYS B 76 -61.73 31.49 26.63
C LYS B 76 -62.54 30.52 27.47
N ASN B 77 -62.06 29.29 27.61
CA ASN B 77 -62.77 28.33 28.43
C ASN B 77 -62.85 28.72 29.90
N ARG B 78 -61.76 29.23 30.47
CA ARG B 78 -61.84 29.66 31.87
C ARG B 78 -62.96 30.67 32.09
N ILE B 79 -63.05 31.68 31.22
CA ILE B 79 -64.15 32.62 31.21
C ILE B 79 -65.48 31.91 30.96
N CYS B 80 -65.43 30.66 30.52
CA CYS B 80 -66.65 29.92 30.26
C CYS B 80 -67.17 29.25 31.52
N TYR B 81 -66.27 28.74 32.36
CA TYR B 81 -66.68 27.95 33.52
C TYR B 81 -67.26 28.82 34.63
N LEU B 82 -66.76 30.06 34.73
CA LEU B 82 -67.35 31.05 35.61
C LEU B 82 -68.82 31.25 35.31
N GLN B 83 -69.16 31.43 34.03
CA GLN B 83 -70.56 31.63 33.69
C GLN B 83 -71.39 30.39 34.02
N GLU B 84 -70.93 29.21 33.61
CA GLU B 84 -71.71 27.98 33.84
C GLU B 84 -71.90 27.73 35.32
N ILE B 85 -70.94 28.13 36.16
CA ILE B 85 -71.17 28.16 37.59
C ILE B 85 -72.27 29.15 37.92
N PHE B 86 -72.21 30.31 37.29
CA PHE B 86 -73.02 31.45 37.70
C PHE B 86 -74.43 31.48 37.10
N SER B 87 -74.75 30.62 36.12
CA SER B 87 -75.90 30.93 35.26
C SER B 87 -77.16 31.06 36.08
N ASN B 88 -77.43 30.08 36.95
CA ASN B 88 -78.65 30.10 37.73
C ASN B 88 -78.76 31.39 38.51
N GLU B 89 -77.77 31.66 39.34
CA GLU B 89 -77.87 32.82 40.21
C GLU B 89 -77.76 34.13 39.44
N MET B 90 -77.28 34.11 38.20
CA MET B 90 -77.19 35.38 37.50
C MET B 90 -78.50 35.74 36.82
N ALA B 91 -79.22 34.75 36.28
CA ALA B 91 -80.56 35.00 35.75
C ALA B 91 -81.47 35.57 36.84
N LYS B 92 -81.44 34.98 38.05
CA LYS B 92 -82.16 35.55 39.18
C LYS B 92 -81.90 37.05 39.30
N VAL B 93 -80.62 37.38 39.38
CA VAL B 93 -80.18 38.78 39.47
C VAL B 93 -80.34 39.60 38.21
N ASP B 94 -79.96 39.03 37.07
CA ASP B 94 -80.11 39.73 35.80
C ASP B 94 -80.29 38.75 34.66
N ASP B 95 -81.29 38.98 33.82
CA ASP B 95 -81.55 38.06 32.71
C ASP B 95 -80.49 38.02 31.61
N SER B 96 -79.99 39.18 31.24
CA SER B 96 -79.14 39.32 30.06
C SER B 96 -77.72 39.79 30.31
N PHE B 97 -77.23 39.71 31.53
CA PHE B 97 -75.95 40.31 31.80
C PHE B 97 -74.93 39.63 30.94
N PHE B 98 -74.98 38.31 30.94
CA PHE B 98 -74.06 37.51 30.16
C PHE B 98 -74.23 37.69 28.66
N HIS B 99 -75.45 37.87 28.23
CA HIS B 99 -75.72 38.14 26.83
C HIS B 99 -75.16 39.46 26.31
N ARG B 100 -75.22 40.50 27.11
CA ARG B 100 -74.63 41.77 26.74
C ARG B 100 -73.13 41.67 26.62
N LEU B 101 -72.50 40.93 27.51
CA LEU B 101 -71.06 40.75 27.48
C LEU B 101 -70.61 40.03 26.21
N GLU B 102 -71.34 38.99 25.83
CA GLU B 102 -71.02 38.22 24.63
C GLU B 102 -71.14 39.11 23.42
N GLU B 103 -72.12 40.00 23.46
CA GLU B 103 -72.40 40.93 22.37
C GLU B 103 -71.92 42.34 22.66
N SER B 104 -71.03 42.49 23.63
CA SER B 104 -70.55 43.79 24.02
C SER B 104 -69.90 44.44 22.82
N PHE B 105 -69.24 43.64 22.01
CA PHE B 105 -68.56 44.13 20.82
C PHE B 105 -69.43 44.78 19.74
N LEU B 106 -70.61 44.24 19.49
CA LEU B 106 -71.39 44.61 18.32
C LEU B 106 -71.85 46.06 18.33
N VAL B 107 -72.02 46.60 17.13
CA VAL B 107 -72.44 47.99 16.91
C VAL B 107 -73.86 48.22 17.39
N GLU B 108 -74.16 49.44 17.82
CA GLU B 108 -75.44 49.70 18.45
C GLU B 108 -76.55 49.25 17.53
N GLU B 109 -76.38 49.48 16.24
CA GLU B 109 -77.37 49.08 15.27
C GLU B 109 -77.53 47.57 15.24
N ASP B 110 -76.43 46.85 15.31
CA ASP B 110 -76.49 45.39 15.23
C ASP B 110 -76.60 44.80 16.62
N LYS B 111 -76.57 45.66 17.63
CA LYS B 111 -76.72 45.21 19.00
C LYS B 111 -78.12 44.69 19.24
N LYS B 112 -78.26 43.57 19.95
CA LYS B 112 -79.57 43.01 20.19
C LYS B 112 -80.13 43.44 21.53
N HIS B 113 -79.34 43.35 22.58
CA HIS B 113 -79.76 43.76 23.90
C HIS B 113 -79.41 45.21 24.12
N GLU B 114 -79.70 45.70 25.31
CA GLU B 114 -79.42 47.08 25.64
C GLU B 114 -77.93 47.23 25.48
N ARG B 115 -77.49 48.37 24.98
CA ARG B 115 -76.09 48.57 24.65
C ARG B 115 -75.15 48.50 25.82
N HIS B 116 -75.63 48.95 26.97
CA HIS B 116 -74.78 49.15 28.15
C HIS B 116 -74.62 47.86 28.90
N PRO B 117 -73.29 47.39 28.99
CA PRO B 117 -73.22 45.99 29.39
C PRO B 117 -73.65 45.70 30.82
N ILE B 118 -73.16 46.50 31.75
CA ILE B 118 -73.31 46.16 33.14
C ILE B 118 -74.71 46.22 33.71
N PHE B 119 -75.46 47.28 33.41
CA PHE B 119 -76.79 47.45 33.98
C PHE B 119 -77.94 47.70 33.01
N GLY B 120 -77.66 47.69 31.72
CA GLY B 120 -78.67 48.09 30.75
C GLY B 120 -78.89 49.58 30.71
N ASN B 121 -79.17 50.16 31.87
CA ASN B 121 -79.41 51.60 31.98
C ASN B 121 -78.19 52.45 31.66
N ILE B 122 -78.38 53.56 30.98
CA ILE B 122 -77.27 54.48 30.79
C ILE B 122 -76.78 55.14 32.07
N VAL B 123 -77.69 55.53 32.94
CA VAL B 123 -77.32 56.31 34.12
C VAL B 123 -76.42 55.62 35.14
N ASP B 124 -76.75 54.39 35.50
CA ASP B 124 -75.97 53.66 36.49
C ASP B 124 -74.57 53.27 36.05
N GLU B 125 -74.42 52.88 34.79
CA GLU B 125 -73.14 52.43 34.28
C GLU B 125 -72.17 53.58 34.41
N VAL B 126 -72.67 54.78 34.18
CA VAL B 126 -71.84 55.95 34.33
C VAL B 126 -71.39 56.00 35.76
N ALA B 127 -72.31 55.72 36.68
CA ALA B 127 -71.97 55.83 38.08
C ALA B 127 -70.88 54.88 38.49
N TYR B 128 -70.94 53.63 38.03
CA TYR B 128 -69.94 52.66 38.43
C TYR B 128 -68.58 53.09 37.90
N HIS B 129 -68.54 53.46 36.64
CA HIS B 129 -67.28 53.89 36.02
C HIS B 129 -66.63 55.08 36.71
N GLU B 130 -67.34 55.80 37.58
CA GLU B 130 -66.80 57.01 38.21
C GLU B 130 -66.63 56.87 39.72
N LYS B 131 -67.22 55.85 40.32
CA LYS B 131 -66.67 55.47 41.61
C LYS B 131 -65.51 54.51 41.44
N TYR B 132 -65.63 53.57 40.49
CA TYR B 132 -64.65 52.50 40.25
C TYR B 132 -64.15 52.59 38.81
N PRO B 133 -63.29 53.57 38.52
CA PRO B 133 -62.97 53.92 37.13
C PRO B 133 -62.04 52.94 36.45
N THR B 134 -61.08 52.40 37.19
CA THR B 134 -60.25 51.31 36.70
C THR B 134 -60.57 50.05 37.47
N ILE B 135 -60.68 48.94 36.76
CA ILE B 135 -61.04 47.66 37.36
C ILE B 135 -60.10 47.26 38.49
N TYR B 136 -59.02 48.01 38.73
CA TYR B 136 -58.19 47.77 39.90
C TYR B 136 -58.63 48.59 41.12
N HIS B 137 -59.46 49.65 40.91
CA HIS B 137 -60.23 50.27 42.00
C HIS B 137 -61.32 49.34 42.53
N LEU B 138 -61.96 48.58 41.65
CA LEU B 138 -62.93 47.58 42.06
C LEU B 138 -62.28 46.38 42.74
N ARG B 139 -61.09 45.96 42.27
CA ARG B 139 -60.43 44.79 42.86
C ARG B 139 -59.98 45.02 44.32
N LYS B 140 -59.64 46.26 44.73
CA LYS B 140 -59.38 46.50 46.15
C LYS B 140 -60.67 46.37 46.96
N LYS B 141 -61.76 47.04 46.51
CA LYS B 141 -63.02 47.04 47.26
C LYS B 141 -63.40 45.65 47.71
N LEU B 142 -63.65 44.76 46.76
CA LEU B 142 -64.27 43.49 47.11
C LEU B 142 -63.30 42.52 47.80
N VAL B 143 -62.02 42.89 47.94
CA VAL B 143 -61.11 42.24 48.88
C VAL B 143 -61.12 42.92 50.25
N ASP B 144 -61.55 44.19 50.30
CA ASP B 144 -61.75 44.87 51.59
C ASP B 144 -63.20 44.89 52.06
N SER B 145 -64.15 45.35 51.23
CA SER B 145 -65.47 45.72 51.73
C SER B 145 -66.19 44.54 52.39
N THR B 146 -66.82 44.84 53.51
CA THR B 146 -67.68 43.94 54.29
C THR B 146 -69.15 44.27 54.11
N ASP B 147 -69.56 44.65 52.89
CA ASP B 147 -70.95 44.96 52.58
C ASP B 147 -71.34 44.26 51.28
N LYS B 148 -72.45 43.52 51.31
CA LYS B 148 -72.89 42.75 50.15
C LYS B 148 -72.87 43.62 48.90
N ALA B 149 -72.40 43.06 47.78
CA ALA B 149 -72.26 43.82 46.54
C ALA B 149 -72.98 43.14 45.40
N ASP B 150 -73.35 43.94 44.40
CA ASP B 150 -74.10 43.43 43.25
C ASP B 150 -73.32 42.30 42.59
N LEU B 151 -73.95 41.14 42.49
CA LEU B 151 -73.29 39.96 41.95
C LEU B 151 -72.61 40.25 40.62
N ARG B 152 -73.32 40.91 39.69
CA ARG B 152 -72.72 41.18 38.38
C ARG B 152 -71.42 41.97 38.47
N LEU B 153 -71.22 42.76 39.53
CA LEU B 153 -69.89 43.29 39.77
C LEU B 153 -68.93 42.19 40.22
N ILE B 154 -69.42 41.22 41.01
CA ILE B 154 -68.53 40.17 41.52
C ILE B 154 -68.02 39.32 40.37
N TYR B 155 -68.89 38.85 39.50
CA TYR B 155 -68.37 38.06 38.41
C TYR B 155 -67.42 38.97 37.69
N LEU B 156 -67.73 40.25 37.63
CA LEU B 156 -66.95 41.15 36.83
C LEU B 156 -65.54 41.15 37.35
N ALA B 157 -65.39 41.10 38.65
CA ALA B 157 -64.06 41.02 39.21
C ALA B 157 -63.39 39.73 38.87
N LEU B 158 -64.13 38.64 38.97
CA LEU B 158 -63.56 37.32 38.90
C LEU B 158 -62.96 36.91 37.58
N ALA B 159 -63.64 37.22 36.49
CA ALA B 159 -63.15 36.80 35.19
C ALA B 159 -61.83 37.47 34.90
N HIS B 160 -61.74 38.73 35.29
CA HIS B 160 -60.63 39.57 34.91
C HIS B 160 -59.36 38.95 35.42
N MET B 161 -59.34 38.48 36.66
CA MET B 161 -58.17 37.82 37.19
C MET B 161 -57.89 36.55 36.48
N ILE B 162 -58.94 35.81 36.18
CA ILE B 162 -58.81 34.56 35.44
C ILE B 162 -58.40 34.72 33.98
N LYS B 163 -58.93 35.73 33.32
CA LYS B 163 -58.61 36.02 31.93
C LYS B 163 -57.14 36.36 31.80
N PHE B 164 -56.66 37.15 32.75
CA PHE B 164 -55.26 37.51 32.83
C PHE B 164 -54.87 37.20 34.25
N ARG B 165 -54.09 36.15 34.46
CA ARG B 165 -53.97 35.56 35.79
C ARG B 165 -52.66 35.59 36.55
N GLY B 166 -51.54 35.73 35.85
CA GLY B 166 -50.24 35.62 36.47
C GLY B 166 -49.51 34.31 36.21
N HIS B 167 -48.19 34.41 36.25
CA HIS B 167 -47.28 33.35 35.87
C HIS B 167 -47.02 32.32 36.94
N PHE B 168 -46.75 31.11 36.49
CA PHE B 168 -46.60 29.95 37.34
C PHE B 168 -45.14 29.66 37.57
N LEU B 169 -44.30 30.65 37.37
CA LEU B 169 -42.89 30.46 37.54
C LEU B 169 -42.67 30.05 38.98
N ILE B 170 -43.41 30.67 39.88
CA ILE B 170 -43.28 30.35 41.28
C ILE B 170 -44.51 29.62 41.80
N GLU B 171 -44.30 28.44 42.38
CA GLU B 171 -45.40 27.68 42.90
C GLU B 171 -45.20 27.42 44.39
N GLY B 172 -46.22 27.76 45.16
CA GLY B 172 -46.17 27.68 46.59
C GLY B 172 -47.41 28.39 47.06
N ASP B 173 -47.48 28.67 48.35
CA ASP B 173 -48.61 29.39 48.89
C ASP B 173 -48.10 30.65 49.58
N LEU B 174 -48.80 31.75 49.41
CA LEU B 174 -48.37 32.99 50.02
C LEU B 174 -49.37 33.55 51.01
N ASN B 175 -48.92 33.73 52.25
CA ASN B 175 -49.70 34.38 53.27
C ASN B 175 -49.27 35.81 53.33
N PRO B 176 -50.21 36.75 52.88
CA PRO B 176 -49.69 38.13 52.87
C PRO B 176 -49.83 38.71 54.25
N ASP B 177 -49.11 38.10 55.17
CA ASP B 177 -48.94 38.62 56.53
C ASP B 177 -47.53 39.10 56.66
N ASN B 178 -46.95 39.36 55.49
CA ASN B 178 -45.54 39.60 55.28
C ASN B 178 -45.24 41.02 54.86
N SER B 179 -46.18 41.93 55.09
CA SER B 179 -46.02 43.29 54.60
C SER B 179 -44.80 43.99 55.19
N ASP B 180 -44.55 43.80 56.49
CA ASP B 180 -43.42 44.48 57.13
C ASP B 180 -42.21 43.59 57.18
N VAL B 181 -41.27 43.87 56.28
CA VAL B 181 -40.02 43.13 56.19
C VAL B 181 -39.15 43.29 57.41
N ASP B 182 -39.06 44.51 57.92
CA ASP B 182 -38.12 44.76 59.00
C ASP B 182 -38.56 43.90 60.15
N LYS B 183 -39.85 43.85 60.40
CA LYS B 183 -40.33 43.06 61.51
C LYS B 183 -40.01 41.60 61.27
N LEU B 184 -40.25 41.14 60.05
CA LEU B 184 -39.99 39.74 59.76
C LEU B 184 -38.52 39.39 59.87
N PHE B 185 -37.66 40.23 59.33
CA PHE B 185 -36.25 39.93 59.29
C PHE B 185 -35.74 39.83 60.72
N ILE B 186 -36.16 40.79 61.53
CA ILE B 186 -35.64 40.91 62.87
C ILE B 186 -36.02 39.62 63.55
N GLN B 187 -37.15 39.07 63.18
CA GLN B 187 -37.56 37.81 63.80
C GLN B 187 -36.67 36.68 63.37
N LEU B 188 -36.08 36.75 62.17
CA LEU B 188 -35.10 35.74 61.80
C LEU B 188 -33.80 35.91 62.58
N VAL B 189 -33.31 37.14 62.68
CA VAL B 189 -32.12 37.38 63.51
C VAL B 189 -32.32 36.72 64.86
N GLN B 190 -33.53 36.83 65.42
CA GLN B 190 -33.77 36.24 66.72
C GLN B 190 -33.63 34.72 66.68
N THR B 191 -34.38 34.02 65.82
CA THR B 191 -34.35 32.56 65.90
C THR B 191 -32.99 31.99 65.52
N TYR B 192 -32.24 32.67 64.64
CA TYR B 192 -30.90 32.18 64.32
C TYR B 192 -29.93 32.42 65.48
N ASN B 193 -30.10 33.50 66.21
CA ASN B 193 -29.28 33.65 67.38
C ASN B 193 -29.54 32.52 68.37
N GLN B 194 -30.80 32.19 68.58
CA GLN B 194 -31.12 31.16 69.55
C GLN B 194 -30.54 29.84 69.11
N LEU B 195 -30.63 29.53 67.83
CA LEU B 195 -30.04 28.31 67.33
C LEU B 195 -28.53 28.34 67.46
N PHE B 196 -27.94 29.50 67.22
CA PHE B 196 -26.50 29.60 67.10
C PHE B 196 -25.96 30.61 68.08
N GLU B 197 -26.02 30.22 69.35
CA GLU B 197 -25.73 31.10 70.45
C GLU B 197 -24.28 31.54 70.38
N GLU B 198 -23.42 30.63 69.96
CA GLU B 198 -21.99 30.84 70.03
C GLU B 198 -21.51 32.02 69.19
N ASN B 199 -22.00 32.12 67.96
CA ASN B 199 -21.70 33.25 67.11
C ASN B 199 -23.00 33.99 66.92
N PRO B 200 -23.06 35.28 67.43
CA PRO B 200 -24.39 35.87 67.40
C PRO B 200 -24.48 37.06 66.47
N ILE B 201 -25.49 37.09 65.63
CA ILE B 201 -25.75 38.25 64.79
C ILE B 201 -26.27 39.40 65.62
N ASN B 202 -26.08 40.61 65.13
CA ASN B 202 -26.75 41.77 65.69
C ASN B 202 -27.53 42.45 64.58
N ALA B 203 -28.79 42.79 64.83
CA ALA B 203 -29.63 43.26 63.75
C ALA B 203 -29.07 44.53 63.16
N SER B 204 -28.67 45.45 64.01
CA SER B 204 -27.94 46.64 63.57
C SER B 204 -28.83 47.64 62.84
N GLY B 205 -30.12 47.42 62.87
CA GLY B 205 -31.05 48.39 62.35
C GLY B 205 -30.86 48.63 60.87
N VAL B 206 -30.63 47.56 60.13
CA VAL B 206 -30.63 47.62 58.69
C VAL B 206 -32.04 47.86 58.18
N ASP B 207 -32.19 48.68 57.16
CA ASP B 207 -33.50 48.95 56.63
C ASP B 207 -33.75 47.76 55.75
N ALA B 208 -33.96 46.64 56.39
CA ALA B 208 -34.07 45.41 55.65
C ALA B 208 -35.12 45.64 54.60
N LYS B 209 -36.20 46.31 54.97
CA LYS B 209 -37.21 46.63 53.98
C LYS B 209 -36.55 47.54 52.98
N ALA B 210 -35.80 48.51 53.49
CA ALA B 210 -35.07 49.40 52.61
C ALA B 210 -34.00 48.70 51.80
N ILE B 211 -33.19 47.87 52.45
CA ILE B 211 -32.16 47.16 51.70
C ILE B 211 -32.72 46.10 50.78
N LEU B 212 -33.60 45.29 51.33
CA LEU B 212 -34.23 44.20 50.62
C LEU B 212 -35.22 44.66 49.56
N SER B 213 -35.93 45.73 49.88
CA SER B 213 -36.97 46.29 49.05
C SER B 213 -36.50 46.79 47.71
N ALA B 214 -35.29 47.34 47.68
CA ALA B 214 -34.79 48.12 46.56
C ALA B 214 -34.64 47.31 45.29
N ARG B 215 -34.66 47.99 44.15
CA ARG B 215 -34.61 47.33 42.84
C ARG B 215 -33.26 46.73 42.53
N LEU B 216 -32.27 47.05 43.35
CA LEU B 216 -30.90 46.71 43.02
C LEU B 216 -30.79 45.22 42.87
N SER B 217 -29.86 44.80 42.03
CA SER B 217 -29.80 43.44 41.53
C SER B 217 -29.68 42.48 42.68
N LYS B 218 -30.29 41.33 42.52
CA LYS B 218 -30.64 40.44 43.61
C LYS B 218 -29.43 40.04 44.39
N SER B 219 -28.34 39.76 43.68
CA SER B 219 -27.14 39.34 44.34
C SER B 219 -26.65 40.47 45.22
N ARG B 220 -26.76 41.69 44.73
CA ARG B 220 -26.22 42.84 45.43
C ARG B 220 -26.87 43.04 46.77
N ARG B 221 -28.18 42.89 46.82
CA ARG B 221 -28.89 43.22 48.03
C ARG B 221 -28.36 42.36 49.14
N LEU B 222 -28.16 41.09 48.88
CA LEU B 222 -27.61 40.24 49.92
C LEU B 222 -26.22 40.71 50.29
N GLU B 223 -25.49 41.28 49.33
CA GLU B 223 -24.22 41.91 49.68
C GLU B 223 -24.46 43.18 50.49
N ASN B 224 -25.36 44.05 50.01
CA ASN B 224 -25.68 45.26 50.75
C ASN B 224 -26.13 44.94 52.17
N LEU B 225 -26.84 43.82 52.37
CA LEU B 225 -27.23 43.43 53.72
C LEU B 225 -26.01 42.94 54.50
N ILE B 226 -25.17 42.11 53.90
CA ILE B 226 -24.00 41.66 54.66
C ILE B 226 -22.94 42.74 54.77
N ALA B 227 -23.06 43.85 54.06
CA ALA B 227 -22.11 44.93 54.34
C ALA B 227 -22.44 45.63 55.65
N GLN B 228 -23.69 45.53 56.11
CA GLN B 228 -24.07 46.13 57.39
C GLN B 228 -23.76 45.22 58.56
N LEU B 229 -23.85 43.91 58.38
CA LEU B 229 -23.57 42.99 59.46
C LEU B 229 -22.14 43.18 59.96
N PRO B 230 -21.88 42.91 61.23
CA PRO B 230 -20.51 43.06 61.76
C PRO B 230 -19.68 41.80 61.56
N GLY B 231 -19.31 41.54 60.31
CA GLY B 231 -18.29 40.54 60.08
C GLY B 231 -18.73 39.09 59.93
N GLU B 232 -19.70 38.84 59.06
CA GLU B 232 -20.10 37.50 58.69
C GLU B 232 -19.75 37.26 57.23
N LYS B 233 -19.35 36.04 56.94
CA LYS B 233 -19.02 35.60 55.59
C LYS B 233 -20.26 35.56 54.72
N LYS B 234 -20.10 35.87 53.43
CA LYS B 234 -21.22 35.90 52.53
C LYS B 234 -21.89 34.57 52.39
N ASN B 235 -21.10 33.52 52.27
CA ASN B 235 -21.59 32.17 52.00
C ASN B 235 -21.77 31.37 53.27
N GLY B 236 -21.57 32.02 54.40
CA GLY B 236 -21.68 31.41 55.71
C GLY B 236 -23.16 31.18 55.91
N LEU B 237 -23.55 30.52 56.98
CA LEU B 237 -24.89 30.00 57.04
C LEU B 237 -25.94 31.10 56.90
N PHE B 238 -25.75 32.24 57.53
CA PHE B 238 -26.76 33.28 57.43
C PHE B 238 -26.90 33.74 56.01
N GLY B 239 -25.78 33.90 55.34
CA GLY B 239 -25.80 34.60 54.09
C GLY B 239 -26.66 33.88 53.09
N ASN B 240 -26.55 32.57 53.05
CA ASN B 240 -27.33 31.82 52.11
C ASN B 240 -28.80 32.00 52.40
N LEU B 241 -29.13 32.01 53.68
CA LEU B 241 -30.52 32.10 54.08
C LEU B 241 -31.11 33.38 53.58
N ILE B 242 -30.36 34.46 53.75
CA ILE B 242 -30.85 35.77 53.35
C ILE B 242 -31.03 35.72 51.86
N ALA B 243 -30.04 35.14 51.21
CA ALA B 243 -30.00 35.06 49.79
C ALA B 243 -31.19 34.25 49.34
N LEU B 244 -31.55 33.24 50.11
CA LEU B 244 -32.66 32.37 49.74
C LEU B 244 -34.03 33.04 49.67
N SER B 245 -34.34 33.93 50.61
CA SER B 245 -35.63 34.55 50.63
C SER B 245 -35.81 35.34 49.36
N LEU B 246 -34.79 36.11 49.03
CA LEU B 246 -34.74 36.76 47.74
C LEU B 246 -34.58 35.55 46.87
N GLY B 247 -35.27 35.50 45.74
CA GLY B 247 -35.34 34.24 45.02
C GLY B 247 -33.92 33.90 44.63
N LEU B 248 -33.49 32.71 45.02
CA LEU B 248 -32.12 32.31 44.78
C LEU B 248 -31.97 30.83 44.96
N THR B 249 -30.82 30.29 44.57
CA THR B 249 -30.54 28.91 44.87
C THR B 249 -29.17 28.83 45.50
N PRO B 250 -29.06 29.42 46.68
CA PRO B 250 -27.83 29.37 47.47
C PRO B 250 -27.53 27.92 47.81
N ASN B 251 -26.37 27.73 48.41
CA ASN B 251 -25.99 26.42 48.89
C ASN B 251 -25.32 26.56 50.25
N PHE B 252 -25.88 25.88 51.25
CA PHE B 252 -25.28 25.70 52.57
C PHE B 252 -24.71 24.31 52.76
N LYS B 253 -24.45 23.59 51.68
CA LYS B 253 -23.74 22.32 51.82
C LYS B 253 -22.36 22.51 52.44
N SER B 254 -21.72 23.67 52.23
CA SER B 254 -20.36 23.83 52.72
C SER B 254 -20.31 24.13 54.20
N ASN B 255 -21.40 24.67 54.80
CA ASN B 255 -21.33 24.92 56.23
C ASN B 255 -21.60 23.64 57.01
N PHE B 256 -22.34 22.71 56.43
CA PHE B 256 -22.71 21.46 57.08
C PHE B 256 -22.00 20.25 56.50
N ASP B 257 -21.12 20.46 55.52
CA ASP B 257 -20.25 19.42 54.93
C ASP B 257 -20.98 18.12 54.60
N LEU B 258 -22.21 18.24 54.10
CA LEU B 258 -22.88 17.07 53.54
C LEU B 258 -22.01 16.48 52.43
N ALA B 259 -22.04 15.16 52.31
CA ALA B 259 -21.23 14.49 51.28
C ALA B 259 -21.68 14.92 49.89
N GLU B 260 -22.98 14.92 49.66
CA GLU B 260 -23.58 15.37 48.42
C GLU B 260 -24.11 16.79 48.58
N ASP B 261 -23.96 17.61 47.54
CA ASP B 261 -24.39 19.00 47.57
C ASP B 261 -25.88 19.12 47.85
N ALA B 262 -26.25 20.15 48.62
CA ALA B 262 -27.63 20.37 49.05
C ALA B 262 -28.08 21.76 48.63
N LYS B 263 -28.78 21.82 47.50
CA LYS B 263 -29.14 23.07 46.86
C LYS B 263 -30.62 23.35 47.04
N LEU B 264 -30.97 24.61 47.26
CA LEU B 264 -32.31 24.96 47.72
C LEU B 264 -32.81 26.22 47.04
N GLN B 265 -34.02 26.13 46.49
CA GLN B 265 -34.76 27.24 45.91
C GLN B 265 -36.10 27.24 46.60
N LEU B 266 -36.57 28.37 47.11
CA LEU B 266 -37.91 28.38 47.65
C LEU B 266 -38.91 28.15 46.53
N SER B 267 -38.65 28.78 45.40
CA SER B 267 -39.54 28.76 44.26
C SER B 267 -39.69 27.37 43.68
N LYS B 268 -38.61 26.62 43.66
CA LYS B 268 -38.59 25.34 42.97
C LYS B 268 -39.59 24.41 43.60
N ASP B 269 -40.21 23.57 42.78
CA ASP B 269 -41.26 22.69 43.25
C ASP B 269 -40.70 21.77 44.30
N THR B 270 -39.52 21.23 44.05
CA THR B 270 -38.93 20.28 44.97
C THR B 270 -38.19 21.00 46.08
N TYR B 271 -38.93 21.68 46.94
CA TYR B 271 -38.30 22.35 48.07
C TYR B 271 -38.68 21.79 49.41
N ASP B 272 -39.98 21.68 49.67
CA ASP B 272 -40.45 21.40 51.01
C ASP B 272 -39.91 20.08 51.50
N ASP B 273 -39.96 19.06 50.65
CA ASP B 273 -39.28 17.83 50.96
C ASP B 273 -37.78 18.05 50.94
N ASP B 274 -37.33 18.80 49.95
CA ASP B 274 -35.92 18.86 49.66
C ASP B 274 -35.20 19.39 50.87
N LEU B 275 -35.71 20.46 51.44
CA LEU B 275 -35.21 20.90 52.72
C LEU B 275 -35.56 19.83 53.71
N ASP B 276 -36.79 19.36 53.63
CA ASP B 276 -37.25 18.37 54.58
C ASP B 276 -36.49 17.08 54.46
N ASN B 277 -36.23 16.66 53.23
CA ASN B 277 -35.42 15.48 53.04
C ASN B 277 -34.02 15.77 53.56
N LEU B 278 -33.52 16.96 53.27
CA LEU B 278 -32.30 17.49 53.89
C LEU B 278 -32.42 17.80 55.37
N LEU B 279 -33.54 18.38 55.75
CA LEU B 279 -33.68 18.97 57.08
C LEU B 279 -33.54 17.94 58.18
N ALA B 280 -34.11 16.76 57.97
CA ALA B 280 -34.04 15.73 58.96
C ALA B 280 -32.59 15.41 59.17
N GLN B 281 -31.83 15.48 58.09
CA GLN B 281 -30.44 15.07 58.08
C GLN B 281 -29.53 16.05 58.83
N ILE B 282 -30.02 17.25 59.16
CA ILE B 282 -29.29 18.20 59.99
C ILE B 282 -29.92 18.38 61.35
N GLY B 283 -30.94 17.60 61.67
CA GLY B 283 -31.77 17.79 62.86
C GLY B 283 -32.98 18.66 62.60
N ASP B 284 -34.07 18.36 63.30
CA ASP B 284 -35.34 19.05 63.14
C ASP B 284 -35.32 20.48 63.65
N GLN B 285 -34.29 20.81 64.42
CA GLN B 285 -34.23 22.09 65.09
C GLN B 285 -34.23 23.26 64.13
N TYR B 286 -33.48 23.13 63.05
CA TYR B 286 -33.36 24.18 62.04
C TYR B 286 -34.67 24.44 61.31
N ALA B 287 -35.54 23.45 61.31
CA ALA B 287 -36.69 23.46 60.44
C ALA B 287 -37.47 24.71 60.76
N ASP B 288 -37.51 25.05 62.03
CA ASP B 288 -38.16 26.28 62.41
C ASP B 288 -37.45 27.43 61.75
N LEU B 289 -36.13 27.33 61.62
CA LEU B 289 -35.37 28.44 61.06
C LEU B 289 -35.76 28.76 59.63
N PHE B 290 -35.92 27.74 58.81
CA PHE B 290 -36.27 27.97 57.43
C PHE B 290 -37.67 28.56 57.25
N LEU B 291 -38.62 28.10 58.04
CA LEU B 291 -39.96 28.60 57.93
C LEU B 291 -39.92 30.08 58.25
N ALA B 292 -39.09 30.44 59.22
CA ALA B 292 -38.96 31.84 59.57
C ALA B 292 -38.48 32.54 58.33
N ALA B 293 -37.56 31.91 57.60
CA ALA B 293 -37.04 32.47 56.37
C ALA B 293 -38.11 32.59 55.31
N LYS B 294 -38.94 31.58 55.17
CA LYS B 294 -39.95 31.61 54.13
C LYS B 294 -40.88 32.77 54.41
N ASN B 295 -41.25 32.93 55.67
CA ASN B 295 -42.23 33.92 56.03
C ASN B 295 -41.75 35.29 55.62
N LEU B 296 -40.46 35.54 55.81
CA LEU B 296 -39.84 36.74 55.28
C LEU B 296 -39.89 36.73 53.77
N SER B 297 -39.68 35.57 53.17
CA SER B 297 -39.59 35.52 51.73
C SER B 297 -40.90 36.00 51.18
N ASP B 298 -41.97 35.56 51.81
CA ASP B 298 -43.27 35.92 51.31
C ASP B 298 -43.48 37.43 51.38
N ALA B 299 -43.09 38.07 52.49
CA ALA B 299 -43.26 39.51 52.59
C ALA B 299 -42.41 40.32 51.63
N ILE B 300 -41.13 39.97 51.50
CA ILE B 300 -40.27 40.57 50.50
C ILE B 300 -40.70 40.17 49.10
N LEU B 301 -40.99 38.90 48.92
CA LEU B 301 -41.14 38.36 47.59
C LEU B 301 -42.14 39.14 46.75
N LEU B 302 -43.18 39.59 47.42
CA LEU B 302 -44.25 40.37 46.85
C LEU B 302 -43.93 41.85 46.92
N SER B 303 -42.78 42.18 47.48
CA SER B 303 -42.50 43.56 47.80
C SER B 303 -42.54 44.38 46.54
N ASP B 304 -41.97 43.87 45.47
CA ASP B 304 -41.84 44.68 44.27
C ASP B 304 -43.19 45.09 43.71
N ILE B 305 -44.18 44.22 43.75
CA ILE B 305 -45.47 44.58 43.15
C ILE B 305 -46.07 45.79 43.88
N LEU B 306 -46.00 45.79 45.20
CA LEU B 306 -46.43 46.96 45.94
C LEU B 306 -45.42 47.35 47.00
N ARG B 307 -45.01 48.61 47.01
CA ARG B 307 -44.24 49.15 48.12
C ARG B 307 -45.18 49.88 49.09
N VAL B 308 -46.47 49.82 48.78
CA VAL B 308 -47.51 50.47 49.54
C VAL B 308 -47.55 49.81 50.89
N ASN B 309 -47.96 50.56 51.92
CA ASN B 309 -48.04 49.97 53.23
C ASN B 309 -49.02 48.83 53.14
N THR B 310 -48.63 47.70 53.70
CA THR B 310 -49.43 46.49 53.65
C THR B 310 -50.65 46.66 54.51
N GLU B 311 -50.43 47.36 55.62
CA GLU B 311 -51.22 47.23 56.79
C GLU B 311 -52.69 47.53 56.51
N ILE B 312 -52.96 48.56 55.75
CA ILE B 312 -54.34 48.88 55.38
C ILE B 312 -55.02 47.81 54.50
N THR B 313 -54.26 47.25 53.55
CA THR B 313 -54.84 46.45 52.47
C THR B 313 -54.52 44.98 52.51
N LYS B 314 -55.55 44.16 52.32
CA LYS B 314 -55.39 42.73 52.17
C LYS B 314 -55.26 42.34 50.70
N ALA B 315 -55.30 43.33 49.82
CA ALA B 315 -55.12 43.11 48.40
C ALA B 315 -54.09 44.08 47.88
N PRO B 316 -52.76 43.78 48.23
CA PRO B 316 -51.80 44.80 47.80
C PRO B 316 -51.61 45.01 46.30
N LEU B 317 -51.60 43.96 45.50
CA LEU B 317 -51.21 44.14 44.11
C LEU B 317 -52.15 45.08 43.41
N SER B 318 -53.43 44.87 43.63
CA SER B 318 -54.44 45.70 43.01
C SER B 318 -54.32 47.13 43.50
N ALA B 319 -54.01 47.26 44.78
CA ALA B 319 -53.90 48.57 45.40
C ALA B 319 -52.79 49.37 44.76
N SER B 320 -51.77 48.67 44.30
CA SER B 320 -50.68 49.32 43.63
C SER B 320 -51.17 50.02 42.38
N MET B 321 -52.06 49.36 41.64
CA MET B 321 -52.61 49.92 40.41
C MET B 321 -53.40 51.17 40.68
N ILE B 322 -54.09 51.22 41.81
CA ILE B 322 -54.81 52.41 42.21
C ILE B 322 -53.74 53.49 42.32
N LYS B 323 -52.59 53.11 42.82
CA LYS B 323 -51.50 54.04 43.02
C LYS B 323 -51.04 54.62 41.69
N ARG B 324 -50.95 53.79 40.67
CA ARG B 324 -50.48 54.27 39.39
C ARG B 324 -51.45 55.32 38.90
N TYR B 325 -52.74 55.07 39.09
CA TYR B 325 -53.79 55.95 38.57
C TYR B 325 -53.70 57.34 39.18
N ASP B 326 -53.55 57.39 40.51
CA ASP B 326 -53.44 58.66 41.19
C ASP B 326 -52.21 59.43 40.72
N GLU B 327 -51.07 58.71 40.62
CA GLU B 327 -49.78 59.28 40.21
C GLU B 327 -49.77 59.72 38.74
N HIS B 328 -50.74 59.28 37.94
CA HIS B 328 -50.99 59.84 36.62
C HIS B 328 -51.76 61.16 36.76
N HIS B 329 -52.82 61.14 37.57
CA HIS B 329 -53.76 62.26 37.65
C HIS B 329 -53.05 63.57 37.97
N GLN B 330 -52.37 63.63 39.11
CA GLN B 330 -51.78 64.90 39.56
C GLN B 330 -50.64 65.30 38.65
N ASP B 331 -49.88 64.33 38.15
CA ASP B 331 -48.89 64.61 37.11
C ASP B 331 -49.55 64.91 35.78
N LEU B 332 -50.82 64.56 35.60
CA LEU B 332 -51.53 64.98 34.40
C LEU B 332 -52.06 66.40 34.55
N THR B 333 -52.53 66.76 35.74
CA THR B 333 -52.90 68.15 36.00
C THR B 333 -51.67 69.04 35.97
N LEU B 334 -50.58 68.59 36.59
CA LEU B 334 -49.37 69.40 36.78
C LEU B 334 -48.61 69.60 35.48
N LEU B 335 -48.60 68.58 34.62
CA LEU B 335 -48.03 68.72 33.29
C LEU B 335 -48.86 69.69 32.46
N LYS B 336 -50.14 69.40 32.33
CA LYS B 336 -51.00 70.25 31.54
C LYS B 336 -50.99 71.62 32.18
N ALA B 337 -51.03 71.65 33.51
CA ALA B 337 -51.00 72.92 34.19
C ALA B 337 -49.70 73.65 33.92
N LEU B 338 -48.59 72.92 33.97
CA LEU B 338 -47.27 73.48 33.71
C LEU B 338 -47.10 73.98 32.29
N VAL B 339 -47.64 73.22 31.35
CA VAL B 339 -47.62 73.62 29.95
C VAL B 339 -48.44 74.89 29.77
N ARG B 340 -49.54 75.00 30.49
CA ARG B 340 -50.32 76.22 30.45
C ARG B 340 -49.48 77.36 31.02
N GLN B 341 -48.80 77.10 32.13
CA GLN B 341 -47.97 78.13 32.76
C GLN B 341 -46.83 78.58 31.87
N GLN B 342 -46.20 77.65 31.19
CA GLN B 342 -45.18 77.97 30.20
C GLN B 342 -45.47 77.27 28.89
N LEU B 343 -45.23 77.94 27.78
CA LEU B 343 -45.39 77.33 26.47
C LEU B 343 -46.80 76.84 26.24
N PRO B 344 -47.81 77.66 26.77
CA PRO B 344 -49.17 77.17 26.45
C PRO B 344 -49.43 77.16 24.96
N GLU B 345 -48.65 77.90 24.19
CA GLU B 345 -48.88 77.97 22.76
C GLU B 345 -48.74 76.64 22.03
N LYS B 346 -47.72 75.85 22.36
CA LYS B 346 -47.60 74.53 21.77
C LYS B 346 -48.30 73.45 22.60
N TYR B 347 -49.61 73.53 22.73
CA TYR B 347 -50.33 72.60 23.59
C TYR B 347 -51.25 71.63 22.87
N LYS B 348 -51.66 71.98 21.65
CA LYS B 348 -52.40 71.07 20.79
C LYS B 348 -51.59 69.88 20.33
N GLU B 349 -50.32 70.13 20.00
CA GLU B 349 -49.49 69.07 19.50
C GLU B 349 -49.35 68.02 20.56
N ILE B 350 -49.12 68.47 21.79
CA ILE B 350 -48.94 67.56 22.90
C ILE B 350 -50.16 66.74 23.28
N PHE B 351 -51.34 67.35 23.30
CA PHE B 351 -52.52 66.62 23.76
C PHE B 351 -53.58 66.30 22.71
N PHE B 352 -54.05 67.32 22.00
CA PHE B 352 -55.10 67.09 21.02
C PHE B 352 -54.69 66.25 19.83
N ASP B 353 -53.48 66.45 19.33
CA ASP B 353 -53.09 65.77 18.12
C ASP B 353 -52.49 64.41 18.40
N GLN B 354 -53.07 63.39 17.79
CA GLN B 354 -52.65 62.02 17.98
C GLN B 354 -51.30 61.72 17.37
N SER B 355 -51.07 62.28 16.20
CA SER B 355 -50.05 61.81 15.29
C SER B 355 -48.68 61.89 15.89
N LYS B 356 -48.44 62.92 16.68
CA LYS B 356 -47.10 63.36 17.00
C LYS B 356 -46.48 62.81 18.27
N ASN B 357 -47.07 61.80 18.88
CA ASN B 357 -46.55 61.19 20.10
C ASN B 357 -46.96 61.94 21.35
N GLY B 358 -47.92 62.83 21.18
CA GLY B 358 -48.41 63.64 22.27
C GLY B 358 -49.25 62.79 23.18
N TYR B 359 -49.61 63.32 24.33
CA TYR B 359 -50.37 62.56 25.29
C TYR B 359 -51.62 62.11 24.60
N ALA B 360 -52.16 62.98 23.76
CA ALA B 360 -53.32 62.64 22.97
C ALA B 360 -52.94 61.46 22.10
N GLY B 361 -51.70 61.44 21.65
CA GLY B 361 -51.16 60.24 21.05
C GLY B 361 -51.05 59.08 22.02
N TYR B 362 -50.61 59.35 23.26
CA TYR B 362 -50.31 58.28 24.17
C TYR B 362 -51.52 57.45 24.50
N ILE B 363 -52.61 58.11 24.88
CA ILE B 363 -53.87 57.41 25.12
C ILE B 363 -54.58 56.90 23.88
N ASP B 364 -54.57 57.74 22.86
CA ASP B 364 -55.41 57.57 21.67
C ASP B 364 -54.65 57.13 20.41
N GLY B 365 -53.32 57.22 20.39
CA GLY B 365 -52.53 56.85 19.24
C GLY B 365 -51.61 55.69 19.56
N GLY B 366 -50.97 55.19 18.50
CA GLY B 366 -50.03 54.07 18.60
C GLY B 366 -48.68 54.48 19.15
N ALA B 367 -48.68 54.84 20.43
CA ALA B 367 -47.52 55.43 21.08
C ALA B 367 -47.20 54.62 22.34
N SER B 368 -46.10 53.88 22.30
CA SER B 368 -45.71 52.98 23.40
C SER B 368 -45.41 53.81 24.61
N GLN B 369 -45.08 53.17 25.72
CA GLN B 369 -44.63 53.94 26.86
C GLN B 369 -43.25 54.53 26.59
N GLU B 370 -42.41 53.78 25.85
CA GLU B 370 -41.07 54.23 25.49
C GLU B 370 -41.10 55.25 24.34
N GLU B 371 -42.13 55.19 23.48
CA GLU B 371 -42.25 56.16 22.41
C GLU B 371 -42.67 57.57 22.88
N PHE B 372 -43.47 57.65 23.95
CA PHE B 372 -43.96 58.92 24.49
C PHE B 372 -43.02 59.51 25.51
N TYR B 373 -42.25 58.67 26.21
CA TYR B 373 -41.28 59.17 27.18
C TYR B 373 -40.10 59.88 26.53
N LYS B 374 -39.71 59.46 25.31
CA LYS B 374 -38.62 60.07 24.55
C LYS B 374 -39.10 61.17 23.60
N PHE B 375 -40.40 61.38 23.51
CA PHE B 375 -40.95 62.54 22.81
C PHE B 375 -40.88 63.77 23.70
N ILE B 376 -41.27 63.62 24.95
CA ILE B 376 -41.38 64.76 25.85
C ILE B 376 -40.07 65.02 26.55
N LYS B 377 -39.06 64.22 26.26
CA LYS B 377 -37.83 64.32 26.99
C LYS B 377 -37.24 65.71 26.79
N PRO B 378 -37.26 66.20 25.49
CA PRO B 378 -36.74 67.58 25.38
C PRO B 378 -37.63 68.55 26.13
N ILE B 379 -38.94 68.35 25.99
CA ILE B 379 -39.92 69.29 26.50
C ILE B 379 -39.86 69.41 28.01
N LEU B 380 -39.73 68.29 28.70
CA LEU B 380 -39.67 68.33 30.14
C LEU B 380 -38.42 69.08 30.56
N GLU B 381 -37.32 68.77 29.86
CA GLU B 381 -36.06 69.45 30.09
C GLU B 381 -36.14 70.92 29.72
N LYS B 382 -36.77 71.20 28.58
CA LYS B 382 -36.87 72.56 28.06
C LYS B 382 -37.67 73.43 29.01
N MET B 383 -38.72 72.84 29.58
CA MET B 383 -39.51 73.48 30.61
C MET B 383 -38.77 73.49 31.94
N ASP B 384 -39.11 74.46 32.79
CA ASP B 384 -38.51 74.58 34.10
C ASP B 384 -39.61 74.58 35.16
N GLY B 385 -39.26 74.18 36.36
CA GLY B 385 -40.22 73.94 37.45
C GLY B 385 -40.86 72.55 37.39
N THR B 386 -40.34 71.70 36.52
CA THR B 386 -40.83 70.35 36.36
C THR B 386 -39.90 69.30 36.96
N GLU B 387 -39.00 69.73 37.83
CA GLU B 387 -37.87 68.91 38.22
C GLU B 387 -38.24 67.58 38.86
N GLU B 388 -39.26 67.56 39.71
CA GLU B 388 -39.69 66.30 40.29
C GLU B 388 -40.16 65.40 39.17
N LEU B 389 -40.87 66.01 38.23
CA LEU B 389 -41.47 65.34 37.10
C LEU B 389 -40.38 64.66 36.30
N LEU B 390 -39.29 65.36 36.12
CA LEU B 390 -38.22 64.83 35.33
C LEU B 390 -37.75 63.59 36.04
N VAL B 391 -37.65 63.68 37.35
CA VAL B 391 -37.10 62.60 38.16
C VAL B 391 -37.96 61.38 38.03
N LYS B 392 -39.28 61.57 38.01
CA LYS B 392 -40.17 60.44 37.90
C LYS B 392 -39.97 59.73 36.59
N LEU B 393 -39.85 60.47 35.50
CA LEU B 393 -39.73 59.84 34.20
C LEU B 393 -38.48 59.03 34.10
N ASN B 394 -37.40 59.58 34.62
CA ASN B 394 -36.10 58.94 34.55
C ASN B 394 -36.18 57.61 35.28
N ARG B 395 -36.94 57.61 36.36
CA ARG B 395 -37.27 56.40 37.08
C ARG B 395 -38.14 55.50 36.21
N GLU B 396 -38.72 56.06 35.15
CA GLU B 396 -39.63 55.29 34.31
C GLU B 396 -41.05 55.23 34.86
N ASP B 397 -41.35 56.12 35.80
CA ASP B 397 -42.65 56.19 36.45
C ASP B 397 -43.58 57.32 35.99
N LEU B 398 -43.25 57.99 34.89
CA LEU B 398 -43.88 59.27 34.58
C LEU B 398 -45.39 59.34 34.34
N LEU B 399 -45.95 58.46 33.54
CA LEU B 399 -47.39 58.49 33.28
C LEU B 399 -47.86 57.08 33.03
N ARG B 400 -47.91 56.29 34.08
CA ARG B 400 -48.16 54.88 33.95
C ARG B 400 -49.57 54.56 33.49
N LYS B 401 -49.71 53.42 32.83
CA LYS B 401 -50.96 52.92 32.34
C LYS B 401 -51.14 51.62 33.06
N GLN B 402 -52.37 51.17 33.22
CA GLN B 402 -52.59 49.95 34.00
C GLN B 402 -52.22 48.66 33.28
N ARG B 403 -52.03 48.69 31.97
CA ARG B 403 -51.61 47.51 31.24
C ARG B 403 -50.39 47.88 30.45
N THR B 404 -49.29 47.20 30.71
CA THR B 404 -48.05 47.54 30.10
C THR B 404 -47.25 46.30 30.09
N PHE B 405 -46.19 46.28 29.31
CA PHE B 405 -45.57 45.05 28.90
C PHE B 405 -45.10 44.26 30.11
N ASP B 406 -44.62 44.96 31.12
CA ASP B 406 -43.99 44.34 32.26
C ASP B 406 -44.83 43.40 33.10
N ASN B 407 -46.08 43.72 33.33
CA ASN B 407 -46.87 42.94 34.24
C ASN B 407 -46.87 41.55 33.65
N GLY B 408 -46.84 40.54 34.50
CA GLY B 408 -46.39 39.23 34.08
C GLY B 408 -45.10 38.86 34.76
N SER B 409 -44.65 39.75 35.64
CA SER B 409 -43.77 39.41 36.73
C SER B 409 -44.64 39.46 37.97
N ILE B 410 -45.95 39.51 37.75
CA ILE B 410 -46.97 39.33 38.74
C ILE B 410 -47.28 37.85 38.77
N PRO B 411 -46.90 37.20 39.96
CA PRO B 411 -47.23 35.77 39.96
C PRO B 411 -48.72 35.60 40.09
N HIS B 412 -49.22 34.43 39.76
CA HIS B 412 -50.64 34.18 39.80
C HIS B 412 -51.19 34.10 41.20
N GLN B 413 -50.31 34.02 42.18
CA GLN B 413 -50.73 33.70 43.52
C GLN B 413 -51.20 34.91 44.32
N ILE B 414 -51.14 36.12 43.77
CA ILE B 414 -51.93 37.23 44.33
C ILE B 414 -53.24 37.44 43.56
N HIS B 415 -53.19 37.36 42.22
CA HIS B 415 -54.41 37.23 41.44
C HIS B 415 -55.28 36.12 42.03
N LEU B 416 -54.66 35.06 42.51
CA LEU B 416 -55.40 34.10 43.31
C LEU B 416 -55.51 34.55 44.77
N GLY B 417 -54.51 35.24 45.30
CA GLY B 417 -54.69 35.83 46.61
C GLY B 417 -55.93 36.71 46.66
N GLU B 418 -56.24 37.37 45.54
CA GLU B 418 -57.38 38.29 45.48
C GLU B 418 -58.68 37.61 45.05
N LEU B 419 -58.63 36.54 44.28
CA LEU B 419 -59.84 35.77 44.06
C LEU B 419 -60.33 35.19 45.36
N HIS B 420 -59.41 34.72 46.17
CA HIS B 420 -59.73 34.11 47.44
C HIS B 420 -60.37 35.07 48.41
N ALA B 421 -59.86 36.29 48.47
CA ALA B 421 -60.37 37.25 49.42
C ALA B 421 -61.81 37.57 49.12
N ILE B 422 -62.14 37.71 47.85
CA ILE B 422 -63.49 38.05 47.46
C ILE B 422 -64.48 36.95 47.82
N LEU B 423 -64.14 35.70 47.55
CA LEU B 423 -65.05 34.62 47.86
C LEU B 423 -65.27 34.54 49.36
N ARG B 424 -64.20 34.67 50.11
CA ARG B 424 -64.32 34.60 51.56
C ARG B 424 -65.18 35.76 52.04
N ARG B 425 -64.99 36.89 51.40
CA ARG B 425 -65.70 38.10 51.75
C ARG B 425 -67.21 38.03 51.57
N GLN B 426 -67.65 37.43 50.48
CA GLN B 426 -69.05 37.44 50.12
C GLN B 426 -69.78 36.10 49.99
N GLU B 427 -69.17 35.01 50.40
CA GLU B 427 -69.84 33.73 50.34
C GLU B 427 -71.02 33.66 51.29
N ASP B 428 -70.98 34.45 52.34
CA ASP B 428 -72.08 34.54 53.28
C ASP B 428 -73.34 35.06 52.62
N PHE B 429 -73.21 36.09 51.81
CA PHE B 429 -74.36 36.62 51.10
C PHE B 429 -74.90 35.59 50.12
N TYR B 430 -73.99 34.89 49.44
CA TYR B 430 -74.40 33.91 48.44
C TYR B 430 -73.94 32.51 48.77
N PRO B 431 -74.98 31.59 48.97
CA PRO B 431 -74.52 30.25 49.36
C PRO B 431 -73.67 29.58 48.31
N PHE B 432 -73.97 29.80 47.05
CA PHE B 432 -73.37 29.00 45.98
C PHE B 432 -71.85 29.15 45.90
N LEU B 433 -71.32 30.21 46.45
CA LEU B 433 -69.87 30.37 46.42
C LEU B 433 -69.19 29.28 47.23
N LYS B 434 -69.54 29.15 48.51
CA LYS B 434 -68.94 28.08 49.32
C LYS B 434 -69.06 26.71 48.65
N ASP B 435 -70.17 26.49 47.95
CA ASP B 435 -70.33 25.28 47.18
C ASP B 435 -69.32 25.25 46.04
N ASN B 436 -69.09 26.39 45.43
CA ASN B 436 -68.16 26.46 44.32
C ASN B 436 -66.88 27.27 44.52
N ARG B 437 -66.53 27.59 45.76
CA ARG B 437 -65.30 28.34 45.99
C ARG B 437 -64.13 27.52 45.52
N GLU B 438 -64.19 26.23 45.78
CA GLU B 438 -63.17 25.31 45.35
C GLU B 438 -63.09 25.23 43.83
N LYS B 439 -64.23 25.18 43.17
CA LYS B 439 -64.22 25.12 41.72
C LYS B 439 -63.60 26.38 41.18
N ILE B 440 -64.03 27.50 41.73
CA ILE B 440 -63.65 28.80 41.20
C ILE B 440 -62.17 29.02 41.34
N GLU B 441 -61.63 28.63 42.48
CA GLU B 441 -60.20 28.73 42.71
C GLU B 441 -59.45 27.81 41.78
N LYS B 442 -60.02 26.64 41.58
CA LYS B 442 -59.44 25.64 40.72
C LYS B 442 -59.38 26.08 39.26
N ILE B 443 -60.29 26.94 38.84
CA ILE B 443 -60.17 27.50 37.50
C ILE B 443 -58.91 28.33 37.39
N LEU B 444 -58.64 29.16 38.38
CA LEU B 444 -57.43 29.97 38.38
C LEU B 444 -56.16 29.17 38.53
N THR B 445 -56.24 28.17 39.39
CA THR B 445 -55.13 27.28 39.72
C THR B 445 -54.61 26.33 38.63
N PHE B 446 -55.52 25.78 37.85
CA PHE B 446 -55.25 24.60 37.02
C PHE B 446 -54.56 24.88 35.70
N ARG B 447 -53.44 24.20 35.47
CA ARG B 447 -52.78 24.17 34.19
C ARG B 447 -52.43 22.74 33.86
N ILE B 448 -52.82 22.26 32.69
CA ILE B 448 -52.32 20.96 32.25
C ILE B 448 -50.80 20.98 32.30
N PRO B 449 -50.13 19.91 32.70
CA PRO B 449 -48.66 19.88 32.61
C PRO B 449 -48.22 19.59 31.17
N TYR B 450 -46.92 19.76 30.92
CA TYR B 450 -46.44 19.52 29.56
C TYR B 450 -46.62 18.06 29.14
N TYR B 451 -46.32 17.12 30.04
CA TYR B 451 -46.32 15.70 29.66
C TYR B 451 -47.73 15.17 29.44
N VAL B 452 -48.71 15.81 30.04
CA VAL B 452 -50.09 15.45 29.76
C VAL B 452 -50.40 15.69 28.27
N GLY B 453 -50.00 16.83 27.75
CA GLY B 453 -50.20 17.11 26.35
C GLY B 453 -51.61 17.56 26.07
N PRO B 454 -51.99 17.66 24.80
CA PRO B 454 -53.34 18.09 24.48
C PRO B 454 -54.36 17.08 24.95
N LEU B 455 -55.49 17.54 25.45
CA LEU B 455 -56.49 16.62 25.94
C LEU B 455 -57.30 16.12 24.77
N ALA B 456 -56.62 15.45 23.87
CA ALA B 456 -57.22 14.98 22.65
C ALA B 456 -58.03 13.74 22.88
N ARG B 457 -58.83 13.36 21.90
CA ARG B 457 -59.46 12.06 21.90
C ARG B 457 -59.28 11.38 20.56
N GLY B 458 -58.04 11.05 20.25
CA GLY B 458 -57.72 10.27 19.07
C GLY B 458 -57.65 11.00 17.74
N ASN B 459 -57.88 12.30 17.76
CA ASN B 459 -57.85 13.10 16.53
C ASN B 459 -56.66 14.04 16.39
N SER B 460 -55.72 13.97 17.33
CA SER B 460 -54.60 14.89 17.29
C SER B 460 -53.38 14.13 16.84
N ARG B 461 -52.72 14.64 15.82
CA ARG B 461 -51.47 14.07 15.38
C ARG B 461 -50.52 14.24 16.53
N PHE B 462 -50.62 15.40 17.15
CA PHE B 462 -49.80 15.83 18.28
C PHE B 462 -49.94 15.18 19.65
N ALA B 463 -51.16 14.92 20.12
CA ALA B 463 -51.36 14.55 21.51
C ALA B 463 -51.17 13.07 21.72
N TRP B 464 -50.82 12.72 22.95
CA TRP B 464 -50.49 11.35 23.29
C TRP B 464 -51.18 10.86 24.54
N MET B 465 -51.90 11.71 25.25
CA MET B 465 -52.39 11.27 26.54
C MET B 465 -53.40 10.13 26.37
N THR B 466 -53.63 9.46 27.50
CA THR B 466 -54.46 8.27 27.56
C THR B 466 -55.44 8.41 28.71
N ARG B 467 -56.64 7.86 28.57
CA ARG B 467 -57.76 8.19 29.45
C ARG B 467 -58.27 7.08 30.35
N LYS B 468 -58.33 7.36 31.65
CA LYS B 468 -58.97 6.49 32.61
C LYS B 468 -60.48 6.39 32.44
N SER B 469 -61.12 7.53 32.22
CA SER B 469 -62.56 7.62 32.03
C SER B 469 -62.78 8.47 30.80
N GLU B 470 -63.82 8.18 30.04
CA GLU B 470 -64.00 8.89 28.78
C GLU B 470 -64.92 10.09 28.90
N GLU B 471 -65.29 10.43 30.12
CA GLU B 471 -66.14 11.58 30.38
C GLU B 471 -65.34 12.84 30.11
N THR B 472 -66.01 13.96 29.90
CA THR B 472 -65.34 15.20 29.56
C THR B 472 -64.44 15.62 30.69
N ILE B 473 -63.38 16.33 30.37
CA ILE B 473 -62.37 16.71 31.33
C ILE B 473 -62.54 18.15 31.73
N THR B 474 -62.58 18.38 33.03
CA THR B 474 -62.83 19.70 33.56
C THR B 474 -61.73 19.94 34.56
N PRO B 475 -61.37 21.18 34.76
CA PRO B 475 -60.20 21.41 35.62
C PRO B 475 -60.34 20.65 36.91
N TRP B 476 -61.55 20.58 37.41
CA TRP B 476 -61.89 19.92 38.66
C TRP B 476 -61.67 18.41 38.70
N ASN B 477 -61.99 17.73 37.61
CA ASN B 477 -61.96 16.29 37.56
C ASN B 477 -60.67 15.75 37.00
N PHE B 478 -59.67 16.59 36.85
CA PHE B 478 -58.58 16.26 35.97
C PHE B 478 -57.77 15.00 36.32
N GLU B 479 -57.39 14.83 37.58
CA GLU B 479 -56.43 13.78 37.89
C GLU B 479 -57.05 12.48 37.50
N GLU B 480 -58.33 12.36 37.83
CA GLU B 480 -59.06 11.14 37.63
C GLU B 480 -59.28 10.73 36.18
N VAL B 481 -59.65 11.68 35.32
CA VAL B 481 -59.83 11.33 33.91
C VAL B 481 -58.56 10.98 33.13
N VAL B 482 -57.51 11.76 33.31
CA VAL B 482 -56.30 11.55 32.53
C VAL B 482 -55.42 10.53 33.20
N ASP B 483 -54.84 9.63 32.42
CA ASP B 483 -54.04 8.58 33.01
C ASP B 483 -52.71 9.25 33.23
N LYS B 484 -52.67 10.14 34.20
CA LYS B 484 -51.65 11.17 34.24
C LYS B 484 -50.25 10.66 34.27
N GLY B 485 -49.96 9.69 35.11
CA GLY B 485 -48.62 9.13 35.13
C GLY B 485 -48.31 8.42 33.84
N ALA B 486 -49.26 7.62 33.39
CA ALA B 486 -49.06 6.83 32.20
C ALA B 486 -48.88 7.75 31.03
N SER B 487 -49.63 8.84 31.03
CA SER B 487 -49.48 9.82 29.99
C SER B 487 -48.08 10.40 30.04
N ALA B 488 -47.54 10.59 31.23
CA ALA B 488 -46.22 11.17 31.34
C ALA B 488 -45.18 10.27 30.71
N GLN B 489 -45.26 8.97 30.96
CA GLN B 489 -44.41 7.98 30.30
C GLN B 489 -44.67 7.93 28.80
N SER B 490 -45.81 8.46 28.35
CA SER B 490 -46.06 8.48 26.91
C SER B 490 -45.40 9.70 26.26
N PHE B 491 -45.44 10.85 26.96
CA PHE B 491 -44.74 12.07 26.57
C PHE B 491 -43.33 11.79 26.04
N ILE B 492 -42.59 10.97 26.78
CA ILE B 492 -41.16 10.72 26.63
C ILE B 492 -40.91 9.52 25.72
N GLU B 493 -41.73 8.48 25.84
CA GLU B 493 -41.41 7.26 25.10
C GLU B 493 -41.69 7.41 23.60
N ARG B 494 -41.99 8.62 23.13
CA ARG B 494 -42.10 8.85 21.69
C ARG B 494 -40.92 9.62 21.11
N MET B 495 -40.22 10.37 21.95
CA MET B 495 -39.02 11.11 21.61
C MET B 495 -37.72 10.39 21.96
N THR B 496 -37.80 9.16 22.46
CA THR B 496 -36.61 8.37 22.75
C THR B 496 -36.39 7.24 21.77
N ASN B 497 -35.14 6.80 21.72
CA ASN B 497 -34.62 5.99 20.62
C ASN B 497 -35.08 4.56 20.56
N PHE B 498 -34.74 3.92 19.45
CA PHE B 498 -34.88 2.48 19.24
C PHE B 498 -33.50 1.94 18.91
N ASP B 499 -33.27 0.66 19.13
CA ASP B 499 -31.95 0.11 18.84
C ASP B 499 -31.66 0.12 17.34
N LYS B 500 -30.47 0.56 16.97
CA LYS B 500 -30.10 0.54 15.57
C LYS B 500 -30.02 -0.90 15.08
N ASN B 501 -29.49 -1.78 15.92
CA ASN B 501 -29.48 -3.19 15.60
C ASN B 501 -30.89 -3.77 15.54
N LEU B 502 -31.69 -3.45 16.54
CA LEU B 502 -33.07 -3.86 16.58
C LEU B 502 -33.95 -2.64 16.46
N PRO B 503 -34.65 -2.49 15.37
CA PRO B 503 -35.53 -1.33 15.20
C PRO B 503 -36.68 -1.32 16.19
N ASN B 504 -37.22 -2.51 16.41
CA ASN B 504 -38.39 -2.73 17.24
C ASN B 504 -38.29 -2.48 18.74
N GLU B 505 -37.15 -2.78 19.33
CA GLU B 505 -36.98 -2.64 20.77
C GLU B 505 -36.50 -1.26 21.16
N LYS B 506 -37.27 -0.61 22.02
CA LYS B 506 -36.92 0.71 22.51
C LYS B 506 -35.70 0.62 23.38
N VAL B 507 -34.83 1.59 23.27
CA VAL B 507 -33.54 1.56 23.93
C VAL B 507 -33.62 1.59 25.45
N LEU B 508 -32.70 0.88 26.09
CA LEU B 508 -32.61 0.83 27.53
C LEU B 508 -32.06 2.12 28.14
N PRO B 509 -32.60 2.48 29.39
CA PRO B 509 -32.00 3.71 29.95
C PRO B 509 -30.53 3.53 30.30
N LYS B 510 -29.78 4.62 30.38
CA LYS B 510 -28.34 4.55 30.58
C LYS B 510 -27.93 3.92 31.88
N HIS B 511 -28.69 4.19 32.93
CA HIS B 511 -28.29 3.81 34.26
C HIS B 511 -28.83 2.46 34.68
N SER B 512 -29.38 1.72 33.73
CA SER B 512 -29.90 0.39 33.97
C SER B 512 -28.77 -0.50 34.41
N LEU B 513 -29.05 -1.41 35.33
CA LEU B 513 -28.00 -2.30 35.80
C LEU B 513 -27.51 -3.16 34.66
N LEU B 514 -28.41 -3.64 33.82
CA LEU B 514 -28.00 -4.55 32.78
C LEU B 514 -27.02 -3.92 31.81
N TYR B 515 -27.27 -2.71 31.33
CA TYR B 515 -26.19 -2.10 30.59
C TYR B 515 -24.92 -2.16 31.43
N GLU B 516 -25.04 -2.00 32.74
CA GLU B 516 -23.86 -1.97 33.62
C GLU B 516 -23.23 -3.35 33.77
N TYR B 517 -24.02 -4.40 33.99
CA TYR B 517 -23.49 -5.76 33.89
C TYR B 517 -23.06 -6.11 32.46
N PHE B 518 -23.51 -5.36 31.46
CA PHE B 518 -23.04 -5.60 30.10
C PHE B 518 -21.71 -4.91 29.86
N THR B 519 -21.65 -3.60 30.08
CA THR B 519 -20.39 -2.89 29.95
C THR B 519 -19.31 -3.61 30.76
N VAL B 520 -19.61 -3.97 32.01
CA VAL B 520 -18.56 -4.57 32.83
C VAL B 520 -18.13 -5.88 32.20
N TYR B 521 -19.07 -6.81 32.04
CA TYR B 521 -18.69 -8.13 31.54
C TYR B 521 -18.03 -8.06 30.15
N ASN B 522 -18.25 -6.98 29.38
CA ASN B 522 -17.65 -6.83 28.05
C ASN B 522 -16.22 -6.33 28.14
N GLU B 523 -15.99 -5.30 28.94
CA GLU B 523 -14.64 -4.79 29.15
C GLU B 523 -13.78 -5.82 29.87
N LEU B 524 -14.40 -6.77 30.53
CA LEU B 524 -13.61 -7.76 31.24
C LEU B 524 -13.22 -8.92 30.34
N THR B 525 -13.94 -9.10 29.22
CA THR B 525 -13.80 -10.27 28.35
C THR B 525 -12.43 -10.34 27.71
N LYS B 526 -11.79 -9.19 27.48
CA LYS B 526 -10.50 -9.14 26.82
C LYS B 526 -9.36 -8.79 27.77
N VAL B 527 -9.55 -9.00 29.08
CA VAL B 527 -8.42 -8.95 30.00
C VAL B 527 -7.54 -10.17 29.73
N LYS B 528 -6.25 -9.93 29.49
CA LYS B 528 -5.28 -11.03 29.57
C LYS B 528 -4.49 -10.95 30.86
N TYR B 529 -4.06 -12.10 31.34
CA TYR B 529 -3.19 -12.17 32.50
C TYR B 529 -2.08 -13.16 32.26
N VAL B 530 -0.92 -12.88 32.84
CA VAL B 530 0.20 -13.79 32.78
C VAL B 530 0.91 -13.83 34.11
N THR B 531 1.60 -14.93 34.36
CA THR B 531 2.31 -15.16 35.60
C THR B 531 3.58 -15.88 35.22
N GLU B 532 4.45 -16.10 36.18
CA GLU B 532 5.75 -16.68 35.86
C GLU B 532 5.63 -18.06 35.21
N GLY B 533 4.74 -18.90 35.73
CA GLY B 533 4.65 -20.28 35.27
C GLY B 533 4.20 -20.58 33.86
N MET B 534 3.21 -19.83 33.38
CA MET B 534 2.50 -20.15 32.14
C MET B 534 3.21 -19.87 30.83
N ARG B 535 3.00 -20.80 29.89
CA ARG B 535 3.52 -20.70 28.54
C ARG B 535 2.96 -19.54 27.74
N LYS B 536 1.66 -19.33 27.87
CA LYS B 536 0.96 -18.32 27.11
C LYS B 536 0.11 -17.48 28.03
N PRO B 537 0.20 -16.09 27.85
CA PRO B 537 -0.77 -15.36 28.67
C PRO B 537 -2.16 -15.77 28.23
N ALA B 538 -3.10 -15.87 29.16
CA ALA B 538 -4.39 -16.46 28.87
C ALA B 538 -5.60 -15.65 29.34
N PHE B 539 -6.75 -15.95 28.76
CA PHE B 539 -7.99 -15.23 29.02
C PHE B 539 -8.50 -15.42 30.43
N LEU B 540 -9.24 -14.45 30.95
CA LEU B 540 -9.88 -14.61 32.23
C LEU B 540 -10.95 -15.66 32.05
N SER B 541 -11.01 -16.63 32.95
CA SER B 541 -11.96 -17.71 32.89
C SER B 541 -13.33 -17.31 33.37
N GLY B 542 -14.33 -18.08 32.98
CA GLY B 542 -15.69 -17.75 33.33
C GLY B 542 -15.78 -17.71 34.83
N GLU B 543 -15.16 -18.65 35.51
CA GLU B 543 -15.21 -18.67 36.96
C GLU B 543 -14.57 -17.41 37.47
N GLN B 544 -13.44 -17.04 36.88
CA GLN B 544 -12.71 -15.86 37.31
C GLN B 544 -13.44 -14.56 37.08
N LYS B 545 -14.11 -14.40 35.95
CA LYS B 545 -14.82 -13.15 35.68
C LYS B 545 -15.95 -12.92 36.66
N LYS B 546 -16.72 -13.97 36.90
CA LYS B 546 -17.87 -13.87 37.78
C LYS B 546 -17.38 -13.57 39.18
N ALA B 547 -16.27 -14.20 39.55
CA ALA B 547 -15.62 -13.95 40.82
C ALA B 547 -15.11 -12.55 40.96
N ILE B 548 -14.55 -12.01 39.88
CA ILE B 548 -14.13 -10.62 39.84
C ILE B 548 -15.27 -9.60 39.88
N VAL B 549 -16.34 -9.86 39.15
CA VAL B 549 -17.49 -8.96 39.16
C VAL B 549 -18.16 -8.94 40.52
N ASP B 550 -18.34 -10.12 41.09
CA ASP B 550 -19.02 -10.27 42.37
C ASP B 550 -18.27 -9.71 43.56
N LEU B 551 -16.96 -9.87 43.58
CA LEU B 551 -16.19 -9.39 44.70
C LEU B 551 -15.74 -7.96 44.54
N LEU B 552 -14.91 -7.71 43.54
CA LEU B 552 -14.40 -6.36 43.35
C LEU B 552 -15.40 -5.28 42.92
N PHE B 553 -16.17 -5.55 41.88
CA PHE B 553 -17.08 -4.56 41.36
C PHE B 553 -18.23 -4.27 42.29
N LYS B 554 -18.75 -5.31 42.91
CA LYS B 554 -19.87 -5.17 43.81
C LYS B 554 -19.43 -4.54 45.10
N THR B 555 -18.12 -4.43 45.30
CA THR B 555 -17.61 -3.75 46.49
C THR B 555 -17.05 -2.35 46.28
N ASN B 556 -16.86 -1.93 45.04
CA ASN B 556 -16.25 -0.64 44.79
C ASN B 556 -16.83 0.07 43.58
N ARG B 557 -16.87 1.40 43.63
CA ARG B 557 -17.36 2.13 42.50
C ARG B 557 -16.42 1.87 41.34
N LYS B 558 -15.13 1.93 41.62
CA LYS B 558 -14.13 1.80 40.58
C LYS B 558 -13.13 0.71 40.88
N VAL B 559 -12.89 -0.17 39.91
CA VAL B 559 -11.94 -1.25 40.08
C VAL B 559 -10.70 -0.93 39.30
N THR B 560 -9.55 -1.08 39.96
CA THR B 560 -8.27 -0.60 39.49
C THR B 560 -7.33 -1.75 39.25
N VAL B 561 -6.28 -1.50 38.51
CA VAL B 561 -5.36 -2.56 38.14
C VAL B 561 -4.67 -3.25 39.31
N LYS B 562 -4.18 -2.51 40.31
CA LYS B 562 -3.52 -3.20 41.42
C LYS B 562 -4.51 -3.68 42.47
N GLN B 563 -5.77 -3.29 42.36
CA GLN B 563 -6.86 -3.93 43.08
C GLN B 563 -6.98 -5.37 42.60
N LEU B 564 -6.86 -5.58 41.30
CA LEU B 564 -6.87 -6.92 40.73
C LEU B 564 -5.67 -7.74 41.14
N LYS B 565 -4.52 -7.11 41.12
CA LYS B 565 -3.27 -7.81 41.35
C LYS B 565 -3.16 -8.37 42.76
N GLU B 566 -3.56 -7.59 43.74
CA GLU B 566 -3.41 -8.01 45.12
C GLU B 566 -4.69 -8.50 45.78
N ASP B 567 -5.81 -7.87 45.46
CA ASP B 567 -7.10 -8.25 46.01
C ASP B 567 -7.66 -9.62 45.61
N TYR B 568 -7.54 -9.98 44.34
CA TYR B 568 -8.05 -11.26 43.91
C TYR B 568 -6.95 -12.28 43.67
N PHE B 569 -5.96 -11.94 42.86
CA PHE B 569 -4.94 -12.92 42.52
C PHE B 569 -4.09 -13.36 43.68
N LYS B 570 -3.60 -12.42 44.46
CA LYS B 570 -2.86 -12.78 45.65
C LYS B 570 -3.76 -13.38 46.71
N LYS B 571 -4.89 -12.73 46.95
CA LYS B 571 -5.79 -13.21 47.96
C LYS B 571 -6.44 -14.53 47.62
N ILE B 572 -6.80 -14.70 46.35
CA ILE B 572 -7.45 -15.92 45.91
C ILE B 572 -6.55 -16.88 45.17
N GLU B 573 -5.86 -16.40 44.14
CA GLU B 573 -5.00 -17.28 43.37
C GLU B 573 -3.56 -17.25 43.84
N CYS B 574 -3.25 -16.30 44.71
CA CYS B 574 -1.92 -16.19 45.30
C CYS B 574 -0.73 -16.08 44.35
N PHE B 575 -0.85 -15.30 43.28
CA PHE B 575 0.30 -15.05 42.44
C PHE B 575 1.04 -13.92 43.09
N ASP B 576 2.28 -14.16 43.48
CA ASP B 576 2.97 -13.12 44.23
C ASP B 576 2.93 -11.85 43.40
N SER B 577 3.14 -12.00 42.10
CA SER B 577 3.09 -10.87 41.17
C SER B 577 2.44 -11.28 39.87
N VAL B 578 1.78 -10.34 39.20
CA VAL B 578 1.15 -10.65 37.91
C VAL B 578 1.24 -9.50 36.91
N GLU B 579 1.18 -9.86 35.63
CA GLU B 579 1.17 -8.89 34.54
C GLU B 579 -0.22 -8.88 33.92
N ILE B 580 -0.82 -7.72 33.77
CA ILE B 580 -2.10 -7.66 33.08
C ILE B 580 -2.03 -6.89 31.76
N SER B 581 -2.26 -7.59 30.65
CA SER B 581 -2.32 -6.99 29.32
C SER B 581 -3.48 -6.05 29.01
N GLY B 582 -4.65 -6.45 29.46
CA GLY B 582 -5.90 -5.84 29.05
C GLY B 582 -6.20 -4.40 29.32
N VAL B 583 -5.84 -3.88 30.48
CA VAL B 583 -6.48 -2.67 30.95
C VAL B 583 -5.61 -1.46 31.33
N GLU B 584 -6.28 -0.32 31.42
CA GLU B 584 -5.68 0.95 31.77
C GLU B 584 -5.61 0.99 33.28
N ASP B 585 -5.39 2.15 33.87
CA ASP B 585 -5.20 2.21 35.31
C ASP B 585 -6.41 1.68 36.07
N ARG B 586 -7.62 1.99 35.61
CA ARG B 586 -8.82 1.39 36.19
C ARG B 586 -9.79 0.91 35.11
N PHE B 587 -10.64 -0.05 35.43
CA PHE B 587 -11.62 -0.50 34.45
C PHE B 587 -12.45 0.69 34.00
N ASN B 588 -12.77 0.76 32.71
CA ASN B 588 -13.54 1.89 32.19
C ASN B 588 -14.98 2.03 32.69
N ALA B 589 -15.71 0.93 32.69
CA ALA B 589 -17.05 0.89 33.25
C ALA B 589 -17.01 0.71 34.76
N SER B 590 -18.14 0.94 35.41
CA SER B 590 -18.30 0.58 36.80
C SER B 590 -19.74 0.15 37.02
N LEU B 591 -19.98 -0.62 38.07
CA LEU B 591 -21.33 -1.03 38.39
C LEU B 591 -21.95 0.10 39.18
N GLY B 592 -22.07 1.26 38.55
CA GLY B 592 -22.46 2.44 39.29
C GLY B 592 -23.85 2.37 39.86
N THR B 593 -24.79 1.92 39.06
CA THR B 593 -26.17 1.85 39.50
C THR B 593 -26.31 0.88 40.65
N TYR B 594 -25.53 -0.20 40.60
CA TYR B 594 -25.53 -1.19 41.67
C TYR B 594 -25.08 -0.55 42.95
N HIS B 595 -24.05 0.26 42.85
CA HIS B 595 -23.59 1.06 43.97
C HIS B 595 -24.55 2.15 44.38
N ASP B 596 -25.22 2.75 43.40
CA ASP B 596 -26.10 3.85 43.68
C ASP B 596 -27.16 3.35 44.60
N LEU B 597 -27.70 2.19 44.27
CA LEU B 597 -28.76 1.58 45.05
C LEU B 597 -28.35 1.08 46.43
N LEU B 598 -27.15 0.55 46.54
CA LEU B 598 -26.71 -0.08 47.76
C LEU B 598 -26.79 0.95 48.87
N LYS B 599 -26.39 2.17 48.56
CA LYS B 599 -26.54 3.28 49.48
C LYS B 599 -27.99 3.56 49.87
N ILE B 600 -28.88 3.53 48.89
CA ILE B 600 -30.30 3.81 49.11
C ILE B 600 -31.14 2.81 49.92
N ILE B 601 -30.95 1.51 49.68
CA ILE B 601 -31.76 0.52 50.37
C ILE B 601 -30.97 -0.34 51.34
N LYS B 602 -29.66 -0.37 51.18
CA LYS B 602 -28.81 -1.07 52.11
C LYS B 602 -29.16 -2.55 52.32
N ASP B 603 -29.48 -3.26 51.25
CA ASP B 603 -29.73 -4.69 51.31
C ASP B 603 -28.96 -5.38 50.21
N LYS B 604 -27.69 -5.69 50.45
CA LYS B 604 -26.81 -6.13 49.38
C LYS B 604 -27.27 -7.41 48.72
N ASP B 605 -27.75 -8.36 49.49
CA ASP B 605 -28.20 -9.62 48.92
C ASP B 605 -29.39 -9.37 48.01
N PHE B 606 -30.17 -8.36 48.33
CA PHE B 606 -31.34 -8.07 47.52
C PHE B 606 -30.94 -7.75 46.10
N LEU B 607 -29.91 -6.93 45.94
CA LEU B 607 -29.41 -6.55 44.62
C LEU B 607 -28.84 -7.75 43.89
N ASP B 608 -28.14 -8.58 44.65
CA ASP B 608 -27.56 -9.82 44.13
C ASP B 608 -28.62 -10.82 43.68
N ASN B 609 -29.74 -10.87 44.38
CA ASN B 609 -30.77 -11.83 44.04
C ASN B 609 -31.38 -11.56 42.67
N GLU B 610 -31.40 -12.59 41.85
CA GLU B 610 -31.86 -12.49 40.48
C GLU B 610 -33.34 -12.13 40.37
N GLU B 611 -34.13 -12.64 41.30
CA GLU B 611 -35.57 -12.58 41.23
C GLU B 611 -36.09 -11.16 41.20
N ASN B 612 -35.35 -10.25 41.83
CA ASN B 612 -35.76 -8.86 42.00
C ASN B 612 -35.20 -7.96 40.92
N GLU B 613 -34.74 -8.56 39.83
CA GLU B 613 -33.95 -7.84 38.85
C GLU B 613 -34.79 -7.00 37.92
N ASP B 614 -36.01 -7.46 37.59
CA ASP B 614 -36.89 -6.65 36.75
C ASP B 614 -37.46 -5.46 37.49
N ILE B 615 -37.46 -5.50 38.83
CA ILE B 615 -37.77 -4.31 39.60
C ILE B 615 -36.69 -3.24 39.40
N LEU B 616 -35.43 -3.65 39.42
CA LEU B 616 -34.35 -2.67 39.33
C LEU B 616 -34.27 -2.03 37.94
N GLU B 617 -34.75 -2.69 36.90
CA GLU B 617 -34.87 -1.98 35.63
C GLU B 617 -36.16 -1.20 35.53
N ASP B 618 -37.27 -1.74 36.05
CA ASP B 618 -38.44 -0.89 36.22
C ASP B 618 -38.34 0.01 37.44
N ILE B 619 -37.25 -0.04 38.19
CA ILE B 619 -36.99 1.14 39.01
C ILE B 619 -36.30 2.20 38.17
N VAL B 620 -35.29 1.83 37.38
CA VAL B 620 -34.51 2.86 36.70
C VAL B 620 -35.27 3.40 35.51
N LEU B 621 -35.96 2.52 34.75
CA LEU B 621 -36.75 3.01 33.64
C LEU B 621 -37.77 4.02 34.13
N THR B 622 -38.20 3.91 35.39
CA THR B 622 -39.06 4.90 36.01
C THR B 622 -38.27 6.05 36.65
N LEU B 623 -37.03 5.84 36.99
CA LEU B 623 -36.34 6.95 37.60
C LEU B 623 -35.73 7.84 36.55
N THR B 624 -35.12 7.22 35.55
CA THR B 624 -34.74 7.98 34.35
C THR B 624 -35.95 8.74 33.77
N LEU B 625 -37.03 8.03 33.54
CA LEU B 625 -38.14 8.49 32.71
C LEU B 625 -38.84 9.74 33.21
N PHE B 626 -38.71 10.08 34.49
CA PHE B 626 -39.52 11.14 35.05
C PHE B 626 -38.79 12.34 35.64
N GLU B 627 -39.37 13.52 35.48
CA GLU B 627 -38.79 14.75 36.02
C GLU B 627 -39.37 15.25 37.33
N ASP B 628 -40.67 15.10 37.51
CA ASP B 628 -41.39 15.79 38.57
C ASP B 628 -41.55 14.87 39.75
N ARG B 629 -41.05 15.29 40.90
CA ARG B 629 -40.94 14.39 42.03
C ARG B 629 -42.26 13.84 42.51
N GLU B 630 -43.30 14.67 42.46
CA GLU B 630 -44.62 14.18 42.81
C GLU B 630 -45.01 13.08 41.82
N MET B 631 -44.70 13.30 40.55
CA MET B 631 -45.02 12.32 39.52
C MET B 631 -44.25 11.05 39.76
N ILE B 632 -43.01 11.21 40.21
CA ILE B 632 -42.09 10.10 40.38
C ILE B 632 -42.67 9.13 41.39
N GLU B 633 -43.33 9.67 42.40
CA GLU B 633 -43.76 8.87 43.51
C GLU B 633 -44.68 7.78 43.04
N GLU B 634 -45.53 8.09 42.07
CA GLU B 634 -46.68 7.23 41.82
C GLU B 634 -46.32 5.80 41.46
N ARG B 635 -45.31 5.61 40.63
CA ARG B 635 -44.94 4.26 40.25
C ARG B 635 -43.95 3.69 41.23
N LEU B 636 -43.56 4.50 42.20
CA LEU B 636 -42.69 4.03 43.26
C LEU B 636 -43.49 3.47 44.41
N LYS B 637 -44.82 3.60 44.31
CA LYS B 637 -45.72 2.94 45.25
C LYS B 637 -45.85 1.46 44.97
N THR B 638 -45.81 1.09 43.70
CA THR B 638 -46.05 -0.28 43.29
C THR B 638 -45.03 -1.22 43.90
N TYR B 639 -43.80 -0.73 44.04
CA TYR B 639 -42.75 -1.45 44.74
C TYR B 639 -42.61 -0.94 46.17
N ALA B 640 -43.57 -0.13 46.60
CA ALA B 640 -43.53 0.56 47.89
C ALA B 640 -43.55 -0.35 49.11
N HIS B 641 -44.28 -1.46 49.02
CA HIS B 641 -44.51 -2.31 50.17
C HIS B 641 -43.24 -2.87 50.79
N LEU B 642 -42.30 -3.29 49.96
CA LEU B 642 -41.09 -3.91 50.47
C LEU B 642 -40.20 -3.00 51.31
N PHE B 643 -39.98 -1.80 50.82
CA PHE B 643 -38.98 -0.92 51.40
C PHE B 643 -39.45 -0.21 52.65
N ASP B 644 -38.51 0.27 53.45
CA ASP B 644 -38.86 1.06 54.62
C ASP B 644 -39.36 2.39 54.11
N ASP B 645 -40.18 3.08 54.88
CA ASP B 645 -40.64 4.38 54.46
C ASP B 645 -39.49 5.36 54.34
N LYS B 646 -38.52 5.25 55.21
CA LYS B 646 -37.37 6.12 55.18
C LYS B 646 -36.58 6.00 53.88
N VAL B 647 -36.44 4.79 53.35
CA VAL B 647 -35.77 4.59 52.06
C VAL B 647 -36.51 5.24 50.90
N MET B 648 -37.83 5.11 50.93
CA MET B 648 -38.64 5.55 49.81
C MET B 648 -38.43 7.03 49.62
N LYS B 649 -38.39 7.76 50.71
CA LYS B 649 -38.18 9.18 50.62
C LYS B 649 -36.83 9.38 49.99
N GLN B 650 -35.86 8.59 50.42
CA GLN B 650 -34.52 8.62 49.87
C GLN B 650 -34.48 8.18 48.44
N LEU B 651 -35.32 7.22 48.11
CA LEU B 651 -35.34 6.66 46.77
C LEU B 651 -35.69 7.68 45.70
N LYS B 652 -36.63 8.56 45.99
CA LYS B 652 -37.08 9.52 45.00
C LYS B 652 -35.99 10.47 44.52
N ARG B 653 -35.15 10.89 45.44
CA ARG B 653 -34.20 11.95 45.15
C ARG B 653 -33.17 11.66 44.07
N ARG B 654 -32.61 10.46 44.00
CA ARG B 654 -31.54 10.22 43.02
C ARG B 654 -32.10 9.86 41.65
N ARG B 655 -32.60 10.88 40.97
CA ARG B 655 -33.14 10.74 39.62
C ARG B 655 -32.04 10.49 38.61
N TYR B 656 -32.39 9.87 37.51
CA TYR B 656 -31.40 9.45 36.54
C TYR B 656 -31.71 10.09 35.21
N THR B 657 -30.71 10.24 34.38
CA THR B 657 -30.80 10.98 33.15
C THR B 657 -30.15 10.20 32.04
N GLY B 658 -30.45 10.56 30.80
CA GLY B 658 -29.73 10.03 29.67
C GLY B 658 -30.30 8.69 29.26
N TRP B 659 -30.01 8.27 28.04
CA TRP B 659 -30.44 6.96 27.57
C TRP B 659 -29.35 6.34 26.73
N GLY B 660 -29.39 5.01 26.64
CA GLY B 660 -28.38 4.21 25.97
C GLY B 660 -28.63 4.09 24.49
N ARG B 661 -27.90 3.18 23.88
CA ARG B 661 -28.16 2.80 22.50
C ARG B 661 -28.51 1.33 22.40
N LEU B 662 -28.16 0.52 23.38
CA LEU B 662 -28.52 -0.89 23.37
C LEU B 662 -29.83 -1.14 24.10
N SER B 663 -30.64 -2.02 23.48
CA SER B 663 -31.91 -2.58 23.94
C SER B 663 -31.77 -3.69 24.99
N ARG B 664 -32.83 -4.42 25.27
CA ARG B 664 -32.77 -5.47 26.26
C ARG B 664 -32.76 -6.86 25.65
N LYS B 665 -33.43 -7.03 24.50
CA LYS B 665 -33.36 -8.31 23.82
C LYS B 665 -31.97 -8.56 23.22
N LEU B 666 -31.25 -7.50 22.83
CA LEU B 666 -29.83 -7.67 22.53
C LEU B 666 -29.07 -8.18 23.72
N ILE B 667 -29.00 -7.39 24.77
CA ILE B 667 -28.02 -7.69 25.78
C ILE B 667 -28.31 -9.06 26.33
N ASN B 668 -29.58 -9.34 26.62
CA ASN B 668 -30.00 -10.70 26.92
C ASN B 668 -31.20 -11.16 26.12
N GLY B 669 -31.64 -10.32 25.19
CA GLY B 669 -32.85 -10.58 24.44
C GLY B 669 -32.84 -11.81 23.55
N ILE B 670 -31.76 -12.01 22.82
CA ILE B 670 -31.73 -13.02 21.79
C ILE B 670 -30.79 -14.15 22.14
N ARG B 671 -31.17 -15.36 21.75
CA ARG B 671 -30.39 -16.55 22.02
C ARG B 671 -29.91 -17.19 20.72
N ASP B 672 -28.63 -17.54 20.69
CA ASP B 672 -28.08 -18.25 19.55
C ASP B 672 -28.63 -19.67 19.56
N LYS B 673 -29.12 -20.13 18.42
CA LYS B 673 -29.79 -21.42 18.40
C LYS B 673 -28.89 -22.59 18.74
N GLN B 674 -27.73 -22.64 18.11
CA GLN B 674 -26.84 -23.76 18.34
C GLN B 674 -26.28 -23.75 19.75
N SER B 675 -25.87 -22.58 20.21
CA SER B 675 -25.19 -22.47 21.49
C SER B 675 -26.12 -22.13 22.63
N GLY B 676 -27.34 -21.74 22.30
CA GLY B 676 -28.35 -21.49 23.32
C GLY B 676 -27.90 -20.50 24.37
N LYS B 677 -27.18 -19.47 23.97
CA LYS B 677 -26.75 -18.43 24.90
C LYS B 677 -26.99 -17.03 24.37
N THR B 678 -27.41 -16.13 25.25
CA THR B 678 -27.52 -14.71 24.92
C THR B 678 -26.19 -14.01 25.08
N ILE B 679 -26.08 -12.83 24.52
CA ILE B 679 -24.81 -12.10 24.50
C ILE B 679 -24.26 -11.97 25.92
N LEU B 680 -25.11 -11.51 26.85
CA LEU B 680 -24.70 -11.44 28.25
C LEU B 680 -24.20 -12.80 28.71
N ASP B 681 -24.94 -13.83 28.36
CA ASP B 681 -24.51 -15.16 28.70
C ASP B 681 -23.20 -15.34 28.00
N PHE B 682 -23.12 -14.90 26.76
CA PHE B 682 -21.92 -15.09 26.00
C PHE B 682 -20.80 -14.34 26.66
N LEU B 683 -21.11 -13.14 27.08
CA LEU B 683 -20.10 -12.27 27.66
C LEU B 683 -19.55 -12.85 28.93
N LYS B 684 -20.42 -13.45 29.72
CA LYS B 684 -19.97 -14.06 30.95
C LYS B 684 -19.76 -15.33 30.13
N SER B 685 -18.70 -16.05 30.47
CA SER B 685 -18.46 -17.43 30.08
C SER B 685 -18.41 -17.87 28.61
N ASP B 686 -17.68 -17.15 27.77
CA ASP B 686 -17.34 -17.71 26.48
C ASP B 686 -16.03 -18.45 26.69
N GLY B 687 -16.10 -19.77 26.61
CA GLY B 687 -14.98 -20.62 26.95
C GLY B 687 -13.93 -20.47 25.89
N PHE B 688 -12.69 -20.84 26.19
CA PHE B 688 -11.65 -20.70 25.19
C PHE B 688 -11.57 -19.21 24.89
N ALA B 689 -11.62 -18.83 23.63
CA ALA B 689 -11.56 -17.43 23.26
C ALA B 689 -12.76 -16.70 23.81
N ASN B 690 -12.53 -15.53 24.39
CA ASN B 690 -13.63 -14.73 24.88
C ASN B 690 -13.99 -13.75 23.82
N ARG B 691 -15.08 -14.05 23.15
CA ARG B 691 -15.60 -13.21 22.10
C ARG B 691 -16.20 -11.96 22.65
N ASN B 692 -16.28 -10.97 21.79
CA ASN B 692 -16.64 -9.61 22.14
C ASN B 692 -18.05 -9.34 21.63
N PHE B 693 -18.67 -8.29 22.17
CA PHE B 693 -19.96 -7.89 21.62
C PHE B 693 -19.84 -7.74 20.11
N MET B 694 -18.92 -6.88 19.67
CA MET B 694 -18.74 -6.69 18.24
C MET B 694 -18.53 -8.04 17.57
N GLN B 695 -17.57 -8.81 18.09
CA GLN B 695 -17.29 -10.12 17.52
C GLN B 695 -18.57 -10.95 17.39
N LEU B 696 -19.28 -11.16 18.52
CA LEU B 696 -20.48 -11.99 18.53
C LEU B 696 -21.46 -11.57 17.45
N ILE B 697 -21.52 -10.27 17.19
CA ILE B 697 -22.52 -9.70 16.32
C ILE B 697 -22.09 -9.96 14.87
N HIS B 698 -20.91 -10.51 14.71
CA HIS B 698 -20.40 -10.86 13.39
C HIS B 698 -19.90 -12.28 13.33
N ASP B 699 -20.29 -13.09 14.31
CA ASP B 699 -19.85 -14.48 14.30
C ASP B 699 -20.86 -15.25 13.48
N ASP B 700 -20.44 -15.68 12.31
CA ASP B 700 -21.31 -16.40 11.42
C ASP B 700 -21.72 -17.69 12.09
N SER B 701 -20.78 -18.27 12.83
CA SER B 701 -21.05 -19.52 13.50
C SER B 701 -22.18 -19.23 14.45
N LEU B 702 -22.12 -18.06 15.07
CA LEU B 702 -23.20 -17.57 15.89
C LEU B 702 -24.35 -17.11 15.02
N THR B 703 -25.55 -17.10 15.58
CA THR B 703 -26.74 -16.72 14.85
C THR B 703 -27.03 -15.23 14.97
N PHE B 704 -26.22 -14.55 15.77
CA PHE B 704 -26.55 -13.19 16.16
C PHE B 704 -26.61 -12.20 15.02
N LYS B 705 -25.66 -12.28 14.11
CA LYS B 705 -25.69 -11.43 12.94
C LYS B 705 -26.89 -11.79 12.09
N GLU B 706 -27.12 -13.09 11.94
CA GLU B 706 -28.17 -13.56 11.06
C GLU B 706 -29.54 -13.11 11.55
N ASP B 707 -29.77 -13.26 12.84
CA ASP B 707 -31.06 -12.92 13.40
C ASP B 707 -31.30 -11.45 13.23
N ILE B 708 -30.25 -10.67 13.45
CA ILE B 708 -30.31 -9.23 13.37
C ILE B 708 -30.73 -8.92 11.97
N GLN B 709 -30.20 -9.72 11.05
CA GLN B 709 -30.30 -9.39 9.65
C GLN B 709 -31.73 -9.10 9.34
N LYS B 710 -32.62 -9.91 9.89
CA LYS B 710 -34.02 -9.67 9.64
C LYS B 710 -34.41 -8.30 10.13
N ALA B 711 -33.88 -7.91 11.26
CA ALA B 711 -34.35 -6.69 11.92
C ALA B 711 -34.12 -5.43 11.11
N GLN B 712 -32.95 -5.31 10.51
CA GLN B 712 -32.68 -4.14 9.71
C GLN B 712 -33.65 -4.14 8.54
N VAL B 713 -33.86 -5.32 7.97
CA VAL B 713 -34.70 -5.50 6.80
C VAL B 713 -36.17 -5.14 7.02
N SER B 714 -36.71 -5.47 8.17
CA SER B 714 -38.15 -5.40 8.33
C SER B 714 -38.63 -3.99 8.02
N GLY B 715 -39.71 -3.93 7.25
CA GLY B 715 -40.29 -2.70 6.76
C GLY B 715 -39.64 -2.29 5.45
N GLN B 716 -38.58 -3.00 5.09
CA GLN B 716 -37.95 -2.86 3.78
C GLN B 716 -37.56 -1.43 3.45
N GLY B 717 -37.11 -0.67 4.44
CA GLY B 717 -36.84 0.74 4.26
C GLY B 717 -38.15 1.50 4.18
N ASP B 718 -38.11 2.72 3.67
CA ASP B 718 -39.35 3.48 3.49
C ASP B 718 -39.23 4.42 2.30
N SER B 719 -40.36 4.85 1.76
CA SER B 719 -40.35 5.54 0.50
C SER B 719 -39.64 6.85 0.68
N LEU B 720 -39.24 7.47 -0.42
CA LEU B 720 -38.14 8.40 -0.41
C LEU B 720 -38.30 9.60 0.48
N HIS B 721 -39.46 10.25 0.50
CA HIS B 721 -39.60 11.43 1.36
C HIS B 721 -39.77 11.01 2.80
N GLU B 722 -40.50 9.91 3.02
CA GLU B 722 -40.54 9.26 4.32
C GLU B 722 -39.13 9.14 4.91
N HIS B 723 -38.12 8.96 4.08
CA HIS B 723 -36.72 8.95 4.49
C HIS B 723 -36.07 10.34 4.42
N ILE B 724 -36.30 11.11 3.35
CA ILE B 724 -35.62 12.39 3.26
C ILE B 724 -36.06 13.34 4.37
N ALA B 725 -37.19 13.06 5.03
CA ALA B 725 -37.72 13.93 6.07
C ALA B 725 -37.30 13.51 7.48
N ASN B 726 -36.53 12.43 7.63
CA ASN B 726 -35.98 12.01 8.92
C ASN B 726 -34.49 12.27 9.07
N LEU B 727 -33.82 12.84 8.08
CA LEU B 727 -32.40 13.09 8.20
C LEU B 727 -32.14 14.34 9.02
N ALA B 728 -31.12 14.27 9.88
CA ALA B 728 -30.89 15.32 10.87
C ALA B 728 -30.23 16.50 10.18
N GLY B 729 -30.95 17.60 10.03
CA GLY B 729 -30.45 18.72 9.26
C GLY B 729 -31.39 19.89 9.10
N SER B 730 -31.02 20.78 8.18
CA SER B 730 -31.84 21.93 7.84
C SER B 730 -33.10 21.50 7.12
N PRO B 731 -34.25 22.20 7.47
CA PRO B 731 -35.43 21.83 6.68
C PRO B 731 -35.25 22.17 5.21
N ALA B 732 -34.62 23.30 4.96
CA ALA B 732 -34.36 23.77 3.61
C ALA B 732 -33.45 22.83 2.85
N ILE B 733 -32.41 22.35 3.51
CA ILE B 733 -31.44 21.49 2.88
C ILE B 733 -32.04 20.17 2.41
N LYS B 734 -32.94 19.62 3.21
CA LYS B 734 -33.65 18.40 2.84
C LYS B 734 -34.52 18.61 1.62
N LYS B 735 -35.11 19.79 1.52
CA LYS B 735 -35.99 20.11 0.41
C LYS B 735 -35.16 20.02 -0.84
N GLY B 736 -33.96 20.57 -0.77
CA GLY B 736 -33.03 20.50 -1.88
C GLY B 736 -32.62 19.08 -2.18
N ILE B 737 -32.36 18.31 -1.13
CA ILE B 737 -31.82 17.00 -1.32
C ILE B 737 -32.81 16.24 -2.16
N LEU B 738 -34.08 16.44 -1.86
CA LEU B 738 -35.10 15.75 -2.61
C LEU B 738 -35.06 16.19 -4.04
N GLN B 739 -34.97 17.50 -4.24
CA GLN B 739 -35.17 18.04 -5.55
C GLN B 739 -34.10 17.54 -6.49
N THR B 740 -32.89 17.42 -5.97
CA THR B 740 -31.78 16.94 -6.78
C THR B 740 -31.98 15.52 -7.28
N VAL B 741 -32.51 14.64 -6.44
CA VAL B 741 -32.80 13.29 -6.88
C VAL B 741 -33.87 13.25 -7.95
N LYS B 742 -34.89 14.08 -7.78
CA LYS B 742 -35.86 14.28 -8.86
C LYS B 742 -35.20 14.80 -10.13
N VAL B 743 -34.02 15.44 -10.00
CA VAL B 743 -33.26 15.81 -11.18
C VAL B 743 -32.61 14.57 -11.79
N VAL B 744 -31.90 13.79 -10.95
CA VAL B 744 -31.16 12.64 -11.48
C VAL B 744 -32.09 11.73 -12.26
N ASP B 745 -33.18 11.31 -11.63
CA ASP B 745 -34.06 10.32 -12.25
C ASP B 745 -34.58 10.80 -13.59
N GLU B 746 -34.56 12.11 -13.82
CA GLU B 746 -34.76 12.64 -15.17
C GLU B 746 -33.49 12.56 -16.00
N LEU B 747 -32.37 13.02 -15.44
CA LEU B 747 -31.19 13.14 -16.24
C LEU B 747 -30.87 11.77 -16.78
N VAL B 748 -31.02 10.76 -15.92
CA VAL B 748 -30.92 9.37 -16.34
C VAL B 748 -32.04 8.97 -17.29
N LYS B 749 -33.24 9.46 -17.02
CA LYS B 749 -34.37 9.19 -17.88
C LYS B 749 -34.07 9.80 -19.22
N VAL B 750 -33.47 10.98 -19.19
CA VAL B 750 -33.06 11.68 -20.40
C VAL B 750 -32.00 10.95 -21.17
N MET B 751 -31.01 10.45 -20.46
CA MET B 751 -29.93 9.76 -21.13
C MET B 751 -30.38 8.34 -21.32
N GLY B 752 -31.53 8.19 -21.96
CA GLY B 752 -31.98 6.91 -22.45
C GLY B 752 -32.00 5.88 -21.35
N ARG B 753 -32.24 6.31 -20.13
CA ARG B 753 -32.23 5.37 -19.03
C ARG B 753 -30.88 4.65 -18.99
N HIS B 754 -29.81 5.38 -19.25
CA HIS B 754 -28.50 4.78 -19.19
C HIS B 754 -27.77 5.36 -17.99
N LYS B 755 -27.36 4.49 -17.07
CA LYS B 755 -26.82 4.93 -15.79
C LYS B 755 -25.44 5.57 -15.85
N PRO B 756 -25.22 6.62 -14.94
CA PRO B 756 -23.97 7.36 -15.18
C PRO B 756 -22.71 6.68 -14.69
N GLU B 757 -21.56 7.07 -15.23
CA GLU B 757 -20.31 6.55 -14.69
C GLU B 757 -20.02 7.17 -13.33
N ASN B 758 -20.14 8.51 -13.24
CA ASN B 758 -19.88 9.25 -12.02
C ASN B 758 -21.05 10.19 -11.72
N ILE B 759 -21.38 10.32 -10.43
CA ILE B 759 -22.34 11.30 -9.91
C ILE B 759 -21.65 12.09 -8.80
N VAL B 760 -21.43 13.37 -9.03
CA VAL B 760 -20.53 14.14 -8.17
C VAL B 760 -21.36 15.18 -7.41
N ILE B 761 -21.46 15.05 -6.09
CA ILE B 761 -22.33 15.92 -5.31
C ILE B 761 -21.48 16.91 -4.53
N GLU B 762 -21.99 18.12 -4.42
CA GLU B 762 -21.41 19.11 -3.51
C GLU B 762 -22.54 19.65 -2.64
N MET B 763 -22.20 20.00 -1.40
CA MET B 763 -23.02 20.93 -0.64
C MET B 763 -22.09 22.00 -0.12
N ALA B 764 -22.64 23.19 0.08
CA ALA B 764 -21.94 24.24 0.78
C ALA B 764 -22.61 24.45 2.14
N ARG B 765 -21.85 25.06 3.04
CA ARG B 765 -22.31 25.52 4.36
C ARG B 765 -23.81 25.82 4.44
N ASN B 776 -30.08 36.49 16.61
CA ASN B 776 -28.72 36.59 17.12
C ASN B 776 -28.42 37.98 17.62
N SER B 777 -29.24 38.93 17.22
CA SER B 777 -29.04 40.32 17.60
C SER B 777 -29.12 40.50 19.10
N ARG B 778 -30.10 39.85 19.71
CA ARG B 778 -30.28 39.95 21.14
C ARG B 778 -29.53 38.90 21.92
N GLU B 779 -29.05 37.88 21.22
CA GLU B 779 -28.32 36.81 21.87
C GLU B 779 -27.02 37.35 22.46
N ARG B 780 -26.38 38.23 21.72
CA ARG B 780 -25.14 38.83 22.16
C ARG B 780 -25.37 39.63 23.41
N MET B 781 -26.49 40.31 23.48
CA MET B 781 -26.77 41.17 24.61
C MET B 781 -26.87 40.42 25.93
N LYS B 782 -27.60 39.31 25.95
CA LYS B 782 -27.75 38.53 27.18
C LYS B 782 -26.50 37.85 27.69
N ARG B 783 -25.71 37.30 26.78
CA ARG B 783 -24.55 36.54 27.18
C ARG B 783 -23.58 37.41 27.91
N ILE B 784 -23.38 38.62 27.41
CA ILE B 784 -22.58 39.60 28.13
C ILE B 784 -23.25 40.01 29.41
N GLU B 785 -24.56 40.18 29.35
CA GLU B 785 -25.31 40.65 30.49
C GLU B 785 -25.01 39.74 31.65
N GLU B 786 -25.17 38.45 31.41
CA GLU B 786 -24.97 37.46 32.43
C GLU B 786 -23.52 37.40 32.87
N GLY B 787 -22.62 37.45 31.90
CA GLY B 787 -21.23 37.18 32.15
C GLY B 787 -20.62 38.16 33.11
N ILE B 788 -20.95 39.44 32.94
CA ILE B 788 -20.46 40.47 33.83
C ILE B 788 -21.04 40.24 35.22
N LYS B 789 -22.28 39.80 35.27
CA LYS B 789 -22.96 39.61 36.54
C LYS B 789 -22.29 38.56 37.40
N GLU B 790 -21.93 37.44 36.79
CA GLU B 790 -21.17 36.42 37.49
C GLU B 790 -19.80 36.94 37.81
N LEU B 791 -19.16 37.59 36.85
CA LEU B 791 -17.88 38.24 37.08
C LEU B 791 -18.06 39.37 38.09
N GLY B 792 -19.16 40.09 37.95
CA GLY B 792 -19.48 41.17 38.85
C GLY B 792 -18.81 42.48 38.52
N SER B 793 -18.15 42.55 37.38
CA SER B 793 -17.51 43.79 36.97
C SER B 793 -18.51 44.88 36.58
N GLN B 794 -18.12 46.11 36.86
CA GLN B 794 -18.94 47.29 36.61
C GLN B 794 -18.65 47.85 35.24
N ILE B 795 -17.88 47.10 34.45
CA ILE B 795 -17.44 47.55 33.16
C ILE B 795 -18.67 47.81 32.31
N LEU B 796 -19.68 46.96 32.43
CA LEU B 796 -20.91 47.19 31.73
C LEU B 796 -21.54 48.48 32.19
N LYS B 797 -21.48 48.74 33.49
CA LYS B 797 -21.99 49.98 34.03
C LYS B 797 -21.19 51.19 33.55
N GLU B 798 -19.87 51.04 33.53
CA GLU B 798 -19.01 52.16 33.25
C GLU B 798 -19.30 52.69 31.87
N HIS B 799 -19.44 51.78 30.92
CA HIS B 799 -19.86 52.14 29.59
C HIS B 799 -21.05 51.30 29.18
N PRO B 800 -22.16 52.02 28.70
CA PRO B 800 -23.29 51.16 28.34
C PRO B 800 -23.41 51.08 26.84
N VAL B 801 -24.04 50.02 26.34
CA VAL B 801 -24.17 49.81 24.91
C VAL B 801 -25.54 49.26 24.56
N GLU B 802 -25.86 49.22 23.28
CA GLU B 802 -27.19 48.80 22.83
C GLU B 802 -27.24 47.52 21.99
N ASN B 803 -28.42 46.92 21.97
CA ASN B 803 -28.66 45.59 21.41
C ASN B 803 -28.42 45.53 19.91
N THR B 804 -28.49 46.67 19.22
CA THR B 804 -28.33 46.71 17.78
C THR B 804 -26.87 46.85 17.36
N GLN B 805 -25.96 46.93 18.32
CA GLN B 805 -24.61 47.38 18.05
C GLN B 805 -23.62 46.26 17.82
N LEU B 806 -23.94 45.05 18.21
CA LEU B 806 -22.89 44.05 18.35
C LEU B 806 -22.83 43.09 17.18
N GLN B 807 -23.29 43.51 15.98
CA GLN B 807 -22.98 42.73 14.77
C GLN B 807 -21.60 43.07 14.25
N ASN B 808 -20.90 43.97 14.93
CA ASN B 808 -19.51 44.30 14.69
C ASN B 808 -18.66 43.61 15.74
N GLU B 809 -17.83 42.65 15.32
CA GLU B 809 -17.12 41.83 16.32
C GLU B 809 -16.20 42.66 17.18
N LYS B 810 -15.32 43.46 16.55
CA LYS B 810 -14.28 44.15 17.32
C LYS B 810 -14.88 44.98 18.45
N LEU B 811 -16.14 45.41 18.31
CA LEU B 811 -16.88 45.90 19.44
C LEU B 811 -17.30 44.74 20.33
N TYR B 812 -18.02 43.80 19.75
CA TYR B 812 -18.64 42.74 20.51
C TYR B 812 -17.61 41.92 21.24
N LEU B 813 -16.48 41.65 20.61
CA LEU B 813 -15.46 40.83 21.24
C LEU B 813 -14.96 41.49 22.51
N TYR B 814 -14.88 42.81 22.49
CA TYR B 814 -14.28 43.56 23.57
C TYR B 814 -15.02 43.29 24.85
N TYR B 815 -16.34 43.22 24.76
CA TYR B 815 -17.15 42.95 25.92
C TYR B 815 -17.01 41.57 26.56
N LEU B 816 -16.94 40.53 25.76
CA LEU B 816 -16.75 39.19 26.29
C LEU B 816 -15.41 39.11 26.98
N GLN B 817 -14.42 39.70 26.34
CA GLN B 817 -13.09 39.77 26.91
C GLN B 817 -13.12 40.74 28.09
N ASN B 818 -14.26 41.41 28.28
CA ASN B 818 -14.46 42.31 29.41
C ASN B 818 -13.48 43.45 29.43
N GLY B 819 -13.19 43.98 28.25
CA GLY B 819 -12.33 45.13 28.13
C GLY B 819 -10.91 44.96 28.64
N ARG B 820 -10.36 43.76 28.41
CA ARG B 820 -8.99 43.45 28.75
C ARG B 820 -8.35 42.71 27.59
N ASP B 821 -7.03 42.76 27.49
CA ASP B 821 -6.31 42.04 26.45
C ASP B 821 -6.35 40.57 26.78
N MET B 822 -6.74 39.74 25.81
CA MET B 822 -6.73 38.31 26.04
C MET B 822 -5.32 37.76 26.20
N TYR B 823 -4.39 38.24 25.39
CA TYR B 823 -3.02 37.74 25.45
C TYR B 823 -2.10 38.56 26.33
N VAL B 824 -2.55 39.72 26.79
CA VAL B 824 -1.65 40.68 27.41
C VAL B 824 -1.85 41.10 28.86
N ASP B 825 -3.00 40.83 29.45
CA ASP B 825 -3.27 41.35 30.79
C ASP B 825 -3.25 42.88 30.93
N GLN B 826 -3.80 43.59 29.95
CA GLN B 826 -3.96 45.04 30.04
C GLN B 826 -5.35 45.46 29.57
N GLU B 827 -5.82 46.62 29.99
CA GLU B 827 -7.16 47.09 29.68
C GLU B 827 -7.23 47.51 28.24
N LEU B 828 -8.41 47.77 27.71
CA LEU B 828 -8.48 48.06 26.30
C LEU B 828 -9.12 49.39 25.94
N ASP B 829 -8.75 49.92 24.79
CA ASP B 829 -9.27 51.19 24.34
C ASP B 829 -10.57 50.91 23.63
N ILE B 830 -11.65 51.42 24.19
CA ILE B 830 -12.94 51.19 23.60
C ILE B 830 -12.96 51.84 22.22
N ASN B 831 -12.49 53.06 22.14
CA ASN B 831 -12.67 53.81 20.91
C ASN B 831 -11.90 53.35 19.69
N ARG B 832 -10.60 53.12 19.85
CA ARG B 832 -9.81 52.71 18.70
C ARG B 832 -9.67 51.22 18.60
N LEU B 833 -10.77 50.55 18.34
CA LEU B 833 -10.77 49.14 18.09
C LEU B 833 -10.01 48.91 16.80
N SER B 834 -10.00 49.91 15.94
CA SER B 834 -9.42 49.78 14.63
C SER B 834 -7.94 49.46 14.66
N ASP B 835 -7.22 50.07 15.59
CA ASP B 835 -5.79 49.80 15.72
C ASP B 835 -5.53 48.34 16.07
N TYR B 836 -6.38 47.78 16.92
CA TYR B 836 -6.24 46.42 17.43
C TYR B 836 -6.55 45.40 16.34
N ASP B 837 -6.11 44.16 16.52
CA ASP B 837 -6.39 43.11 15.54
C ASP B 837 -7.21 41.94 16.07
N VAL B 838 -8.20 41.51 15.31
CA VAL B 838 -8.88 40.25 15.54
C VAL B 838 -7.87 39.15 15.26
N ASP B 839 -7.79 38.17 16.14
CA ASP B 839 -6.88 37.05 15.93
C ASP B 839 -7.70 35.78 16.04
N ALA B 840 -7.46 34.85 15.14
CA ALA B 840 -8.15 33.59 15.17
C ALA B 840 -7.23 32.63 15.88
N ILE B 841 -7.72 31.94 16.89
CA ILE B 841 -6.84 31.24 17.77
C ILE B 841 -6.07 30.24 16.97
N VAL B 842 -6.77 29.52 16.14
CA VAL B 842 -6.18 28.45 15.38
C VAL B 842 -6.02 28.99 13.99
N PRO B 843 -4.77 28.79 13.38
CA PRO B 843 -4.60 29.56 12.14
C PRO B 843 -5.57 29.17 11.06
N GLN B 844 -5.93 30.13 10.22
CA GLN B 844 -6.91 29.90 9.20
C GLN B 844 -6.45 28.84 8.22
N SER B 845 -5.15 28.76 7.93
CA SER B 845 -4.67 27.81 6.95
C SER B 845 -4.99 26.39 7.39
N PHE B 846 -4.84 26.13 8.69
CA PHE B 846 -5.22 24.85 9.23
C PHE B 846 -6.72 24.60 9.14
N LEU B 847 -7.50 25.61 9.50
CA LEU B 847 -8.96 25.51 9.46
C LEU B 847 -9.54 26.89 9.19
N LYS B 848 -10.68 26.96 8.53
CA LYS B 848 -11.29 28.24 8.28
C LYS B 848 -12.34 28.52 9.32
N ASP B 849 -12.01 29.35 10.30
CA ASP B 849 -12.96 29.67 11.34
C ASP B 849 -13.14 31.16 11.52
N ASP B 850 -14.38 31.61 11.43
CA ASP B 850 -14.68 33.02 11.63
C ASP B 850 -15.50 33.20 12.89
N SER B 851 -15.69 32.12 13.63
CA SER B 851 -16.59 32.09 14.78
C SER B 851 -16.08 32.85 15.98
N ILE B 852 -16.99 33.24 16.85
CA ILE B 852 -16.62 33.85 18.12
C ILE B 852 -15.88 32.84 18.95
N ASP B 853 -16.08 31.57 18.65
CA ASP B 853 -15.35 30.47 19.29
C ASP B 853 -13.85 30.48 19.02
N ASN B 854 -13.45 30.87 17.83
CA ASN B 854 -12.06 30.81 17.40
C ASN B 854 -11.46 32.18 17.10
N LYS B 855 -12.12 33.26 17.48
CA LYS B 855 -11.58 34.60 17.27
C LYS B 855 -11.21 35.18 18.62
N VAL B 856 -10.29 36.14 18.58
CA VAL B 856 -9.97 36.94 19.74
C VAL B 856 -9.61 38.33 19.28
N LEU B 857 -9.79 39.33 20.13
CA LEU B 857 -9.34 40.67 19.81
C LEU B 857 -8.32 41.15 20.82
N THR B 858 -7.16 41.55 20.33
CA THR B 858 -6.07 42.06 21.12
C THR B 858 -5.38 43.07 20.25
N ARG B 859 -4.54 43.91 20.82
CA ARG B 859 -3.99 45.00 20.04
C ARG B 859 -3.18 44.51 18.86
N SER B 860 -2.30 43.56 19.10
CA SER B 860 -1.41 43.05 18.07
C SER B 860 -1.53 41.56 18.04
N ASP B 861 -1.68 41.01 16.86
CA ASP B 861 -1.84 39.57 16.74
C ASP B 861 -0.49 38.90 16.75
N LYS B 862 0.56 39.68 16.97
CA LYS B 862 1.91 39.18 17.07
C LYS B 862 2.29 38.73 18.48
N ASN B 863 1.42 38.91 19.46
CA ASN B 863 1.77 38.50 20.81
C ASN B 863 1.26 37.12 21.16
N ARG B 864 0.43 36.53 20.34
CA ARG B 864 0.01 35.17 20.65
C ARG B 864 1.22 34.25 20.59
N GLY B 865 2.04 34.44 19.57
CA GLY B 865 3.11 33.50 19.32
C GLY B 865 3.31 33.32 17.83
N LYS B 866 3.81 32.16 17.47
CA LYS B 866 4.15 31.88 16.09
C LYS B 866 2.93 31.90 15.21
N SER B 867 3.14 32.33 13.99
CA SER B 867 2.11 32.42 12.97
C SER B 867 1.57 31.04 12.67
N ASP B 868 2.45 30.07 12.78
CA ASP B 868 2.24 28.71 12.32
C ASP B 868 1.74 27.80 13.42
N ASN B 869 1.30 28.37 14.55
CA ASN B 869 0.84 27.55 15.66
C ASN B 869 -0.21 28.17 16.58
N VAL B 870 -0.76 27.35 17.46
CA VAL B 870 -1.74 27.78 18.45
C VAL B 870 -1.06 28.66 19.47
N PRO B 871 -1.90 29.48 20.24
CA PRO B 871 -1.18 30.49 21.01
C PRO B 871 -0.13 29.92 21.95
N SER B 872 1.01 30.60 21.98
CA SER B 872 2.24 30.09 22.54
C SER B 872 2.25 29.96 24.04
N GLU B 873 3.13 29.09 24.49
CA GLU B 873 3.25 28.67 25.86
C GLU B 873 3.33 29.91 26.72
N GLU B 874 4.02 30.91 26.19
CA GLU B 874 4.20 32.16 26.87
C GLU B 874 2.85 32.81 27.13
N VAL B 875 1.98 32.76 26.13
CA VAL B 875 0.67 33.36 26.25
C VAL B 875 -0.21 32.66 27.28
N VAL B 876 -0.17 31.34 27.30
CA VAL B 876 -0.98 30.58 28.24
C VAL B 876 -0.59 30.86 29.66
N LYS B 877 0.70 31.02 29.91
CA LYS B 877 1.16 31.18 31.27
C LYS B 877 0.60 32.41 31.95
N LYS B 878 0.64 33.54 31.26
CA LYS B 878 0.18 34.76 31.88
C LYS B 878 -1.30 34.70 32.16
N MET B 879 -2.05 34.24 31.18
CA MET B 879 -3.48 34.38 31.22
C MET B 879 -4.30 33.10 31.16
N LYS B 880 -3.71 31.96 31.50
CA LYS B 880 -4.49 30.74 31.61
C LYS B 880 -5.54 30.90 32.70
N ASN B 881 -5.13 31.50 33.80
CA ASN B 881 -6.04 31.72 34.91
C ASN B 881 -7.17 32.66 34.53
N TYR B 882 -6.83 33.70 33.78
CA TYR B 882 -7.78 34.72 33.41
C TYR B 882 -8.85 34.06 32.59
N TRP B 883 -8.44 33.17 31.71
CA TRP B 883 -9.35 32.42 30.86
C TRP B 883 -10.36 31.57 31.65
N ARG B 884 -10.13 31.32 32.95
CA ARG B 884 -11.09 30.58 33.78
C ARG B 884 -12.28 31.44 34.22
N GLN B 885 -12.03 32.71 34.48
CA GLN B 885 -13.11 33.55 34.92
C GLN B 885 -14.10 33.58 33.81
N LEU B 886 -13.59 33.69 32.58
CA LEU B 886 -14.45 33.79 31.41
C LEU B 886 -15.27 32.54 31.15
N LEU B 887 -14.68 31.37 31.32
CA LEU B 887 -15.41 30.15 31.06
C LEU B 887 -16.56 30.00 32.03
N ASN B 888 -16.30 30.32 33.29
CA ASN B 888 -17.31 30.25 34.34
C ASN B 888 -18.42 31.26 34.09
N ALA B 889 -18.04 32.43 33.63
CA ALA B 889 -19.00 33.46 33.23
C ALA B 889 -19.79 33.01 32.03
N LYS B 890 -19.21 32.07 31.29
CA LYS B 890 -19.78 31.65 30.02
C LYS B 890 -19.51 32.72 28.98
N LEU B 891 -18.53 33.58 29.27
CA LEU B 891 -18.03 34.56 28.34
C LEU B 891 -17.20 33.90 27.23
N ILE B 892 -16.83 32.64 27.47
CA ILE B 892 -16.20 31.79 26.48
C ILE B 892 -16.65 30.36 26.66
N THR B 893 -16.15 29.48 25.80
CA THR B 893 -16.67 28.14 25.69
C THR B 893 -15.59 27.07 25.71
N GLN B 894 -15.99 25.83 25.86
CA GLN B 894 -15.07 24.71 25.97
C GLN B 894 -14.24 24.59 24.71
N ARG B 895 -14.88 24.80 23.58
CA ARG B 895 -14.14 24.89 22.32
C ARG B 895 -13.17 26.06 22.35
N LYS B 896 -13.68 27.24 22.70
CA LYS B 896 -12.82 28.43 22.80
C LYS B 896 -11.74 28.24 23.85
N PHE B 897 -12.09 27.61 24.95
CA PHE B 897 -11.13 27.48 26.03
C PHE B 897 -10.04 26.48 25.66
N ASP B 898 -10.45 25.28 25.27
CA ASP B 898 -9.51 24.19 25.17
C ASP B 898 -8.44 24.48 24.17
N ASN B 899 -8.79 25.08 23.05
CA ASN B 899 -7.81 25.50 22.08
C ASN B 899 -6.88 26.54 22.65
N LEU B 900 -7.44 27.46 23.41
CA LEU B 900 -6.68 28.55 23.98
C LEU B 900 -5.60 28.01 24.90
N THR B 901 -5.94 27.00 25.68
CA THR B 901 -5.01 26.43 26.64
C THR B 901 -4.13 25.37 26.03
N LYS B 902 -4.32 25.11 24.75
CA LYS B 902 -3.84 23.90 24.12
C LYS B 902 -2.34 23.74 24.22
N ALA B 903 -1.61 24.83 24.16
CA ALA B 903 -0.19 24.76 23.92
C ALA B 903 0.47 23.91 24.97
N GLU B 904 -0.06 23.95 26.18
CA GLU B 904 0.45 23.10 27.24
C GLU B 904 0.07 21.67 26.99
N ARG B 905 -0.78 21.44 26.01
CA ARG B 905 -1.10 20.08 25.62
C ARG B 905 -0.13 19.60 24.54
N GLY B 906 0.84 20.45 24.24
CA GLY B 906 1.67 20.37 23.07
C GLY B 906 0.93 21.28 22.14
N GLY B 907 1.65 21.99 21.29
CA GLY B 907 1.02 22.86 20.35
C GLY B 907 0.50 21.86 19.35
N LEU B 908 -0.26 22.29 18.34
CA LEU B 908 -0.75 21.31 17.38
C LEU B 908 0.47 20.56 16.82
N SER B 909 0.39 19.25 16.88
CA SER B 909 1.41 18.33 16.43
C SER B 909 1.40 18.31 14.92
N GLU B 910 2.47 17.78 14.34
CA GLU B 910 2.55 17.67 12.90
C GLU B 910 1.43 16.78 12.45
N LEU B 911 1.00 15.88 13.33
CA LEU B 911 -0.21 15.11 13.11
C LEU B 911 -1.45 15.99 13.04
N ASP B 912 -1.54 16.98 13.91
CA ASP B 912 -2.72 17.83 13.91
C ASP B 912 -2.85 18.60 12.62
N LYS B 913 -1.74 19.16 12.16
CA LYS B 913 -1.76 20.03 11.00
C LYS B 913 -2.21 19.26 9.78
N ALA B 914 -1.74 18.03 9.68
CA ALA B 914 -2.06 17.18 8.56
C ALA B 914 -3.54 17.01 8.55
N GLY B 915 -4.12 16.92 9.73
CA GLY B 915 -5.54 16.64 9.84
C GLY B 915 -6.38 17.78 9.31
N PHE B 916 -5.98 19.02 9.61
CA PHE B 916 -6.74 20.18 9.16
C PHE B 916 -6.65 20.35 7.65
N ILE B 917 -5.46 20.18 7.09
CA ILE B 917 -5.32 20.33 5.64
C ILE B 917 -6.18 19.30 4.91
N LYS B 918 -6.30 18.08 5.46
CA LYS B 918 -7.17 17.08 4.85
C LYS B 918 -8.62 17.53 4.85
N ARG B 919 -9.12 17.95 6.03
CA ARG B 919 -10.54 18.21 6.20
C ARG B 919 -11.05 19.35 5.31
N GLN B 920 -10.15 20.25 4.91
CA GLN B 920 -10.51 21.23 3.89
C GLN B 920 -11.03 20.56 2.62
N LEU B 921 -10.60 19.34 2.34
CA LEU B 921 -10.84 18.72 1.04
C LEU B 921 -11.77 17.52 1.07
N VAL B 922 -11.63 16.60 2.02
CA VAL B 922 -12.60 15.51 2.18
C VAL B 922 -13.80 16.04 2.97
N GLU B 923 -15.00 15.83 2.42
CA GLU B 923 -16.20 16.18 3.16
C GLU B 923 -16.46 15.12 4.20
N THR B 924 -16.40 15.51 5.47
CA THR B 924 -16.80 14.67 6.58
C THR B 924 -18.17 15.05 7.15
N ARG B 925 -18.81 16.07 6.58
CA ARG B 925 -20.14 16.51 6.97
C ARG B 925 -21.15 15.37 6.78
N GLN B 926 -21.81 14.94 7.87
CA GLN B 926 -22.59 13.71 7.78
C GLN B 926 -23.91 13.93 7.08
N ILE B 927 -24.42 15.16 7.09
CA ILE B 927 -25.63 15.40 6.34
C ILE B 927 -25.36 15.12 4.86
N THR B 928 -24.11 15.34 4.43
CA THR B 928 -23.76 15.18 3.02
C THR B 928 -23.39 13.72 2.80
N LYS B 929 -23.76 12.85 3.72
CA LYS B 929 -23.38 11.47 3.59
C LYS B 929 -24.55 10.60 3.19
N HIS B 930 -25.67 10.79 3.86
CA HIS B 930 -26.85 10.03 3.54
C HIS B 930 -27.21 10.39 2.13
N VAL B 931 -27.04 11.66 1.79
CA VAL B 931 -27.38 12.10 0.47
C VAL B 931 -26.52 11.33 -0.48
N ALA B 932 -25.26 11.16 -0.13
CA ALA B 932 -24.37 10.38 -0.96
C ALA B 932 -24.82 8.93 -1.00
N GLN B 933 -25.19 8.40 0.14
CA GLN B 933 -25.60 7.02 0.26
C GLN B 933 -26.88 6.70 -0.50
N ILE B 934 -27.84 7.61 -0.42
CA ILE B 934 -29.14 7.38 -1.03
C ILE B 934 -29.00 7.24 -2.53
N LEU B 935 -28.11 8.03 -3.11
CA LEU B 935 -27.88 7.95 -4.53
C LEU B 935 -27.35 6.58 -4.87
N ASP B 936 -26.41 6.08 -4.06
CA ASP B 936 -25.80 4.81 -4.39
C ASP B 936 -26.84 3.73 -4.35
N SER B 937 -27.67 3.76 -3.32
CA SER B 937 -28.71 2.76 -3.15
C SER B 937 -29.78 2.83 -4.23
N ARG B 938 -30.23 4.02 -4.55
CA ARG B 938 -31.20 4.16 -5.62
C ARG B 938 -30.53 3.76 -6.90
N MET B 939 -29.32 4.25 -7.10
CA MET B 939 -28.62 4.03 -8.35
C MET B 939 -28.22 2.58 -8.61
N ASN B 940 -27.67 1.91 -7.61
CA ASN B 940 -27.17 0.57 -7.82
C ASN B 940 -28.04 -0.46 -7.13
N THR B 941 -28.80 -1.20 -7.90
CA THR B 941 -29.68 -2.19 -7.33
C THR B 941 -29.20 -3.58 -7.69
N LYS B 942 -28.41 -3.67 -8.73
CA LYS B 942 -27.98 -4.95 -9.27
C LYS B 942 -27.13 -5.70 -8.28
N TYR B 943 -27.34 -7.01 -8.21
CA TYR B 943 -26.62 -7.81 -7.24
C TYR B 943 -25.87 -8.97 -7.88
N ASP B 944 -24.58 -9.06 -7.58
CA ASP B 944 -23.73 -10.13 -8.07
C ASP B 944 -23.88 -11.44 -7.27
N GLU B 945 -23.29 -12.52 -7.78
CA GLU B 945 -23.49 -13.83 -7.20
C GLU B 945 -23.02 -13.87 -5.76
N ASN B 946 -21.89 -13.23 -5.51
CA ASN B 946 -21.44 -13.03 -4.15
C ASN B 946 -22.37 -11.98 -3.57
N ASP B 947 -22.42 -11.87 -2.25
CA ASP B 947 -23.34 -10.92 -1.62
C ASP B 947 -22.94 -9.51 -2.01
N LYS B 948 -21.75 -9.38 -2.59
CA LYS B 948 -21.14 -8.10 -2.93
C LYS B 948 -21.98 -7.34 -3.96
N LEU B 949 -21.83 -6.02 -3.95
CA LEU B 949 -22.67 -5.12 -4.72
C LEU B 949 -21.98 -4.64 -5.99
N ILE B 950 -22.75 -4.60 -7.07
CA ILE B 950 -22.26 -4.18 -8.39
C ILE B 950 -22.47 -2.66 -8.45
N ARG B 951 -21.47 -1.93 -7.95
CA ARG B 951 -21.50 -0.48 -8.01
C ARG B 951 -21.21 0.00 -9.43
N GLU B 952 -22.27 0.40 -10.13
CA GLU B 952 -22.16 0.84 -11.51
C GLU B 952 -22.26 2.34 -11.66
N VAL B 953 -22.67 3.06 -10.62
CA VAL B 953 -22.57 4.50 -10.58
C VAL B 953 -21.67 4.85 -9.40
N LYS B 954 -20.57 5.57 -9.67
CA LYS B 954 -19.84 6.10 -8.54
C LYS B 954 -20.59 7.30 -8.01
N VAL B 955 -20.60 7.43 -6.69
CA VAL B 955 -21.06 8.62 -6.00
C VAL B 955 -19.80 9.33 -5.53
N ILE B 956 -19.82 10.66 -5.50
CA ILE B 956 -18.69 11.43 -5.00
C ILE B 956 -19.19 12.61 -4.19
N THR B 957 -18.60 12.81 -3.00
CA THR B 957 -18.83 14.01 -2.22
C THR B 957 -17.57 14.86 -2.26
N LEU B 958 -17.72 16.17 -2.53
CA LEU B 958 -16.59 17.10 -2.56
C LEU B 958 -16.82 18.24 -1.58
N LYS B 959 -15.72 18.73 -1.02
CA LYS B 959 -15.76 20.01 -0.33
C LYS B 959 -15.76 21.16 -1.33
N SER B 960 -16.31 22.29 -0.88
CA SER B 960 -16.42 23.46 -1.75
C SER B 960 -15.06 23.91 -2.21
N LYS B 961 -14.02 23.77 -1.36
CA LYS B 961 -12.70 24.32 -1.62
C LYS B 961 -12.00 23.74 -2.85
N LEU B 962 -12.34 22.54 -3.31
CA LEU B 962 -11.81 22.16 -4.61
C LEU B 962 -12.26 23.14 -5.68
N VAL B 963 -13.56 23.22 -5.90
CA VAL B 963 -14.09 24.10 -6.93
C VAL B 963 -13.82 25.58 -6.69
N SER B 964 -14.01 26.06 -5.47
CA SER B 964 -13.90 27.50 -5.21
C SER B 964 -12.50 28.00 -5.45
N ASP B 965 -11.51 27.24 -5.02
CA ASP B 965 -10.12 27.50 -5.33
C ASP B 965 -9.77 27.32 -6.81
N PHE B 966 -10.36 26.33 -7.45
CA PHE B 966 -10.01 26.00 -8.83
C PHE B 966 -10.28 27.17 -9.76
N ARG B 967 -11.38 27.87 -9.54
CA ARG B 967 -11.67 29.06 -10.32
C ARG B 967 -10.61 30.11 -10.06
N LYS B 968 -10.20 30.24 -8.82
CA LYS B 968 -9.23 31.24 -8.43
C LYS B 968 -7.91 31.02 -9.11
N ASP B 969 -7.50 29.77 -9.22
CA ASP B 969 -6.20 29.43 -9.80
C ASP B 969 -6.22 29.19 -11.32
N PHE B 970 -7.40 29.21 -11.92
CA PHE B 970 -7.50 28.97 -13.35
C PHE B 970 -8.30 29.98 -14.18
N GLN B 971 -8.45 31.20 -13.69
CA GLN B 971 -9.20 32.18 -14.44
C GLN B 971 -10.65 31.77 -14.71
N PHE B 972 -11.31 31.22 -13.72
CA PHE B 972 -12.72 30.83 -13.84
C PHE B 972 -13.61 31.57 -12.86
N TYR B 973 -13.28 32.83 -12.59
CA TYR B 973 -13.80 33.50 -11.42
C TYR B 973 -15.30 33.49 -11.43
N LYS B 974 -15.86 33.38 -10.24
CA LYS B 974 -17.30 33.31 -10.11
C LYS B 974 -17.81 34.63 -9.57
N VAL B 975 -18.68 35.29 -10.32
CA VAL B 975 -19.33 36.50 -9.86
C VAL B 975 -20.76 36.12 -9.64
N ARG B 976 -21.19 36.03 -8.39
CA ARG B 976 -22.53 35.57 -8.12
C ARG B 976 -23.56 36.50 -8.74
N GLU B 977 -23.28 37.78 -8.61
CA GLU B 977 -24.22 38.86 -8.91
C GLU B 977 -24.69 38.98 -10.35
N ILE B 978 -23.86 38.61 -11.31
CA ILE B 978 -24.19 38.84 -12.71
C ILE B 978 -25.45 38.11 -13.16
N ASN B 979 -25.59 36.87 -12.74
CA ASN B 979 -26.56 35.95 -13.32
C ASN B 979 -26.81 34.87 -12.30
N ASN B 980 -27.86 34.09 -12.50
CA ASN B 980 -28.11 32.94 -11.64
C ASN B 980 -27.46 31.73 -12.23
N TYR B 981 -26.74 31.93 -13.33
CA TYR B 981 -26.05 30.84 -14.02
C TYR B 981 -24.99 30.08 -13.21
N HIS B 982 -24.23 30.79 -12.40
CA HIS B 982 -23.02 30.22 -11.80
C HIS B 982 -23.34 29.00 -10.98
N HIS B 983 -24.50 28.98 -10.32
CA HIS B 983 -24.91 27.82 -9.56
C HIS B 983 -24.89 26.56 -10.44
N ALA B 984 -24.79 26.70 -11.77
CA ALA B 984 -24.84 25.62 -12.76
C ALA B 984 -23.49 25.26 -13.34
N HIS B 985 -22.68 26.27 -13.56
CA HIS B 985 -21.26 26.06 -13.78
C HIS B 985 -20.64 25.23 -12.66
N ASP B 986 -21.11 25.44 -11.41
CA ASP B 986 -20.55 24.80 -10.23
C ASP B 986 -20.83 23.30 -10.14
N ALA B 987 -21.78 22.80 -10.92
CA ALA B 987 -21.82 21.36 -11.08
C ALA B 987 -20.76 20.90 -12.05
N TYR B 988 -20.70 21.54 -13.22
CA TYR B 988 -19.71 21.20 -14.23
C TYR B 988 -18.34 21.06 -13.61
N LEU B 989 -17.85 22.11 -12.95
CA LEU B 989 -16.50 22.03 -12.42
C LEU B 989 -16.41 20.87 -11.45
N ASN B 990 -17.38 20.76 -10.53
CA ASN B 990 -17.40 19.64 -9.59
C ASN B 990 -17.51 18.32 -10.33
N ALA B 991 -18.14 18.31 -11.50
CA ALA B 991 -18.21 17.09 -12.28
C ALA B 991 -16.82 16.65 -12.73
N VAL B 992 -16.12 17.52 -13.46
CA VAL B 992 -14.85 17.11 -14.03
C VAL B 992 -13.76 16.98 -12.97
N VAL B 993 -13.79 17.85 -11.94
CA VAL B 993 -12.83 17.72 -10.83
C VAL B 993 -12.88 16.33 -10.22
N GLY B 994 -14.08 15.93 -9.76
CA GLY B 994 -14.22 14.66 -9.08
C GLY B 994 -14.08 13.46 -9.99
N THR B 995 -14.49 13.59 -11.26
CA THR B 995 -14.28 12.49 -12.21
C THR B 995 -12.79 12.30 -12.49
N ALA B 996 -12.08 13.41 -12.80
CA ALA B 996 -10.66 13.33 -13.17
C ALA B 996 -9.79 12.97 -11.98
N LEU B 997 -10.19 13.37 -10.76
CA LEU B 997 -9.47 12.94 -9.58
C LEU B 997 -9.34 11.43 -9.56
N ILE B 998 -10.47 10.74 -9.44
CA ILE B 998 -10.43 9.31 -9.18
C ILE B 998 -10.22 8.53 -10.47
N LYS B 999 -9.91 9.25 -11.55
CA LYS B 999 -9.29 8.57 -12.68
C LYS B 999 -7.77 8.58 -12.57
N LYS B 1000 -7.21 9.40 -11.69
CA LYS B 1000 -5.75 9.36 -11.46
C LYS B 1000 -5.33 8.61 -10.20
N TYR B 1001 -6.17 8.62 -9.17
CA TYR B 1001 -5.82 7.99 -7.91
C TYR B 1001 -6.90 7.07 -7.38
N PRO B 1002 -6.94 5.79 -7.98
CA PRO B 1002 -8.01 4.94 -7.46
C PRO B 1002 -7.85 4.69 -5.98
N LYS B 1003 -6.64 4.90 -5.48
CA LYS B 1003 -6.32 4.61 -4.09
C LYS B 1003 -7.22 5.43 -3.16
N LEU B 1004 -7.54 6.64 -3.58
CA LEU B 1004 -8.30 7.57 -2.75
C LEU B 1004 -9.79 7.29 -2.77
N GLU B 1005 -10.19 6.31 -3.55
CA GLU B 1005 -11.61 6.04 -3.80
C GLU B 1005 -12.33 5.75 -2.50
N SER B 1006 -11.65 5.15 -1.54
CA SER B 1006 -12.27 4.92 -0.26
C SER B 1006 -12.66 6.24 0.39
N GLU B 1007 -11.74 7.20 0.39
CA GLU B 1007 -12.06 8.54 0.85
C GLU B 1007 -12.98 9.42 0.03
N PHE B 1008 -12.80 9.42 -1.29
CA PHE B 1008 -13.53 10.36 -2.13
C PHE B 1008 -14.83 9.83 -2.68
N VAL B 1009 -15.03 8.52 -2.58
CA VAL B 1009 -16.19 7.89 -3.18
C VAL B 1009 -16.85 7.01 -2.15
N TYR B 1010 -18.14 6.75 -2.33
CA TYR B 1010 -18.92 6.18 -1.26
C TYR B 1010 -19.10 4.68 -1.46
N GLY B 1011 -18.74 3.91 -0.43
CA GLY B 1011 -18.94 2.47 -0.44
C GLY B 1011 -17.75 1.66 0.03
N ASP B 1012 -18.02 0.60 0.80
CA ASP B 1012 -17.02 -0.43 1.07
C ASP B 1012 -17.20 -1.61 0.10
N GLY B 1030 6.00 12.90 12.48
CA GLY B 1030 5.66 11.50 12.32
C GLY B 1030 5.36 11.16 10.87
N LYS B 1031 4.44 10.23 10.64
CA LYS B 1031 3.93 9.90 9.32
C LYS B 1031 3.07 11.01 8.75
N ALA B 1032 2.56 11.86 9.63
CA ALA B 1032 1.67 12.94 9.27
C ALA B 1032 2.33 13.94 8.35
N THR B 1033 3.60 14.23 8.58
CA THR B 1033 4.23 15.34 7.89
C THR B 1033 4.14 15.10 6.41
N ALA B 1034 4.39 13.87 6.00
CA ALA B 1034 4.27 13.49 4.59
C ALA B 1034 2.82 13.65 4.14
N LYS B 1035 1.89 13.26 5.01
CA LYS B 1035 0.48 13.30 4.71
C LYS B 1035 0.13 14.75 4.44
N TYR B 1036 0.76 15.65 5.19
CA TYR B 1036 0.50 17.05 5.04
C TYR B 1036 0.87 17.38 3.61
N PHE B 1037 2.01 16.86 3.17
CA PHE B 1037 2.48 17.09 1.81
C PHE B 1037 1.57 16.47 0.76
N PHE B 1038 1.08 15.28 1.03
CA PHE B 1038 0.33 14.57 0.03
C PHE B 1038 -0.91 15.38 -0.34
N TYR B 1039 -1.64 15.84 0.67
CA TYR B 1039 -2.85 16.62 0.44
C TYR B 1039 -2.68 18.03 -0.10
N SER B 1040 -1.69 18.75 0.41
CA SER B 1040 -1.53 20.15 0.10
C SER B 1040 -1.28 20.36 -1.37
N ASN B 1041 -0.53 19.45 -1.96
CA ASN B 1041 -0.13 19.55 -3.37
C ASN B 1041 -0.99 18.72 -4.31
N ILE B 1042 -2.11 18.21 -3.82
CA ILE B 1042 -2.89 17.25 -4.56
C ILE B 1042 -3.39 17.79 -5.90
N MET B 1043 -3.74 19.07 -5.92
CA MET B 1043 -4.37 19.72 -7.08
C MET B 1043 -3.37 20.32 -8.05
N ASN B 1044 -2.10 19.98 -7.86
CA ASN B 1044 -1.03 20.50 -8.70
C ASN B 1044 -1.13 20.11 -10.17
N PHE B 1045 -1.53 18.88 -10.46
CA PHE B 1045 -1.28 18.29 -11.76
C PHE B 1045 -1.91 19.08 -12.88
N PHE B 1046 -2.97 19.81 -12.59
CA PHE B 1046 -3.62 20.61 -13.61
C PHE B 1046 -2.64 21.63 -14.17
N LYS B 1047 -1.82 22.22 -13.31
CA LYS B 1047 -0.92 23.30 -13.71
C LYS B 1047 0.25 22.86 -14.57
N THR B 1048 0.79 23.78 -15.35
CA THR B 1048 2.02 23.57 -16.09
C THR B 1048 3.25 23.88 -15.25
N GLU B 1049 3.19 24.96 -14.48
CA GLU B 1049 4.23 25.30 -13.54
C GLU B 1049 3.60 25.54 -12.17
N ILE B 1050 4.38 25.27 -11.14
CA ILE B 1050 3.89 25.28 -9.76
C ILE B 1050 4.22 26.59 -9.06
N LYS B 1059 6.81 22.99 -13.08
CA LYS B 1059 7.47 22.40 -14.24
C LYS B 1059 6.87 21.03 -14.58
N ARG B 1060 5.60 21.01 -14.96
CA ARG B 1060 4.83 19.78 -15.08
C ARG B 1060 4.45 19.44 -16.51
N PRO B 1061 4.51 18.08 -16.85
CA PRO B 1061 4.19 17.81 -18.27
C PRO B 1061 2.74 18.13 -18.57
N LEU B 1062 2.46 18.57 -19.79
CA LEU B 1062 1.14 19.09 -20.09
C LEU B 1062 0.01 18.08 -19.91
N ILE B 1063 0.25 16.82 -20.31
CA ILE B 1063 -0.81 15.80 -20.27
C ILE B 1063 -0.59 14.74 -19.20
N GLU B 1064 -1.62 14.54 -18.38
CA GLU B 1064 -1.58 13.70 -17.20
C GLU B 1064 -2.06 12.29 -17.54
N THR B 1065 -1.73 11.36 -16.67
CA THR B 1065 -2.16 9.99 -16.93
C THR B 1065 -2.12 9.20 -15.63
N ASN B 1066 -2.84 8.09 -15.63
CA ASN B 1066 -2.71 7.10 -14.58
C ASN B 1066 -1.50 6.22 -14.92
N GLY B 1067 -0.42 6.36 -14.15
CA GLY B 1067 0.76 5.54 -14.37
C GLY B 1067 0.49 4.05 -14.26
N GLU B 1068 -0.59 3.69 -13.56
CA GLU B 1068 -0.95 2.29 -13.37
C GLU B 1068 -1.66 1.72 -14.60
N THR B 1069 -2.79 2.33 -15.01
CA THR B 1069 -3.64 1.81 -16.09
C THR B 1069 -3.22 2.24 -17.48
N GLY B 1070 -2.21 3.11 -17.61
CA GLY B 1070 -1.95 3.70 -18.91
C GLY B 1070 -3.14 4.44 -19.47
N GLU B 1071 -3.97 5.02 -18.61
CA GLU B 1071 -5.18 5.73 -19.00
C GLU B 1071 -4.93 7.23 -19.01
N ILE B 1072 -5.42 7.92 -20.05
CA ILE B 1072 -5.35 9.37 -20.08
C ILE B 1072 -6.39 9.91 -19.11
N VAL B 1073 -6.00 10.88 -18.28
CA VAL B 1073 -6.98 11.59 -17.48
C VAL B 1073 -7.12 13.05 -17.89
N TRP B 1074 -6.06 13.67 -18.39
CA TRP B 1074 -6.07 15.10 -18.58
C TRP B 1074 -5.31 15.47 -19.86
N ASP B 1075 -5.68 16.59 -20.45
CA ASP B 1075 -4.89 17.24 -21.50
C ASP B 1075 -4.93 18.71 -21.20
N LYS B 1076 -3.81 19.30 -20.86
CA LYS B 1076 -3.84 20.66 -20.39
C LYS B 1076 -4.37 21.61 -21.44
N GLY B 1077 -3.89 21.48 -22.67
CA GLY B 1077 -4.37 22.36 -23.72
C GLY B 1077 -5.77 22.20 -24.25
N ARG B 1078 -6.16 20.98 -24.61
CA ARG B 1078 -7.47 20.77 -25.19
C ARG B 1078 -8.61 20.98 -24.22
N ASP B 1079 -8.45 20.39 -23.04
CA ASP B 1079 -9.47 20.37 -22.01
C ASP B 1079 -9.79 21.70 -21.36
N PHE B 1080 -8.76 22.49 -21.12
CA PHE B 1080 -8.96 23.80 -20.52
C PHE B 1080 -9.81 24.65 -21.43
N ALA B 1081 -9.56 24.54 -22.72
CA ALA B 1081 -10.31 25.27 -23.71
C ALA B 1081 -11.75 24.83 -23.66
N THR B 1082 -11.96 23.54 -23.46
CA THR B 1082 -13.30 22.99 -23.40
C THR B 1082 -14.07 23.59 -22.25
N VAL B 1083 -13.40 23.78 -21.12
CA VAL B 1083 -14.09 24.31 -19.96
C VAL B 1083 -14.60 25.68 -20.34
N ARG B 1084 -13.75 26.50 -20.95
CA ARG B 1084 -14.14 27.86 -21.27
C ARG B 1084 -15.31 27.80 -22.22
N LYS B 1085 -15.29 26.85 -23.14
CA LYS B 1085 -16.38 26.72 -24.07
C LYS B 1085 -17.67 26.39 -23.34
N VAL B 1086 -17.62 25.49 -22.38
CA VAL B 1086 -18.80 25.17 -21.62
C VAL B 1086 -19.30 26.33 -20.78
N LEU B 1087 -18.37 27.03 -20.15
CA LEU B 1087 -18.73 28.07 -19.20
C LEU B 1087 -19.50 29.21 -19.82
N SER B 1088 -19.11 29.62 -21.02
CA SER B 1088 -19.64 30.84 -21.61
C SER B 1088 -20.80 30.54 -22.53
N MET B 1089 -21.37 29.36 -22.37
CA MET B 1089 -22.46 28.95 -23.21
C MET B 1089 -23.57 29.96 -23.03
N PRO B 1090 -24.19 30.39 -24.21
CA PRO B 1090 -25.22 31.40 -23.99
C PRO B 1090 -26.42 30.94 -23.19
N GLN B 1091 -26.90 29.73 -23.48
CA GLN B 1091 -28.15 29.25 -22.91
C GLN B 1091 -27.98 28.16 -21.89
N VAL B 1092 -28.56 28.39 -20.72
CA VAL B 1092 -28.52 27.46 -19.63
C VAL B 1092 -29.98 27.30 -19.21
N ASN B 1093 -30.30 26.17 -18.60
CA ASN B 1093 -31.66 25.95 -18.14
C ASN B 1093 -31.78 26.47 -16.72
N ILE B 1094 -32.75 27.35 -16.50
CA ILE B 1094 -32.92 27.97 -15.20
C ILE B 1094 -34.40 27.96 -14.87
N VAL B 1095 -34.80 27.07 -13.98
CA VAL B 1095 -36.22 26.78 -13.78
C VAL B 1095 -36.56 27.17 -12.35
N LYS B 1096 -37.19 28.34 -12.17
CA LYS B 1096 -37.80 28.64 -10.88
C LYS B 1096 -38.86 27.60 -10.66
N LYS B 1097 -38.76 26.86 -9.56
CA LYS B 1097 -39.81 25.89 -9.26
C LYS B 1097 -41.15 26.63 -9.15
N THR B 1098 -42.15 26.15 -9.87
CA THR B 1098 -43.49 26.62 -9.58
C THR B 1098 -43.94 25.92 -8.31
N GLU B 1099 -44.22 26.70 -7.28
CA GLU B 1099 -44.69 26.22 -6.00
C GLU B 1099 -46.00 26.91 -5.69
N VAL B 1100 -47.00 26.17 -5.20
CA VAL B 1100 -48.22 26.84 -4.77
C VAL B 1100 -47.96 27.54 -3.43
N GLN B 1101 -48.50 28.74 -3.30
CA GLN B 1101 -48.37 29.46 -2.05
C GLN B 1101 -49.22 28.82 -0.96
N THR B 1102 -48.73 28.92 0.28
CA THR B 1102 -49.45 28.46 1.46
C THR B 1102 -49.26 29.47 2.57
N GLY B 1103 -49.87 29.22 3.69
CA GLY B 1103 -49.65 30.05 4.85
C GLY B 1103 -50.82 30.90 5.29
N GLY B 1104 -50.57 31.85 6.17
CA GLY B 1104 -51.62 32.63 6.76
C GLY B 1104 -52.34 33.37 5.67
N PHE B 1105 -53.63 33.55 5.87
CA PHE B 1105 -54.51 34.12 4.87
C PHE B 1105 -54.16 35.55 4.50
N SER B 1106 -53.82 36.38 5.48
CA SER B 1106 -53.59 37.78 5.24
C SER B 1106 -52.72 38.36 6.31
N LYS B 1107 -52.28 39.61 6.16
CA LYS B 1107 -51.44 40.22 7.16
C LYS B 1107 -52.20 40.19 8.45
N GLU B 1108 -51.53 39.81 9.51
CA GLU B 1108 -52.17 39.50 10.76
C GLU B 1108 -52.85 40.73 11.33
N SER B 1109 -52.36 41.91 10.96
CA SER B 1109 -52.84 43.15 11.51
C SER B 1109 -54.30 43.36 11.21
N ILE B 1110 -55.03 43.93 12.16
CA ILE B 1110 -56.44 44.21 11.96
C ILE B 1110 -56.70 45.70 11.71
N LEU B 1111 -56.96 46.04 10.45
CA LEU B 1111 -57.14 47.39 9.95
C LEU B 1111 -58.47 47.95 10.46
N PRO B 1112 -58.57 49.26 10.63
CA PRO B 1112 -59.79 49.84 11.19
C PRO B 1112 -60.86 49.94 10.12
N LYS B 1113 -62.09 50.15 10.53
CA LYS B 1113 -63.18 50.06 9.60
C LYS B 1113 -62.95 51.07 8.50
N ARG B 1114 -63.11 50.61 7.28
CA ARG B 1114 -62.79 51.41 6.11
C ARG B 1114 -63.85 51.13 5.09
N ASN B 1115 -64.07 52.04 4.17
CA ASN B 1115 -64.93 51.76 3.05
C ASN B 1115 -64.11 51.13 1.93
N SER B 1116 -63.80 49.85 2.05
CA SER B 1116 -63.08 49.13 1.02
C SER B 1116 -63.62 47.73 0.91
N ASP B 1117 -63.62 47.18 -0.31
CA ASP B 1117 -63.97 45.78 -0.53
C ASP B 1117 -62.74 44.90 -0.45
N LYS B 1118 -61.59 45.55 -0.30
CA LYS B 1118 -60.32 44.91 -0.01
C LYS B 1118 -60.30 44.28 1.37
N LEU B 1119 -60.91 44.96 2.33
CA LEU B 1119 -60.88 44.52 3.70
C LEU B 1119 -61.59 43.20 3.83
N ILE B 1120 -61.08 42.35 4.70
CA ILE B 1120 -61.62 41.02 4.91
C ILE B 1120 -62.24 41.00 6.29
N ALA B 1121 -63.43 40.44 6.37
CA ALA B 1121 -64.20 40.42 7.61
C ALA B 1121 -63.62 39.40 8.56
N ARG B 1122 -63.16 39.89 9.71
CA ARG B 1122 -62.46 39.05 10.65
C ARG B 1122 -63.35 37.91 11.13
N LYS B 1123 -64.64 38.14 11.26
CA LYS B 1123 -65.55 37.07 11.63
C LYS B 1123 -66.83 37.21 10.79
N LYS B 1124 -67.52 36.05 10.58
CA LYS B 1124 -68.49 35.90 9.50
C LYS B 1124 -69.68 36.83 9.62
N ASP B 1125 -69.91 37.40 10.79
CA ASP B 1125 -71.02 38.31 10.98
C ASP B 1125 -70.58 39.76 10.96
N TRP B 1126 -69.27 40.00 11.06
CA TRP B 1126 -68.75 41.32 11.39
C TRP B 1126 -68.38 42.06 10.11
N ASP B 1127 -69.26 42.96 9.68
CA ASP B 1127 -69.04 43.81 8.52
C ASP B 1127 -67.79 44.66 8.71
N PRO B 1128 -66.75 44.50 7.89
CA PRO B 1128 -65.57 45.36 8.05
C PRO B 1128 -65.86 46.83 7.75
N LYS B 1129 -66.83 47.12 6.90
CA LYS B 1129 -67.20 48.50 6.77
C LYS B 1129 -67.68 48.94 8.13
N LYS B 1130 -68.50 48.09 8.74
CA LYS B 1130 -68.94 48.27 10.12
C LYS B 1130 -67.93 48.07 11.23
N TYR B 1131 -67.15 47.00 11.14
CA TYR B 1131 -66.33 46.55 12.28
C TYR B 1131 -64.83 46.55 12.11
N GLY B 1132 -64.36 46.70 10.89
CA GLY B 1132 -62.94 46.56 10.63
C GLY B 1132 -62.58 45.15 10.25
N GLY B 1133 -61.41 44.99 9.67
CA GLY B 1133 -61.02 43.76 9.03
C GLY B 1133 -59.55 43.61 8.72
N PHE B 1134 -59.20 42.46 8.18
CA PHE B 1134 -57.87 42.23 7.67
C PHE B 1134 -57.75 42.83 6.28
N ASP B 1135 -56.69 42.49 5.58
CA ASP B 1135 -56.42 43.01 4.26
C ASP B 1135 -55.28 42.18 3.75
N SER B 1136 -54.86 42.40 2.51
CA SER B 1136 -53.66 41.79 2.01
C SER B 1136 -53.62 40.26 2.01
N PRO B 1137 -54.76 39.63 1.46
CA PRO B 1137 -54.62 38.17 1.39
C PRO B 1137 -53.62 37.69 0.34
N THR B 1138 -52.83 36.68 0.68
CA THR B 1138 -51.92 36.02 -0.25
C THR B 1138 -52.69 35.00 -1.05
N VAL B 1139 -52.15 34.59 -2.18
CA VAL B 1139 -52.93 33.84 -3.15
C VAL B 1139 -52.20 32.55 -3.47
N ALA B 1140 -52.80 31.42 -3.10
CA ALA B 1140 -52.13 30.13 -3.24
C ALA B 1140 -51.81 29.80 -4.70
N TYR B 1141 -52.70 30.18 -5.61
CA TYR B 1141 -52.44 30.09 -7.04
C TYR B 1141 -53.52 30.84 -7.78
N SER B 1142 -53.16 31.47 -8.89
CA SER B 1142 -54.17 32.12 -9.70
C SER B 1142 -54.73 31.15 -10.74
N VAL B 1143 -55.82 31.56 -11.38
CA VAL B 1143 -56.45 30.79 -12.45
C VAL B 1143 -57.02 31.75 -13.46
N LEU B 1144 -56.77 31.47 -14.72
CA LEU B 1144 -57.28 32.28 -15.82
C LEU B 1144 -58.71 31.85 -16.13
N VAL B 1145 -59.66 32.75 -15.97
CA VAL B 1145 -61.01 32.50 -16.41
C VAL B 1145 -61.18 33.28 -17.69
N VAL B 1146 -61.60 32.60 -18.74
CA VAL B 1146 -62.05 33.27 -19.93
C VAL B 1146 -63.55 33.10 -19.88
N ALA B 1147 -64.24 34.21 -19.67
CA ALA B 1147 -65.63 34.21 -19.28
C ALA B 1147 -66.20 35.59 -19.52
N LYS B 1148 -67.49 35.74 -19.26
CA LYS B 1148 -68.16 37.02 -19.48
C LYS B 1148 -68.75 37.59 -18.20
N VAL B 1149 -68.85 38.92 -18.15
CA VAL B 1149 -69.51 39.64 -17.07
C VAL B 1149 -70.41 40.72 -17.65
N GLU B 1150 -71.38 41.18 -16.89
CA GLU B 1150 -72.30 42.20 -17.37
C GLU B 1150 -71.86 43.62 -17.07
N LYS B 1151 -71.96 44.50 -18.07
CA LYS B 1151 -71.64 45.90 -17.89
C LYS B 1151 -72.85 46.82 -18.12
N GLY B 1152 -73.05 47.76 -17.23
CA GLY B 1152 -74.09 48.76 -17.38
C GLY B 1152 -75.44 48.29 -16.87
N LYS B 1153 -76.42 49.18 -16.95
CA LYS B 1153 -77.76 48.88 -16.46
C LYS B 1153 -78.33 47.73 -17.28
N SER B 1154 -78.03 47.71 -18.56
CA SER B 1154 -78.49 46.66 -19.45
C SER B 1154 -77.96 45.34 -18.96
N LYS B 1155 -76.79 45.38 -18.33
CA LYS B 1155 -76.16 44.16 -17.92
C LYS B 1155 -75.93 43.33 -19.17
N LYS B 1156 -75.43 44.00 -20.20
CA LYS B 1156 -75.03 43.35 -21.44
C LYS B 1156 -73.88 42.42 -21.14
N LEU B 1157 -73.86 41.26 -21.78
CA LEU B 1157 -72.81 40.30 -21.53
C LEU B 1157 -71.72 40.44 -22.58
N LYS B 1158 -70.61 41.02 -22.14
CA LYS B 1158 -69.41 41.11 -22.95
C LYS B 1158 -68.58 39.89 -22.65
N SER B 1159 -67.43 39.77 -23.30
CA SER B 1159 -66.52 38.68 -23.01
C SER B 1159 -65.20 39.21 -22.48
N VAL B 1160 -64.74 38.61 -21.39
CA VAL B 1160 -63.48 38.97 -20.75
C VAL B 1160 -62.57 37.76 -20.77
N LYS B 1161 -61.28 38.02 -20.66
CA LYS B 1161 -60.32 36.98 -20.29
C LYS B 1161 -59.31 37.65 -19.37
N GLU B 1162 -59.44 37.41 -18.06
CA GLU B 1162 -58.57 38.02 -17.06
C GLU B 1162 -57.97 36.93 -16.16
N LEU B 1163 -57.16 37.36 -15.20
CA LEU B 1163 -56.67 36.51 -14.13
C LEU B 1163 -57.43 36.80 -12.85
N LEU B 1164 -57.83 35.74 -12.15
CA LEU B 1164 -58.46 35.80 -10.83
C LEU B 1164 -57.60 34.98 -9.87
N GLY B 1165 -56.86 35.65 -9.00
CA GLY B 1165 -56.12 34.94 -7.97
C GLY B 1165 -57.07 34.36 -6.92
N ILE B 1166 -56.79 33.13 -6.49
CA ILE B 1166 -57.61 32.43 -5.52
C ILE B 1166 -56.87 32.46 -4.20
N THR B 1167 -57.40 33.18 -3.22
CA THR B 1167 -56.66 33.40 -1.99
C THR B 1167 -56.67 32.11 -1.16
N ILE B 1168 -55.86 32.09 -0.09
CA ILE B 1168 -55.70 30.85 0.65
C ILE B 1168 -56.86 30.59 1.60
N MET B 1169 -57.64 31.59 1.96
CA MET B 1169 -58.91 31.27 2.58
C MET B 1169 -59.81 30.62 1.57
N GLU B 1170 -59.83 31.22 0.39
CA GLU B 1170 -60.68 30.85 -0.74
C GLU B 1170 -60.37 29.50 -1.31
N ARG B 1171 -59.11 29.10 -1.30
CA ARG B 1171 -58.65 27.96 -2.07
C ARG B 1171 -59.38 26.67 -1.70
N SER B 1172 -59.63 26.48 -0.42
CA SER B 1172 -60.28 25.26 0.01
C SER B 1172 -61.63 25.23 -0.65
N SER B 1173 -62.28 26.38 -0.69
CA SER B 1173 -63.58 26.55 -1.30
C SER B 1173 -63.62 26.33 -2.79
N PHE B 1174 -62.55 26.72 -3.46
CA PHE B 1174 -62.55 26.66 -4.90
C PHE B 1174 -62.67 25.25 -5.42
N GLU B 1175 -61.88 24.36 -4.86
CA GLU B 1175 -61.71 23.03 -5.41
C GLU B 1175 -62.95 22.17 -5.30
N LYS B 1176 -63.80 22.46 -4.32
CA LYS B 1176 -65.04 21.73 -4.14
C LYS B 1176 -65.98 21.90 -5.32
N ASN B 1177 -66.15 23.13 -5.78
CA ASN B 1177 -66.58 23.42 -7.13
C ASN B 1177 -66.07 24.75 -7.60
N PRO B 1178 -65.24 24.72 -8.73
CA PRO B 1178 -64.85 26.07 -9.19
C PRO B 1178 -65.99 26.92 -9.76
N ILE B 1179 -66.84 26.33 -10.59
CA ILE B 1179 -67.81 27.11 -11.33
C ILE B 1179 -68.79 27.82 -10.43
N ASP B 1180 -69.29 27.08 -9.45
CA ASP B 1180 -70.23 27.64 -8.51
C ASP B 1180 -69.52 28.72 -7.76
N PHE B 1181 -68.26 28.47 -7.45
CA PHE B 1181 -67.44 29.45 -6.75
C PHE B 1181 -67.16 30.63 -7.65
N LEU B 1182 -66.82 30.34 -8.89
CA LEU B 1182 -66.52 31.37 -9.87
C LEU B 1182 -67.72 32.22 -10.19
N GLU B 1183 -68.86 31.58 -10.32
CA GLU B 1183 -70.09 32.28 -10.64
C GLU B 1183 -70.39 33.24 -9.52
N ALA B 1184 -70.08 32.82 -8.30
CA ALA B 1184 -70.42 33.59 -7.13
C ALA B 1184 -69.76 34.93 -7.25
N LYS B 1185 -68.55 34.94 -7.76
CA LYS B 1185 -67.80 36.18 -7.99
C LYS B 1185 -68.53 37.00 -9.04
N GLY B 1186 -69.37 36.32 -9.81
CA GLY B 1186 -70.17 36.96 -10.83
C GLY B 1186 -69.77 36.78 -12.27
N TYR B 1187 -68.71 36.02 -12.53
CA TYR B 1187 -68.37 35.68 -13.90
C TYR B 1187 -69.48 34.83 -14.46
N LYS B 1188 -69.88 35.13 -15.68
CA LYS B 1188 -71.03 34.47 -16.26
C LYS B 1188 -70.65 33.67 -17.49
N GLU B 1189 -71.28 32.52 -17.68
CA GLU B 1189 -70.98 31.74 -18.85
C GLU B 1189 -69.50 31.51 -18.90
N VAL B 1190 -68.95 31.07 -17.77
CA VAL B 1190 -67.57 30.67 -17.66
C VAL B 1190 -67.29 29.47 -18.54
N LYS B 1191 -66.11 29.42 -19.16
CA LYS B 1191 -65.76 28.30 -20.00
C LYS B 1191 -65.07 27.28 -19.12
N LYS B 1192 -65.69 26.12 -18.94
CA LYS B 1192 -65.19 25.20 -17.94
C LYS B 1192 -63.82 24.70 -18.29
N ASP B 1193 -63.63 24.32 -19.54
CA ASP B 1193 -62.43 23.62 -19.96
C ASP B 1193 -61.19 24.48 -19.87
N LEU B 1194 -61.35 25.75 -20.19
CA LEU B 1194 -60.25 26.67 -20.35
C LEU B 1194 -59.42 26.90 -19.11
N ILE B 1195 -60.01 26.80 -17.93
CA ILE B 1195 -59.33 27.24 -16.72
C ILE B 1195 -58.01 26.52 -16.54
N ILE B 1196 -56.96 27.29 -16.27
CA ILE B 1196 -55.63 26.76 -16.07
C ILE B 1196 -55.10 27.24 -14.75
N LYS B 1197 -54.68 26.32 -13.90
CA LYS B 1197 -54.11 26.67 -12.63
C LYS B 1197 -52.75 27.25 -12.85
N LEU B 1198 -52.44 28.36 -12.19
CA LEU B 1198 -51.14 28.95 -12.37
C LEU B 1198 -50.47 29.13 -11.03
N PRO B 1199 -49.37 28.30 -10.81
CA PRO B 1199 -48.71 28.55 -9.52
C PRO B 1199 -47.85 29.79 -9.60
N LYS B 1200 -47.48 30.33 -8.47
CA LYS B 1200 -46.63 31.49 -8.43
C LYS B 1200 -45.35 31.05 -9.10
N TYR B 1201 -44.67 31.97 -9.77
CA TYR B 1201 -43.43 31.63 -10.46
C TYR B 1201 -43.62 30.94 -11.81
N SER B 1202 -44.82 30.96 -12.35
CA SER B 1202 -45.03 30.44 -13.69
C SER B 1202 -44.43 31.38 -14.73
N LEU B 1203 -44.12 30.83 -15.90
CA LEU B 1203 -43.37 31.56 -16.92
C LEU B 1203 -44.10 31.71 -18.25
N PHE B 1204 -44.12 32.92 -18.81
CA PHE B 1204 -44.65 33.12 -20.15
C PHE B 1204 -43.61 33.85 -20.97
N GLU B 1205 -43.47 33.50 -22.25
CA GLU B 1205 -42.57 34.22 -23.12
C GLU B 1205 -43.40 34.94 -24.17
N LEU B 1206 -43.32 36.25 -24.17
CA LEU B 1206 -44.13 37.03 -25.08
C LEU B 1206 -43.23 37.75 -26.04
N GLU B 1207 -43.61 37.77 -27.30
CA GLU B 1207 -42.89 38.61 -28.24
C GLU B 1207 -41.40 38.28 -28.31
N ASN B 1208 -40.58 39.26 -28.01
CA ASN B 1208 -39.22 39.36 -28.46
C ASN B 1208 -38.39 38.21 -27.92
N GLY B 1209 -38.97 37.45 -27.01
CA GLY B 1209 -38.23 36.55 -26.17
C GLY B 1209 -38.06 37.14 -24.79
N ARG B 1210 -38.63 38.32 -24.59
CA ARG B 1210 -38.77 38.93 -23.29
C ARG B 1210 -39.65 37.96 -22.57
N LYS B 1211 -39.32 37.65 -21.33
CA LYS B 1211 -39.98 36.59 -20.60
C LYS B 1211 -40.34 37.07 -19.20
N ARG B 1212 -41.35 36.47 -18.59
CA ARG B 1212 -41.88 36.99 -17.33
C ARG B 1212 -42.44 35.86 -16.48
N MET B 1213 -42.22 35.95 -15.17
CA MET B 1213 -42.73 34.98 -14.21
C MET B 1213 -43.88 35.59 -13.42
N LEU B 1214 -44.98 34.86 -13.32
CA LEU B 1214 -46.10 35.29 -12.50
C LEU B 1214 -45.62 35.42 -11.07
N ALA B 1215 -46.12 36.43 -10.34
CA ALA B 1215 -45.82 36.53 -8.91
C ALA B 1215 -47.03 36.63 -7.97
N SER B 1216 -48.11 37.23 -8.45
CA SER B 1216 -49.32 37.48 -7.66
C SER B 1216 -50.30 37.61 -8.77
N ALA B 1217 -51.58 37.67 -8.46
CA ALA B 1217 -52.59 37.76 -9.51
C ALA B 1217 -52.39 39.02 -10.33
N GLY B 1218 -52.03 40.12 -9.67
CA GLY B 1218 -51.86 41.38 -10.35
C GLY B 1218 -50.47 41.77 -10.84
N GLU B 1219 -49.45 40.98 -10.56
CA GLU B 1219 -48.08 41.37 -10.92
C GLU B 1219 -47.23 40.24 -11.49
N LEU B 1220 -46.18 40.60 -12.22
CA LEU B 1220 -45.30 39.65 -12.88
C LEU B 1220 -43.83 39.98 -12.61
N GLN B 1221 -42.95 39.02 -12.88
CA GLN B 1221 -41.53 39.15 -12.52
C GLN B 1221 -40.55 38.97 -13.70
N LYS B 1222 -39.39 39.62 -13.61
CA LYS B 1222 -38.33 39.53 -14.62
C LYS B 1222 -37.99 38.08 -14.92
N GLY B 1223 -38.25 37.64 -16.13
CA GLY B 1223 -38.07 36.24 -16.47
C GLY B 1223 -36.77 35.85 -17.11
N ASN B 1224 -35.85 36.80 -17.25
CA ASN B 1224 -34.70 36.64 -18.10
C ASN B 1224 -33.36 36.57 -17.39
N GLU B 1225 -32.39 35.92 -18.02
CA GLU B 1225 -31.07 35.79 -17.46
C GLU B 1225 -30.06 36.36 -18.44
N LEU B 1226 -28.97 36.87 -17.92
CA LEU B 1226 -27.96 37.50 -18.74
C LEU B 1226 -26.75 36.58 -18.89
N ALA B 1227 -26.47 36.18 -20.12
CA ALA B 1227 -25.29 35.40 -20.42
C ALA B 1227 -24.16 36.36 -20.72
N LEU B 1228 -23.62 36.99 -19.71
CA LEU B 1228 -22.55 37.94 -19.94
C LEU B 1228 -21.37 37.21 -20.52
N PRO B 1229 -20.77 37.83 -21.64
CA PRO B 1229 -19.54 37.15 -22.10
C PRO B 1229 -18.52 37.19 -20.99
N SER B 1230 -17.76 36.13 -20.87
CA SER B 1230 -17.05 35.81 -19.66
C SER B 1230 -16.08 36.90 -19.26
N LYS B 1231 -15.43 37.50 -20.25
CA LYS B 1231 -14.31 38.38 -20.00
C LYS B 1231 -14.78 39.49 -19.11
N TYR B 1232 -15.99 39.94 -19.36
CA TYR B 1232 -16.63 40.89 -18.49
C TYR B 1232 -16.85 40.27 -17.12
N VAL B 1233 -17.20 39.00 -17.09
CA VAL B 1233 -17.37 38.32 -15.81
C VAL B 1233 -16.06 38.29 -15.08
N ASN B 1234 -15.01 37.91 -15.78
CA ASN B 1234 -13.69 37.84 -15.18
C ASN B 1234 -13.25 39.21 -14.79
N PHE B 1235 -13.53 40.15 -15.68
CA PHE B 1235 -13.01 41.49 -15.55
C PHE B 1235 -13.52 42.13 -14.29
N LEU B 1236 -14.80 41.98 -14.02
CA LEU B 1236 -15.39 42.61 -12.87
C LEU B 1236 -14.82 42.08 -11.58
N TYR B 1237 -14.58 40.77 -11.51
CA TYR B 1237 -14.25 40.17 -10.25
C TYR B 1237 -13.00 40.85 -9.74
N LEU B 1238 -12.05 41.00 -10.66
CA LEU B 1238 -10.81 41.69 -10.39
C LEU B 1238 -11.08 43.15 -10.10
N ALA B 1239 -12.04 43.72 -10.81
CA ALA B 1239 -12.34 45.14 -10.67
C ALA B 1239 -12.82 45.49 -9.28
N SER B 1240 -13.69 44.66 -8.74
CA SER B 1240 -14.25 44.89 -7.41
C SER B 1240 -13.12 44.84 -6.42
N HIS B 1241 -12.15 43.98 -6.70
CA HIS B 1241 -10.97 43.93 -5.88
C HIS B 1241 -11.32 43.65 -4.43
N TYR B 1242 -12.08 42.57 -4.23
CA TYR B 1242 -12.59 42.23 -2.91
C TYR B 1242 -11.47 42.09 -1.89
N GLU B 1243 -11.63 42.74 -0.74
CA GLU B 1243 -10.71 42.58 0.36
C GLU B 1243 -9.29 42.82 -0.12
N LYS B 1244 -9.13 43.80 -1.00
CA LYS B 1244 -7.84 44.03 -1.65
C LYS B 1244 -7.45 42.77 -2.43
N LEU B 1245 -6.21 42.31 -2.27
CA LEU B 1245 -5.74 41.14 -3.00
C LEU B 1245 -5.20 40.09 -2.05
N LYS B 1246 -5.62 38.84 -2.23
CA LYS B 1246 -5.06 37.74 -1.44
C LYS B 1246 -3.99 36.92 -2.17
N GLY B 1247 -3.70 37.31 -3.40
CA GLY B 1247 -2.82 36.56 -4.29
C GLY B 1247 -1.32 36.59 -3.98
N SER B 1248 -0.60 35.61 -4.52
CA SER B 1248 0.86 35.58 -4.42
C SER B 1248 1.40 36.80 -5.15
N PRO B 1249 2.45 37.41 -4.61
CA PRO B 1249 2.87 38.75 -5.08
C PRO B 1249 3.21 38.91 -6.56
N GLU B 1250 3.94 37.97 -7.15
CA GLU B 1250 4.38 38.14 -8.53
C GLU B 1250 3.22 38.20 -9.50
N ASP B 1251 2.24 37.34 -9.27
CA ASP B 1251 1.07 37.21 -10.13
C ASP B 1251 0.22 38.47 -10.15
N ASN B 1252 0.19 39.16 -9.03
CA ASN B 1252 -0.67 40.31 -8.86
C ASN B 1252 -0.34 41.39 -9.88
N GLU B 1253 0.94 41.52 -10.19
CA GLU B 1253 1.35 42.40 -11.26
C GLU B 1253 0.72 41.93 -12.57
N GLN B 1254 0.64 40.62 -12.76
CA GLN B 1254 0.17 40.07 -14.02
C GLN B 1254 -1.26 40.46 -14.36
N LYS B 1255 -2.14 40.41 -13.39
CA LYS B 1255 -3.56 40.73 -13.58
C LYS B 1255 -3.85 42.20 -13.92
N GLN B 1256 -3.13 43.10 -13.26
CA GLN B 1256 -3.48 44.52 -13.25
C GLN B 1256 -3.45 45.21 -14.62
N LEU B 1257 -2.47 44.90 -15.44
CA LEU B 1257 -2.35 45.62 -16.72
C LEU B 1257 -3.62 45.39 -17.49
N PHE B 1258 -4.10 44.16 -17.38
CA PHE B 1258 -5.26 43.68 -18.16
C PHE B 1258 -6.56 44.36 -17.73
N VAL B 1259 -6.68 44.75 -16.46
CA VAL B 1259 -7.76 45.64 -16.01
C VAL B 1259 -7.83 46.89 -16.87
N GLU B 1260 -6.66 47.44 -17.22
CA GLU B 1260 -6.56 48.73 -17.88
C GLU B 1260 -6.07 48.65 -19.32
N GLN B 1261 -5.58 47.49 -19.71
CA GLN B 1261 -5.50 47.17 -21.12
C GLN B 1261 -6.94 47.12 -21.62
N HIS B 1262 -7.80 46.53 -20.80
CA HIS B 1262 -9.20 46.32 -21.12
C HIS B 1262 -10.12 47.18 -20.26
N LYS B 1263 -9.55 48.27 -19.76
CA LYS B 1263 -10.24 49.19 -18.88
C LYS B 1263 -11.45 49.77 -19.60
N HIS B 1264 -11.39 49.76 -20.91
CA HIS B 1264 -12.50 50.21 -21.73
C HIS B 1264 -13.65 49.23 -21.67
N TYR B 1265 -13.41 48.06 -21.07
CA TYR B 1265 -14.42 47.02 -20.98
C TYR B 1265 -15.64 47.52 -20.22
N LEU B 1266 -15.42 48.48 -19.33
CA LEU B 1266 -16.49 48.99 -18.50
C LEU B 1266 -17.58 49.54 -19.37
N ASP B 1267 -17.22 50.25 -20.41
CA ASP B 1267 -18.22 50.77 -21.33
C ASP B 1267 -18.93 49.61 -21.99
N GLU B 1268 -18.17 48.55 -22.27
CA GLU B 1268 -18.75 47.38 -22.89
C GLU B 1268 -19.80 46.74 -22.01
N ILE B 1269 -19.56 46.67 -20.71
CA ILE B 1269 -20.53 46.06 -19.82
C ILE B 1269 -21.84 46.84 -19.81
N ILE B 1270 -21.73 48.16 -19.72
CA ILE B 1270 -22.90 49.01 -19.63
C ILE B 1270 -23.69 48.87 -20.91
N GLU B 1271 -22.96 48.79 -22.01
CA GLU B 1271 -23.60 48.58 -23.29
C GLU B 1271 -24.29 47.23 -23.24
N GLN B 1272 -23.67 46.23 -22.61
CA GLN B 1272 -24.31 44.93 -22.48
C GLN B 1272 -25.57 44.95 -21.62
N ILE B 1273 -25.53 45.62 -20.48
CA ILE B 1273 -26.75 45.80 -19.71
C ILE B 1273 -27.68 46.67 -20.52
N SER B 1274 -27.10 47.70 -21.11
CA SER B 1274 -27.91 48.71 -21.73
C SER B 1274 -28.71 48.17 -22.89
N GLU B 1275 -28.09 47.38 -23.75
CA GLU B 1275 -28.82 46.77 -24.84
C GLU B 1275 -29.83 45.76 -24.34
N PHE B 1276 -29.41 44.92 -23.40
CA PHE B 1276 -30.28 43.90 -22.87
C PHE B 1276 -31.45 44.53 -22.13
N SER B 1277 -31.16 45.54 -21.33
CA SER B 1277 -32.18 46.10 -20.50
C SER B 1277 -33.24 46.63 -21.40
N LYS B 1278 -32.83 47.26 -22.49
CA LYS B 1278 -33.77 47.75 -23.47
C LYS B 1278 -34.54 46.60 -24.10
N ARG B 1279 -33.83 45.53 -24.46
CA ARG B 1279 -34.49 44.41 -25.11
C ARG B 1279 -35.47 43.63 -24.26
N VAL B 1280 -35.11 43.34 -23.01
CA VAL B 1280 -35.93 42.45 -22.20
C VAL B 1280 -36.48 43.03 -20.90
N ILE B 1281 -35.64 43.71 -20.14
CA ILE B 1281 -36.07 44.20 -18.85
C ILE B 1281 -37.20 45.16 -19.13
N LEU B 1282 -37.03 45.95 -20.17
CA LEU B 1282 -38.07 46.86 -20.61
C LEU B 1282 -38.57 47.82 -19.54
N ALA B 1283 -37.65 48.39 -18.78
CA ALA B 1283 -38.05 49.37 -17.80
C ALA B 1283 -37.18 50.57 -18.02
N ASP B 1284 -37.45 51.25 -19.13
CA ASP B 1284 -36.62 52.36 -19.56
C ASP B 1284 -36.65 53.50 -18.55
N ALA B 1285 -37.82 53.82 -18.04
CA ALA B 1285 -37.92 55.01 -17.25
C ALA B 1285 -36.75 55.06 -16.31
N ASN B 1286 -36.45 53.93 -15.69
CA ASN B 1286 -35.23 53.81 -14.88
C ASN B 1286 -33.90 53.80 -15.63
N LEU B 1287 -33.87 53.18 -16.80
CA LEU B 1287 -32.59 52.90 -17.45
C LEU B 1287 -31.78 54.13 -17.79
N ASP B 1288 -32.43 55.16 -18.32
CA ASP B 1288 -31.74 56.42 -18.55
C ASP B 1288 -31.16 56.83 -17.23
N LYS B 1289 -31.95 56.61 -16.19
CA LYS B 1289 -31.58 57.04 -14.87
C LYS B 1289 -30.30 56.35 -14.48
N VAL B 1290 -30.22 55.05 -14.74
CA VAL B 1290 -29.04 54.29 -14.40
C VAL B 1290 -27.84 54.75 -15.20
N LEU B 1291 -28.07 55.02 -16.48
CA LEU B 1291 -26.98 55.28 -17.36
C LEU B 1291 -26.28 56.51 -16.86
N SER B 1292 -27.06 57.52 -16.50
CA SER B 1292 -26.50 58.80 -16.22
C SER B 1292 -25.53 58.67 -15.07
N ALA B 1293 -25.87 57.83 -14.11
CA ALA B 1293 -25.04 57.72 -12.93
C ALA B 1293 -23.65 57.24 -13.31
N TYR B 1294 -23.57 56.28 -14.20
CA TYR B 1294 -22.27 55.79 -14.63
C TYR B 1294 -21.52 56.89 -15.33
N ASN B 1295 -22.24 57.62 -16.17
CA ASN B 1295 -21.65 58.55 -17.12
C ASN B 1295 -20.89 59.68 -16.47
N LYS B 1296 -21.42 60.18 -15.38
CA LYS B 1296 -20.80 61.30 -14.71
C LYS B 1296 -19.75 60.84 -13.71
N HIS B 1297 -19.63 59.54 -13.54
CA HIS B 1297 -18.66 58.99 -12.60
C HIS B 1297 -17.47 58.35 -13.28
N ARG B 1298 -17.27 58.70 -14.54
CA ARG B 1298 -16.20 58.13 -15.30
C ARG B 1298 -14.87 58.45 -14.63
N ASP B 1299 -14.79 59.62 -14.02
CA ASP B 1299 -13.58 60.03 -13.33
C ASP B 1299 -13.17 59.14 -12.15
N LYS B 1300 -14.14 58.63 -11.39
CA LYS B 1300 -13.85 57.89 -10.18
C LYS B 1300 -13.10 56.60 -10.44
N PRO B 1301 -12.27 56.15 -9.40
CA PRO B 1301 -11.42 55.01 -9.79
C PRO B 1301 -12.18 53.73 -10.03
N ILE B 1302 -11.53 52.76 -10.68
CA ILE B 1302 -12.19 51.54 -11.07
C ILE B 1302 -12.72 50.77 -9.86
N ARG B 1303 -11.92 50.66 -8.81
CA ARG B 1303 -12.44 49.93 -7.65
C ARG B 1303 -13.79 50.48 -7.22
N GLU B 1304 -13.92 51.79 -7.13
CA GLU B 1304 -15.21 52.37 -6.79
C GLU B 1304 -16.26 52.07 -7.87
N GLN B 1305 -15.97 52.53 -9.09
CA GLN B 1305 -16.89 52.40 -10.21
C GLN B 1305 -17.05 50.94 -10.47
N ALA B 1306 -15.94 50.23 -10.39
CA ALA B 1306 -15.93 48.84 -10.77
C ALA B 1306 -16.82 47.94 -9.93
N GLU B 1307 -16.80 48.08 -8.60
CA GLU B 1307 -17.68 47.26 -7.78
C GLU B 1307 -19.11 47.59 -8.07
N ASN B 1308 -19.38 48.87 -8.20
CA ASN B 1308 -20.73 49.38 -8.31
C ASN B 1308 -21.46 48.90 -9.54
N ILE B 1309 -20.74 48.72 -10.64
CA ILE B 1309 -21.34 48.22 -11.86
C ILE B 1309 -21.95 46.87 -11.52
N ILE B 1310 -21.28 46.17 -10.63
CA ILE B 1310 -21.80 44.92 -10.12
C ILE B 1310 -23.11 45.19 -9.39
N HIS B 1311 -23.19 46.31 -8.71
CA HIS B 1311 -24.40 46.65 -8.00
C HIS B 1311 -25.48 46.75 -9.04
N LEU B 1312 -25.14 47.32 -10.18
CA LEU B 1312 -26.10 47.67 -11.21
C LEU B 1312 -26.72 46.47 -11.88
N PHE B 1313 -26.13 45.31 -11.69
CA PHE B 1313 -26.67 44.09 -12.25
C PHE B 1313 -28.04 43.78 -11.67
N THR B 1314 -28.28 44.31 -10.48
CA THR B 1314 -29.47 44.02 -9.70
C THR B 1314 -30.75 44.40 -10.40
N LEU B 1315 -30.73 45.44 -11.20
CA LEU B 1315 -31.89 45.78 -11.98
C LEU B 1315 -32.20 44.62 -12.91
N THR B 1316 -31.16 44.06 -13.47
CA THR B 1316 -31.25 43.01 -14.48
C THR B 1316 -31.82 41.68 -14.03
N ASN B 1317 -31.53 41.29 -12.80
CA ASN B 1317 -31.63 39.90 -12.37
C ASN B 1317 -32.98 39.27 -12.50
N LEU B 1318 -32.99 38.00 -12.85
CA LEU B 1318 -34.19 37.17 -12.79
C LEU B 1318 -34.96 37.45 -11.51
N GLY B 1319 -36.29 37.49 -11.63
CA GLY B 1319 -37.17 37.59 -10.47
C GLY B 1319 -37.74 38.97 -10.17
N ALA B 1320 -37.76 39.34 -8.89
CA ALA B 1320 -38.57 40.49 -8.58
C ALA B 1320 -37.72 41.72 -8.32
N PRO B 1321 -38.23 42.91 -8.66
CA PRO B 1321 -37.49 44.17 -8.44
C PRO B 1321 -37.16 44.41 -6.97
N ALA B 1322 -35.97 44.95 -6.74
CA ALA B 1322 -35.58 45.40 -5.41
C ALA B 1322 -34.78 46.69 -5.55
N ALA B 1323 -34.40 47.28 -4.41
CA ALA B 1323 -33.69 48.56 -4.38
C ALA B 1323 -32.19 48.37 -4.64
N PHE B 1324 -31.60 49.34 -5.31
CA PHE B 1324 -30.16 49.32 -5.55
C PHE B 1324 -29.64 50.70 -5.90
N LYS B 1325 -28.34 50.90 -5.72
CA LYS B 1325 -27.73 52.18 -6.00
C LYS B 1325 -26.33 52.10 -6.59
N TYR B 1326 -25.95 53.16 -7.29
CA TYR B 1326 -24.60 53.39 -7.75
C TYR B 1326 -23.98 54.10 -6.58
N PHE B 1327 -22.90 54.83 -6.76
CA PHE B 1327 -22.06 55.13 -5.62
C PHE B 1327 -22.80 55.84 -4.50
N ASP B 1328 -23.57 56.86 -4.83
CA ASP B 1328 -24.38 57.52 -3.82
C ASP B 1328 -25.80 57.67 -4.31
N THR B 1329 -26.05 57.22 -5.53
CA THR B 1329 -27.33 57.43 -6.18
C THR B 1329 -28.14 56.17 -6.10
N THR B 1330 -29.32 56.29 -5.50
CA THR B 1330 -30.15 55.14 -5.18
C THR B 1330 -31.18 54.95 -6.25
N ILE B 1331 -31.17 53.79 -6.87
CA ILE B 1331 -32.08 53.52 -7.95
C ILE B 1331 -33.26 52.71 -7.48
N ASP B 1332 -34.42 53.33 -7.48
CA ASP B 1332 -35.62 52.69 -6.99
C ASP B 1332 -36.02 51.67 -8.01
N ARG B 1333 -36.95 50.81 -7.66
CA ARG B 1333 -37.32 49.71 -8.53
C ARG B 1333 -38.52 50.10 -9.39
N LYS B 1334 -38.79 49.27 -10.41
CA LYS B 1334 -39.94 49.42 -11.27
C LYS B 1334 -40.58 48.04 -11.37
N ARG B 1335 -41.71 47.88 -10.68
CA ARG B 1335 -42.51 46.66 -10.63
C ARG B 1335 -43.47 46.61 -11.80
N TYR B 1336 -43.97 45.42 -12.09
CA TYR B 1336 -44.85 45.20 -13.24
C TYR B 1336 -46.25 45.01 -12.70
N THR B 1337 -47.11 46.00 -12.89
CA THR B 1337 -48.33 46.13 -12.12
C THR B 1337 -49.61 45.47 -12.60
N SER B 1338 -49.60 44.82 -13.75
CA SER B 1338 -50.78 44.08 -14.19
C SER B 1338 -50.36 42.86 -14.96
N THR B 1339 -51.25 41.88 -15.06
CA THR B 1339 -50.95 40.64 -15.76
C THR B 1339 -51.53 40.60 -17.15
N LYS B 1340 -51.99 41.75 -17.63
CA LYS B 1340 -52.73 41.75 -18.87
C LYS B 1340 -51.92 41.24 -20.02
N GLU B 1341 -50.66 41.67 -20.10
CA GLU B 1341 -49.84 41.40 -21.27
C GLU B 1341 -49.55 39.92 -21.51
N VAL B 1342 -49.64 39.13 -20.45
CA VAL B 1342 -49.55 37.67 -20.52
C VAL B 1342 -50.67 37.03 -21.32
N LEU B 1343 -51.86 37.60 -21.24
CA LEU B 1343 -53.09 36.89 -21.56
C LEU B 1343 -53.24 36.40 -22.99
N ASP B 1344 -52.51 36.97 -23.94
CA ASP B 1344 -52.45 36.40 -25.28
C ASP B 1344 -51.00 36.18 -25.62
N ALA B 1345 -50.42 35.19 -24.97
CA ALA B 1345 -48.99 34.93 -25.05
C ALA B 1345 -48.69 33.47 -24.80
N THR B 1346 -47.45 33.08 -25.06
CA THR B 1346 -46.98 31.73 -24.81
C THR B 1346 -46.90 31.37 -23.32
N LEU B 1347 -47.41 30.20 -22.96
CA LEU B 1347 -47.23 29.67 -21.61
C LEU B 1347 -46.30 28.46 -21.67
N ILE B 1348 -45.23 28.49 -20.87
CA ILE B 1348 -44.23 27.43 -20.88
C ILE B 1348 -44.35 26.62 -19.60
N HIS B 1349 -44.73 25.37 -19.72
CA HIS B 1349 -44.63 24.41 -18.62
C HIS B 1349 -43.37 23.57 -18.87
N GLN B 1350 -42.33 23.80 -18.07
CA GLN B 1350 -41.05 23.15 -18.28
C GLN B 1350 -40.95 21.91 -17.37
N SER B 1351 -39.75 21.33 -17.26
CA SER B 1351 -39.51 20.16 -16.42
C SER B 1351 -38.99 20.55 -15.06
N ILE B 1352 -38.68 19.53 -14.23
CA ILE B 1352 -37.78 19.78 -13.10
C ILE B 1352 -36.38 20.13 -13.60
N THR B 1353 -36.13 20.07 -14.91
CA THR B 1353 -34.81 20.49 -15.39
C THR B 1353 -34.85 21.57 -16.45
N GLY B 1354 -36.01 21.87 -17.05
CA GLY B 1354 -36.07 22.76 -18.19
C GLY B 1354 -35.92 22.07 -19.52
N LEU B 1355 -35.44 20.83 -19.54
CA LEU B 1355 -35.28 20.07 -20.78
C LEU B 1355 -36.63 19.84 -21.46
N TYR B 1356 -37.53 19.09 -20.83
CA TYR B 1356 -38.84 18.84 -21.43
C TYR B 1356 -39.77 20.01 -21.14
N GLU B 1357 -40.36 20.55 -22.19
CA GLU B 1357 -41.29 21.65 -22.09
C GLU B 1357 -42.62 21.20 -22.69
N THR B 1358 -43.69 21.89 -22.32
CA THR B 1358 -44.89 21.90 -23.15
C THR B 1358 -45.35 23.35 -23.27
N ARG B 1359 -45.57 23.79 -24.51
CA ARG B 1359 -45.71 25.21 -24.86
C ARG B 1359 -47.14 25.51 -25.28
N ILE B 1360 -47.71 26.58 -24.73
CA ILE B 1360 -49.14 26.88 -24.82
C ILE B 1360 -49.28 28.31 -25.36
N ASP B 1361 -49.72 28.43 -26.62
CA ASP B 1361 -50.02 29.75 -27.18
C ASP B 1361 -51.43 30.10 -26.74
N LEU B 1362 -51.55 31.15 -25.92
CA LEU B 1362 -52.82 31.56 -25.33
C LEU B 1362 -53.53 32.55 -26.26
N SER B 1363 -54.17 31.99 -27.28
CA SER B 1363 -55.16 32.73 -28.05
C SER B 1363 -56.34 31.80 -28.31
N GLN B 1364 -57.55 32.34 -28.09
CA GLN B 1364 -58.79 31.59 -27.90
C GLN B 1364 -59.98 32.50 -27.54
N LYS F 4 21.41 -6.16 19.92
CA LYS F 4 22.16 -4.93 20.22
C LYS F 4 23.18 -4.73 19.15
N TYR F 5 23.86 -5.83 18.86
CA TYR F 5 24.93 -5.85 17.88
C TYR F 5 24.35 -6.10 16.50
N SER F 6 25.24 -6.42 15.55
CA SER F 6 24.84 -6.92 14.25
C SER F 6 26.11 -7.37 13.51
N ILE F 7 25.95 -8.39 12.67
CA ILE F 7 27.07 -9.05 12.02
C ILE F 7 27.18 -8.59 10.58
N GLY F 8 28.39 -8.59 10.07
CA GLY F 8 28.62 -8.37 8.65
C GLY F 8 29.63 -9.38 8.15
N LEU F 9 29.48 -9.75 6.88
CA LEU F 9 30.22 -10.88 6.30
C LEU F 9 30.67 -10.54 4.88
N ALA F 10 31.76 -11.17 4.44
CA ALA F 10 32.11 -11.14 3.02
C ALA F 10 32.57 -12.54 2.60
N ILE F 11 31.91 -13.10 1.62
CA ILE F 11 32.18 -14.46 1.16
C ILE F 11 33.06 -14.41 -0.07
N GLY F 12 34.32 -14.78 0.08
CA GLY F 12 35.19 -15.00 -1.04
C GLY F 12 35.29 -16.47 -1.35
N THR F 13 35.78 -16.72 -2.55
CA THR F 13 36.25 -18.04 -2.94
C THR F 13 37.41 -18.53 -2.06
N ASN F 14 38.33 -17.65 -1.70
CA ASN F 14 39.49 -18.03 -0.89
C ASN F 14 39.56 -17.29 0.43
N SER F 15 38.42 -16.80 0.94
CA SER F 15 38.39 -15.96 2.13
C SER F 15 36.96 -15.81 2.61
N VAL F 16 36.80 -15.51 3.91
CA VAL F 16 35.52 -15.16 4.49
C VAL F 16 35.72 -14.18 5.64
N GLY F 17 35.36 -12.95 5.43
CA GLY F 17 35.51 -11.95 6.45
C GLY F 17 34.24 -11.69 7.24
N TRP F 18 34.40 -11.00 8.36
CA TRP F 18 33.32 -10.81 9.31
C TRP F 18 33.66 -9.63 10.21
N ALA F 19 32.65 -9.18 10.97
CA ALA F 19 32.69 -8.00 11.83
C ALA F 19 31.44 -7.95 12.70
N VAL F 20 31.56 -7.49 13.92
CA VAL F 20 30.41 -7.28 14.79
C VAL F 20 30.39 -5.80 15.09
N ILE F 21 29.23 -5.16 14.98
CA ILE F 21 29.18 -3.72 15.11
C ILE F 21 28.18 -3.20 16.13
N THR F 22 28.55 -2.10 16.77
CA THR F 22 27.75 -1.41 17.79
C THR F 22 26.65 -0.52 17.26
N ASP F 23 25.77 -0.13 18.17
CA ASP F 23 24.66 0.74 17.86
C ASP F 23 25.22 2.05 17.34
N GLU F 24 26.44 2.36 17.76
CA GLU F 24 27.13 3.57 17.31
C GLU F 24 28.13 3.33 16.17
N TYR F 25 28.20 2.12 15.66
CA TYR F 25 29.08 1.77 14.54
C TYR F 25 30.51 1.44 14.93
N LYS F 26 30.79 1.44 16.21
CA LYS F 26 32.06 0.98 16.70
C LYS F 26 32.00 -0.52 16.62
N VAL F 27 33.15 -1.17 16.70
CA VAL F 27 33.17 -2.61 16.80
C VAL F 27 33.68 -2.90 18.19
N PRO F 28 33.00 -3.79 18.91
CA PRO F 28 33.32 -4.07 20.31
C PRO F 28 34.49 -5.02 20.42
N SER F 29 35.26 -4.85 21.48
CA SER F 29 36.29 -5.82 21.86
C SER F 29 35.97 -6.48 23.21
N LYS F 30 36.04 -7.81 23.27
CA LYS F 30 35.78 -8.56 24.51
C LYS F 30 36.99 -9.41 24.89
N LYS F 31 37.31 -9.48 26.17
CA LYS F 31 38.34 -10.38 26.68
C LYS F 31 37.86 -11.82 26.66
N PHE F 32 38.74 -12.74 26.30
CA PHE F 32 38.39 -14.16 26.15
C PHE F 32 39.39 -15.02 26.88
N LYS F 33 38.98 -16.25 27.18
CA LYS F 33 39.85 -17.24 27.81
C LYS F 33 40.97 -17.80 26.92
N VAL F 34 42.02 -18.26 27.58
CA VAL F 34 43.08 -19.08 27.01
C VAL F 34 43.14 -20.41 27.73
N LEU F 35 43.21 -21.49 26.97
CA LEU F 35 43.28 -22.80 27.54
C LEU F 35 44.59 -23.41 27.12
N GLY F 36 45.31 -23.97 28.09
CA GLY F 36 46.62 -24.49 27.82
C GLY F 36 47.42 -24.63 29.09
N ASN F 37 48.72 -24.72 28.93
CA ASN F 37 49.67 -24.67 30.04
C ASN F 37 50.57 -23.43 30.01
N THR F 38 50.15 -22.38 29.33
CA THR F 38 50.85 -21.11 29.39
C THR F 38 50.45 -20.35 30.63
N ASP F 39 51.25 -19.37 31.02
CA ASP F 39 50.95 -18.56 32.19
C ASP F 39 49.68 -17.74 32.05
N ARG F 40 49.47 -17.17 30.86
CA ARG F 40 48.35 -16.27 30.61
C ARG F 40 47.02 -16.99 30.61
N HIS F 41 45.97 -16.31 31.01
CA HIS F 41 44.65 -16.89 30.89
C HIS F 41 43.62 -16.11 30.08
N SER F 42 43.90 -14.86 29.73
CA SER F 42 42.96 -14.10 28.93
C SER F 42 43.64 -13.17 27.94
N ILE F 43 43.02 -13.01 26.77
CA ILE F 43 43.55 -12.13 25.76
C ILE F 43 42.43 -11.26 25.28
N LYS F 44 42.76 -10.07 24.81
CA LYS F 44 41.77 -9.15 24.31
C LYS F 44 41.73 -9.27 22.81
N LYS F 45 40.54 -9.44 22.27
CA LYS F 45 40.38 -9.44 20.84
C LYS F 45 39.19 -8.62 20.39
N ASN F 46 39.26 -8.17 19.14
CA ASN F 46 38.23 -7.35 18.56
C ASN F 46 37.41 -8.14 17.57
N LEU F 47 36.10 -7.99 17.66
CA LEU F 47 35.23 -8.85 16.91
C LEU F 47 35.16 -8.39 15.49
N ILE F 48 36.31 -8.36 14.85
CA ILE F 48 36.40 -8.20 13.41
C ILE F 48 37.58 -9.03 13.02
N GLY F 49 37.61 -9.49 11.78
CA GLY F 49 38.69 -10.34 11.35
C GLY F 49 38.32 -10.94 10.03
N ALA F 50 39.12 -11.90 9.59
CA ALA F 50 38.87 -12.65 8.38
C ALA F 50 39.36 -14.04 8.62
N LEU F 51 38.94 -15.00 7.81
CA LEU F 51 39.52 -16.32 7.84
C LEU F 51 39.98 -16.71 6.44
N LEU F 52 41.22 -17.17 6.28
CA LEU F 52 41.67 -17.57 4.98
C LEU F 52 41.66 -19.08 4.87
N PHE F 53 41.74 -19.56 3.63
CA PHE F 53 41.72 -20.99 3.36
C PHE F 53 42.01 -21.19 1.89
N ASP F 54 42.48 -22.40 1.59
CA ASP F 54 42.82 -22.77 0.23
C ASP F 54 41.59 -23.16 -0.57
N SER F 55 41.65 -22.89 -1.88
CA SER F 55 40.51 -23.05 -2.77
C SER F 55 39.91 -24.42 -2.62
N GLY F 56 38.59 -24.50 -2.56
CA GLY F 56 37.94 -25.78 -2.78
C GLY F 56 38.15 -26.21 -4.22
N GLU F 57 38.31 -27.50 -4.41
CA GLU F 57 38.64 -28.05 -5.71
C GLU F 57 37.41 -28.71 -6.30
N THR F 58 37.33 -28.76 -7.62
CA THR F 58 36.23 -29.41 -8.29
C THR F 58 36.44 -30.89 -8.23
N ALA F 59 35.46 -31.66 -8.67
CA ALA F 59 35.63 -33.09 -8.79
C ALA F 59 36.14 -33.47 -10.17
N GLU F 60 36.36 -32.50 -11.03
CA GLU F 60 36.75 -32.80 -12.39
C GLU F 60 38.06 -33.53 -12.43
N ALA F 61 39.02 -33.09 -11.63
CA ALA F 61 40.32 -33.71 -11.65
C ALA F 61 40.20 -35.15 -11.21
N THR F 62 39.45 -35.35 -10.14
CA THR F 62 39.25 -36.66 -9.57
C THR F 62 38.49 -37.57 -10.49
N ARG F 63 37.50 -37.03 -11.17
CA ARG F 63 36.71 -37.80 -12.11
C ARG F 63 37.56 -38.26 -13.27
N LEU F 64 38.42 -37.38 -13.75
CA LEU F 64 39.21 -37.69 -14.93
C LEU F 64 40.13 -38.85 -14.67
N LYS F 65 40.70 -38.87 -13.47
CA LYS F 65 41.49 -39.99 -13.00
C LYS F 65 40.68 -41.24 -12.81
N ARG F 66 39.46 -41.12 -12.30
CA ARG F 66 38.63 -42.30 -12.13
C ARG F 66 38.27 -42.96 -13.44
N THR F 67 37.83 -42.18 -14.41
CA THR F 67 37.40 -42.69 -15.70
C THR F 67 38.48 -43.34 -16.56
N ALA F 68 39.70 -42.79 -16.54
CA ALA F 68 40.79 -43.35 -17.30
C ALA F 68 41.51 -44.44 -16.53
N ARG F 69 41.23 -44.58 -15.23
CA ARG F 69 41.65 -45.78 -14.52
C ARG F 69 40.82 -46.98 -14.95
N ARG F 70 39.49 -46.84 -14.97
CA ARG F 70 38.63 -47.94 -15.39
C ARG F 70 39.08 -48.45 -16.76
N ARG F 71 39.33 -47.54 -17.70
CA ARG F 71 40.07 -47.93 -18.91
C ARG F 71 41.24 -48.82 -18.56
N TYR F 72 42.11 -48.37 -17.67
CA TYR F 72 43.32 -49.15 -17.45
C TYR F 72 43.03 -50.60 -17.04
N THR F 73 41.95 -50.84 -16.32
CA THR F 73 41.62 -52.22 -16.02
C THR F 73 41.21 -52.95 -17.28
N ARG F 74 40.25 -52.40 -18.05
CA ARG F 74 39.62 -53.16 -19.15
C ARG F 74 40.57 -53.39 -20.30
N ARG F 75 41.56 -52.49 -20.45
CA ARG F 75 42.65 -52.78 -21.36
C ARG F 75 43.42 -54.01 -20.86
N LYS F 76 43.73 -54.05 -19.55
CA LYS F 76 44.38 -55.24 -18.99
C LYS F 76 43.55 -56.51 -19.26
N ASN F 77 42.23 -56.44 -19.03
CA ASN F 77 41.36 -57.59 -19.24
C ASN F 77 41.21 -57.95 -20.70
N ARG F 78 41.38 -57.00 -21.63
CA ARG F 78 41.34 -57.33 -23.06
C ARG F 78 42.59 -58.03 -23.55
N ILE F 79 43.74 -57.75 -22.96
CA ILE F 79 44.91 -58.59 -23.13
C ILE F 79 44.73 -59.93 -22.41
N CYS F 80 44.22 -59.90 -21.18
CA CYS F 80 44.02 -61.11 -20.40
C CYS F 80 43.09 -62.10 -21.10
N TYR F 81 42.12 -61.61 -21.88
CA TYR F 81 41.11 -62.49 -22.49
C TYR F 81 41.67 -63.28 -23.68
N LEU F 82 42.33 -62.59 -24.61
CA LEU F 82 43.11 -63.27 -25.64
C LEU F 82 43.87 -64.46 -25.07
N GLN F 83 44.64 -64.23 -24.01
CA GLN F 83 45.46 -65.30 -23.42
C GLN F 83 44.62 -66.51 -23.01
N GLU F 84 43.54 -66.31 -22.24
CA GLU F 84 42.80 -67.45 -21.71
C GLU F 84 42.37 -68.40 -22.83
N ILE F 85 41.91 -67.82 -23.94
CA ILE F 85 41.69 -68.58 -25.15
C ILE F 85 42.92 -69.40 -25.45
N PHE F 86 44.01 -68.71 -25.69
CA PHE F 86 45.24 -69.35 -26.07
C PHE F 86 45.88 -70.12 -24.91
N SER F 87 45.27 -70.18 -23.72
CA SER F 87 45.94 -70.88 -22.62
C SER F 87 46.32 -72.29 -23.03
N ASN F 88 45.37 -73.04 -23.58
CA ASN F 88 45.60 -74.46 -23.85
C ASN F 88 46.59 -74.64 -24.99
N GLU F 89 46.36 -73.97 -26.12
CA GLU F 89 47.18 -74.19 -27.31
C GLU F 89 48.50 -73.45 -27.28
N MET F 90 48.83 -72.80 -26.17
CA MET F 90 50.12 -72.11 -26.00
C MET F 90 51.09 -72.91 -25.15
N ALA F 91 50.64 -73.44 -23.99
CA ALA F 91 51.48 -74.36 -23.25
C ALA F 91 51.79 -75.61 -24.08
N LYS F 92 51.05 -75.85 -25.17
CA LYS F 92 51.41 -76.92 -26.08
C LYS F 92 52.71 -76.63 -26.84
N VAL F 93 53.04 -75.35 -27.05
CA VAL F 93 54.25 -74.94 -27.74
C VAL F 93 55.29 -74.39 -26.77
N ASP F 94 54.90 -73.41 -25.95
CA ASP F 94 55.81 -72.74 -25.02
C ASP F 94 55.25 -72.84 -23.61
N ASP F 95 55.93 -73.60 -22.78
CA ASP F 95 55.45 -73.88 -21.45
C ASP F 95 55.37 -72.62 -20.60
N SER F 96 56.20 -71.62 -20.93
CA SER F 96 56.47 -70.50 -20.05
C SER F 96 56.26 -69.16 -20.73
N PHE F 97 55.74 -69.16 -21.95
CA PHE F 97 55.59 -67.92 -22.71
C PHE F 97 54.85 -66.86 -21.90
N PHE F 98 53.66 -67.21 -21.42
CA PHE F 98 52.78 -66.23 -20.79
C PHE F 98 53.26 -65.82 -19.41
N HIS F 99 54.25 -66.51 -18.84
CA HIS F 99 54.99 -66.00 -17.68
C HIS F 99 56.15 -65.11 -18.06
N ARG F 100 56.70 -65.24 -19.28
CA ARG F 100 57.82 -64.38 -19.68
C ARG F 100 57.38 -62.95 -19.92
N LEU F 101 56.25 -62.76 -20.61
CA LEU F 101 55.72 -61.42 -20.81
C LEU F 101 55.29 -60.80 -19.48
N GLU F 102 54.51 -61.54 -18.68
CA GLU F 102 54.08 -61.06 -17.37
C GLU F 102 55.27 -60.64 -16.51
N GLU F 103 56.41 -61.29 -16.70
CA GLU F 103 57.65 -61.00 -15.97
C GLU F 103 58.63 -60.17 -16.78
N SER F 104 58.26 -59.80 -18.02
CA SER F 104 59.15 -59.06 -18.91
C SER F 104 59.84 -57.92 -18.21
N PHE F 105 59.13 -57.29 -17.27
CA PHE F 105 59.60 -56.05 -16.70
C PHE F 105 60.78 -56.25 -15.73
N LEU F 106 60.89 -57.40 -15.11
CA LEU F 106 61.90 -57.60 -14.09
C LEU F 106 63.30 -57.73 -14.64
N VAL F 107 64.26 -57.34 -13.83
CA VAL F 107 65.66 -57.41 -14.19
C VAL F 107 66.06 -58.87 -14.25
N GLU F 108 67.16 -59.16 -14.92
CA GLU F 108 67.55 -60.54 -15.10
C GLU F 108 67.73 -61.13 -13.74
N GLU F 109 68.16 -60.30 -12.81
CA GLU F 109 68.43 -60.77 -11.47
C GLU F 109 67.17 -61.32 -10.88
N ASP F 110 66.08 -60.58 -11.06
CA ASP F 110 64.84 -60.92 -10.39
C ASP F 110 63.91 -61.73 -11.25
N LYS F 111 64.35 -62.08 -12.45
CA LYS F 111 63.52 -62.82 -13.38
C LYS F 111 63.29 -64.26 -12.97
N LYS F 112 62.03 -64.68 -13.01
CA LYS F 112 61.62 -66.05 -12.81
C LYS F 112 62.04 -67.00 -13.92
N HIS F 113 61.97 -66.53 -15.16
CA HIS F 113 62.20 -67.37 -16.32
C HIS F 113 63.30 -66.83 -17.19
N GLU F 114 63.45 -67.41 -18.37
CA GLU F 114 64.47 -66.98 -19.30
C GLU F 114 64.21 -65.54 -19.69
N ARG F 115 65.28 -64.76 -19.81
CA ARG F 115 65.18 -63.33 -20.06
C ARG F 115 64.56 -62.95 -21.40
N HIS F 116 64.85 -63.70 -22.46
CA HIS F 116 64.25 -63.41 -23.75
C HIS F 116 62.85 -63.99 -23.81
N PRO F 117 61.85 -63.17 -24.13
CA PRO F 117 60.48 -63.68 -24.02
C PRO F 117 60.03 -64.60 -25.13
N ILE F 118 60.33 -64.22 -26.36
CA ILE F 118 59.77 -64.91 -27.50
C ILE F 118 60.22 -66.35 -27.68
N PHE F 119 61.51 -66.61 -27.53
CA PHE F 119 62.00 -67.97 -27.73
C PHE F 119 62.92 -68.54 -26.65
N GLY F 120 63.14 -67.80 -25.59
CA GLY F 120 64.13 -68.18 -24.60
C GLY F 120 65.54 -67.97 -25.13
N ASN F 121 65.87 -68.64 -26.22
CA ASN F 121 67.20 -68.50 -26.81
C ASN F 121 67.42 -67.11 -27.30
N ILE F 122 68.58 -66.55 -27.04
CA ILE F 122 68.90 -65.25 -27.60
C ILE F 122 68.96 -65.36 -29.12
N VAL F 123 69.51 -66.46 -29.62
CA VAL F 123 69.77 -66.61 -31.04
C VAL F 123 68.54 -66.59 -31.94
N ASP F 124 67.47 -67.27 -31.55
CA ASP F 124 66.23 -67.17 -32.31
C ASP F 124 65.61 -65.77 -32.22
N GLU F 125 65.61 -65.23 -31.02
CA GLU F 125 64.92 -63.97 -30.74
C GLU F 125 65.56 -62.88 -31.56
N VAL F 126 66.86 -62.95 -31.71
CA VAL F 126 67.57 -62.00 -32.53
C VAL F 126 66.97 -62.15 -33.92
N ALA F 127 66.66 -63.37 -34.30
CA ALA F 127 66.15 -63.62 -35.64
C ALA F 127 64.84 -62.89 -35.92
N TYR F 128 63.96 -62.86 -34.94
CA TYR F 128 62.66 -62.23 -35.15
C TYR F 128 62.77 -60.74 -35.41
N HIS F 129 63.59 -60.06 -34.63
CA HIS F 129 63.73 -58.62 -34.75
C HIS F 129 64.33 -58.20 -36.07
N GLU F 130 65.32 -58.95 -36.52
CA GLU F 130 66.01 -58.58 -37.74
C GLU F 130 65.03 -58.60 -38.90
N LYS F 131 64.20 -59.63 -38.95
CA LYS F 131 63.22 -59.73 -40.03
C LYS F 131 62.17 -58.63 -39.98
N TYR F 132 61.66 -58.36 -38.78
CA TYR F 132 60.64 -57.35 -38.61
C TYR F 132 61.02 -56.39 -37.51
N PRO F 133 61.76 -55.37 -37.86
CA PRO F 133 62.28 -54.45 -36.86
C PRO F 133 61.14 -53.82 -36.09
N THR F 134 60.07 -53.46 -36.79
CA THR F 134 58.90 -52.95 -36.14
C THR F 134 57.81 -53.93 -36.43
N ILE F 135 56.99 -54.18 -35.41
CA ILE F 135 56.10 -55.31 -35.39
C ILE F 135 55.18 -55.21 -36.58
N TYR F 136 54.99 -54.01 -37.07
CA TYR F 136 54.01 -53.75 -38.09
C TYR F 136 54.34 -54.59 -39.30
N HIS F 137 55.61 -54.96 -39.41
CA HIS F 137 56.01 -55.91 -40.42
C HIS F 137 55.31 -57.23 -40.19
N LEU F 138 55.18 -57.61 -38.94
CA LEU F 138 54.46 -58.83 -38.58
C LEU F 138 53.01 -58.75 -38.97
N ARG F 139 52.40 -57.60 -38.77
CA ARG F 139 51.00 -57.42 -39.12
C ARG F 139 50.83 -57.60 -40.61
N LYS F 140 51.74 -57.06 -41.39
CA LYS F 140 51.70 -57.23 -42.83
C LYS F 140 51.92 -58.67 -43.25
N LYS F 141 52.83 -59.37 -42.60
CA LYS F 141 53.14 -60.73 -43.02
C LYS F 141 52.01 -61.70 -42.76
N LEU F 142 51.44 -61.65 -41.58
CA LEU F 142 50.39 -62.59 -41.23
C LEU F 142 49.15 -62.44 -42.09
N VAL F 143 48.73 -61.21 -42.37
CA VAL F 143 47.62 -61.00 -43.27
C VAL F 143 47.98 -61.42 -44.67
N ASP F 144 49.16 -60.98 -45.08
CA ASP F 144 49.69 -61.24 -46.42
C ASP F 144 50.11 -62.66 -46.80
N SER F 145 50.69 -63.39 -45.86
CA SER F 145 51.34 -64.68 -46.16
C SER F 145 50.50 -65.90 -45.82
N THR F 146 50.64 -66.92 -46.66
CA THR F 146 49.85 -68.14 -46.60
C THR F 146 50.56 -69.30 -45.92
N ASP F 147 51.70 -69.02 -45.30
CA ASP F 147 52.53 -70.06 -44.70
C ASP F 147 52.29 -70.03 -43.20
N LYS F 148 52.10 -71.22 -42.60
CA LYS F 148 51.93 -71.35 -41.16
C LYS F 148 52.89 -70.40 -40.44
N ALA F 149 52.41 -69.75 -39.38
CA ALA F 149 53.29 -68.87 -38.63
C ALA F 149 53.42 -69.38 -37.20
N ASP F 150 54.50 -69.00 -36.54
CA ASP F 150 54.69 -69.46 -35.18
C ASP F 150 53.64 -68.80 -34.30
N LEU F 151 52.81 -69.62 -33.65
CA LEU F 151 51.71 -69.10 -32.83
C LEU F 151 52.18 -67.95 -31.94
N ARG F 152 53.37 -68.06 -31.35
CA ARG F 152 53.80 -66.99 -30.47
C ARG F 152 54.01 -65.70 -31.25
N LEU F 153 54.19 -65.77 -32.57
CA LEU F 153 54.07 -64.58 -33.39
C LEU F 153 52.62 -64.10 -33.44
N ILE F 154 51.69 -65.05 -33.53
CA ILE F 154 50.29 -64.70 -33.74
C ILE F 154 49.77 -63.90 -32.56
N TYR F 155 49.92 -64.41 -31.33
CA TYR F 155 49.41 -63.68 -30.16
C TYR F 155 49.97 -62.25 -30.09
N LEU F 156 51.28 -62.11 -30.20
CA LEU F 156 51.85 -60.76 -30.12
C LEU F 156 51.23 -59.87 -31.18
N ALA F 157 51.01 -60.40 -32.37
CA ALA F 157 50.30 -59.67 -33.41
C ALA F 157 48.92 -59.22 -32.93
N LEU F 158 48.17 -60.14 -32.30
CA LEU F 158 46.78 -59.85 -31.91
C LEU F 158 46.71 -59.05 -30.62
N ALA F 159 47.72 -59.14 -29.76
CA ALA F 159 47.71 -58.39 -28.50
C ALA F 159 47.90 -56.90 -28.76
N HIS F 160 48.91 -56.56 -29.56
CA HIS F 160 49.11 -55.19 -29.96
C HIS F 160 47.82 -54.58 -30.48
N MET F 161 47.16 -55.27 -31.40
CA MET F 161 45.96 -54.73 -32.00
C MET F 161 44.84 -54.48 -31.01
N ILE F 162 44.61 -55.38 -30.07
CA ILE F 162 43.68 -55.12 -28.97
C ILE F 162 44.12 -54.06 -27.99
N LYS F 163 45.41 -54.04 -27.66
CA LYS F 163 45.94 -53.12 -26.66
C LYS F 163 45.76 -51.72 -27.13
N PHE F 164 45.99 -51.50 -28.41
CA PHE F 164 45.89 -50.19 -28.99
C PHE F 164 45.01 -50.27 -30.22
N ARG F 165 43.73 -50.53 -30.01
CA ARG F 165 42.78 -50.82 -31.08
C ARG F 165 42.47 -49.73 -32.09
N GLY F 166 42.31 -48.49 -31.62
CA GLY F 166 41.83 -47.44 -32.49
C GLY F 166 40.42 -47.10 -32.10
N HIS F 167 39.91 -46.01 -32.64
CA HIS F 167 38.70 -45.39 -32.09
C HIS F 167 37.41 -45.88 -32.74
N PHE F 168 36.30 -45.40 -32.18
CA PHE F 168 34.97 -45.89 -32.53
C PHE F 168 34.01 -44.78 -32.92
N LEU F 169 34.58 -43.70 -33.42
CA LEU F 169 33.81 -42.59 -33.86
C LEU F 169 32.92 -43.12 -34.96
N ILE F 170 33.47 -44.02 -35.75
CA ILE F 170 32.73 -44.59 -36.85
C ILE F 170 32.10 -45.93 -36.50
N GLU F 171 30.78 -45.99 -36.61
CA GLU F 171 30.03 -47.20 -36.34
C GLU F 171 29.85 -47.85 -37.68
N GLY F 172 30.25 -49.10 -37.79
CA GLY F 172 30.15 -49.75 -39.07
C GLY F 172 31.38 -50.55 -39.36
N ASP F 173 31.61 -50.79 -40.64
CA ASP F 173 32.73 -51.57 -41.08
C ASP F 173 33.04 -51.14 -42.50
N LEU F 174 34.25 -51.42 -42.97
CA LEU F 174 34.63 -51.12 -44.34
C LEU F 174 35.15 -52.34 -45.07
N ASN F 175 34.67 -52.55 -46.28
CA ASN F 175 35.20 -53.58 -47.15
C ASN F 175 36.23 -52.90 -47.99
N PRO F 176 37.56 -53.19 -47.69
CA PRO F 176 38.49 -52.22 -48.29
C PRO F 176 38.49 -52.25 -49.80
N ASP F 177 38.40 -51.08 -50.40
CA ASP F 177 38.63 -50.90 -51.83
C ASP F 177 39.34 -49.58 -52.13
N ASN F 178 40.55 -49.41 -51.60
CA ASN F 178 41.31 -48.16 -51.75
C ASN F 178 41.70 -47.80 -53.19
N SER F 179 42.15 -48.76 -53.96
CA SER F 179 42.75 -48.48 -55.25
C SER F 179 41.76 -47.83 -56.22
N ASP F 180 40.50 -48.16 -56.04
CA ASP F 180 39.48 -47.88 -57.03
C ASP F 180 38.87 -46.51 -56.86
N VAL F 181 39.48 -45.68 -56.03
CA VAL F 181 38.85 -44.42 -55.66
C VAL F 181 38.55 -43.60 -56.88
N ASP F 182 39.47 -43.52 -57.82
CA ASP F 182 39.20 -42.80 -59.05
C ASP F 182 38.69 -43.74 -60.13
N LYS F 183 38.58 -45.01 -59.78
CA LYS F 183 37.88 -46.00 -60.61
C LYS F 183 36.47 -46.25 -60.10
N LEU F 184 36.31 -46.51 -58.80
CA LEU F 184 34.98 -46.61 -58.23
C LEU F 184 34.39 -45.24 -57.98
N PHE F 185 35.10 -44.17 -58.32
CA PHE F 185 34.45 -42.87 -58.46
C PHE F 185 33.65 -42.83 -59.75
N ILE F 186 34.34 -43.05 -60.88
CA ILE F 186 33.68 -43.07 -62.18
C ILE F 186 32.60 -44.15 -62.19
N GLN F 187 32.68 -45.14 -61.30
CA GLN F 187 31.55 -46.06 -61.22
C GLN F 187 30.34 -45.35 -60.63
N LEU F 188 30.55 -44.35 -59.76
CA LEU F 188 29.41 -43.58 -59.27
C LEU F 188 28.86 -42.66 -60.36
N VAL F 189 29.74 -41.93 -61.03
CA VAL F 189 29.32 -41.14 -62.17
C VAL F 189 28.43 -41.97 -63.08
N GLN F 190 28.79 -43.24 -63.29
CA GLN F 190 27.98 -44.06 -64.19
C GLN F 190 26.55 -44.24 -63.65
N THR F 191 26.39 -44.73 -62.43
CA THR F 191 25.04 -45.03 -61.94
C THR F 191 24.18 -43.77 -61.79
N TYR F 192 24.79 -42.66 -61.35
CA TYR F 192 24.09 -41.39 -61.34
C TYR F 192 23.61 -41.02 -62.73
N ASN F 193 24.34 -41.41 -63.76
CA ASN F 193 23.84 -41.14 -65.09
C ASN F 193 22.54 -41.85 -65.44
N GLN F 194 22.41 -43.11 -65.05
CA GLN F 194 21.21 -43.86 -65.40
C GLN F 194 20.01 -43.21 -64.76
N LEU F 195 20.15 -42.81 -63.50
CA LEU F 195 19.07 -42.19 -62.78
C LEU F 195 18.68 -40.89 -63.44
N PHE F 196 19.67 -40.19 -63.96
CA PHE F 196 19.42 -38.89 -64.56
C PHE F 196 19.93 -38.87 -65.98
N GLU F 197 19.17 -39.53 -66.83
CA GLU F 197 19.48 -39.63 -68.22
C GLU F 197 19.46 -38.21 -68.77
N GLU F 198 18.51 -37.43 -68.29
CA GLU F 198 18.26 -36.12 -68.85
C GLU F 198 19.44 -35.16 -68.67
N ASN F 199 20.06 -35.20 -67.51
CA ASN F 199 21.27 -34.42 -67.27
C ASN F 199 22.44 -35.29 -66.78
N PRO F 200 23.61 -35.19 -67.54
CA PRO F 200 24.67 -36.10 -67.10
C PRO F 200 25.90 -35.34 -66.62
N ILE F 201 26.74 -35.99 -65.83
CA ILE F 201 27.96 -35.38 -65.31
C ILE F 201 29.19 -36.00 -65.93
N ASN F 202 30.06 -35.17 -66.51
CA ASN F 202 31.28 -35.67 -67.12
C ASN F 202 32.34 -36.17 -66.14
N ALA F 203 33.06 -37.22 -66.51
CA ALA F 203 34.09 -37.79 -65.67
C ALA F 203 35.17 -36.76 -65.46
N SER F 204 35.48 -36.06 -66.53
CA SER F 204 36.32 -34.87 -66.57
C SER F 204 37.82 -35.11 -66.48
N GLY F 205 38.25 -36.35 -66.61
CA GLY F 205 39.66 -36.63 -66.56
C GLY F 205 40.21 -36.07 -65.27
N VAL F 206 39.43 -36.23 -64.21
CA VAL F 206 39.74 -35.66 -62.92
C VAL F 206 40.04 -36.78 -61.95
N ASP F 207 41.16 -36.67 -61.24
CA ASP F 207 41.54 -37.74 -60.34
C ASP F 207 40.74 -37.61 -59.07
N ALA F 208 39.87 -38.57 -58.84
CA ALA F 208 39.20 -38.66 -57.58
C ALA F 208 40.30 -38.93 -56.59
N LYS F 209 41.24 -39.77 -56.99
CA LYS F 209 42.34 -40.08 -56.11
C LYS F 209 43.11 -38.80 -55.85
N ALA F 210 43.35 -38.02 -56.90
CA ALA F 210 44.08 -36.79 -56.70
C ALA F 210 43.35 -35.73 -55.88
N ILE F 211 42.11 -35.45 -56.24
CA ILE F 211 41.36 -34.44 -55.49
C ILE F 211 40.93 -34.87 -54.11
N LEU F 212 40.39 -36.08 -54.04
CA LEU F 212 39.88 -36.65 -52.81
C LEU F 212 40.93 -37.01 -51.76
N SER F 213 42.03 -37.58 -52.23
CA SER F 213 43.10 -38.00 -51.34
C SER F 213 43.73 -36.81 -50.64
N ALA F 214 43.84 -35.70 -51.34
CA ALA F 214 44.69 -34.62 -50.90
C ALA F 214 44.31 -34.13 -49.52
N ARG F 215 45.33 -33.84 -48.73
CA ARG F 215 45.18 -33.47 -47.33
C ARG F 215 44.26 -32.29 -47.09
N LEU F 216 44.02 -31.50 -48.13
CA LEU F 216 43.33 -30.23 -47.93
C LEU F 216 41.93 -30.47 -47.39
N SER F 217 41.38 -29.44 -46.75
CA SER F 217 40.23 -29.59 -45.90
C SER F 217 39.05 -30.14 -46.66
N LYS F 218 38.21 -30.86 -45.95
CA LYS F 218 37.19 -31.67 -46.58
C LYS F 218 36.29 -30.82 -47.43
N SER F 219 35.89 -29.67 -46.91
CA SER F 219 34.99 -28.81 -47.64
C SER F 219 35.67 -28.38 -48.92
N ARG F 220 36.94 -28.03 -48.81
CA ARG F 220 37.67 -27.50 -49.95
C ARG F 220 37.76 -28.53 -51.04
N ARG F 221 37.96 -29.78 -50.67
CA ARG F 221 38.12 -30.81 -51.68
C ARG F 221 36.86 -30.99 -52.53
N LEU F 222 35.70 -30.97 -51.89
CA LEU F 222 34.48 -31.14 -52.63
C LEU F 222 34.36 -29.98 -53.60
N GLU F 223 34.72 -28.80 -53.11
CA GLU F 223 34.67 -27.62 -53.95
C GLU F 223 35.63 -27.88 -55.08
N ASN F 224 36.78 -28.47 -54.76
CA ASN F 224 37.78 -28.76 -55.77
C ASN F 224 37.29 -29.73 -56.83
N LEU F 225 36.55 -30.75 -56.41
CA LEU F 225 35.93 -31.70 -57.34
C LEU F 225 34.90 -30.99 -58.21
N ILE F 226 34.07 -30.12 -57.64
CA ILE F 226 33.05 -29.50 -58.48
C ILE F 226 33.68 -28.52 -59.47
N ALA F 227 34.71 -27.77 -59.07
CA ALA F 227 35.36 -26.86 -60.01
C ALA F 227 35.75 -27.54 -61.32
N GLN F 228 36.06 -28.82 -61.26
CA GLN F 228 36.24 -29.61 -62.47
C GLN F 228 34.94 -29.80 -63.23
N LEU F 229 33.85 -30.04 -62.50
CA LEU F 229 32.53 -30.25 -63.11
C LEU F 229 32.03 -28.96 -63.70
N PRO F 230 31.28 -28.98 -64.80
CA PRO F 230 30.89 -27.69 -65.33
C PRO F 230 29.43 -27.43 -65.02
N GLY F 231 29.13 -26.28 -64.47
CA GLY F 231 27.75 -25.92 -64.25
C GLY F 231 27.04 -26.96 -63.44
N GLU F 232 27.72 -27.49 -62.44
CA GLU F 232 27.07 -28.35 -61.48
C GLU F 232 27.03 -27.62 -60.15
N LYS F 233 25.85 -27.35 -59.65
CA LYS F 233 25.75 -26.60 -58.40
C LYS F 233 26.42 -27.38 -57.32
N LYS F 234 27.06 -26.68 -56.38
CA LYS F 234 27.76 -27.38 -55.33
C LYS F 234 26.77 -28.19 -54.54
N ASN F 235 25.61 -27.61 -54.29
CA ASN F 235 24.59 -28.24 -53.46
C ASN F 235 23.63 -29.07 -54.29
N GLY F 236 23.96 -29.18 -55.57
CA GLY F 236 23.18 -29.96 -56.49
C GLY F 236 23.35 -31.40 -56.03
N LEU F 237 22.49 -32.29 -56.51
CA LEU F 237 22.41 -33.59 -55.89
C LEU F 237 23.74 -34.33 -55.95
N PHE F 238 24.43 -34.26 -57.07
CA PHE F 238 25.71 -34.94 -57.16
C PHE F 238 26.63 -34.32 -56.13
N GLY F 239 26.56 -33.01 -55.99
CA GLY F 239 27.51 -32.33 -55.16
C GLY F 239 27.45 -32.79 -53.72
N ASN F 240 26.26 -32.96 -53.17
CA ASN F 240 26.16 -33.37 -51.79
C ASN F 240 26.76 -34.76 -51.55
N LEU F 241 26.48 -35.65 -52.49
CA LEU F 241 26.88 -37.04 -52.34
C LEU F 241 28.40 -37.09 -52.26
N ILE F 242 29.05 -36.31 -53.11
CA ILE F 242 30.49 -36.26 -53.11
C ILE F 242 30.86 -35.75 -51.74
N ALA F 243 30.10 -34.77 -51.29
CA ALA F 243 30.30 -34.21 -49.98
C ALA F 243 30.03 -35.26 -48.92
N LEU F 244 29.01 -36.08 -49.14
CA LEU F 244 28.67 -37.06 -48.13
C LEU F 244 29.81 -38.03 -47.91
N SER F 245 30.38 -38.51 -49.02
CA SER F 245 31.38 -39.54 -48.93
C SER F 245 32.41 -39.10 -47.91
N LEU F 246 32.73 -37.82 -47.90
CA LEU F 246 33.55 -37.26 -46.87
C LEU F 246 32.72 -37.15 -45.61
N GLY F 247 33.36 -36.99 -44.47
CA GLY F 247 32.71 -37.16 -43.18
C GLY F 247 31.55 -36.22 -42.90
N LEU F 248 31.67 -34.98 -43.34
CA LEU F 248 30.68 -33.97 -43.00
C LEU F 248 29.34 -34.36 -43.58
N THR F 249 28.27 -33.90 -42.94
CA THR F 249 26.94 -34.31 -43.32
C THR F 249 26.23 -33.27 -44.19
N PRO F 250 25.95 -33.67 -45.41
CA PRO F 250 25.17 -32.90 -46.39
C PRO F 250 23.68 -33.07 -46.20
N ASN F 251 22.93 -32.31 -47.00
CA ASN F 251 21.46 -32.38 -47.01
C ASN F 251 20.94 -32.26 -48.43
N PHE F 252 20.22 -33.30 -48.89
CA PHE F 252 19.51 -33.25 -50.17
C PHE F 252 18.00 -33.12 -50.00
N LYS F 253 17.56 -32.58 -48.87
CA LYS F 253 16.15 -32.32 -48.67
C LYS F 253 15.67 -31.32 -49.70
N SER F 254 16.53 -30.36 -50.03
CA SER F 254 16.12 -29.33 -50.96
C SER F 254 15.76 -29.87 -52.33
N ASN F 255 16.58 -30.75 -52.89
CA ASN F 255 16.28 -31.25 -54.22
C ASN F 255 15.03 -32.06 -54.32
N PHE F 256 14.79 -32.94 -53.35
CA PHE F 256 13.59 -33.76 -53.40
C PHE F 256 12.42 -33.01 -52.77
N ASP F 257 12.74 -31.88 -52.15
CA ASP F 257 11.74 -31.05 -51.52
C ASP F 257 10.93 -31.87 -50.55
N LEU F 258 11.60 -32.76 -49.84
CA LEU F 258 10.90 -33.54 -48.83
C LEU F 258 10.44 -32.52 -47.81
N ALA F 259 9.26 -32.72 -47.27
CA ALA F 259 8.67 -31.71 -46.40
C ALA F 259 9.56 -31.49 -45.20
N GLU F 260 10.10 -32.58 -44.67
CA GLU F 260 10.93 -32.49 -43.49
C GLU F 260 12.38 -32.67 -43.88
N ASP F 261 13.27 -31.93 -43.26
CA ASP F 261 14.67 -32.02 -43.62
C ASP F 261 15.15 -33.43 -43.39
N ALA F 262 15.90 -33.95 -44.35
CA ALA F 262 16.55 -35.24 -44.18
C ALA F 262 18.06 -35.01 -44.27
N LYS F 263 18.73 -35.36 -43.19
CA LYS F 263 20.16 -35.14 -43.01
C LYS F 263 20.85 -36.48 -42.87
N LEU F 264 22.04 -36.60 -43.45
CA LEU F 264 22.71 -37.89 -43.50
C LEU F 264 24.21 -37.86 -43.27
N GLN F 265 24.69 -38.79 -42.45
CA GLN F 265 26.10 -39.02 -42.29
C GLN F 265 26.34 -40.51 -42.40
N LEU F 266 27.36 -40.91 -43.14
CA LEU F 266 27.70 -42.32 -43.20
C LEU F 266 28.13 -42.80 -41.82
N SER F 267 28.91 -41.98 -41.15
CA SER F 267 29.47 -42.30 -39.84
C SER F 267 28.42 -42.47 -38.77
N LYS F 268 27.39 -41.64 -38.79
CA LYS F 268 26.42 -41.66 -37.73
C LYS F 268 25.79 -43.03 -37.74
N ASP F 269 25.58 -43.58 -36.56
CA ASP F 269 25.01 -44.91 -36.45
C ASP F 269 23.65 -44.83 -37.07
N THR F 270 22.98 -43.72 -36.82
CA THR F 270 21.62 -43.55 -37.34
C THR F 270 21.70 -43.08 -38.78
N TYR F 271 22.38 -43.85 -39.62
CA TYR F 271 22.37 -43.56 -41.04
C TYR F 271 21.72 -44.70 -41.77
N ASP F 272 22.19 -45.91 -41.50
CA ASP F 272 21.78 -47.02 -42.33
C ASP F 272 20.29 -47.16 -42.20
N ASP F 273 19.76 -47.09 -40.99
CA ASP F 273 18.33 -47.05 -40.82
C ASP F 273 17.86 -45.76 -41.46
N ASP F 274 18.62 -44.71 -41.21
CA ASP F 274 18.20 -43.37 -41.54
C ASP F 274 17.99 -43.15 -43.03
N LEU F 275 18.91 -43.65 -43.83
CA LEU F 275 18.78 -43.56 -45.27
C LEU F 275 17.57 -44.38 -45.72
N ASP F 276 17.41 -45.56 -45.12
CA ASP F 276 16.38 -46.47 -45.56
C ASP F 276 15.05 -45.79 -45.37
N ASN F 277 14.89 -45.12 -44.23
CA ASN F 277 13.67 -44.42 -43.97
C ASN F 277 13.50 -43.28 -44.99
N LEU F 278 14.59 -42.60 -45.28
CA LEU F 278 14.59 -41.57 -46.30
C LEU F 278 14.32 -42.15 -47.68
N LEU F 279 14.92 -43.31 -47.94
CA LEU F 279 15.00 -43.83 -49.29
C LEU F 279 13.66 -44.12 -49.96
N ALA F 280 12.71 -44.68 -49.24
CA ALA F 280 11.44 -45.03 -49.86
C ALA F 280 10.78 -43.76 -50.36
N GLN F 281 10.84 -42.72 -49.55
CA GLN F 281 10.20 -41.46 -49.89
C GLN F 281 10.84 -40.89 -51.15
N ILE F 282 12.16 -40.97 -51.18
CA ILE F 282 12.97 -40.59 -52.33
C ILE F 282 12.65 -41.49 -53.52
N GLY F 283 12.42 -42.76 -53.23
CA GLY F 283 12.21 -43.79 -54.24
C GLY F 283 13.32 -44.83 -54.29
N ASP F 284 12.98 -46.02 -54.76
CA ASP F 284 13.86 -47.20 -54.73
C ASP F 284 15.15 -47.16 -55.55
N GLN F 285 15.12 -46.51 -56.70
CA GLN F 285 16.24 -46.60 -57.62
C GLN F 285 17.50 -46.08 -56.95
N TYR F 286 17.35 -45.02 -56.19
CA TYR F 286 18.48 -44.35 -55.55
C TYR F 286 19.22 -45.27 -54.58
N ALA F 287 18.49 -46.14 -53.90
CA ALA F 287 19.02 -46.87 -52.77
C ALA F 287 20.25 -47.62 -53.24
N ASP F 288 20.22 -48.09 -54.47
CA ASP F 288 21.41 -48.66 -55.05
C ASP F 288 22.45 -47.55 -55.10
N LEU F 289 22.02 -46.32 -55.38
CA LEU F 289 22.96 -45.23 -55.58
C LEU F 289 23.81 -44.93 -54.35
N PHE F 290 23.19 -44.89 -53.18
CA PHE F 290 23.94 -44.66 -51.96
C PHE F 290 24.94 -45.77 -51.70
N LEU F 291 24.55 -46.99 -52.04
CA LEU F 291 25.40 -48.14 -51.83
C LEU F 291 26.68 -47.92 -52.60
N ALA F 292 26.57 -47.36 -53.80
CA ALA F 292 27.77 -46.98 -54.51
C ALA F 292 28.51 -45.91 -53.73
N ALA F 293 27.78 -44.95 -53.17
CA ALA F 293 28.42 -43.84 -52.48
C ALA F 293 29.20 -44.33 -51.30
N LYS F 294 28.63 -45.28 -50.57
CA LYS F 294 29.32 -45.84 -49.43
C LYS F 294 30.63 -46.42 -49.93
N ASN F 295 30.57 -47.09 -51.07
CA ASN F 295 31.74 -47.80 -51.58
C ASN F 295 32.87 -46.81 -51.83
N LEU F 296 32.55 -45.68 -52.42
CA LEU F 296 33.55 -44.64 -52.65
C LEU F 296 34.08 -44.13 -51.34
N SER F 297 33.20 -44.03 -50.35
CA SER F 297 33.58 -43.38 -49.12
C SER F 297 34.74 -44.14 -48.55
N ASP F 298 34.63 -45.46 -48.57
CA ASP F 298 35.58 -46.25 -47.84
C ASP F 298 36.95 -45.98 -48.41
N ALA F 299 37.07 -46.00 -49.73
CA ALA F 299 38.38 -45.88 -50.31
C ALA F 299 38.94 -44.53 -49.95
N ILE F 300 38.11 -43.50 -50.12
CA ILE F 300 38.50 -42.17 -49.71
C ILE F 300 38.61 -42.08 -48.21
N LEU F 301 37.67 -42.71 -47.53
CA LEU F 301 37.57 -42.57 -46.11
C LEU F 301 38.81 -43.13 -45.46
N LEU F 302 39.25 -44.28 -45.96
CA LEU F 302 40.44 -44.92 -45.45
C LEU F 302 41.65 -44.50 -46.26
N SER F 303 41.43 -43.72 -47.29
CA SER F 303 42.51 -43.37 -48.21
C SER F 303 43.57 -42.64 -47.44
N ASP F 304 43.13 -41.79 -46.54
CA ASP F 304 44.03 -40.88 -45.86
C ASP F 304 45.06 -41.74 -45.18
N ILE F 305 44.61 -42.87 -44.66
CA ILE F 305 45.47 -43.80 -43.93
C ILE F 305 46.61 -44.40 -44.75
N LEU F 306 46.37 -44.81 -46.00
CA LEU F 306 47.46 -45.49 -46.72
C LEU F 306 48.24 -44.67 -47.74
N ARG F 307 47.56 -44.03 -48.68
CA ARG F 307 48.23 -43.14 -49.62
C ARG F 307 49.06 -43.83 -50.71
N VAL F 308 48.93 -45.14 -50.87
CA VAL F 308 49.74 -45.88 -51.83
C VAL F 308 49.03 -47.16 -52.27
N ASN F 309 49.64 -47.90 -53.18
CA ASN F 309 48.91 -48.85 -53.99
C ASN F 309 48.11 -49.82 -53.15
N THR F 310 46.84 -49.93 -53.53
CA THR F 310 45.86 -50.78 -52.88
C THR F 310 46.24 -52.24 -53.00
N GLU F 311 46.73 -52.58 -54.17
CA GLU F 311 46.92 -53.96 -54.56
C GLU F 311 47.89 -54.68 -53.65
N ILE F 312 48.93 -53.98 -53.21
CA ILE F 312 50.05 -54.63 -52.53
C ILE F 312 49.60 -55.34 -51.28
N THR F 313 48.74 -54.69 -50.49
CA THR F 313 48.35 -55.26 -49.22
C THR F 313 46.88 -55.42 -49.02
N LYS F 314 46.51 -56.61 -48.56
CA LYS F 314 45.20 -56.86 -47.98
C LYS F 314 45.10 -56.02 -46.73
N ALA F 315 46.21 -55.90 -46.01
CA ALA F 315 46.28 -55.04 -44.83
C ALA F 315 46.92 -53.72 -45.19
N PRO F 316 46.06 -52.60 -45.29
CA PRO F 316 46.74 -51.36 -45.68
C PRO F 316 47.65 -50.73 -44.65
N LEU F 317 47.19 -50.67 -43.40
CA LEU F 317 47.83 -49.82 -42.41
C LEU F 317 49.24 -50.21 -42.10
N SER F 318 49.49 -51.50 -41.97
CA SER F 318 50.76 -51.99 -41.49
C SER F 318 51.81 -51.52 -42.45
N ALA F 319 51.48 -51.50 -43.73
CA ALA F 319 52.39 -51.03 -44.75
C ALA F 319 52.75 -49.57 -44.55
N SER F 320 51.78 -48.78 -44.13
CA SER F 320 51.99 -47.36 -44.04
C SER F 320 53.10 -47.03 -43.07
N MET F 321 53.04 -47.63 -41.90
CA MET F 321 54.06 -47.41 -40.89
C MET F 321 55.36 -47.98 -41.39
N ILE F 322 55.27 -49.10 -42.07
CA ILE F 322 56.42 -49.77 -42.64
C ILE F 322 57.03 -48.80 -43.64
N LYS F 323 56.18 -48.09 -44.36
CA LYS F 323 56.65 -47.12 -45.32
C LYS F 323 57.44 -46.08 -44.57
N ARG F 324 56.95 -45.74 -43.39
CA ARG F 324 57.63 -44.78 -42.55
C ARG F 324 58.98 -45.38 -42.25
N TYR F 325 58.99 -46.68 -41.97
CA TYR F 325 60.23 -47.34 -41.57
C TYR F 325 61.30 -47.20 -42.65
N ASP F 326 60.97 -47.65 -43.86
CA ASP F 326 61.94 -47.56 -44.95
C ASP F 326 62.30 -46.11 -45.25
N GLU F 327 61.38 -45.16 -45.01
CA GLU F 327 61.72 -43.74 -45.08
C GLU F 327 62.40 -43.23 -43.82
N HIS F 328 62.65 -44.08 -42.83
CA HIS F 328 63.50 -43.71 -41.70
C HIS F 328 64.86 -44.42 -41.71
N HIS F 329 65.02 -45.48 -42.51
CA HIS F 329 66.35 -46.04 -42.72
C HIS F 329 67.17 -45.20 -43.68
N GLN F 330 66.53 -44.75 -44.76
CA GLN F 330 67.20 -44.12 -45.90
C GLN F 330 67.42 -42.64 -45.68
N ASP F 331 66.41 -41.95 -45.16
CA ASP F 331 66.62 -40.54 -44.85
C ASP F 331 67.65 -40.39 -43.74
N LEU F 332 67.76 -41.37 -42.85
CA LEU F 332 68.79 -41.29 -41.83
C LEU F 332 70.19 -41.41 -42.40
N THR F 333 70.38 -42.37 -43.29
CA THR F 333 71.70 -42.66 -43.82
C THR F 333 72.22 -41.48 -44.59
N LEU F 334 71.36 -40.86 -45.38
CA LEU F 334 71.79 -39.72 -46.17
C LEU F 334 72.23 -38.66 -45.18
N LEU F 335 71.45 -38.47 -44.13
CA LEU F 335 71.86 -37.58 -43.06
C LEU F 335 73.09 -38.15 -42.41
N LYS F 336 73.12 -39.48 -42.26
CA LYS F 336 74.24 -40.15 -41.64
C LYS F 336 75.43 -39.80 -42.51
N ALA F 337 75.24 -39.91 -43.81
CA ALA F 337 76.19 -39.41 -44.79
C ALA F 337 76.24 -37.89 -44.83
N LEU F 338 75.09 -37.25 -44.75
CA LEU F 338 74.99 -35.82 -45.04
C LEU F 338 75.78 -34.94 -44.09
N VAL F 339 75.76 -35.25 -42.82
CA VAL F 339 76.66 -34.60 -41.91
C VAL F 339 78.09 -34.99 -42.26
N ARG F 340 78.32 -36.28 -42.50
CA ARG F 340 79.70 -36.73 -42.66
C ARG F 340 80.39 -36.08 -43.85
N GLN F 341 79.72 -36.06 -44.99
CA GLN F 341 80.24 -35.41 -46.19
C GLN F 341 80.33 -33.89 -46.14
N GLN F 342 79.30 -33.24 -45.61
CA GLN F 342 79.23 -31.78 -45.61
C GLN F 342 79.73 -31.13 -44.33
N LEU F 343 79.24 -31.60 -43.19
CA LEU F 343 79.56 -31.00 -41.91
C LEU F 343 79.95 -32.08 -40.91
N PRO F 344 81.20 -32.66 -41.14
CA PRO F 344 81.52 -33.74 -40.20
C PRO F 344 81.57 -33.36 -38.73
N GLU F 345 82.04 -32.17 -38.36
CA GLU F 345 82.39 -31.90 -36.98
C GLU F 345 81.28 -32.01 -35.93
N LYS F 346 80.05 -31.69 -36.33
CA LYS F 346 78.94 -31.57 -35.42
C LYS F 346 78.31 -32.90 -35.04
N TYR F 347 78.85 -33.98 -35.58
CA TYR F 347 78.21 -35.28 -35.46
C TYR F 347 78.06 -35.68 -34.02
N LYS F 348 79.05 -35.37 -33.19
CA LYS F 348 78.97 -35.77 -31.80
C LYS F 348 77.78 -35.09 -31.15
N GLU F 349 77.59 -33.80 -31.42
CA GLU F 349 76.50 -33.08 -30.79
C GLU F 349 75.16 -33.61 -31.22
N ILE F 350 75.01 -33.90 -32.49
CA ILE F 350 73.70 -34.21 -33.03
C ILE F 350 73.32 -35.68 -33.14
N PHE F 351 74.29 -36.57 -33.04
CA PHE F 351 73.97 -37.98 -33.18
C PHE F 351 74.28 -38.83 -31.96
N PHE F 352 75.05 -38.28 -31.04
CA PHE F 352 75.43 -39.01 -29.85
C PHE F 352 74.90 -38.40 -28.55
N ASP F 353 74.56 -37.13 -28.59
CA ASP F 353 74.29 -36.40 -27.35
C ASP F 353 72.81 -36.36 -27.04
N GLN F 354 72.47 -36.91 -25.88
CA GLN F 354 71.08 -36.89 -25.44
C GLN F 354 70.59 -35.49 -25.16
N SER F 355 71.44 -34.68 -24.53
CA SER F 355 71.03 -33.39 -24.02
C SER F 355 70.56 -32.47 -25.12
N LYS F 356 71.20 -32.59 -26.26
CA LYS F 356 71.12 -31.64 -27.37
C LYS F 356 69.81 -31.53 -28.16
N ASN F 357 68.88 -32.47 -28.01
CA ASN F 357 67.74 -32.53 -28.91
C ASN F 357 68.18 -33.04 -30.26
N GLY F 358 69.27 -33.78 -30.23
CA GLY F 358 69.79 -34.49 -31.37
C GLY F 358 69.10 -35.81 -31.64
N TYR F 359 69.39 -36.43 -32.77
CA TYR F 359 68.72 -37.64 -33.16
C TYR F 359 68.95 -38.62 -32.06
N ALA F 360 70.15 -38.62 -31.52
CA ALA F 360 70.44 -39.46 -30.38
C ALA F 360 69.52 -39.02 -29.27
N GLY F 361 69.36 -37.71 -29.14
CA GLY F 361 68.42 -37.18 -28.17
C GLY F 361 66.98 -37.52 -28.48
N TYR F 362 66.62 -37.41 -29.75
CA TYR F 362 65.23 -37.57 -30.14
C TYR F 362 64.78 -38.98 -29.85
N ILE F 363 65.59 -39.95 -30.22
CA ILE F 363 65.34 -41.35 -29.89
C ILE F 363 65.47 -41.72 -28.43
N ASP F 364 66.52 -41.24 -27.81
CA ASP F 364 66.87 -41.61 -26.43
C ASP F 364 66.39 -40.59 -25.42
N GLY F 365 66.63 -39.32 -25.74
CA GLY F 365 66.21 -38.22 -24.91
C GLY F 365 64.74 -37.98 -25.13
N GLY F 366 64.11 -37.28 -24.20
CA GLY F 366 62.68 -37.08 -24.31
C GLY F 366 62.45 -35.95 -25.27
N ALA F 367 62.71 -36.23 -26.54
CA ALA F 367 62.55 -35.23 -27.55
C ALA F 367 61.35 -35.55 -28.40
N SER F 368 60.40 -34.65 -28.36
CA SER F 368 59.18 -34.71 -29.14
C SER F 368 59.48 -34.75 -30.63
N GLN F 369 58.49 -35.15 -31.43
CA GLN F 369 58.67 -34.99 -32.86
C GLN F 369 58.81 -33.52 -33.21
N GLU F 370 58.22 -32.66 -32.37
CA GLU F 370 58.28 -31.21 -32.50
C GLU F 370 59.65 -30.65 -32.06
N GLU F 371 60.16 -31.08 -30.89
CA GLU F 371 61.39 -30.51 -30.35
C GLU F 371 62.62 -30.83 -31.23
N PHE F 372 62.71 -32.05 -31.78
CA PHE F 372 63.88 -32.43 -32.58
C PHE F 372 63.86 -31.73 -33.93
N TYR F 373 62.67 -31.65 -34.55
CA TYR F 373 62.51 -30.97 -35.83
C TYR F 373 62.88 -29.48 -35.77
N LYS F 374 62.75 -28.84 -34.59
CA LYS F 374 63.19 -27.46 -34.38
C LYS F 374 64.70 -27.33 -34.30
N PHE F 375 65.42 -28.44 -34.06
CA PHE F 375 66.86 -28.41 -33.81
C PHE F 375 67.68 -28.58 -35.09
N ILE F 376 67.26 -29.49 -35.95
CA ILE F 376 67.92 -29.73 -37.23
C ILE F 376 67.33 -28.84 -38.33
N LYS F 377 66.77 -27.67 -37.93
CA LYS F 377 66.16 -26.68 -38.84
C LYS F 377 67.20 -25.74 -39.47
N PRO F 378 68.20 -25.23 -38.73
CA PRO F 378 69.29 -24.53 -39.42
C PRO F 378 70.20 -25.47 -40.15
N ILE F 379 70.32 -26.72 -39.68
CA ILE F 379 71.36 -27.61 -40.16
C ILE F 379 71.08 -28.05 -41.60
N LEU F 380 69.85 -28.49 -41.88
CA LEU F 380 69.54 -28.99 -43.22
C LEU F 380 69.57 -27.87 -44.26
N GLU F 381 69.04 -26.67 -43.94
CA GLU F 381 68.96 -25.58 -44.92
C GLU F 381 70.28 -24.84 -45.12
N LYS F 382 71.21 -25.06 -44.20
CA LYS F 382 72.63 -24.71 -44.33
C LYS F 382 73.35 -25.46 -45.43
N MET F 383 73.08 -26.76 -45.56
CA MET F 383 73.84 -27.60 -46.47
C MET F 383 72.99 -28.19 -47.58
N ASP F 384 73.46 -28.05 -48.82
CA ASP F 384 72.72 -28.52 -49.98
C ASP F 384 72.70 -30.04 -50.05
N GLY F 385 71.72 -30.56 -50.77
CA GLY F 385 71.40 -31.98 -50.83
C GLY F 385 70.49 -32.35 -49.65
N THR F 386 70.15 -31.34 -48.86
CA THR F 386 69.19 -31.48 -47.79
C THR F 386 67.81 -31.11 -48.29
N GLU F 387 67.72 -30.73 -49.55
CA GLU F 387 66.50 -30.16 -50.09
C GLU F 387 65.33 -31.16 -50.06
N GLU F 388 65.62 -32.41 -50.37
CA GLU F 388 64.57 -33.42 -50.36
C GLU F 388 64.04 -33.57 -48.95
N LEU F 389 64.96 -33.57 -47.99
CA LEU F 389 64.63 -33.70 -46.57
C LEU F 389 63.97 -32.44 -46.03
N LEU F 390 64.28 -31.31 -46.64
CA LEU F 390 63.63 -30.08 -46.26
C LEU F 390 62.15 -30.20 -46.60
N VAL F 391 61.87 -30.70 -47.78
CA VAL F 391 60.49 -30.84 -48.21
C VAL F 391 59.80 -31.84 -47.31
N LYS F 392 60.50 -32.92 -46.98
CA LYS F 392 59.94 -33.92 -46.10
C LYS F 392 59.67 -33.33 -44.73
N LEU F 393 60.57 -32.50 -44.25
CA LEU F 393 60.36 -31.87 -42.96
C LEU F 393 59.17 -30.95 -42.90
N ASN F 394 59.04 -30.10 -43.91
CA ASN F 394 57.96 -29.12 -43.91
C ASN F 394 56.60 -29.79 -43.98
N ARG F 395 56.52 -30.84 -44.76
CA ARG F 395 55.32 -31.64 -44.84
C ARG F 395 55.19 -32.45 -43.54
N GLU F 396 56.25 -32.45 -42.73
CA GLU F 396 56.25 -33.12 -41.44
C GLU F 396 56.40 -34.63 -41.49
N ASP F 397 57.05 -35.13 -42.53
CA ASP F 397 57.28 -36.57 -42.67
C ASP F 397 58.73 -37.04 -42.62
N LEU F 398 59.65 -36.23 -42.12
CA LEU F 398 61.08 -36.52 -42.32
C LEU F 398 61.65 -37.81 -41.72
N LEU F 399 61.37 -38.06 -40.45
CA LEU F 399 61.94 -39.20 -39.76
C LEU F 399 60.89 -39.77 -38.84
N ARG F 400 59.83 -40.30 -39.43
CA ARG F 400 58.69 -40.69 -38.63
C ARG F 400 58.99 -41.85 -37.68
N LYS F 401 58.40 -41.75 -36.50
CA LYS F 401 58.51 -42.74 -35.48
C LYS F 401 57.27 -43.57 -35.72
N GLN F 402 57.38 -44.88 -35.68
CA GLN F 402 56.22 -45.70 -35.99
C GLN F 402 55.04 -45.44 -35.07
N ARG F 403 55.28 -45.26 -33.79
CA ARG F 403 54.20 -44.92 -32.89
C ARG F 403 54.36 -43.51 -32.33
N THR F 404 53.37 -42.69 -32.64
CA THR F 404 53.44 -41.24 -32.52
C THR F 404 52.17 -40.71 -31.89
N PHE F 405 52.20 -39.44 -31.54
CA PHE F 405 51.05 -38.82 -30.90
C PHE F 405 49.86 -38.56 -31.82
N ASP F 406 50.06 -38.66 -33.13
CA ASP F 406 49.05 -38.26 -34.10
C ASP F 406 48.18 -39.39 -34.66
N ASN F 407 48.21 -40.53 -33.99
CA ASN F 407 47.55 -41.74 -34.46
C ASN F 407 46.15 -41.90 -33.90
N GLY F 408 45.63 -40.84 -33.33
CA GLY F 408 44.27 -40.81 -32.81
C GLY F 408 43.23 -41.04 -33.88
N SER F 409 43.53 -40.60 -35.09
CA SER F 409 42.64 -40.69 -36.22
C SER F 409 42.33 -42.10 -36.68
N ILE F 410 43.11 -43.06 -36.23
CA ILE F 410 43.01 -44.38 -36.80
C ILE F 410 41.79 -45.13 -36.33
N PRO F 411 40.90 -45.42 -37.38
CA PRO F 411 39.70 -46.15 -36.95
C PRO F 411 39.94 -47.60 -36.57
N HIS F 412 39.14 -48.11 -35.65
CA HIS F 412 39.29 -49.48 -35.18
C HIS F 412 39.05 -50.47 -36.30
N GLN F 413 38.21 -50.09 -37.24
CA GLN F 413 37.79 -51.01 -38.28
C GLN F 413 38.95 -51.53 -39.11
N ILE F 414 39.92 -50.67 -39.43
CA ILE F 414 41.13 -51.15 -40.08
C ILE F 414 41.95 -52.08 -39.19
N HIS F 415 42.06 -51.73 -37.93
CA HIS F 415 42.79 -52.56 -36.98
C HIS F 415 42.07 -53.88 -36.92
N LEU F 416 40.75 -53.82 -36.92
CA LEU F 416 39.97 -55.02 -37.04
C LEU F 416 40.21 -55.67 -38.37
N GLY F 417 40.51 -54.86 -39.38
CA GLY F 417 40.73 -55.42 -40.70
C GLY F 417 41.89 -56.38 -40.79
N GLU F 418 43.03 -56.02 -40.20
CA GLU F 418 44.17 -56.91 -40.07
C GLU F 418 43.97 -58.10 -39.12
N LEU F 419 43.42 -57.82 -37.94
CA LEU F 419 43.06 -58.86 -36.99
C LEU F 419 42.22 -59.93 -37.66
N HIS F 420 41.56 -59.57 -38.77
CA HIS F 420 40.66 -60.49 -39.46
C HIS F 420 41.44 -61.48 -40.31
N ALA F 421 42.23 -60.98 -41.27
CA ALA F 421 42.92 -61.88 -42.17
C ALA F 421 43.79 -62.87 -41.38
N ILE F 422 44.46 -62.39 -40.32
CA ILE F 422 45.32 -63.26 -39.51
C ILE F 422 44.57 -64.53 -39.10
N LEU F 423 43.37 -64.37 -38.55
CA LEU F 423 42.61 -65.56 -38.21
C LEU F 423 42.26 -66.37 -39.45
N ARG F 424 41.72 -65.74 -40.49
CA ARG F 424 41.51 -66.46 -41.74
C ARG F 424 42.81 -67.12 -42.18
N ARG F 425 43.86 -66.30 -42.39
CA ARG F 425 45.13 -66.82 -42.86
C ARG F 425 45.56 -68.05 -42.09
N GLN F 426 45.23 -68.13 -40.81
CA GLN F 426 45.80 -69.13 -39.94
C GLN F 426 44.83 -70.16 -39.36
N GLU F 427 43.51 -69.92 -39.41
CA GLU F 427 42.58 -70.89 -38.84
C GLU F 427 42.53 -72.20 -39.62
N ASP F 428 43.22 -72.26 -40.77
CA ASP F 428 43.37 -73.51 -41.52
C ASP F 428 44.47 -74.39 -40.95
N PHE F 429 45.53 -73.76 -40.45
CA PHE F 429 46.59 -74.43 -39.72
C PHE F 429 46.16 -74.92 -38.35
N TYR F 430 45.37 -74.08 -37.68
CA TYR F 430 44.86 -74.35 -36.36
C TYR F 430 43.34 -74.29 -36.35
N PRO F 431 42.72 -75.34 -35.66
CA PRO F 431 41.26 -75.20 -35.61
C PRO F 431 40.79 -74.40 -34.42
N PHE F 432 41.69 -74.11 -33.49
CA PHE F 432 41.36 -73.30 -32.33
C PHE F 432 41.05 -71.85 -32.66
N LEU F 433 41.71 -71.32 -33.68
CA LEU F 433 41.39 -70.00 -34.14
C LEU F 433 39.96 -69.92 -34.68
N LYS F 434 39.56 -70.87 -35.51
CA LYS F 434 38.34 -70.70 -36.24
C LYS F 434 37.14 -70.61 -35.32
N ASP F 435 37.11 -71.44 -34.29
CA ASP F 435 35.97 -71.44 -33.40
C ASP F 435 35.85 -70.10 -32.71
N ASN F 436 37.00 -69.55 -32.33
CA ASN F 436 37.07 -68.36 -31.50
C ASN F 436 37.33 -67.14 -32.34
N ARG F 437 37.12 -67.28 -33.64
CA ARG F 437 37.36 -66.20 -34.55
C ARG F 437 36.44 -65.04 -34.23
N GLU F 438 35.21 -65.33 -33.83
CA GLU F 438 34.31 -64.28 -33.37
C GLU F 438 34.69 -63.82 -31.98
N LYS F 439 34.90 -64.76 -31.03
CA LYS F 439 35.35 -64.46 -29.67
C LYS F 439 36.50 -63.45 -29.66
N ILE F 440 37.41 -63.53 -30.65
CA ILE F 440 38.58 -62.66 -30.73
C ILE F 440 38.22 -61.30 -31.33
N GLU F 441 37.41 -61.29 -32.41
CA GLU F 441 36.91 -60.01 -32.93
C GLU F 441 35.99 -59.34 -31.94
N LYS F 442 35.41 -60.11 -31.01
CA LYS F 442 34.58 -59.55 -29.95
C LYS F 442 35.44 -58.80 -28.92
N ILE F 443 36.63 -59.32 -28.64
CA ILE F 443 37.52 -58.63 -27.71
C ILE F 443 37.84 -57.24 -28.25
N LEU F 444 38.00 -57.12 -29.56
CA LEU F 444 38.31 -55.82 -30.16
C LEU F 444 37.09 -54.92 -30.22
N THR F 445 36.01 -55.41 -30.86
CA THR F 445 34.84 -54.59 -31.16
C THR F 445 34.26 -53.90 -29.92
N PHE F 446 34.29 -54.58 -28.78
CA PHE F 446 33.34 -54.36 -27.70
C PHE F 446 33.60 -53.14 -26.82
N ARG F 447 32.55 -52.33 -26.65
CA ARG F 447 32.65 -51.03 -25.98
C ARG F 447 31.44 -50.91 -25.05
N ILE F 448 31.63 -51.15 -23.76
CA ILE F 448 30.50 -51.06 -22.84
C ILE F 448 29.81 -49.71 -22.90
N PRO F 449 28.56 -49.66 -23.34
CA PRO F 449 27.94 -48.37 -23.69
C PRO F 449 27.83 -47.44 -22.49
N TYR F 450 27.87 -46.14 -22.81
CA TYR F 450 27.99 -45.12 -21.79
C TYR F 450 26.77 -45.09 -20.88
N TYR F 451 25.57 -45.42 -21.39
CA TYR F 451 24.42 -45.49 -20.49
C TYR F 451 24.46 -46.72 -19.58
N VAL F 452 25.39 -47.64 -19.82
CA VAL F 452 25.49 -48.81 -18.95
C VAL F 452 26.24 -48.47 -17.66
N GLY F 453 27.33 -47.74 -17.79
CA GLY F 453 28.10 -47.39 -16.63
C GLY F 453 28.80 -48.63 -16.14
N PRO F 454 29.48 -48.51 -15.01
CA PRO F 454 30.31 -49.60 -14.50
C PRO F 454 29.51 -50.85 -14.18
N LEU F 455 30.06 -52.01 -14.47
CA LEU F 455 29.37 -53.25 -14.21
C LEU F 455 29.58 -53.60 -12.76
N ALA F 456 29.03 -52.79 -11.89
CA ALA F 456 29.18 -52.96 -10.46
C ALA F 456 28.26 -54.02 -9.95
N ARG F 457 28.51 -54.44 -8.72
CA ARG F 457 27.57 -55.29 -8.04
C ARG F 457 27.34 -54.75 -6.64
N GLY F 458 26.72 -53.59 -6.56
CA GLY F 458 26.22 -53.05 -5.32
C GLY F 458 27.28 -52.43 -4.45
N ASN F 459 28.51 -52.43 -4.94
CA ASN F 459 29.64 -51.86 -4.23
C ASN F 459 30.27 -50.68 -4.94
N SER F 460 29.52 -50.05 -5.83
CA SER F 460 29.95 -48.83 -6.48
C SER F 460 28.99 -47.73 -6.20
N ARG F 461 29.51 -46.59 -5.76
CA ARG F 461 28.72 -45.40 -5.55
C ARG F 461 28.19 -44.80 -6.83
N PHE F 462 29.05 -44.74 -7.84
CA PHE F 462 28.68 -44.28 -9.16
C PHE F 462 27.75 -45.17 -9.96
N ALA F 463 27.95 -46.47 -9.91
CA ALA F 463 27.29 -47.37 -10.85
C ALA F 463 25.79 -47.43 -10.67
N TRP F 464 25.07 -47.57 -11.77
CA TRP F 464 23.61 -47.71 -11.73
C TRP F 464 23.03 -48.93 -12.41
N MET F 465 23.85 -49.72 -13.08
CA MET F 465 23.35 -50.74 -13.99
C MET F 465 22.71 -51.95 -13.35
N THR F 466 21.84 -52.62 -14.09
CA THR F 466 21.07 -53.74 -13.57
C THR F 466 21.16 -54.99 -14.45
N ARG F 467 21.07 -56.17 -13.82
CA ARG F 467 21.40 -57.44 -14.43
C ARG F 467 20.21 -58.38 -14.69
N LYS F 468 20.13 -58.95 -15.89
CA LYS F 468 19.07 -59.91 -16.21
C LYS F 468 19.24 -61.24 -15.48
N SER F 469 20.48 -61.72 -15.41
CA SER F 469 20.83 -62.78 -14.48
C SER F 469 22.28 -62.58 -14.09
N GLU F 470 22.62 -62.90 -12.86
CA GLU F 470 23.97 -62.59 -12.38
C GLU F 470 25.02 -63.64 -12.72
N GLU F 471 25.24 -63.87 -13.99
CA GLU F 471 26.38 -64.63 -14.47
C GLU F 471 27.53 -63.64 -14.47
N THR F 472 28.75 -64.10 -14.67
CA THR F 472 29.87 -63.18 -14.72
C THR F 472 29.91 -62.58 -16.11
N ILE F 473 29.69 -61.28 -16.18
CA ILE F 473 29.58 -60.60 -17.46
C ILE F 473 30.90 -60.61 -18.22
N THR F 474 30.80 -60.81 -19.51
CA THR F 474 31.97 -60.88 -20.37
C THR F 474 31.61 -60.26 -21.67
N PRO F 475 32.68 -59.90 -22.49
CA PRO F 475 32.27 -59.23 -23.73
C PRO F 475 31.34 -60.11 -24.51
N TRP F 476 31.55 -61.40 -24.44
CA TRP F 476 30.69 -62.32 -25.14
C TRP F 476 29.24 -62.37 -24.68
N ASN F 477 28.99 -62.32 -23.39
CA ASN F 477 27.63 -62.53 -22.89
C ASN F 477 26.89 -61.29 -22.44
N PHE F 478 27.39 -60.13 -22.81
CA PHE F 478 26.89 -58.91 -22.23
C PHE F 478 25.41 -58.71 -22.48
N GLU F 479 24.98 -58.89 -23.71
CA GLU F 479 23.63 -58.53 -24.08
C GLU F 479 22.61 -59.33 -23.31
N GLU F 480 22.87 -60.61 -23.15
CA GLU F 480 22.01 -61.47 -22.37
C GLU F 480 21.98 -61.16 -20.87
N VAL F 481 23.15 -60.95 -20.28
CA VAL F 481 23.22 -60.61 -18.87
C VAL F 481 22.73 -59.22 -18.47
N VAL F 482 23.08 -58.21 -19.25
CA VAL F 482 22.85 -56.83 -18.86
C VAL F 482 21.60 -56.30 -19.51
N ASP F 483 20.71 -55.76 -18.70
CA ASP F 483 19.41 -55.39 -19.20
C ASP F 483 19.49 -54.05 -19.87
N LYS F 484 20.08 -54.03 -21.04
CA LYS F 484 20.49 -52.77 -21.63
C LYS F 484 19.34 -51.81 -21.59
N GLY F 485 18.13 -52.27 -21.85
CA GLY F 485 17.02 -51.35 -21.90
C GLY F 485 16.77 -50.69 -20.58
N ALA F 486 16.73 -51.48 -19.52
CA ALA F 486 16.51 -50.96 -18.18
C ALA F 486 17.62 -50.08 -17.66
N SER F 487 18.85 -50.45 -17.96
CA SER F 487 19.97 -49.69 -17.48
C SER F 487 19.90 -48.29 -18.07
N ALA F 488 19.64 -48.21 -19.36
CA ALA F 488 19.61 -46.93 -20.04
C ALA F 488 18.53 -46.04 -19.49
N GLN F 489 17.41 -46.64 -19.15
CA GLN F 489 16.28 -45.92 -18.60
C GLN F 489 16.62 -45.28 -17.28
N SER F 490 17.39 -45.98 -16.45
CA SER F 490 17.79 -45.41 -15.16
C SER F 490 19.06 -44.59 -15.28
N PHE F 491 19.67 -44.59 -16.45
CA PHE F 491 20.82 -43.73 -16.70
C PHE F 491 20.44 -42.26 -16.63
N ILE F 492 19.36 -41.91 -17.31
CA ILE F 492 18.71 -40.61 -17.17
C ILE F 492 17.94 -40.42 -15.86
N GLU F 493 17.27 -41.48 -15.43
CA GLU F 493 16.37 -41.41 -14.30
C GLU F 493 17.11 -41.06 -13.05
N ARG F 494 18.40 -41.37 -13.00
CA ARG F 494 19.22 -40.93 -11.89
C ARG F 494 19.33 -39.43 -11.79
N MET F 495 19.51 -38.75 -12.90
CA MET F 495 19.69 -37.31 -12.86
C MET F 495 18.58 -36.46 -13.45
N THR F 496 17.43 -37.06 -13.72
CA THR F 496 16.27 -36.27 -14.04
C THR F 496 15.67 -35.68 -12.78
N ASN F 497 14.94 -34.59 -12.94
CA ASN F 497 14.38 -33.77 -11.88
C ASN F 497 13.19 -34.39 -11.18
N PHE F 498 12.76 -33.76 -10.08
CA PHE F 498 11.53 -34.09 -9.33
C PHE F 498 10.73 -32.81 -9.03
N ASP F 499 9.48 -32.96 -8.58
CA ASP F 499 8.59 -31.83 -8.24
C ASP F 499 8.92 -31.05 -6.96
N LYS F 500 9.00 -29.71 -7.01
CA LYS F 500 9.21 -28.93 -5.80
C LYS F 500 7.93 -28.85 -4.98
N ASN F 501 6.81 -28.98 -5.69
CA ASN F 501 5.52 -29.24 -5.08
C ASN F 501 5.42 -30.64 -4.50
N LEU F 502 5.89 -31.62 -5.27
CA LEU F 502 5.97 -32.98 -4.78
C LEU F 502 7.36 -33.48 -5.07
N PRO F 503 8.09 -33.92 -3.95
CA PRO F 503 9.46 -34.33 -4.28
C PRO F 503 9.65 -35.83 -4.41
N ASN F 504 8.56 -36.58 -4.36
CA ASN F 504 8.65 -38.01 -4.51
C ASN F 504 8.23 -38.52 -5.88
N GLU F 505 8.02 -37.63 -6.83
CA GLU F 505 7.54 -38.03 -8.15
C GLU F 505 8.44 -37.59 -9.30
N LYS F 506 8.56 -38.44 -10.30
CA LYS F 506 9.60 -38.34 -11.32
C LYS F 506 8.58 -37.54 -12.13
N VAL F 507 9.05 -36.53 -12.86
CA VAL F 507 8.24 -35.59 -13.63
C VAL F 507 8.04 -36.05 -15.08
N LEU F 508 6.90 -35.68 -15.65
CA LEU F 508 6.52 -36.08 -17.00
C LEU F 508 7.38 -35.34 -17.98
N PRO F 509 7.54 -35.87 -19.18
CA PRO F 509 8.39 -35.19 -20.17
C PRO F 509 7.81 -33.89 -20.71
N LYS F 510 8.68 -33.09 -21.32
CA LYS F 510 8.23 -31.89 -22.03
C LYS F 510 7.04 -32.20 -22.92
N HIS F 511 7.13 -33.29 -23.65
CA HIS F 511 6.17 -33.60 -24.69
C HIS F 511 5.10 -34.57 -24.21
N SER F 512 4.91 -34.67 -22.90
CA SER F 512 3.86 -35.51 -22.33
C SER F 512 2.48 -35.08 -22.81
N LEU F 513 1.57 -36.04 -22.96
CA LEU F 513 0.25 -35.67 -23.44
C LEU F 513 -0.64 -35.15 -22.34
N LEU F 514 -0.36 -35.49 -21.07
CA LEU F 514 -0.98 -34.78 -19.96
C LEU F 514 -0.45 -33.35 -19.90
N TYR F 515 0.87 -33.19 -19.87
CA TYR F 515 1.46 -31.87 -19.80
C TYR F 515 0.96 -30.97 -20.92
N GLU F 516 0.72 -31.52 -22.12
CA GLU F 516 0.09 -30.74 -23.17
C GLU F 516 -1.40 -30.54 -22.86
N TYR F 517 -2.17 -31.64 -22.70
CA TYR F 517 -3.57 -31.55 -22.23
C TYR F 517 -3.69 -30.82 -20.90
N PHE F 518 -2.59 -30.55 -20.23
CA PHE F 518 -2.62 -29.70 -19.07
C PHE F 518 -2.53 -28.24 -19.45
N THR F 519 -1.45 -27.88 -20.14
CA THR F 519 -1.22 -26.49 -20.53
C THR F 519 -2.39 -25.97 -21.39
N VAL F 520 -3.09 -26.85 -22.12
CA VAL F 520 -4.16 -26.34 -22.96
C VAL F 520 -5.34 -25.92 -22.09
N TYR F 521 -5.79 -26.81 -21.20
CA TYR F 521 -6.92 -26.42 -20.35
C TYR F 521 -6.56 -25.22 -19.47
N ASN F 522 -5.26 -24.99 -19.20
CA ASN F 522 -4.87 -23.94 -18.27
C ASN F 522 -5.08 -22.57 -18.87
N GLU F 523 -4.55 -22.33 -20.06
CA GLU F 523 -4.84 -21.08 -20.74
C GLU F 523 -6.34 -20.93 -21.04
N LEU F 524 -7.05 -22.05 -21.25
CA LEU F 524 -8.46 -21.98 -21.64
C LEU F 524 -9.34 -21.53 -20.48
N THR F 525 -8.90 -21.73 -19.23
CA THR F 525 -9.71 -21.44 -18.06
C THR F 525 -9.93 -19.94 -17.86
N LYS F 526 -8.92 -19.13 -18.21
CA LYS F 526 -9.01 -17.68 -18.01
C LYS F 526 -9.58 -16.97 -19.22
N VAL F 527 -10.14 -17.72 -20.16
CA VAL F 527 -10.79 -17.10 -21.30
C VAL F 527 -12.13 -16.55 -20.83
N LYS F 528 -12.41 -15.30 -21.17
CA LYS F 528 -13.76 -14.75 -21.10
C LYS F 528 -14.19 -14.42 -22.52
N TYR F 529 -15.49 -14.50 -22.77
CA TYR F 529 -16.06 -14.08 -24.04
C TYR F 529 -17.22 -13.15 -23.82
N VAL F 530 -17.27 -12.10 -24.61
CA VAL F 530 -18.32 -11.10 -24.51
C VAL F 530 -19.05 -10.96 -25.84
N THR F 531 -20.37 -10.94 -25.78
CA THR F 531 -21.22 -10.95 -26.95
C THR F 531 -22.16 -9.76 -26.89
N GLU F 532 -22.71 -9.37 -28.02
CA GLU F 532 -23.56 -8.19 -28.04
C GLU F 532 -24.77 -8.38 -27.15
N GLY F 533 -25.36 -9.57 -27.19
CA GLY F 533 -26.57 -9.84 -26.44
C GLY F 533 -26.51 -9.78 -24.93
N MET F 534 -25.43 -10.31 -24.37
CA MET F 534 -25.32 -10.54 -22.93
C MET F 534 -24.89 -9.38 -22.03
N ARG F 535 -25.18 -9.55 -20.74
CA ARG F 535 -24.88 -8.58 -19.70
C ARG F 535 -23.41 -8.26 -19.44
N LYS F 536 -22.57 -9.29 -19.36
CA LYS F 536 -21.15 -9.10 -19.05
C LYS F 536 -20.39 -10.31 -19.58
N PRO F 537 -19.08 -10.21 -19.75
CA PRO F 537 -18.40 -11.32 -20.43
C PRO F 537 -18.12 -12.48 -19.48
N ALA F 538 -19.08 -13.39 -19.42
CA ALA F 538 -19.06 -14.58 -18.59
C ALA F 538 -17.85 -15.45 -18.94
N PHE F 539 -17.49 -16.31 -18.00
CA PHE F 539 -16.33 -17.18 -18.12
C PHE F 539 -16.63 -18.38 -19.01
N LEU F 540 -15.60 -19.11 -19.39
CA LEU F 540 -15.77 -20.24 -20.28
C LEU F 540 -16.58 -21.33 -19.60
N SER F 541 -17.25 -22.12 -20.41
CA SER F 541 -18.19 -23.14 -19.98
C SER F 541 -17.56 -24.50 -20.03
N GLY F 542 -17.75 -25.30 -18.99
CA GLY F 542 -16.99 -26.53 -18.88
C GLY F 542 -17.25 -27.41 -20.07
N GLU F 543 -18.50 -27.52 -20.48
CA GLU F 543 -18.80 -28.22 -21.70
C GLU F 543 -18.15 -27.45 -22.81
N GLN F 544 -18.17 -26.13 -22.67
CA GLN F 544 -17.63 -25.25 -23.67
C GLN F 544 -16.14 -25.42 -23.90
N LYS F 545 -15.38 -25.59 -22.82
CA LYS F 545 -13.95 -25.80 -22.92
C LYS F 545 -13.65 -27.08 -23.65
N LYS F 546 -14.39 -28.12 -23.33
CA LYS F 546 -14.18 -29.43 -23.91
C LYS F 546 -14.44 -29.43 -25.40
N ALA F 547 -15.51 -28.74 -25.80
CA ALA F 547 -15.88 -28.68 -27.20
C ALA F 547 -14.86 -27.97 -28.03
N ILE F 548 -14.33 -26.87 -27.50
CA ILE F 548 -13.28 -26.14 -28.18
C ILE F 548 -12.03 -26.98 -28.28
N VAL F 549 -11.74 -27.74 -27.22
CA VAL F 549 -10.61 -28.65 -27.25
C VAL F 549 -10.78 -29.75 -28.27
N ASP F 550 -11.94 -30.39 -28.32
CA ASP F 550 -12.19 -31.35 -29.37
C ASP F 550 -12.37 -30.68 -30.73
N LEU F 551 -13.15 -29.62 -30.75
CA LEU F 551 -13.43 -28.88 -31.98
C LEU F 551 -12.30 -28.09 -32.59
N LEU F 552 -11.54 -27.38 -31.78
CA LEU F 552 -10.44 -26.57 -32.32
C LEU F 552 -9.07 -27.17 -32.00
N PHE F 553 -8.83 -27.63 -30.76
CA PHE F 553 -7.49 -28.04 -30.35
C PHE F 553 -7.10 -29.40 -30.89
N LYS F 554 -8.03 -30.33 -31.01
CA LYS F 554 -7.72 -31.58 -31.70
C LYS F 554 -7.47 -31.45 -33.20
N THR F 555 -8.23 -30.61 -33.87
CA THR F 555 -8.01 -30.36 -35.30
C THR F 555 -6.71 -29.66 -35.67
N ASN F 556 -6.30 -28.67 -34.88
CA ASN F 556 -5.17 -27.83 -35.27
C ASN F 556 -4.07 -27.76 -34.23
N ARG F 557 -2.82 -27.64 -34.68
CA ARG F 557 -1.71 -27.65 -33.75
C ARG F 557 -1.82 -26.48 -32.80
N LYS F 558 -2.08 -25.31 -33.34
CA LYS F 558 -2.24 -24.12 -32.55
C LYS F 558 -3.53 -23.47 -32.96
N VAL F 559 -4.32 -23.02 -32.01
CA VAL F 559 -5.64 -22.51 -32.32
C VAL F 559 -5.71 -21.01 -32.22
N THR F 560 -6.01 -20.37 -33.34
CA THR F 560 -6.11 -18.94 -33.45
C THR F 560 -7.36 -18.42 -32.79
N VAL F 561 -7.33 -17.15 -32.39
CA VAL F 561 -8.52 -16.49 -31.91
C VAL F 561 -9.53 -16.40 -33.04
N LYS F 562 -9.03 -16.10 -34.23
CA LYS F 562 -9.85 -15.98 -35.42
C LYS F 562 -10.51 -17.31 -35.73
N GLN F 563 -9.76 -18.39 -35.57
CA GLN F 563 -10.31 -19.72 -35.69
C GLN F 563 -11.34 -19.91 -34.60
N LEU F 564 -11.04 -19.42 -33.41
CA LEU F 564 -11.95 -19.59 -32.29
C LEU F 564 -13.27 -18.88 -32.50
N LYS F 565 -13.22 -17.63 -32.94
CA LYS F 565 -14.46 -16.89 -33.12
C LYS F 565 -15.32 -17.38 -34.28
N GLU F 566 -14.69 -17.58 -35.43
CA GLU F 566 -15.40 -18.06 -36.61
C GLU F 566 -15.82 -19.51 -36.54
N ASP F 567 -14.86 -20.34 -36.16
CA ASP F 567 -15.00 -21.80 -36.11
C ASP F 567 -15.93 -22.32 -35.03
N TYR F 568 -15.92 -21.70 -33.86
CA TYR F 568 -16.82 -22.13 -32.81
C TYR F 568 -18.00 -21.23 -32.50
N PHE F 569 -17.76 -19.96 -32.18
CA PHE F 569 -18.88 -19.13 -31.75
C PHE F 569 -19.93 -18.90 -32.80
N LYS F 570 -19.51 -18.55 -34.01
CA LYS F 570 -20.46 -18.39 -35.09
C LYS F 570 -21.06 -19.72 -35.49
N LYS F 571 -20.20 -20.72 -35.64
CA LYS F 571 -20.66 -22.04 -36.06
C LYS F 571 -21.52 -22.76 -35.05
N ILE F 572 -21.12 -22.72 -33.79
CA ILE F 572 -21.81 -23.49 -32.77
C ILE F 572 -22.82 -22.72 -31.94
N GLU F 573 -22.52 -21.46 -31.65
CA GLU F 573 -23.48 -20.64 -30.95
C GLU F 573 -24.11 -19.64 -31.88
N CYS F 574 -23.42 -19.36 -32.97
CA CYS F 574 -23.91 -18.40 -33.95
C CYS F 574 -23.96 -16.94 -33.49
N PHE F 575 -22.94 -16.47 -32.81
CA PHE F 575 -22.83 -15.04 -32.54
C PHE F 575 -21.99 -14.47 -33.66
N ASP F 576 -22.60 -13.67 -34.51
CA ASP F 576 -21.91 -13.18 -35.68
C ASP F 576 -20.69 -12.40 -35.26
N SER F 577 -20.82 -11.59 -34.21
CA SER F 577 -19.69 -10.84 -33.70
C SER F 577 -19.51 -11.05 -32.20
N VAL F 578 -18.27 -11.06 -31.75
CA VAL F 578 -17.96 -11.33 -30.36
C VAL F 578 -16.64 -10.70 -29.95
N GLU F 579 -16.43 -10.60 -28.65
CA GLU F 579 -15.20 -10.07 -28.08
C GLU F 579 -14.60 -11.04 -27.07
N ILE F 580 -13.32 -11.36 -27.27
CA ILE F 580 -12.52 -12.19 -26.38
C ILE F 580 -11.58 -11.29 -25.59
N SER F 581 -11.54 -11.46 -24.28
CA SER F 581 -10.68 -10.64 -23.43
C SER F 581 -9.47 -11.38 -22.85
N GLY F 582 -9.53 -12.70 -22.80
CA GLY F 582 -8.53 -13.48 -22.09
C GLY F 582 -7.34 -14.00 -22.85
N VAL F 583 -7.37 -13.96 -24.17
CA VAL F 583 -6.21 -14.38 -24.93
C VAL F 583 -5.88 -13.37 -25.99
N GLU F 584 -4.62 -13.32 -26.38
CA GLU F 584 -4.23 -12.39 -27.41
C GLU F 584 -3.96 -13.18 -28.65
N ASP F 585 -4.57 -12.78 -29.75
CA ASP F 585 -4.27 -13.40 -31.01
C ASP F 585 -4.50 -14.89 -30.88
N ARG F 586 -3.55 -15.69 -31.34
CA ARG F 586 -3.64 -17.14 -31.23
C ARG F 586 -3.26 -17.64 -29.85
N PHE F 587 -3.60 -18.89 -29.57
CA PHE F 587 -3.30 -19.52 -28.30
C PHE F 587 -1.81 -19.80 -28.09
N ASN F 588 -1.40 -19.80 -26.83
CA ASN F 588 -0.03 -20.13 -26.45
C ASN F 588 0.21 -21.64 -26.46
N ALA F 589 -0.60 -22.38 -25.72
CA ALA F 589 -0.48 -23.83 -25.70
C ALA F 589 -1.00 -24.45 -27.00
N SER F 590 -0.64 -25.71 -27.18
CA SER F 590 -1.00 -26.49 -28.36
C SER F 590 -0.78 -27.96 -28.02
N LEU F 591 -1.12 -28.83 -28.98
CA LEU F 591 -1.17 -30.27 -28.77
C LEU F 591 -0.30 -30.96 -29.81
N GLY F 592 1.00 -30.63 -29.78
CA GLY F 592 1.93 -31.13 -30.77
C GLY F 592 2.00 -32.64 -30.78
N THR F 593 2.26 -33.21 -29.62
CA THR F 593 2.51 -34.63 -29.48
C THR F 593 1.30 -35.39 -29.97
N TYR F 594 0.12 -34.88 -29.70
CA TYR F 594 -1.10 -35.45 -30.24
C TYR F 594 -1.09 -35.36 -31.74
N HIS F 595 -0.72 -34.19 -32.25
CA HIS F 595 -0.55 -33.99 -33.67
C HIS F 595 0.60 -34.70 -34.32
N ASP F 596 1.75 -34.74 -33.66
CA ASP F 596 2.87 -35.47 -34.22
C ASP F 596 2.44 -36.90 -34.28
N LEU F 597 1.80 -37.35 -33.22
CA LEU F 597 1.35 -38.72 -33.14
C LEU F 597 0.28 -39.07 -34.16
N LEU F 598 -0.68 -38.18 -34.36
CA LEU F 598 -1.78 -38.49 -35.24
C LEU F 598 -1.23 -38.72 -36.63
N LYS F 599 -0.23 -37.94 -36.99
CA LYS F 599 0.37 -38.10 -38.30
C LYS F 599 1.03 -39.46 -38.49
N ILE F 600 1.72 -39.98 -37.47
CA ILE F 600 2.27 -41.32 -37.59
C ILE F 600 1.29 -42.49 -37.61
N ILE F 601 0.38 -42.54 -36.64
CA ILE F 601 -0.68 -43.57 -36.62
C ILE F 601 -1.76 -43.36 -37.67
N LYS F 602 -2.15 -42.11 -37.85
CA LYS F 602 -3.15 -41.77 -38.82
C LYS F 602 -4.51 -42.24 -38.35
N ASP F 603 -4.56 -42.72 -37.12
CA ASP F 603 -5.83 -43.11 -36.54
C ASP F 603 -6.13 -42.16 -35.41
N LYS F 604 -7.00 -41.19 -35.65
CA LYS F 604 -7.34 -40.23 -34.61
C LYS F 604 -8.02 -40.92 -33.47
N ASP F 605 -8.92 -41.81 -33.81
CA ASP F 605 -9.78 -42.41 -32.82
C ASP F 605 -8.97 -43.18 -31.82
N PHE F 606 -7.84 -43.75 -32.25
CA PHE F 606 -6.99 -44.43 -31.30
C PHE F 606 -6.48 -43.46 -30.25
N LEU F 607 -6.06 -42.28 -30.70
CA LEU F 607 -5.53 -41.27 -29.81
C LEU F 607 -6.59 -40.83 -28.82
N ASP F 608 -7.80 -40.71 -29.31
CA ASP F 608 -8.94 -40.31 -28.51
C ASP F 608 -9.32 -41.29 -27.42
N ASN F 609 -9.24 -42.59 -27.70
CA ASN F 609 -9.71 -43.57 -26.74
C ASN F 609 -8.91 -43.35 -25.48
N GLU F 610 -9.58 -43.29 -24.35
CA GLU F 610 -8.92 -43.06 -23.06
C GLU F 610 -8.07 -44.20 -22.56
N GLU F 611 -8.38 -45.41 -22.97
CA GLU F 611 -7.68 -46.58 -22.48
C GLU F 611 -6.21 -46.44 -22.85
N ASN F 612 -5.98 -45.86 -24.01
CA ASN F 612 -4.64 -45.67 -24.54
C ASN F 612 -3.79 -44.62 -23.83
N GLU F 613 -4.41 -43.79 -23.01
CA GLU F 613 -3.77 -42.59 -22.53
C GLU F 613 -2.52 -42.91 -21.77
N ASP F 614 -2.43 -44.13 -21.28
CA ASP F 614 -1.24 -44.59 -20.57
C ASP F 614 -0.17 -45.10 -21.50
N ILE F 615 -0.59 -45.62 -22.66
CA ILE F 615 0.36 -46.04 -23.68
C ILE F 615 0.86 -44.85 -24.49
N LEU F 616 0.07 -43.80 -24.64
CA LEU F 616 0.61 -42.60 -25.26
C LEU F 616 1.72 -42.00 -24.40
N GLU F 617 1.55 -41.96 -23.08
CA GLU F 617 2.61 -41.44 -22.22
C GLU F 617 3.79 -42.39 -22.15
N ASP F 618 3.54 -43.70 -22.02
CA ASP F 618 4.64 -44.67 -22.07
C ASP F 618 5.48 -44.50 -23.31
N ILE F 619 4.90 -44.00 -24.38
CA ILE F 619 5.55 -43.96 -25.67
C ILE F 619 6.36 -42.68 -25.81
N VAL F 620 5.92 -41.60 -25.15
CA VAL F 620 6.70 -40.37 -25.07
C VAL F 620 7.91 -40.57 -24.16
N LEU F 621 7.69 -41.18 -22.99
CA LEU F 621 8.80 -41.38 -22.09
C LEU F 621 9.87 -42.24 -22.75
N THR F 622 9.50 -43.43 -23.21
CA THR F 622 10.47 -44.25 -23.92
C THR F 622 10.98 -43.54 -25.18
N LEU F 623 10.39 -42.42 -25.55
CA LEU F 623 10.98 -41.67 -26.65
C LEU F 623 11.87 -40.54 -26.16
N THR F 624 11.41 -39.79 -25.18
CA THR F 624 12.27 -38.75 -24.59
C THR F 624 13.43 -39.37 -23.81
N LEU F 625 13.18 -40.48 -23.15
CA LEU F 625 14.15 -41.06 -22.25
C LEU F 625 15.45 -41.45 -22.95
N PHE F 626 15.37 -41.91 -24.19
CA PHE F 626 16.55 -42.41 -24.86
C PHE F 626 16.83 -41.63 -26.12
N GLU F 627 18.09 -41.61 -26.55
CA GLU F 627 18.40 -41.13 -27.90
C GLU F 627 19.08 -42.17 -28.80
N ASP F 628 19.05 -43.43 -28.42
CA ASP F 628 19.77 -44.47 -29.16
C ASP F 628 18.84 -45.29 -30.01
N ARG F 629 19.12 -45.38 -31.29
CA ARG F 629 18.16 -45.87 -32.24
C ARG F 629 17.74 -47.30 -31.99
N GLU F 630 18.70 -48.17 -31.70
CA GLU F 630 18.36 -49.57 -31.51
C GLU F 630 17.45 -49.79 -30.31
N MET F 631 17.78 -49.15 -29.20
CA MET F 631 17.05 -49.37 -27.97
C MET F 631 15.61 -48.92 -28.00
N ILE F 632 15.40 -47.70 -28.47
CA ILE F 632 14.04 -47.19 -28.49
C ILE F 632 13.23 -48.22 -29.23
N GLU F 633 13.85 -48.79 -30.25
CA GLU F 633 13.25 -49.86 -31.01
C GLU F 633 13.03 -50.97 -30.02
N GLU F 634 13.99 -51.14 -29.12
CA GLU F 634 13.93 -52.23 -28.19
C GLU F 634 12.73 -52.13 -27.28
N ARG F 635 12.50 -50.95 -26.71
CA ARG F 635 11.37 -50.74 -25.82
C ARG F 635 10.03 -50.79 -26.55
N LEU F 636 10.04 -50.28 -27.76
CA LEU F 636 8.82 -50.09 -28.53
C LEU F 636 8.21 -51.42 -28.94
N LYS F 637 8.98 -52.49 -28.79
CA LYS F 637 8.50 -53.81 -29.20
C LYS F 637 7.25 -54.21 -28.43
N THR F 638 7.19 -53.85 -27.16
CA THR F 638 6.11 -54.27 -26.30
C THR F 638 4.75 -53.79 -26.78
N TYR F 639 4.73 -52.59 -27.36
CA TYR F 639 3.51 -51.96 -27.85
C TYR F 639 3.39 -52.21 -29.35
N ALA F 640 4.03 -53.27 -29.84
CA ALA F 640 4.38 -53.43 -31.25
C ALA F 640 3.38 -54.25 -32.05
N HIS F 641 2.50 -55.03 -31.38
CA HIS F 641 1.43 -55.69 -32.10
C HIS F 641 0.38 -54.69 -32.56
N LEU F 642 0.33 -53.53 -31.92
CA LEU F 642 -0.74 -52.57 -32.14
C LEU F 642 -0.70 -52.00 -33.53
N PHE F 643 0.47 -51.52 -33.93
CA PHE F 643 0.59 -50.82 -35.19
C PHE F 643 1.13 -51.73 -36.27
N ASP F 644 1.26 -51.17 -37.45
CA ASP F 644 1.82 -51.89 -38.57
C ASP F 644 3.31 -51.63 -38.62
N ASP F 645 3.96 -52.17 -39.65
CA ASP F 645 5.39 -52.04 -39.85
C ASP F 645 5.77 -50.76 -40.57
N LYS F 646 4.83 -49.86 -40.75
CA LYS F 646 5.13 -48.51 -41.19
C LYS F 646 4.93 -47.51 -40.07
N VAL F 647 4.12 -47.83 -39.07
CA VAL F 647 3.90 -46.89 -37.98
C VAL F 647 4.98 -47.03 -36.94
N MET F 648 5.23 -48.26 -36.47
CA MET F 648 6.34 -48.48 -35.55
C MET F 648 7.62 -47.84 -36.08
N LYS F 649 7.96 -48.19 -37.31
CA LYS F 649 9.16 -47.68 -37.97
C LYS F 649 9.22 -46.15 -38.01
N GLN F 650 8.08 -45.49 -38.05
CA GLN F 650 8.04 -44.04 -38.07
C GLN F 650 7.65 -43.44 -36.74
N LEU F 651 7.53 -44.25 -35.69
CA LEU F 651 7.53 -43.71 -34.34
C LEU F 651 8.92 -43.57 -33.76
N LYS F 652 9.83 -44.49 -34.10
CA LYS F 652 11.21 -44.40 -33.63
C LYS F 652 11.85 -43.08 -34.07
N ARG F 653 11.78 -42.78 -35.37
CA ARG F 653 12.50 -41.61 -35.89
C ARG F 653 12.08 -40.32 -35.20
N ARG F 654 10.83 -40.26 -34.77
CA ARG F 654 10.22 -39.05 -34.22
C ARG F 654 10.48 -39.03 -32.72
N ARG F 655 11.58 -38.39 -32.30
CA ARG F 655 12.04 -38.47 -30.91
C ARG F 655 11.95 -37.12 -30.22
N TYR F 656 11.92 -37.17 -28.89
CA TYR F 656 11.53 -36.05 -28.03
C TYR F 656 12.57 -35.77 -26.97
N THR F 657 12.52 -34.56 -26.41
CA THR F 657 13.57 -34.07 -25.52
C THR F 657 12.97 -33.16 -24.48
N GLY F 658 13.77 -32.77 -23.49
CA GLY F 658 13.31 -31.88 -22.46
C GLY F 658 12.51 -32.60 -21.39
N TRP F 659 12.35 -31.92 -20.26
CA TRP F 659 11.67 -32.48 -19.09
C TRP F 659 11.00 -31.37 -18.31
N GLY F 660 9.72 -31.51 -18.02
CA GLY F 660 9.01 -30.49 -17.30
C GLY F 660 9.50 -30.35 -15.88
N ARG F 661 8.74 -29.64 -15.07
CA ARG F 661 8.94 -29.66 -13.63
C ARG F 661 7.66 -30.09 -12.93
N LEU F 662 6.79 -30.75 -13.70
CA LEU F 662 5.50 -31.22 -13.21
C LEU F 662 5.34 -32.73 -13.25
N SER F 663 4.89 -33.28 -12.13
CA SER F 663 4.68 -34.71 -12.00
C SER F 663 3.46 -35.18 -12.74
N ARG F 664 3.41 -36.46 -13.06
CA ARG F 664 2.19 -37.07 -13.55
C ARG F 664 1.12 -37.08 -12.48
N LYS F 665 1.51 -37.41 -11.26
CA LYS F 665 0.51 -37.62 -10.22
C LYS F 665 -0.23 -36.36 -9.97
N LEU F 666 0.50 -35.26 -9.94
CA LEU F 666 -0.09 -33.99 -9.59
C LEU F 666 -1.15 -33.55 -10.56
N ILE F 667 -0.88 -33.72 -11.85
CA ILE F 667 -1.80 -33.20 -12.84
C ILE F 667 -3.14 -33.88 -12.76
N ASN F 668 -3.17 -35.21 -12.68
CA ASN F 668 -4.44 -35.90 -12.54
C ASN F 668 -4.52 -37.01 -11.52
N GLY F 669 -3.57 -37.08 -10.60
CA GLY F 669 -3.58 -38.18 -9.64
C GLY F 669 -3.94 -37.88 -8.20
N ILE F 670 -3.82 -36.62 -7.81
CA ILE F 670 -4.07 -36.25 -6.43
C ILE F 670 -5.30 -35.38 -6.43
N ARG F 671 -6.23 -35.68 -5.54
CA ARG F 671 -7.52 -35.02 -5.54
C ARG F 671 -7.86 -34.34 -4.23
N ASP F 672 -8.56 -33.22 -4.32
CA ASP F 672 -9.05 -32.55 -3.13
C ASP F 672 -10.06 -33.43 -2.49
N LYS F 673 -9.99 -33.58 -1.17
CA LYS F 673 -10.84 -34.54 -0.52
C LYS F 673 -12.30 -34.21 -0.69
N GLN F 674 -12.68 -32.96 -0.43
CA GLN F 674 -14.06 -32.57 -0.64
C GLN F 674 -14.43 -32.52 -2.11
N SER F 675 -13.55 -31.93 -2.90
CA SER F 675 -13.82 -31.77 -4.31
C SER F 675 -13.90 -33.11 -5.00
N GLY F 676 -12.97 -33.98 -4.68
CA GLY F 676 -12.91 -35.29 -5.29
C GLY F 676 -12.31 -35.26 -6.68
N LYS F 677 -11.73 -34.14 -7.09
CA LYS F 677 -11.16 -34.01 -8.44
C LYS F 677 -9.76 -33.42 -8.53
N THR F 678 -9.02 -33.88 -9.51
CA THR F 678 -7.66 -33.41 -9.80
C THR F 678 -7.70 -32.10 -10.55
N ILE F 679 -6.53 -31.52 -10.78
CA ILE F 679 -6.48 -30.24 -11.47
C ILE F 679 -6.91 -30.33 -12.93
N LEU F 680 -6.44 -31.33 -13.65
CA LEU F 680 -6.95 -31.55 -15.00
C LEU F 680 -8.48 -31.62 -14.98
N ASP F 681 -9.05 -32.14 -13.89
CA ASP F 681 -10.48 -32.05 -13.66
C ASP F 681 -10.88 -30.60 -13.37
N PHE F 682 -10.23 -29.98 -12.38
CA PHE F 682 -10.53 -28.59 -12.04
C PHE F 682 -10.44 -27.69 -13.27
N LEU F 683 -9.45 -27.92 -14.12
CA LEU F 683 -9.27 -27.15 -15.36
C LEU F 683 -10.17 -27.61 -16.50
N LYS F 684 -10.86 -28.73 -16.35
CA LYS F 684 -11.86 -29.01 -17.36
C LYS F 684 -13.17 -28.33 -16.99
N SER F 685 -13.61 -28.54 -15.77
CA SER F 685 -14.84 -27.97 -15.30
C SER F 685 -14.60 -27.39 -13.93
N ASP F 686 -15.37 -26.39 -13.59
CA ASP F 686 -15.20 -25.70 -12.33
C ASP F 686 -16.47 -24.96 -11.99
N GLY F 687 -16.40 -24.12 -10.98
CA GLY F 687 -17.57 -23.40 -10.55
C GLY F 687 -17.72 -22.24 -11.50
N PHE F 688 -18.52 -21.26 -11.12
CA PHE F 688 -18.70 -20.07 -11.94
C PHE F 688 -17.32 -19.46 -12.08
N ALA F 689 -16.53 -19.57 -11.02
CA ALA F 689 -15.18 -19.06 -11.04
C ALA F 689 -14.20 -20.13 -11.44
N ASN F 690 -13.52 -19.93 -12.55
CA ASN F 690 -12.55 -20.89 -13.01
C ASN F 690 -11.24 -20.51 -12.38
N ARG F 691 -10.75 -21.42 -11.54
CA ARG F 691 -9.57 -21.22 -10.71
C ARG F 691 -8.29 -21.72 -11.39
N ASN F 692 -7.26 -20.90 -11.33
CA ASN F 692 -5.98 -21.16 -11.99
C ASN F 692 -5.08 -22.17 -11.29
N PHE F 693 -4.05 -22.62 -12.00
CA PHE F 693 -3.17 -23.63 -11.46
C PHE F 693 -2.57 -23.07 -10.21
N MET F 694 -2.18 -21.81 -10.26
CA MET F 694 -1.74 -21.13 -9.07
C MET F 694 -2.90 -21.02 -8.11
N GLN F 695 -4.07 -20.72 -8.63
CA GLN F 695 -5.21 -20.50 -7.77
C GLN F 695 -5.56 -21.76 -7.01
N LEU F 696 -5.56 -22.89 -7.71
CA LEU F 696 -5.92 -24.17 -7.12
C LEU F 696 -4.95 -24.58 -6.03
N ILE F 697 -3.67 -24.36 -6.29
CA ILE F 697 -2.63 -24.65 -5.32
C ILE F 697 -2.79 -23.77 -4.10
N HIS F 698 -3.16 -22.53 -4.33
CA HIS F 698 -3.26 -21.56 -3.28
C HIS F 698 -4.64 -21.27 -2.71
N ASP F 699 -5.69 -21.86 -3.26
CA ASP F 699 -7.01 -21.66 -2.68
C ASP F 699 -7.18 -22.67 -1.56
N ASP F 700 -7.34 -22.13 -0.36
CA ASP F 700 -7.38 -22.91 0.88
C ASP F 700 -8.54 -23.87 1.04
N SER F 701 -9.72 -23.51 0.53
CA SER F 701 -10.89 -24.33 0.76
C SER F 701 -10.59 -25.68 0.17
N LEU F 702 -9.92 -25.67 -0.98
CA LEU F 702 -9.43 -26.90 -1.57
C LEU F 702 -8.28 -27.44 -0.74
N THR F 703 -8.21 -28.75 -0.65
CA THR F 703 -7.19 -29.46 0.12
C THR F 703 -5.82 -29.40 -0.55
N PHE F 704 -5.79 -29.00 -1.81
CA PHE F 704 -4.61 -29.22 -2.60
C PHE F 704 -3.36 -28.54 -2.09
N LYS F 705 -3.46 -27.28 -1.68
CA LYS F 705 -2.28 -26.61 -1.16
C LYS F 705 -1.84 -27.26 0.14
N GLU F 706 -2.80 -27.58 0.99
CA GLU F 706 -2.45 -28.11 2.29
C GLU F 706 -1.76 -29.45 2.20
N ASP F 707 -2.30 -30.32 1.36
CA ASP F 707 -1.75 -31.65 1.23
C ASP F 707 -0.33 -31.54 0.72
N ILE F 708 -0.11 -30.61 -0.22
CA ILE F 708 1.22 -30.30 -0.69
C ILE F 708 1.96 -29.79 0.52
N GLN F 709 1.26 -29.04 1.34
CA GLN F 709 1.91 -28.30 2.40
C GLN F 709 2.62 -29.30 3.26
N LYS F 710 1.97 -30.42 3.52
CA LYS F 710 2.61 -31.45 4.32
C LYS F 710 3.84 -31.99 3.61
N ALA F 711 3.71 -32.22 2.32
CA ALA F 711 4.63 -33.09 1.60
C ALA F 711 6.08 -32.64 1.57
N GLN F 712 6.31 -31.35 1.36
CA GLN F 712 7.66 -30.89 1.11
C GLN F 712 8.55 -31.17 2.32
N VAL F 713 7.99 -30.96 3.50
CA VAL F 713 8.74 -31.16 4.74
C VAL F 713 9.20 -32.59 4.99
N SER F 714 8.31 -33.55 4.75
CA SER F 714 8.53 -34.87 5.30
C SER F 714 9.95 -35.35 5.07
N GLY F 715 10.51 -35.96 6.09
CA GLY F 715 11.88 -36.44 6.09
C GLY F 715 12.83 -35.35 6.55
N GLN F 716 12.27 -34.16 6.77
CA GLN F 716 13.02 -33.01 7.25
C GLN F 716 14.21 -32.71 6.35
N GLY F 717 14.03 -32.91 5.05
CA GLY F 717 15.04 -32.55 4.07
C GLY F 717 16.39 -33.18 4.38
N ASP F 718 17.43 -32.36 4.27
CA ASP F 718 18.79 -32.80 4.54
C ASP F 718 19.58 -31.69 5.23
N SER F 719 20.64 -32.06 5.92
CA SER F 719 21.38 -31.12 6.74
C SER F 719 22.10 -30.15 5.84
N LEU F 720 22.62 -29.07 6.39
CA LEU F 720 23.10 -27.99 5.57
C LEU F 720 24.20 -28.44 4.63
N HIS F 721 25.13 -29.23 5.13
CA HIS F 721 26.26 -29.67 4.31
C HIS F 721 25.71 -30.49 3.16
N GLU F 722 24.72 -31.31 3.45
CA GLU F 722 23.76 -31.76 2.45
C GLU F 722 23.12 -30.57 1.76
N HIS F 723 22.69 -29.57 2.55
CA HIS F 723 22.04 -28.39 1.98
C HIS F 723 23.05 -27.51 1.26
N ILE F 724 24.24 -27.33 1.81
CA ILE F 724 25.16 -26.39 1.20
C ILE F 724 25.86 -27.00 -0.02
N ALA F 725 25.82 -28.32 -0.19
CA ALA F 725 26.44 -28.93 -1.36
C ALA F 725 25.46 -29.18 -2.50
N ASN F 726 24.16 -28.95 -2.28
CA ASN F 726 23.16 -29.02 -3.34
C ASN F 726 22.84 -27.68 -3.97
N LEU F 727 23.61 -26.64 -3.67
CA LEU F 727 23.39 -25.32 -4.25
C LEU F 727 24.21 -25.21 -5.53
N ALA F 728 23.55 -24.84 -6.62
CA ALA F 728 24.13 -25.04 -7.94
C ALA F 728 25.24 -24.02 -8.18
N GLY F 729 26.33 -24.46 -8.82
CA GLY F 729 27.43 -23.54 -9.07
C GLY F 729 28.79 -23.87 -8.51
N SER F 730 29.53 -22.83 -8.08
CA SER F 730 30.95 -23.02 -7.80
C SER F 730 31.11 -23.94 -6.58
N PRO F 731 31.99 -24.94 -6.64
CA PRO F 731 32.27 -25.70 -5.43
C PRO F 731 33.07 -24.89 -4.43
N ALA F 732 33.96 -24.01 -4.91
CA ALA F 732 34.75 -23.26 -3.95
C ALA F 732 33.95 -22.15 -3.31
N ILE F 733 32.93 -21.65 -4.02
CA ILE F 733 32.10 -20.59 -3.47
C ILE F 733 31.24 -21.13 -2.35
N LYS F 734 31.01 -22.45 -2.32
CA LYS F 734 30.22 -23.11 -1.29
C LYS F 734 31.05 -23.47 -0.07
N LYS F 735 32.33 -23.74 -0.26
CA LYS F 735 33.29 -23.70 0.83
C LYS F 735 33.07 -22.43 1.66
N GLY F 736 32.93 -21.29 0.98
CA GLY F 736 32.67 -20.03 1.68
C GLY F 736 31.32 -20.02 2.34
N ILE F 737 30.27 -20.39 1.58
CA ILE F 737 28.86 -20.38 2.00
C ILE F 737 28.65 -21.28 3.19
N LEU F 738 29.63 -22.17 3.46
CA LEU F 738 29.64 -22.99 4.66
C LEU F 738 30.46 -22.35 5.77
N GLN F 739 31.75 -22.12 5.53
CA GLN F 739 32.53 -21.42 6.53
C GLN F 739 31.87 -20.10 6.92
N THR F 740 31.11 -19.47 6.02
CA THR F 740 30.38 -18.28 6.44
C THR F 740 29.38 -18.63 7.53
N VAL F 741 28.63 -19.73 7.36
CA VAL F 741 27.64 -20.08 8.38
C VAL F 741 28.34 -20.50 9.65
N LYS F 742 29.39 -21.31 9.54
CA LYS F 742 30.13 -21.71 10.71
C LYS F 742 30.57 -20.51 11.54
N VAL F 743 30.96 -19.42 10.86
CA VAL F 743 31.30 -18.20 11.60
C VAL F 743 30.11 -17.74 12.43
N VAL F 744 28.97 -17.58 11.76
CA VAL F 744 27.79 -17.03 12.43
C VAL F 744 27.62 -17.75 13.76
N ASP F 745 27.44 -19.08 13.71
CA ASP F 745 27.25 -19.82 14.96
C ASP F 745 28.26 -19.42 16.00
N GLU F 746 29.52 -19.18 15.61
CA GLU F 746 30.50 -18.82 16.61
C GLU F 746 30.27 -17.40 17.13
N LEU F 747 30.23 -16.41 16.23
CA LEU F 747 30.05 -15.03 16.68
C LEU F 747 28.85 -14.89 17.61
N VAL F 748 27.71 -15.45 17.20
CA VAL F 748 26.52 -15.43 18.04
C VAL F 748 26.81 -16.08 19.38
N LYS F 749 27.59 -17.17 19.40
CA LYS F 749 28.06 -17.69 20.68
C LYS F 749 28.94 -16.66 21.38
N VAL F 750 29.75 -15.99 20.56
CA VAL F 750 30.72 -15.00 21.00
C VAL F 750 30.01 -13.85 21.67
N MET F 751 28.83 -13.52 21.17
CA MET F 751 28.09 -12.39 21.68
C MET F 751 27.10 -12.86 22.73
N GLY F 752 27.35 -14.04 23.26
CA GLY F 752 26.49 -14.64 24.27
C GLY F 752 25.06 -15.02 23.96
N ARG F 753 24.85 -15.61 22.81
CA ARG F 753 23.59 -16.27 22.52
C ARG F 753 22.51 -15.27 22.23
N HIS F 754 22.91 -14.03 22.01
CA HIS F 754 21.95 -13.00 21.72
C HIS F 754 21.93 -12.82 20.23
N LYS F 755 20.76 -12.98 19.64
CA LYS F 755 20.62 -12.98 18.21
C LYS F 755 20.87 -11.61 17.61
N PRO F 756 21.51 -11.62 16.37
CA PRO F 756 21.86 -10.27 15.89
C PRO F 756 20.71 -9.43 15.34
N GLU F 757 20.86 -8.11 15.41
CA GLU F 757 19.94 -7.15 14.83
C GLU F 757 19.86 -7.18 13.31
N ASN F 758 20.99 -7.44 12.67
CA ASN F 758 21.20 -7.30 11.24
C ASN F 758 22.39 -8.15 10.82
N ILE F 759 22.24 -8.87 9.70
CA ILE F 759 23.33 -9.67 9.15
C ILE F 759 23.58 -9.19 7.72
N VAL F 760 24.64 -8.42 7.53
CA VAL F 760 24.98 -8.03 6.18
C VAL F 760 25.75 -9.17 5.53
N ILE F 761 25.35 -9.54 4.30
CA ILE F 761 26.13 -10.49 3.49
C ILE F 761 26.53 -9.83 2.15
N GLU F 762 27.53 -10.44 1.50
CA GLU F 762 28.07 -10.00 0.21
C GLU F 762 29.00 -11.04 -0.36
N MET F 763 29.03 -11.17 -1.69
CA MET F 763 29.88 -12.16 -2.33
C MET F 763 30.71 -11.56 -3.46
N ALA F 764 31.49 -12.44 -4.07
CA ALA F 764 32.58 -12.11 -4.97
C ALA F 764 32.26 -12.70 -6.34
N ARG F 765 32.45 -11.91 -7.40
CA ARG F 765 32.28 -12.43 -8.77
C ARG F 765 32.83 -13.83 -8.94
N ASN F 776 41.62 -21.26 -21.72
CA ASN F 776 41.12 -20.16 -22.57
C ASN F 776 41.89 -20.12 -23.85
N SER F 777 43.21 -20.12 -23.67
CA SER F 777 44.14 -19.91 -24.76
C SER F 777 43.79 -20.78 -25.95
N ARG F 778 43.50 -22.05 -25.71
CA ARG F 778 43.23 -22.93 -26.85
C ARG F 778 41.82 -22.71 -27.37
N GLU F 779 40.84 -22.57 -26.46
CA GLU F 779 39.45 -22.35 -26.85
C GLU F 779 39.33 -21.14 -27.77
N ARG F 780 40.14 -20.11 -27.53
CA ARG F 780 40.12 -18.93 -28.38
C ARG F 780 40.61 -19.22 -29.79
N MET F 781 41.35 -20.31 -30.00
CA MET F 781 41.79 -20.68 -31.34
C MET F 781 40.91 -21.74 -31.98
N LYS F 782 40.09 -22.46 -31.20
CA LYS F 782 39.06 -23.30 -31.79
C LYS F 782 37.83 -22.47 -32.20
N ARG F 783 37.46 -21.46 -31.37
CA ARG F 783 36.35 -20.57 -31.73
C ARG F 783 36.54 -19.96 -33.10
N ILE F 784 37.78 -19.74 -33.52
CA ILE F 784 38.08 -18.97 -34.71
C ILE F 784 38.37 -19.84 -35.91
N GLU F 785 39.23 -20.85 -35.76
CA GLU F 785 39.62 -21.60 -36.94
C GLU F 785 38.43 -22.25 -37.63
N GLU F 786 37.44 -22.70 -36.84
CA GLU F 786 36.15 -23.11 -37.41
C GLU F 786 35.39 -21.90 -37.95
N GLY F 787 35.37 -20.80 -37.20
CA GLY F 787 34.55 -19.67 -37.57
C GLY F 787 34.95 -19.02 -38.87
N ILE F 788 36.21 -19.19 -39.29
CA ILE F 788 36.60 -18.65 -40.58
C ILE F 788 36.57 -19.71 -41.67
N LYS F 789 36.68 -20.99 -41.32
CA LYS F 789 36.30 -22.04 -42.26
C LYS F 789 34.89 -21.76 -42.78
N GLU F 790 33.90 -21.76 -41.89
CA GLU F 790 32.52 -21.59 -42.33
C GLU F 790 32.29 -20.25 -43.01
N LEU F 791 32.81 -19.19 -42.43
CA LEU F 791 32.78 -17.90 -43.09
C LEU F 791 33.60 -17.98 -44.35
N GLY F 792 34.71 -18.70 -44.28
CA GLY F 792 35.54 -18.91 -45.45
C GLY F 792 36.52 -17.82 -45.79
N SER F 793 36.71 -16.87 -44.90
CA SER F 793 37.74 -15.86 -45.09
C SER F 793 39.10 -16.52 -45.00
N GLN F 794 40.01 -16.08 -45.85
CA GLN F 794 41.33 -16.68 -45.96
C GLN F 794 42.29 -15.98 -45.03
N ILE F 795 41.75 -15.10 -44.18
CA ILE F 795 42.55 -14.21 -43.38
C ILE F 795 43.47 -15.00 -42.48
N LEU F 796 43.00 -16.13 -41.97
CA LEU F 796 43.83 -16.95 -41.12
C LEU F 796 45.04 -17.37 -41.93
N LYS F 797 44.80 -17.83 -43.15
CA LYS F 797 45.89 -18.15 -44.02
C LYS F 797 46.69 -16.90 -44.38
N GLU F 798 46.00 -15.82 -44.67
CA GLU F 798 46.69 -14.59 -45.00
C GLU F 798 47.49 -14.11 -43.79
N HIS F 799 46.90 -14.19 -42.61
CA HIS F 799 47.57 -13.81 -41.38
C HIS F 799 47.39 -14.87 -40.32
N PRO F 800 48.27 -15.97 -40.38
CA PRO F 800 48.09 -16.91 -39.26
C PRO F 800 48.64 -16.36 -37.95
N VAL F 801 48.01 -16.71 -36.83
CA VAL F 801 48.48 -16.25 -35.54
C VAL F 801 48.55 -17.40 -34.54
N GLU F 802 49.50 -17.34 -33.61
CA GLU F 802 49.68 -18.40 -32.63
C GLU F 802 48.62 -18.40 -31.54
N ASN F 803 48.46 -19.54 -30.88
CA ASN F 803 47.49 -19.72 -29.80
C ASN F 803 47.72 -18.84 -28.59
N THR F 804 48.98 -18.61 -28.22
CA THR F 804 49.31 -17.76 -27.10
C THR F 804 48.88 -16.33 -27.34
N GLN F 805 48.75 -15.98 -28.62
CA GLN F 805 48.51 -14.62 -29.07
C GLN F 805 47.21 -13.95 -28.63
N LEU F 806 46.16 -14.73 -28.46
CA LEU F 806 44.82 -14.20 -28.40
C LEU F 806 44.40 -13.80 -26.99
N GLN F 807 45.37 -13.74 -26.09
CA GLN F 807 45.15 -13.19 -24.77
C GLN F 807 45.01 -11.67 -24.87
N ASN F 808 45.29 -11.14 -26.06
CA ASN F 808 45.11 -9.71 -26.35
C ASN F 808 43.71 -9.45 -26.92
N GLU F 809 42.94 -8.62 -26.24
CA GLU F 809 41.55 -8.36 -26.61
C GLU F 809 41.44 -7.75 -27.98
N LYS F 810 42.27 -6.76 -28.24
CA LYS F 810 42.28 -6.12 -29.53
C LYS F 810 42.69 -7.10 -30.58
N LEU F 811 43.66 -7.95 -30.27
CA LEU F 811 44.08 -8.95 -31.23
C LEU F 811 43.07 -10.10 -31.33
N TYR F 812 42.57 -10.57 -30.21
CA TYR F 812 41.58 -11.62 -30.26
C TYR F 812 40.38 -11.06 -30.97
N LEU F 813 40.04 -9.83 -30.65
CA LEU F 813 38.89 -9.16 -31.25
C LEU F 813 39.01 -8.92 -32.74
N TYR F 814 40.20 -8.60 -33.20
CA TYR F 814 40.38 -8.27 -34.60
C TYR F 814 40.02 -9.47 -35.46
N TYR F 815 40.44 -10.65 -35.03
CA TYR F 815 40.06 -11.85 -35.75
C TYR F 815 38.59 -12.18 -35.69
N LEU F 816 37.99 -11.99 -34.53
CA LEU F 816 36.62 -12.41 -34.32
C LEU F 816 35.77 -11.66 -35.30
N GLN F 817 36.10 -10.40 -35.51
CA GLN F 817 35.35 -9.55 -36.42
C GLN F 817 35.86 -9.77 -37.84
N ASN F 818 36.74 -10.75 -38.00
CA ASN F 818 37.30 -11.06 -39.30
C ASN F 818 38.01 -9.87 -39.85
N GLY F 819 38.69 -9.15 -38.98
CA GLY F 819 39.52 -8.05 -39.43
C GLY F 819 38.80 -7.03 -40.25
N ARG F 820 37.61 -6.65 -39.84
CA ARG F 820 36.90 -5.55 -40.45
C ARG F 820 36.20 -4.72 -39.38
N ASP F 821 36.09 -3.42 -39.60
CA ASP F 821 35.35 -2.56 -38.67
C ASP F 821 33.97 -3.13 -38.46
N MET F 822 33.44 -2.91 -37.27
CA MET F 822 32.13 -3.45 -36.92
C MET F 822 30.97 -2.50 -37.18
N TYR F 823 31.23 -1.21 -37.23
CA TYR F 823 30.15 -0.29 -37.50
C TYR F 823 30.19 0.29 -38.90
N VAL F 824 31.33 0.18 -39.56
CA VAL F 824 31.57 0.93 -40.79
C VAL F 824 31.74 0.14 -42.07
N ASP F 825 31.84 -1.18 -41.99
CA ASP F 825 32.12 -1.95 -43.19
C ASP F 825 33.42 -1.56 -43.89
N GLN F 826 34.49 -1.47 -43.12
CA GLN F 826 35.82 -1.27 -43.68
C GLN F 826 36.78 -2.27 -43.06
N GLU F 827 37.87 -2.57 -43.76
CA GLU F 827 38.88 -3.50 -43.29
C GLU F 827 39.78 -2.90 -42.25
N LEU F 828 40.48 -3.73 -41.50
CA LEU F 828 41.38 -3.24 -40.46
C LEU F 828 42.82 -3.74 -40.60
N ASP F 829 43.78 -2.84 -40.43
CA ASP F 829 45.19 -3.19 -40.46
C ASP F 829 45.53 -4.02 -39.23
N ILE F 830 46.28 -5.09 -39.42
CA ILE F 830 46.67 -5.93 -38.30
C ILE F 830 47.55 -5.19 -37.34
N ASN F 831 48.55 -4.50 -37.86
CA ASN F 831 49.54 -3.86 -37.00
C ASN F 831 49.04 -2.71 -36.16
N ARG F 832 48.23 -1.85 -36.78
CA ARG F 832 47.69 -0.70 -36.08
C ARG F 832 46.40 -0.99 -35.37
N LEU F 833 46.48 -1.80 -34.33
CA LEU F 833 45.41 -1.92 -33.34
C LEU F 833 45.64 -1.02 -32.16
N SER F 834 46.88 -0.54 -32.01
CA SER F 834 47.24 0.44 -31.00
C SER F 834 46.54 1.78 -31.24
N ASP F 835 46.01 2.01 -32.44
CA ASP F 835 45.34 3.28 -32.74
C ASP F 835 43.81 3.19 -32.77
N TYR F 836 43.21 2.00 -32.63
CA TYR F 836 41.76 1.87 -32.59
C TYR F 836 41.26 1.86 -31.14
N ASP F 837 39.97 1.52 -30.94
CA ASP F 837 39.29 1.57 -29.66
C ASP F 837 38.36 0.38 -29.54
N VAL F 838 38.32 -0.24 -28.38
CA VAL F 838 37.37 -1.30 -28.10
C VAL F 838 36.16 -0.65 -27.46
N ASP F 839 34.99 -1.01 -27.95
CA ASP F 839 33.74 -0.38 -27.55
C ASP F 839 32.94 -1.35 -26.73
N ALA F 840 32.40 -0.90 -25.61
CA ALA F 840 31.44 -1.71 -24.89
C ALA F 840 30.14 -1.47 -25.60
N ILE F 841 29.45 -2.53 -26.01
CA ILE F 841 28.32 -2.36 -26.88
C ILE F 841 27.30 -1.54 -26.14
N VAL F 842 27.13 -1.88 -24.88
CA VAL F 842 26.20 -1.21 -24.02
C VAL F 842 27.10 -0.37 -23.18
N PRO F 843 26.69 0.96 -22.97
CA PRO F 843 27.74 1.81 -22.41
C PRO F 843 28.21 1.31 -21.08
N GLN F 844 29.48 1.56 -20.79
CA GLN F 844 30.11 1.07 -19.60
C GLN F 844 29.32 1.59 -18.43
N SER F 845 28.71 2.75 -18.60
CA SER F 845 27.95 3.37 -17.54
C SER F 845 26.73 2.59 -17.04
N PHE F 846 25.88 2.14 -17.94
CA PHE F 846 24.74 1.34 -17.52
C PHE F 846 25.06 -0.03 -16.95
N LEU F 847 25.94 -0.75 -17.62
CA LEU F 847 26.29 -2.08 -17.19
C LEU F 847 27.79 -2.27 -17.20
N LYS F 848 28.33 -2.84 -16.13
CA LYS F 848 29.75 -3.09 -16.10
C LYS F 848 30.02 -4.48 -16.59
N ASP F 849 30.33 -4.61 -17.87
CA ASP F 849 30.69 -5.90 -18.44
C ASP F 849 31.95 -5.79 -19.25
N ASP F 850 32.95 -6.61 -18.92
CA ASP F 850 34.19 -6.59 -19.64
C ASP F 850 34.26 -7.65 -20.71
N SER F 851 33.22 -8.46 -20.80
CA SER F 851 33.25 -9.65 -21.62
C SER F 851 33.18 -9.35 -23.09
N ILE F 852 33.62 -10.32 -23.88
CA ILE F 852 33.65 -10.19 -25.33
C ILE F 852 32.26 -10.06 -25.89
N ASP F 853 31.28 -10.46 -25.08
CA ASP F 853 29.90 -10.38 -25.45
C ASP F 853 29.50 -8.94 -25.48
N ASN F 854 30.36 -8.08 -24.95
CA ASN F 854 29.99 -6.70 -24.75
C ASN F 854 31.04 -5.75 -25.31
N LYS F 855 31.97 -6.27 -26.09
CA LYS F 855 33.10 -5.51 -26.58
C LYS F 855 33.20 -5.71 -28.08
N VAL F 856 33.72 -4.69 -28.74
CA VAL F 856 33.92 -4.65 -30.19
C VAL F 856 35.06 -3.69 -30.44
N LEU F 857 35.99 -4.08 -31.29
CA LEU F 857 37.04 -3.17 -31.71
C LEU F 857 36.61 -2.48 -33.02
N THR F 858 36.72 -1.14 -33.02
CA THR F 858 36.43 -0.27 -34.15
C THR F 858 37.46 0.84 -34.23
N ARG F 859 37.67 1.41 -35.43
CA ARG F 859 38.57 2.57 -35.58
C ARG F 859 38.35 3.64 -34.53
N SER F 860 37.14 4.22 -34.52
CA SER F 860 36.78 5.27 -33.58
C SER F 860 35.47 4.88 -32.89
N ASP F 861 35.55 4.66 -31.58
CA ASP F 861 34.34 4.48 -30.77
C ASP F 861 33.29 5.52 -31.07
N LYS F 862 33.71 6.70 -31.58
CA LYS F 862 32.75 7.74 -31.91
C LYS F 862 31.73 7.27 -32.92
N ASN F 863 32.09 6.31 -33.75
CA ASN F 863 31.21 5.92 -34.83
C ASN F 863 29.87 5.38 -34.40
N ARG F 864 29.84 4.66 -33.29
CA ARG F 864 28.68 3.88 -32.95
C ARG F 864 27.44 4.74 -32.82
N GLY F 865 27.60 5.93 -32.28
CA GLY F 865 26.45 6.77 -32.06
C GLY F 865 26.64 7.51 -30.76
N LYS F 866 25.54 7.76 -30.07
CA LYS F 866 25.57 8.58 -28.89
C LYS F 866 26.31 7.94 -27.74
N SER F 867 26.74 8.81 -26.84
CA SER F 867 27.57 8.44 -25.72
C SER F 867 26.87 7.44 -24.82
N ASP F 868 25.58 7.62 -24.63
CA ASP F 868 24.86 6.81 -23.68
C ASP F 868 23.66 6.15 -24.32
N ASN F 869 23.93 5.17 -25.16
CA ASN F 869 22.91 4.26 -25.66
C ASN F 869 23.46 3.06 -26.42
N VAL F 870 22.57 2.16 -26.80
CA VAL F 870 22.91 1.04 -27.65
C VAL F 870 23.23 1.54 -29.03
N PRO F 871 24.07 0.81 -29.77
CA PRO F 871 24.58 1.36 -31.03
C PRO F 871 23.50 1.87 -31.96
N SER F 872 23.88 2.88 -32.74
CA SER F 872 22.94 3.71 -33.48
C SER F 872 22.12 2.96 -34.49
N GLU F 873 20.99 3.55 -34.83
CA GLU F 873 20.07 3.02 -35.82
C GLU F 873 20.79 2.99 -37.14
N GLU F 874 21.60 4.00 -37.35
CA GLU F 874 22.28 4.13 -38.62
C GLU F 874 23.18 2.94 -38.82
N VAL F 875 23.91 2.55 -37.79
CA VAL F 875 24.82 1.43 -37.90
C VAL F 875 24.11 0.11 -38.14
N VAL F 876 23.00 -0.10 -37.45
CA VAL F 876 22.38 -1.40 -37.48
C VAL F 876 21.98 -1.71 -38.90
N LYS F 877 21.39 -0.73 -39.56
CA LYS F 877 21.00 -0.92 -40.94
C LYS F 877 22.24 -1.15 -41.76
N LYS F 878 23.28 -0.39 -41.46
CA LYS F 878 24.49 -0.43 -42.24
C LYS F 878 25.14 -1.79 -42.15
N MET F 879 25.10 -2.38 -40.97
CA MET F 879 25.81 -3.61 -40.72
C MET F 879 24.99 -4.69 -40.01
N LYS F 880 24.05 -5.37 -40.67
CA LYS F 880 23.36 -6.41 -39.95
C LYS F 880 23.81 -7.71 -40.56
N ASN F 881 23.82 -7.73 -41.88
CA ASN F 881 24.14 -8.93 -42.62
C ASN F 881 25.54 -9.36 -42.30
N TYR F 882 26.44 -8.40 -42.17
CA TYR F 882 27.76 -8.73 -41.70
C TYR F 882 27.58 -9.25 -40.30
N TRP F 883 26.68 -8.63 -39.56
CA TRP F 883 26.38 -9.09 -38.22
C TRP F 883 25.75 -10.46 -38.15
N ARG F 884 24.82 -10.74 -39.06
CA ARG F 884 24.23 -12.06 -39.09
C ARG F 884 25.30 -13.07 -39.43
N GLN F 885 26.13 -12.71 -40.38
CA GLN F 885 27.13 -13.61 -40.88
C GLN F 885 28.06 -13.96 -39.76
N LEU F 886 28.34 -12.99 -38.92
CA LEU F 886 29.14 -13.21 -37.73
C LEU F 886 28.39 -14.17 -36.85
N LEU F 887 27.07 -14.04 -36.80
CA LEU F 887 26.23 -14.92 -36.02
C LEU F 887 26.28 -16.37 -36.49
N ASN F 888 26.21 -16.57 -37.79
CA ASN F 888 26.27 -17.91 -38.34
C ASN F 888 27.61 -18.58 -38.13
N ALA F 889 28.68 -17.82 -38.28
CA ALA F 889 30.02 -18.31 -38.02
C ALA F 889 30.14 -18.80 -36.59
N LYS F 890 29.35 -18.22 -35.71
CA LYS F 890 29.45 -18.43 -34.27
C LYS F 890 30.53 -17.55 -33.70
N LEU F 891 31.07 -16.66 -34.53
CA LEU F 891 31.84 -15.53 -34.07
C LEU F 891 30.94 -14.60 -33.29
N ILE F 892 29.74 -14.42 -33.79
CA ILE F 892 28.71 -13.64 -33.13
C ILE F 892 28.10 -14.45 -31.98
N THR F 893 27.35 -13.80 -31.10
CA THR F 893 26.62 -14.53 -30.08
C THR F 893 25.21 -13.98 -29.91
N GLN F 894 24.33 -14.76 -29.29
CA GLN F 894 22.93 -14.38 -29.19
C GLN F 894 22.72 -13.09 -28.43
N ARG F 895 23.51 -12.89 -27.38
CA ARG F 895 23.40 -11.67 -26.60
C ARG F 895 24.08 -10.49 -27.28
N LYS F 896 25.23 -10.74 -27.90
CA LYS F 896 25.96 -9.68 -28.59
C LYS F 896 25.14 -9.15 -29.76
N PHE F 897 24.62 -10.06 -30.58
CA PHE F 897 23.93 -9.64 -31.79
C PHE F 897 22.56 -9.05 -31.49
N ASP F 898 21.89 -9.47 -30.41
CA ASP F 898 20.63 -8.81 -30.04
C ASP F 898 20.89 -7.37 -29.60
N ASN F 899 21.95 -7.17 -28.83
CA ASN F 899 22.20 -5.87 -28.27
C ASN F 899 22.64 -4.91 -29.36
N LEU F 900 23.51 -5.35 -30.26
CA LEU F 900 23.89 -4.51 -31.39
C LEU F 900 22.66 -3.95 -32.07
N THR F 901 21.80 -4.83 -32.57
CA THR F 901 20.59 -4.41 -33.26
C THR F 901 19.53 -3.83 -32.33
N LYS F 902 19.74 -3.78 -31.04
CA LYS F 902 18.62 -3.50 -30.16
C LYS F 902 17.98 -2.20 -30.56
N ALA F 903 18.76 -1.22 -30.97
CA ALA F 903 18.14 0.06 -31.31
C ALA F 903 17.06 -0.11 -32.38
N GLU F 904 17.28 -1.11 -33.24
CA GLU F 904 16.41 -1.37 -34.37
C GLU F 904 15.05 -1.64 -33.80
N ARG F 905 15.06 -2.37 -32.70
CA ARG F 905 13.92 -2.48 -31.82
C ARG F 905 14.16 -1.61 -30.60
N GLY F 906 15.21 -0.79 -30.65
CA GLY F 906 15.78 -0.16 -29.48
C GLY F 906 14.80 0.72 -28.76
N GLY F 907 14.77 0.63 -27.45
CA GLY F 907 15.71 -0.20 -26.73
C GLY F 907 16.63 0.73 -25.98
N LEU F 908 17.17 0.25 -24.88
CA LEU F 908 17.83 1.15 -23.95
C LEU F 908 16.85 2.26 -23.58
N SER F 909 15.63 1.87 -23.29
CA SER F 909 14.60 2.83 -22.95
C SER F 909 14.95 3.40 -21.61
N GLU F 910 14.30 4.51 -21.26
CA GLU F 910 14.55 5.15 -20.00
C GLU F 910 14.24 4.18 -18.90
N LEU F 911 13.25 3.33 -19.12
CA LEU F 911 12.98 2.25 -18.20
C LEU F 911 14.16 1.30 -18.14
N ASP F 912 14.73 1.01 -19.31
CA ASP F 912 15.88 0.12 -19.40
C ASP F 912 17.10 0.70 -18.72
N LYS F 913 17.36 1.99 -18.94
CA LYS F 913 18.51 2.64 -18.36
C LYS F 913 18.36 2.56 -16.86
N ALA F 914 17.14 2.74 -16.40
CA ALA F 914 16.84 2.75 -14.98
C ALA F 914 17.13 1.42 -14.35
N GLY F 915 16.83 0.35 -15.07
CA GLY F 915 17.03 -0.97 -14.51
C GLY F 915 18.47 -1.27 -14.22
N PHE F 916 19.36 -0.90 -15.14
CA PHE F 916 20.75 -1.27 -14.98
C PHE F 916 21.26 -0.61 -13.73
N ILE F 917 20.90 0.65 -13.56
CA ILE F 917 21.37 1.46 -12.45
C ILE F 917 20.89 0.95 -11.11
N LYS F 918 19.67 0.47 -11.06
CA LYS F 918 19.21 -0.25 -9.88
C LYS F 918 19.94 -1.59 -9.76
N ARG F 919 20.00 -2.33 -10.88
CA ARG F 919 20.61 -3.65 -10.86
C ARG F 919 22.05 -3.62 -10.37
N GLN F 920 22.73 -2.47 -10.49
CA GLN F 920 24.09 -2.35 -9.95
C GLN F 920 24.11 -2.54 -8.44
N LEU F 921 23.16 -1.93 -7.73
CA LEU F 921 23.21 -1.88 -6.28
C LEU F 921 22.42 -2.99 -5.63
N VAL F 922 21.50 -3.60 -6.35
CA VAL F 922 20.63 -4.62 -5.80
C VAL F 922 21.17 -6.00 -6.19
N GLU F 923 21.03 -6.95 -5.28
CA GLU F 923 21.44 -8.33 -5.54
C GLU F 923 20.27 -9.11 -6.14
N THR F 924 20.46 -9.58 -7.37
CA THR F 924 19.57 -10.56 -8.00
C THR F 924 20.18 -11.94 -8.09
N ARG F 925 21.49 -12.04 -7.88
CA ARG F 925 22.21 -13.29 -8.02
C ARG F 925 21.61 -14.35 -7.10
N GLN F 926 21.12 -15.45 -7.67
CA GLN F 926 20.37 -16.40 -6.86
C GLN F 926 21.28 -17.08 -5.85
N ILE F 927 22.48 -17.52 -6.27
CA ILE F 927 23.37 -18.24 -5.35
C ILE F 927 23.58 -17.45 -4.07
N THR F 928 23.50 -16.13 -4.14
CA THR F 928 23.43 -15.30 -2.96
C THR F 928 22.02 -14.83 -2.67
N LYS F 929 21.01 -15.54 -3.11
CA LYS F 929 19.78 -15.52 -2.36
C LYS F 929 19.64 -16.72 -1.45
N HIS F 930 20.21 -17.86 -1.85
CA HIS F 930 20.19 -19.03 -0.99
C HIS F 930 21.07 -18.86 0.25
N VAL F 931 22.22 -18.17 0.12
CA VAL F 931 23.00 -17.88 1.33
C VAL F 931 22.23 -16.96 2.26
N ALA F 932 21.49 -16.04 1.66
CA ALA F 932 20.65 -15.14 2.41
C ALA F 932 19.54 -15.92 3.02
N GLN F 933 18.99 -16.82 2.22
CA GLN F 933 17.88 -17.62 2.64
C GLN F 933 18.28 -18.51 3.79
N ILE F 934 19.45 -19.10 3.70
CA ILE F 934 19.86 -20.05 4.71
C ILE F 934 20.00 -19.39 6.05
N LEU F 935 20.59 -18.20 6.08
CA LEU F 935 20.72 -17.49 7.33
C LEU F 935 19.38 -17.04 7.90
N ASP F 936 18.51 -16.51 7.05
CA ASP F 936 17.21 -16.06 7.53
C ASP F 936 16.44 -17.23 8.06
N SER F 937 16.52 -18.33 7.33
CA SER F 937 15.91 -19.55 7.81
C SER F 937 16.61 -20.04 9.05
N ARG F 938 17.94 -20.04 9.03
CA ARG F 938 18.66 -20.56 10.17
C ARG F 938 18.47 -19.72 11.40
N MET F 939 18.54 -18.41 11.25
CA MET F 939 18.42 -17.54 12.41
C MET F 939 17.08 -17.46 13.11
N ASN F 940 16.00 -17.32 12.37
CA ASN F 940 14.73 -17.02 12.99
C ASN F 940 13.91 -18.26 13.17
N THR F 941 13.78 -18.69 14.42
CA THR F 941 13.16 -19.97 14.69
C THR F 941 11.81 -19.86 15.38
N LYS F 942 11.57 -18.77 16.07
CA LYS F 942 10.37 -18.65 16.87
C LYS F 942 9.11 -18.50 16.03
N TYR F 943 8.02 -19.12 16.47
CA TYR F 943 6.75 -18.97 15.78
C TYR F 943 5.71 -18.39 16.75
N ASP F 944 5.00 -17.36 16.30
CA ASP F 944 4.03 -16.64 17.12
C ASP F 944 2.67 -17.33 17.16
N GLU F 945 1.74 -16.74 17.91
CA GLU F 945 0.43 -17.36 18.15
C GLU F 945 -0.35 -17.58 16.86
N ASN F 946 -0.28 -16.61 15.95
CA ASN F 946 -0.81 -16.78 14.61
C ASN F 946 0.16 -17.68 13.86
N ASP F 947 -0.21 -18.12 12.66
CA ASP F 947 0.68 -19.01 11.93
C ASP F 947 2.01 -18.34 11.64
N LYS F 948 1.96 -17.03 11.39
CA LYS F 948 3.08 -16.29 10.81
C LYS F 948 4.34 -16.21 11.65
N LEU F 949 5.47 -16.08 10.97
CA LEU F 949 6.82 -16.07 11.57
C LEU F 949 7.29 -14.80 12.31
N ILE F 950 8.24 -15.01 13.22
CA ILE F 950 8.88 -13.97 14.00
C ILE F 950 10.31 -13.82 13.53
N ARG F 951 10.61 -12.72 12.84
CA ARG F 951 11.89 -12.54 12.17
C ARG F 951 12.78 -11.57 12.96
N GLU F 952 13.79 -12.12 13.67
CA GLU F 952 14.61 -11.36 14.64
C GLU F 952 15.88 -10.76 14.05
N VAL F 953 16.46 -11.33 13.01
CA VAL F 953 17.52 -10.68 12.24
C VAL F 953 16.95 -10.31 10.88
N LYS F 954 17.26 -9.10 10.43
CA LYS F 954 17.14 -8.74 9.01
C LYS F 954 18.45 -9.13 8.30
N VAL F 955 18.39 -10.18 7.47
CA VAL F 955 19.53 -10.52 6.63
C VAL F 955 19.54 -9.57 5.44
N ILE F 956 20.71 -9.01 5.15
CA ILE F 956 20.88 -8.04 4.08
C ILE F 956 21.88 -8.59 3.08
N THR F 957 21.55 -8.53 1.79
CA THR F 957 22.49 -8.93 0.75
C THR F 957 22.79 -7.72 -0.11
N LEU F 958 24.03 -7.26 -0.06
CA LEU F 958 24.47 -6.06 -0.74
C LEU F 958 25.21 -6.38 -2.03
N LYS F 959 25.30 -5.38 -2.89
CA LYS F 959 26.30 -5.49 -3.94
C LYS F 959 27.65 -5.05 -3.43
N SER F 960 28.67 -5.49 -4.17
CA SER F 960 30.04 -5.07 -3.91
C SER F 960 30.21 -3.59 -4.25
N LYS F 961 29.46 -3.10 -5.23
CA LYS F 961 29.53 -1.70 -5.62
C LYS F 961 29.18 -0.76 -4.47
N LEU F 962 28.32 -1.15 -3.55
CA LEU F 962 27.98 -0.21 -2.52
C LEU F 962 29.23 0.10 -1.74
N VAL F 963 29.96 -0.94 -1.38
CA VAL F 963 31.25 -0.81 -0.71
C VAL F 963 32.42 -0.29 -1.53
N SER F 964 32.56 -0.79 -2.75
CA SER F 964 33.72 -0.43 -3.55
C SER F 964 33.73 1.02 -3.90
N ASP F 965 32.58 1.53 -4.28
CA ASP F 965 32.41 2.96 -4.45
C ASP F 965 32.46 3.73 -3.14
N PHE F 966 31.91 3.16 -2.08
CA PHE F 966 31.82 3.86 -0.82
C PHE F 966 33.19 4.22 -0.29
N ARG F 967 34.16 3.32 -0.42
CA ARG F 967 35.50 3.65 -0.02
C ARG F 967 36.03 4.77 -0.88
N LYS F 968 35.81 4.66 -2.18
CA LYS F 968 36.37 5.60 -3.13
C LYS F 968 35.81 6.96 -2.86
N ASP F 969 34.53 7.01 -2.54
CA ASP F 969 33.87 8.27 -2.29
C ASP F 969 34.47 8.96 -1.08
N PHE F 970 34.86 8.19 -0.06
CA PHE F 970 35.26 8.74 1.22
C PHE F 970 36.73 8.62 1.63
N GLN F 971 37.61 8.35 0.68
CA GLN F 971 39.00 8.18 1.03
C GLN F 971 39.34 6.98 1.92
N PHE F 972 38.74 5.84 1.64
CA PHE F 972 39.04 4.65 2.41
C PHE F 972 39.45 3.60 1.39
N TYR F 973 40.58 3.87 0.76
CA TYR F 973 41.05 3.07 -0.36
C TYR F 973 41.57 1.73 0.09
N LYS F 974 41.55 0.77 -0.83
CA LYS F 974 42.04 -0.57 -0.56
C LYS F 974 43.26 -0.92 -1.40
N VAL F 975 44.33 -1.32 -0.75
CA VAL F 975 45.43 -1.95 -1.44
C VAL F 975 45.46 -3.34 -0.91
N ARG F 976 45.23 -4.32 -1.76
CA ARG F 976 45.17 -5.68 -1.30
C ARG F 976 46.49 -6.17 -0.76
N GLU F 977 47.57 -5.86 -1.46
CA GLU F 977 48.85 -6.49 -1.20
C GLU F 977 49.48 -6.11 0.11
N ILE F 978 48.97 -5.09 0.77
CA ILE F 978 49.53 -4.71 2.06
C ILE F 978 49.37 -5.80 3.11
N ASN F 979 48.18 -6.36 3.19
CA ASN F 979 47.84 -7.29 4.25
C ASN F 979 46.56 -8.03 3.92
N ASN F 980 46.17 -8.93 4.81
CA ASN F 980 44.95 -9.70 4.63
C ASN F 980 43.77 -9.15 5.41
N TYR F 981 43.93 -8.00 6.04
CA TYR F 981 42.86 -7.38 6.80
C TYR F 981 41.68 -7.01 5.94
N HIS F 982 41.96 -6.55 4.74
CA HIS F 982 40.96 -5.87 3.94
C HIS F 982 39.80 -6.79 3.69
N HIS F 983 40.07 -8.08 3.73
CA HIS F 983 39.03 -9.05 3.56
C HIS F 983 38.03 -8.83 4.66
N ALA F 984 38.48 -8.55 5.87
CA ALA F 984 37.55 -8.33 6.97
C ALA F 984 37.29 -6.88 7.31
N HIS F 985 38.04 -5.98 6.73
CA HIS F 985 37.71 -4.57 6.77
C HIS F 985 36.42 -4.40 5.98
N ASP F 986 36.30 -5.18 4.92
CA ASP F 986 35.16 -5.16 4.01
C ASP F 986 33.84 -5.52 4.64
N ALA F 987 33.85 -6.45 5.58
CA ALA F 987 32.63 -6.78 6.29
C ALA F 987 32.13 -5.59 7.08
N TYR F 988 33.05 -4.94 7.77
CA TYR F 988 32.65 -3.81 8.59
C TYR F 988 32.06 -2.75 7.71
N LEU F 989 32.71 -2.46 6.60
CA LEU F 989 32.22 -1.43 5.73
C LEU F 989 30.87 -1.86 5.22
N ASN F 990 30.75 -3.12 4.85
CA ASN F 990 29.46 -3.63 4.44
C ASN F 990 28.53 -3.64 5.62
N ALA F 991 29.06 -4.01 6.78
CA ALA F 991 28.24 -4.10 7.96
C ALA F 991 27.67 -2.75 8.31
N VAL F 992 28.54 -1.75 8.24
CA VAL F 992 28.13 -0.37 8.45
C VAL F 992 27.22 0.16 7.38
N VAL F 993 27.55 -0.13 6.13
CA VAL F 993 26.70 0.33 5.03
C VAL F 993 25.36 -0.35 5.03
N GLY F 994 25.32 -1.64 5.32
CA GLY F 994 24.09 -2.37 5.21
C GLY F 994 23.05 -1.81 6.14
N THR F 995 23.43 -1.55 7.37
CA THR F 995 22.51 -1.01 8.36
C THR F 995 22.02 0.36 7.99
N ALA F 996 22.92 1.18 7.47
CA ALA F 996 22.59 2.56 7.25
C ALA F 996 21.48 2.77 6.24
N LEU F 997 21.53 2.06 5.12
CA LEU F 997 20.52 2.30 4.09
C LEU F 997 19.14 1.92 4.57
N ILE F 998 19.05 0.75 5.18
CA ILE F 998 17.79 0.28 5.70
C ILE F 998 17.34 1.15 6.85
N LYS F 999 18.28 1.65 7.63
CA LYS F 999 17.92 2.54 8.70
C LYS F 999 17.27 3.77 8.10
N LYS F 1000 17.86 4.32 7.05
CA LYS F 1000 17.28 5.49 6.40
C LYS F 1000 15.98 5.27 5.67
N TYR F 1001 15.88 4.20 4.88
CA TYR F 1001 14.64 3.89 4.19
C TYR F 1001 14.16 2.48 4.47
N PRO F 1002 12.88 2.40 5.07
CA PRO F 1002 12.42 1.02 5.26
C PRO F 1002 11.69 0.51 4.04
N LYS F 1003 11.54 1.37 3.04
CA LYS F 1003 10.92 1.02 1.78
C LYS F 1003 11.75 -0.06 1.12
N LEU F 1004 13.05 0.07 1.32
CA LEU F 1004 14.02 -0.77 0.67
C LEU F 1004 14.09 -2.13 1.35
N GLU F 1005 13.26 -2.30 2.38
CA GLU F 1005 13.21 -3.55 3.11
C GLU F 1005 12.82 -4.67 2.16
N SER F 1006 11.92 -4.36 1.24
CA SER F 1006 11.49 -5.34 0.26
C SER F 1006 12.60 -5.80 -0.67
N GLU F 1007 13.44 -4.88 -1.10
CA GLU F 1007 14.47 -5.24 -2.06
C GLU F 1007 15.83 -5.61 -1.49
N PHE F 1008 16.08 -5.37 -0.21
CA PHE F 1008 17.37 -5.70 0.37
C PHE F 1008 17.38 -6.87 1.35
N VAL F 1009 16.42 -6.87 2.28
CA VAL F 1009 16.29 -7.94 3.26
C VAL F 1009 15.59 -9.16 2.68
N TYR F 1010 15.58 -10.26 3.40
CA TYR F 1010 15.05 -11.51 2.85
C TYR F 1010 13.76 -11.99 3.48
N GLY F 1011 12.93 -12.61 2.66
CA GLY F 1011 11.72 -13.28 3.07
C GLY F 1011 10.52 -12.69 2.34
N ASP F 1012 9.33 -12.91 2.90
CA ASP F 1012 8.14 -12.19 2.45
C ASP F 1012 7.25 -11.70 3.60
N GLY F 1030 7.89 7.18 -18.96
CA GLY F 1030 7.97 8.42 -18.21
C GLY F 1030 8.32 8.27 -16.74
N LYS F 1031 7.68 7.31 -16.05
CA LYS F 1031 7.84 7.21 -14.61
C LYS F 1031 9.23 6.71 -14.22
N ALA F 1032 9.87 5.90 -15.08
CA ALA F 1032 11.15 5.29 -14.72
C ALA F 1032 12.29 6.28 -14.67
N THR F 1033 12.09 7.51 -15.18
CA THR F 1033 13.10 8.55 -14.99
C THR F 1033 13.25 8.92 -13.51
N ALA F 1034 12.22 8.69 -12.69
CA ALA F 1034 12.39 8.87 -11.25
C ALA F 1034 13.28 7.78 -10.67
N LYS F 1035 13.08 6.54 -11.13
CA LYS F 1035 13.91 5.43 -10.67
C LYS F 1035 15.38 5.71 -10.91
N TYR F 1036 15.70 6.14 -12.11
CA TYR F 1036 17.08 6.39 -12.48
C TYR F 1036 17.62 7.47 -11.57
N PHE F 1037 16.78 8.47 -11.33
CA PHE F 1037 17.12 9.56 -10.42
C PHE F 1037 17.28 9.10 -8.97
N PHE F 1038 16.35 8.27 -8.49
CA PHE F 1038 16.39 7.86 -7.10
C PHE F 1038 17.59 6.95 -6.76
N TYR F 1039 17.80 5.93 -7.59
CA TYR F 1039 18.81 4.93 -7.28
C TYR F 1039 20.24 5.41 -7.34
N SER F 1040 20.54 6.26 -8.30
CA SER F 1040 21.86 6.81 -8.43
C SER F 1040 22.13 7.59 -7.18
N ASN F 1041 21.09 8.25 -6.70
CA ASN F 1041 21.20 9.14 -5.55
C ASN F 1041 21.08 8.46 -4.19
N ILE F 1042 20.82 7.17 -4.17
CA ILE F 1042 20.50 6.53 -2.90
C ILE F 1042 21.65 6.67 -1.93
N MET F 1043 22.87 6.47 -2.40
CA MET F 1043 24.02 6.61 -1.52
C MET F 1043 24.43 8.07 -1.47
N ASN F 1044 23.54 8.92 -0.97
CA ASN F 1044 23.83 10.34 -0.88
C ASN F 1044 23.85 10.91 0.53
N PHE F 1045 23.07 10.33 1.42
CA PHE F 1045 22.85 10.95 2.70
C PHE F 1045 24.16 11.08 3.44
N PHE F 1046 25.07 10.17 3.15
CA PHE F 1046 26.38 10.18 3.77
C PHE F 1046 27.11 11.47 3.41
N LYS F 1047 26.95 11.93 2.18
CA LYS F 1047 27.69 13.10 1.69
C LYS F 1047 27.39 14.39 2.44
N THR F 1048 28.43 15.17 2.73
CA THR F 1048 28.25 16.56 3.18
C THR F 1048 27.70 17.52 2.11
N GLU F 1049 28.27 17.49 0.91
CA GLU F 1049 27.80 18.32 -0.19
C GLU F 1049 27.86 17.57 -1.54
N ILE F 1050 26.88 17.87 -2.42
CA ILE F 1050 26.65 17.14 -3.68
C ILE F 1050 27.07 17.94 -4.90
N LYS F 1059 25.21 20.02 -0.64
CA LYS F 1059 24.95 20.45 0.73
C LYS F 1059 23.94 19.49 1.38
N ARG F 1060 24.23 19.00 2.59
CA ARG F 1060 23.28 18.20 3.35
C ARG F 1060 23.55 18.40 4.83
N PRO F 1061 22.59 18.09 5.69
CA PRO F 1061 22.80 18.27 7.13
C PRO F 1061 23.80 17.27 7.71
N LEU F 1062 24.40 17.67 8.86
CA LEU F 1062 25.39 16.84 9.52
C LEU F 1062 24.76 15.58 10.13
N ILE F 1063 23.60 15.70 10.75
CA ILE F 1063 22.93 14.53 11.28
C ILE F 1063 21.74 14.22 10.37
N GLU F 1064 21.82 13.08 9.70
CA GLU F 1064 20.74 12.55 8.90
C GLU F 1064 19.78 11.82 9.80
N THR F 1065 18.55 11.65 9.35
CA THR F 1065 17.56 10.92 10.11
C THR F 1065 16.47 10.39 9.22
N ASN F 1066 15.67 9.50 9.77
CA ASN F 1066 14.46 9.08 9.09
C ASN F 1066 13.36 9.91 9.68
N GLY F 1067 12.68 10.67 8.84
CA GLY F 1067 11.70 11.61 9.34
C GLY F 1067 10.58 10.92 10.05
N GLU F 1068 10.10 9.82 9.49
CA GLU F 1068 8.98 9.12 10.10
C GLU F 1068 9.32 8.57 11.48
N THR F 1069 10.45 7.89 11.58
CA THR F 1069 10.88 7.31 12.85
C THR F 1069 11.23 8.38 13.85
N GLY F 1070 11.86 9.44 13.35
CA GLY F 1070 12.47 10.44 14.19
C GLY F 1070 13.86 10.00 14.60
N GLU F 1071 14.28 8.84 14.09
CA GLU F 1071 15.58 8.26 14.40
C GLU F 1071 16.71 8.99 13.70
N ILE F 1072 17.91 8.84 14.24
CA ILE F 1072 19.10 9.36 13.60
C ILE F 1072 19.85 8.19 13.04
N VAL F 1073 20.11 8.20 11.74
CA VAL F 1073 20.80 7.11 11.08
C VAL F 1073 22.30 7.31 10.86
N TRP F 1074 22.72 8.55 10.71
CA TRP F 1074 24.14 8.84 10.49
C TRP F 1074 24.48 10.09 11.24
N ASP F 1075 25.71 10.18 11.72
CA ASP F 1075 26.23 11.44 12.19
C ASP F 1075 27.57 11.64 11.51
N LYS F 1076 27.69 12.67 10.68
CA LYS F 1076 28.95 12.90 10.02
C LYS F 1076 29.99 13.29 11.02
N GLY F 1077 29.59 14.09 12.00
CA GLY F 1077 30.52 14.58 12.99
C GLY F 1077 31.17 13.56 13.89
N ARG F 1078 30.40 12.60 14.36
CA ARG F 1078 30.93 11.56 15.22
C ARG F 1078 31.14 10.24 14.50
N ASP F 1079 30.17 9.88 13.67
CA ASP F 1079 30.13 8.57 13.03
C ASP F 1079 31.23 8.29 12.01
N PHE F 1080 31.75 9.33 11.39
CA PHE F 1080 32.79 9.17 10.37
C PHE F 1080 34.18 9.02 10.96
N ALA F 1081 34.34 9.39 12.23
CA ALA F 1081 35.62 9.22 12.90
C ALA F 1081 35.76 7.83 13.47
N THR F 1082 34.65 7.24 13.93
CA THR F 1082 34.70 5.88 14.46
C THR F 1082 35.20 4.89 13.42
N VAL F 1083 34.82 5.06 12.15
CA VAL F 1083 35.34 4.21 11.07
C VAL F 1083 36.86 4.17 11.10
N ARG F 1084 37.50 5.33 10.95
CA ARG F 1084 38.95 5.36 10.99
C ARG F 1084 39.50 4.74 12.28
N LYS F 1085 38.79 4.91 13.40
CA LYS F 1085 39.15 4.16 14.60
C LYS F 1085 39.08 2.66 14.40
N VAL F 1086 38.52 2.17 13.30
CA VAL F 1086 38.29 0.76 13.06
C VAL F 1086 39.25 0.21 12.01
N LEU F 1087 39.34 0.88 10.86
CA LEU F 1087 40.34 0.55 9.86
C LEU F 1087 41.75 0.65 10.45
N SER F 1088 42.02 1.78 11.13
CA SER F 1088 43.31 1.99 11.78
C SER F 1088 43.32 1.26 13.13
N MET F 1089 43.21 -0.07 13.05
CA MET F 1089 43.40 -0.87 14.24
C MET F 1089 44.62 -1.76 14.03
N PRO F 1090 45.38 -1.94 15.09
CA PRO F 1090 46.59 -2.74 15.00
C PRO F 1090 46.29 -4.18 14.71
N GLN F 1091 45.29 -4.74 15.38
CA GLN F 1091 45.01 -6.15 15.26
C GLN F 1091 43.61 -6.45 14.76
N VAL F 1092 43.55 -7.33 13.78
CA VAL F 1092 42.32 -7.91 13.28
C VAL F 1092 42.62 -9.39 13.33
N ASN F 1093 41.73 -10.21 13.89
CA ASN F 1093 42.03 -11.63 14.00
C ASN F 1093 42.07 -12.21 12.61
N ILE F 1094 43.17 -12.85 12.25
CA ILE F 1094 43.27 -13.53 10.99
C ILE F 1094 43.61 -14.96 11.31
N VAL F 1095 42.85 -15.88 10.75
CA VAL F 1095 42.99 -17.28 11.01
C VAL F 1095 43.16 -17.98 9.70
N LYS F 1096 44.13 -18.87 9.58
CA LYS F 1096 44.25 -19.67 8.38
C LYS F 1096 43.79 -21.04 8.76
N LYS F 1097 42.79 -21.56 8.08
CA LYS F 1097 42.20 -22.82 8.50
C LYS F 1097 43.20 -23.92 8.35
N THR F 1098 43.30 -24.75 9.36
CA THR F 1098 44.24 -25.85 9.30
C THR F 1098 43.52 -26.89 8.48
N GLU F 1099 44.17 -27.35 7.42
CA GLU F 1099 43.58 -28.34 6.56
C GLU F 1099 44.54 -29.48 6.32
N VAL F 1100 44.14 -30.69 6.64
CA VAL F 1100 44.97 -31.83 6.31
C VAL F 1100 44.99 -31.86 4.81
N GLN F 1101 46.15 -32.07 4.22
CA GLN F 1101 46.24 -32.19 2.78
C GLN F 1101 45.69 -33.54 2.33
N THR F 1102 44.98 -33.54 1.22
CA THR F 1102 44.36 -34.74 0.69
C THR F 1102 44.68 -34.75 -0.77
N GLY F 1103 44.58 -35.89 -1.41
CA GLY F 1103 44.81 -35.91 -2.84
C GLY F 1103 45.65 -37.08 -3.28
N GLY F 1104 46.26 -36.94 -4.44
CA GLY F 1104 47.18 -37.92 -4.95
C GLY F 1104 48.41 -38.01 -4.06
N PHE F 1105 48.98 -39.19 -3.98
CA PHE F 1105 50.08 -39.44 -3.07
C PHE F 1105 51.34 -38.67 -3.35
N SER F 1106 51.70 -38.51 -4.60
CA SER F 1106 53.00 -37.96 -4.92
C SER F 1106 53.03 -37.41 -6.31
N LYS F 1107 54.12 -36.77 -6.68
CA LYS F 1107 54.24 -36.23 -8.02
C LYS F 1107 54.08 -37.38 -8.96
N GLU F 1108 53.27 -37.19 -9.98
CA GLU F 1108 52.83 -38.29 -10.81
C GLU F 1108 53.96 -39.00 -11.52
N SER F 1109 54.99 -38.25 -11.89
CA SER F 1109 56.05 -38.75 -12.76
C SER F 1109 56.92 -39.86 -12.19
N ILE F 1110 57.40 -40.71 -13.09
CA ILE F 1110 58.20 -41.88 -12.73
C ILE F 1110 59.68 -41.66 -13.04
N LEU F 1111 60.49 -41.61 -11.99
CA LEU F 1111 61.91 -41.37 -12.10
C LEU F 1111 62.64 -42.61 -12.51
N PRO F 1112 63.86 -42.45 -13.03
CA PRO F 1112 64.67 -43.60 -13.38
C PRO F 1112 65.40 -44.10 -12.14
N LYS F 1113 66.06 -45.25 -12.30
CA LYS F 1113 66.63 -45.90 -11.13
C LYS F 1113 67.74 -45.03 -10.56
N ARG F 1114 67.75 -44.90 -9.24
CA ARG F 1114 68.67 -44.03 -8.54
C ARG F 1114 68.96 -44.65 -7.20
N ASN F 1115 70.22 -44.57 -6.78
CA ASN F 1115 70.52 -44.78 -5.37
C ASN F 1115 70.08 -43.56 -4.60
N SER F 1116 68.90 -43.69 -4.02
CA SER F 1116 68.40 -42.76 -3.03
C SER F 1116 67.29 -43.46 -2.28
N ASP F 1117 66.99 -42.93 -1.11
CA ASP F 1117 65.98 -43.45 -0.21
C ASP F 1117 64.73 -42.59 -0.20
N LYS F 1118 64.69 -41.56 -1.05
CA LYS F 1118 63.45 -40.82 -1.26
C LYS F 1118 62.56 -41.48 -2.28
N LEU F 1119 63.17 -42.13 -3.28
CA LEU F 1119 62.42 -42.86 -4.30
C LEU F 1119 61.44 -43.83 -3.63
N ILE F 1120 60.36 -44.16 -4.34
CA ILE F 1120 59.21 -44.78 -3.73
C ILE F 1120 58.88 -46.07 -4.47
N ALA F 1121 58.06 -46.91 -3.82
CA ALA F 1121 57.68 -48.24 -4.34
C ALA F 1121 56.65 -48.05 -5.44
N ARG F 1122 57.05 -48.22 -6.70
CA ARG F 1122 56.04 -48.18 -7.75
C ARG F 1122 55.06 -49.33 -7.62
N LYS F 1123 55.57 -50.52 -7.35
CA LYS F 1123 54.78 -51.63 -6.80
C LYS F 1123 55.69 -52.38 -5.85
N LYS F 1124 55.10 -53.10 -4.91
CA LYS F 1124 55.75 -53.45 -3.68
C LYS F 1124 57.03 -54.24 -3.92
N ASP F 1125 56.99 -55.12 -4.89
CA ASP F 1125 58.16 -55.91 -5.25
C ASP F 1125 59.34 -55.12 -5.82
N TRP F 1126 59.06 -54.09 -6.60
CA TRP F 1126 60.10 -53.48 -7.41
C TRP F 1126 60.96 -52.47 -6.67
N ASP F 1127 62.23 -52.79 -6.51
CA ASP F 1127 63.13 -51.94 -5.78
C ASP F 1127 63.16 -50.65 -6.53
N PRO F 1128 63.09 -49.49 -5.76
CA PRO F 1128 63.17 -48.26 -6.56
C PRO F 1128 64.51 -48.18 -7.26
N LYS F 1129 65.57 -48.58 -6.59
CA LYS F 1129 66.90 -48.53 -7.18
C LYS F 1129 67.06 -49.42 -8.40
N LYS F 1130 66.55 -50.65 -8.32
CA LYS F 1130 66.61 -51.57 -9.46
C LYS F 1130 65.77 -51.15 -10.66
N TYR F 1131 64.52 -50.76 -10.41
CA TYR F 1131 63.59 -50.46 -11.49
C TYR F 1131 63.17 -49.01 -11.61
N GLY F 1132 63.30 -48.26 -10.54
CA GLY F 1132 62.78 -46.92 -10.52
C GLY F 1132 61.48 -46.78 -9.78
N GLY F 1133 61.19 -45.54 -9.37
CA GLY F 1133 60.13 -45.26 -8.44
C GLY F 1133 59.61 -43.84 -8.45
N PHE F 1134 58.53 -43.68 -7.72
CA PHE F 1134 57.92 -42.39 -7.46
C PHE F 1134 58.70 -41.54 -6.48
N ASP F 1135 58.39 -40.26 -6.43
CA ASP F 1135 59.15 -39.29 -5.68
C ASP F 1135 58.23 -38.21 -5.13
N SER F 1136 58.75 -37.35 -4.28
CA SER F 1136 58.02 -36.17 -3.85
C SER F 1136 56.65 -36.43 -3.24
N PRO F 1137 56.64 -37.30 -2.14
CA PRO F 1137 55.29 -37.57 -1.63
C PRO F 1137 54.69 -36.32 -1.09
N THR F 1138 53.38 -36.20 -1.15
CA THR F 1138 52.68 -35.05 -0.60
C THR F 1138 52.26 -35.39 0.81
N VAL F 1139 52.78 -34.68 1.79
CA VAL F 1139 52.47 -35.01 3.17
C VAL F 1139 51.13 -34.48 3.60
N ALA F 1140 50.23 -35.37 4.00
CA ALA F 1140 48.90 -34.98 4.47
C ALA F 1140 48.86 -34.22 5.78
N TYR F 1141 49.58 -34.73 6.76
CA TYR F 1141 49.72 -34.06 8.03
C TYR F 1141 50.91 -34.65 8.75
N SER F 1142 51.37 -33.98 9.78
CA SER F 1142 52.57 -34.43 10.46
C SER F 1142 52.28 -34.58 11.92
N VAL F 1143 53.03 -35.45 12.56
CA VAL F 1143 52.86 -35.71 13.97
C VAL F 1143 54.14 -35.39 14.71
N LEU F 1144 53.99 -34.75 15.84
CA LEU F 1144 55.09 -34.66 16.78
C LEU F 1144 55.32 -36.06 17.28
N VAL F 1145 56.58 -36.43 17.46
CA VAL F 1145 56.89 -37.62 18.22
C VAL F 1145 57.96 -37.24 19.19
N VAL F 1146 57.79 -37.56 20.46
CA VAL F 1146 58.87 -37.40 21.40
C VAL F 1146 59.24 -38.80 21.80
N ALA F 1147 60.48 -39.18 21.50
CA ALA F 1147 60.89 -40.57 21.55
C ALA F 1147 62.40 -40.67 21.54
N LYS F 1148 62.92 -41.88 21.55
CA LYS F 1148 64.35 -42.11 21.49
C LYS F 1148 64.73 -42.89 20.25
N VAL F 1149 65.92 -42.65 19.74
CA VAL F 1149 66.46 -43.41 18.61
C VAL F 1149 67.87 -43.86 18.93
N GLU F 1150 68.22 -45.09 18.61
CA GLU F 1150 69.58 -45.53 18.82
C GLU F 1150 70.49 -44.76 17.90
N LYS F 1151 71.64 -44.35 18.40
CA LYS F 1151 72.64 -43.74 17.53
C LYS F 1151 74.02 -44.30 17.85
N GLY F 1152 74.84 -44.44 16.83
CA GLY F 1152 76.17 -44.99 17.00
C GLY F 1152 76.19 -46.51 16.95
N LYS F 1153 77.38 -47.06 17.06
CA LYS F 1153 77.57 -48.51 16.99
C LYS F 1153 76.88 -49.25 18.12
N SER F 1154 76.94 -48.67 19.31
CA SER F 1154 76.46 -49.32 20.51
C SER F 1154 74.96 -49.42 20.48
N LYS F 1155 74.35 -48.75 19.52
CA LYS F 1155 72.91 -48.70 19.48
C LYS F 1155 72.47 -48.03 20.75
N LYS F 1156 73.25 -47.06 21.17
CA LYS F 1156 72.95 -46.22 22.32
C LYS F 1156 71.72 -45.43 21.98
N LEU F 1157 70.85 -45.22 22.96
CA LEU F 1157 69.62 -44.51 22.70
C LEU F 1157 69.81 -43.04 23.00
N LYS F 1158 69.83 -42.24 21.96
CA LYS F 1158 69.80 -40.81 22.13
C LYS F 1158 68.36 -40.47 22.38
N SER F 1159 68.11 -39.35 23.03
CA SER F 1159 66.75 -38.86 23.23
C SER F 1159 66.49 -37.68 22.29
N VAL F 1160 65.33 -37.69 21.61
CA VAL F 1160 65.06 -36.74 20.53
C VAL F 1160 63.62 -36.22 20.62
N LYS F 1161 63.33 -35.21 19.81
CA LYS F 1161 61.98 -34.68 19.61
C LYS F 1161 61.93 -33.98 18.26
N GLU F 1162 61.11 -34.49 17.34
CA GLU F 1162 61.15 -34.02 15.96
C GLU F 1162 59.76 -34.08 15.33
N LEU F 1163 59.64 -33.46 14.14
CA LEU F 1163 58.44 -33.50 13.31
C LEU F 1163 58.58 -34.62 12.29
N LEU F 1164 57.68 -35.61 12.37
CA LEU F 1164 57.52 -36.64 11.34
C LEU F 1164 56.26 -36.32 10.52
N GLY F 1165 56.46 -35.95 9.26
CA GLY F 1165 55.33 -35.85 8.37
C GLY F 1165 54.71 -37.21 8.16
N ILE F 1166 53.39 -37.21 7.89
CA ILE F 1166 52.68 -38.40 7.45
C ILE F 1166 52.21 -38.14 6.02
N THR F 1167 52.53 -39.05 5.11
CA THR F 1167 52.14 -38.90 3.71
C THR F 1167 50.69 -39.35 3.55
N ILE F 1168 50.14 -39.17 2.38
CA ILE F 1168 48.80 -39.63 2.10
C ILE F 1168 48.74 -41.16 2.04
N MET F 1169 49.78 -41.74 1.47
CA MET F 1169 49.92 -43.18 1.38
C MET F 1169 50.04 -43.81 2.74
N GLU F 1170 50.80 -43.16 3.61
CA GLU F 1170 51.04 -43.62 4.96
C GLU F 1170 49.84 -43.53 5.87
N ARG F 1171 48.91 -42.66 5.53
CA ARG F 1171 47.94 -42.16 6.48
C ARG F 1171 47.08 -43.23 7.11
N SER F 1172 46.54 -44.13 6.31
CA SER F 1172 45.68 -45.15 6.84
C SER F 1172 46.51 -46.01 7.73
N SER F 1173 47.73 -46.26 7.29
CA SER F 1173 48.64 -47.14 8.00
C SER F 1173 49.04 -46.64 9.37
N PHE F 1174 49.31 -45.35 9.49
CA PHE F 1174 49.66 -44.81 10.80
C PHE F 1174 48.54 -44.83 11.82
N GLU F 1175 47.37 -44.39 11.41
CA GLU F 1175 46.25 -44.24 12.32
C GLU F 1175 45.79 -45.60 12.86
N LYS F 1176 45.83 -46.59 11.99
CA LYS F 1176 45.36 -47.94 12.29
C LYS F 1176 45.95 -48.48 13.58
N ASN F 1177 47.26 -48.64 13.61
CA ASN F 1177 48.03 -48.77 14.86
C ASN F 1177 49.16 -47.74 14.80
N PRO F 1178 49.12 -46.70 15.68
CA PRO F 1178 50.12 -45.64 15.63
C PRO F 1178 51.53 -46.09 16.02
N ILE F 1179 51.71 -46.69 17.20
CA ILE F 1179 53.07 -46.89 17.70
C ILE F 1179 53.80 -47.94 16.88
N ASP F 1180 53.13 -49.05 16.55
CA ASP F 1180 53.74 -50.03 15.67
C ASP F 1180 54.14 -49.46 14.31
N PHE F 1181 53.60 -48.31 13.92
CA PHE F 1181 54.01 -47.69 12.66
C PHE F 1181 55.25 -46.81 12.86
N LEU F 1182 55.29 -46.05 13.95
CA LEU F 1182 56.48 -45.29 14.31
C LEU F 1182 57.60 -46.20 14.75
N GLU F 1183 57.28 -47.25 15.51
CA GLU F 1183 58.32 -48.14 16.01
C GLU F 1183 59.11 -48.77 14.88
N ALA F 1184 58.61 -48.63 13.66
CA ALA F 1184 59.10 -49.29 12.46
C ALA F 1184 60.01 -48.41 11.61
N LYS F 1185 59.73 -47.12 11.59
CA LYS F 1185 60.62 -46.14 11.01
C LYS F 1185 61.90 -46.21 11.79
N GLY F 1186 61.78 -46.50 13.07
CA GLY F 1186 62.93 -46.55 13.95
C GLY F 1186 62.80 -45.83 15.27
N TYR F 1187 61.72 -45.10 15.47
CA TYR F 1187 61.51 -44.45 16.76
C TYR F 1187 61.23 -45.49 17.84
N LYS F 1188 61.83 -45.32 19.00
CA LYS F 1188 61.67 -46.28 20.09
C LYS F 1188 61.44 -45.57 21.42
N GLU F 1189 60.77 -46.25 22.36
CA GLU F 1189 60.43 -45.64 23.62
C GLU F 1189 59.60 -44.40 23.40
N VAL F 1190 58.67 -44.49 22.45
CA VAL F 1190 57.80 -43.39 22.09
C VAL F 1190 56.77 -43.13 23.17
N LYS F 1191 56.27 -41.91 23.22
CA LYS F 1191 55.20 -41.60 24.13
C LYS F 1191 53.92 -41.38 23.35
N LYS F 1192 52.93 -42.23 23.59
CA LYS F 1192 51.66 -42.11 22.92
C LYS F 1192 50.97 -40.82 23.32
N ASP F 1193 51.15 -40.42 24.57
CA ASP F 1193 50.40 -39.33 25.17
C ASP F 1193 50.63 -38.05 24.40
N LEU F 1194 51.84 -37.87 23.91
CA LEU F 1194 52.27 -36.61 23.33
C LEU F 1194 52.29 -36.59 21.81
N ILE F 1195 51.51 -37.46 21.19
CA ILE F 1195 51.48 -37.57 19.73
C ILE F 1195 50.55 -36.47 19.23
N ILE F 1196 51.13 -35.39 18.70
CA ILE F 1196 50.37 -34.21 18.29
C ILE F 1196 50.24 -34.21 16.78
N LYS F 1197 49.00 -34.27 16.31
CA LYS F 1197 48.69 -34.21 14.90
C LYS F 1197 48.77 -32.76 14.45
N LEU F 1198 49.73 -32.47 13.58
CA LEU F 1198 49.85 -31.12 13.01
C LEU F 1198 49.43 -31.13 11.55
N PRO F 1199 48.25 -30.62 11.23
CA PRO F 1199 47.85 -30.47 9.83
C PRO F 1199 48.49 -29.21 9.26
N LYS F 1200 48.28 -29.01 7.97
CA LYS F 1200 48.87 -27.84 7.33
C LYS F 1200 48.35 -26.56 7.97
N TYR F 1201 49.19 -25.52 7.91
CA TYR F 1201 48.84 -24.16 8.31
C TYR F 1201 48.71 -24.00 9.83
N SER F 1202 49.37 -24.89 10.58
CA SER F 1202 49.39 -24.83 12.03
C SER F 1202 50.25 -23.64 12.43
N LEU F 1203 50.16 -23.27 13.70
CA LEU F 1203 50.68 -21.98 14.16
C LEU F 1203 51.54 -22.12 15.41
N PHE F 1204 52.64 -21.37 15.44
CA PHE F 1204 53.52 -21.27 16.61
C PHE F 1204 53.96 -19.82 16.85
N GLU F 1205 54.20 -19.48 18.11
CA GLU F 1205 54.70 -18.17 18.49
C GLU F 1205 56.03 -18.26 19.24
N LEU F 1206 57.04 -17.59 18.75
CA LEU F 1206 58.35 -17.65 19.37
C LEU F 1206 58.86 -16.26 19.58
N GLU F 1207 59.73 -16.07 20.55
CA GLU F 1207 60.48 -14.82 20.59
C GLU F 1207 59.56 -13.60 20.65
N ASN F 1208 59.68 -12.73 19.66
CA ASN F 1208 59.16 -11.37 19.70
C ASN F 1208 57.69 -11.30 19.32
N GLY F 1209 57.05 -12.45 19.25
CA GLY F 1209 55.67 -12.52 18.82
C GLY F 1209 55.70 -12.92 17.38
N ARG F 1210 56.90 -13.21 16.92
CA ARG F 1210 57.08 -13.70 15.58
C ARG F 1210 56.26 -14.94 15.54
N LYS F 1211 55.63 -15.21 14.41
CA LYS F 1211 54.80 -16.41 14.29
C LYS F 1211 55.21 -17.16 13.02
N ARG F 1212 55.05 -18.47 13.02
CA ARG F 1212 55.26 -19.27 11.83
C ARG F 1212 54.08 -20.21 11.63
N MET F 1213 53.98 -20.71 10.40
CA MET F 1213 53.00 -21.70 10.01
C MET F 1213 53.69 -22.88 9.36
N LEU F 1214 53.32 -24.09 9.69
CA LEU F 1214 54.06 -25.17 9.07
C LEU F 1214 53.42 -25.71 7.82
N ALA F 1215 54.10 -25.49 6.69
CA ALA F 1215 53.78 -26.01 5.38
C ALA F 1215 53.95 -27.51 5.19
N SER F 1216 54.98 -28.06 5.82
CA SER F 1216 55.28 -29.46 5.67
C SER F 1216 56.03 -29.81 6.90
N ALA F 1217 56.38 -31.08 7.04
CA ALA F 1217 57.26 -31.46 8.11
C ALA F 1217 58.56 -30.73 7.86
N GLY F 1218 58.91 -30.64 6.59
CA GLY F 1218 60.08 -29.91 6.14
C GLY F 1218 60.22 -28.40 6.23
N GLU F 1219 59.17 -27.65 5.94
CA GLU F 1219 59.31 -26.21 5.69
C GLU F 1219 58.22 -25.37 6.32
N LEU F 1220 58.47 -24.08 6.42
CA LEU F 1220 57.60 -23.18 7.14
C LEU F 1220 57.09 -22.04 6.27
N GLN F 1221 56.02 -21.41 6.74
CA GLN F 1221 55.32 -20.37 6.04
C GLN F 1221 55.41 -19.10 6.86
N LYS F 1222 55.23 -17.95 6.23
CA LYS F 1222 55.30 -16.67 6.92
C LYS F 1222 54.10 -16.48 7.85
N GLY F 1223 54.38 -16.15 9.11
CA GLY F 1223 53.36 -16.09 10.14
C GLY F 1223 52.58 -14.79 10.33
N ASN F 1224 53.25 -13.64 10.35
CA ASN F 1224 52.65 -12.42 10.91
C ASN F 1224 52.08 -11.49 9.83
N GLU F 1225 51.14 -10.64 10.27
CA GLU F 1225 50.52 -9.62 9.42
C GLU F 1225 51.10 -8.26 9.78
N LEU F 1226 51.38 -7.44 8.74
CA LEU F 1226 52.06 -6.14 8.88
C LEU F 1226 51.03 -5.01 8.88
N ALA F 1227 50.85 -4.39 10.04
CA ALA F 1227 49.74 -3.47 10.24
C ALA F 1227 50.13 -2.09 9.73
N LEU F 1228 50.32 -2.01 8.41
CA LEU F 1228 50.68 -0.78 7.74
C LEU F 1228 49.71 0.31 8.18
N PRO F 1229 50.19 1.34 8.85
CA PRO F 1229 49.31 2.43 9.28
C PRO F 1229 48.58 3.03 8.08
N SER F 1230 47.29 3.34 8.28
CA SER F 1230 46.43 3.58 7.14
C SER F 1230 46.79 4.85 6.39
N LYS F 1231 47.52 5.78 7.03
CA LYS F 1231 47.88 7.00 6.30
C LYS F 1231 48.72 6.68 5.08
N TYR F 1232 49.67 5.76 5.19
CA TYR F 1232 50.50 5.31 4.08
C TYR F 1232 49.76 4.34 3.17
N VAL F 1233 48.44 4.20 3.31
CA VAL F 1233 47.64 3.28 2.50
C VAL F 1233 46.74 4.03 1.52
N ASN F 1234 45.96 5.02 2.01
CA ASN F 1234 45.39 6.00 1.09
C ASN F 1234 46.54 6.50 0.23
N PHE F 1235 47.72 6.60 0.86
CA PHE F 1235 48.87 7.15 0.18
C PHE F 1235 49.32 6.26 -0.98
N LEU F 1236 49.09 4.95 -0.91
CA LEU F 1236 49.62 4.12 -1.99
C LEU F 1236 48.65 3.99 -3.16
N TYR F 1237 47.34 3.90 -2.91
CA TYR F 1237 46.39 3.81 -4.01
C TYR F 1237 46.57 4.95 -4.99
N LEU F 1238 46.61 6.16 -4.46
CA LEU F 1238 46.69 7.37 -5.27
C LEU F 1238 47.93 7.34 -6.17
N ALA F 1239 49.11 7.27 -5.54
CA ALA F 1239 50.36 7.41 -6.25
C ALA F 1239 50.72 6.19 -7.11
N SER F 1240 50.11 5.06 -6.79
CA SER F 1240 50.27 3.83 -7.54
C SER F 1240 49.66 4.03 -8.89
N HIS F 1241 48.62 4.86 -8.92
CA HIS F 1241 47.80 4.97 -10.09
C HIS F 1241 47.26 3.58 -10.39
N TYR F 1242 46.80 2.90 -9.34
CA TYR F 1242 46.07 1.67 -9.51
C TYR F 1242 44.83 2.10 -10.26
N GLU F 1243 44.41 1.33 -11.25
CA GLU F 1243 43.33 1.79 -12.12
C GLU F 1243 43.75 3.14 -12.71
N LYS F 1244 42.88 4.14 -12.60
CA LYS F 1244 43.20 5.51 -13.01
C LYS F 1244 42.29 6.45 -12.22
N LEU F 1245 42.64 7.74 -12.17
CA LEU F 1245 41.87 8.65 -11.34
C LEU F 1245 40.70 9.28 -12.11
N LYS F 1246 39.49 8.85 -11.77
CA LYS F 1246 38.25 9.26 -12.44
C LYS F 1246 37.45 10.34 -11.70
N GLY F 1247 38.03 10.88 -10.64
CA GLY F 1247 37.37 11.85 -9.79
C GLY F 1247 37.18 13.22 -10.42
N SER F 1248 36.22 13.99 -9.89
CA SER F 1248 35.91 15.30 -10.44
C SER F 1248 37.17 16.15 -10.36
N PRO F 1249 37.42 16.96 -11.39
CA PRO F 1249 38.72 17.65 -11.45
C PRO F 1249 39.06 18.52 -10.23
N GLU F 1250 38.11 19.31 -9.72
CA GLU F 1250 38.39 20.12 -8.56
C GLU F 1250 38.72 19.22 -7.37
N ASP F 1251 37.94 18.17 -7.21
CA ASP F 1251 38.21 17.13 -6.21
C ASP F 1251 39.49 16.39 -6.52
N ASN F 1252 39.70 16.11 -7.80
CA ASN F 1252 40.83 15.34 -8.26
C ASN F 1252 42.15 16.01 -7.94
N GLU F 1253 42.18 17.33 -8.06
CA GLU F 1253 43.38 18.11 -7.81
C GLU F 1253 43.84 17.96 -6.37
N GLN F 1254 42.90 17.95 -5.45
CA GLN F 1254 43.25 18.00 -4.05
C GLN F 1254 44.11 16.81 -3.68
N LYS F 1255 43.73 15.64 -4.17
CA LYS F 1255 44.47 14.44 -3.88
C LYS F 1255 45.87 14.52 -4.45
N GLN F 1256 46.00 15.10 -5.64
CA GLN F 1256 47.27 15.11 -6.33
C GLN F 1256 48.33 15.86 -5.54
N LEU F 1257 47.98 17.01 -5.00
CA LEU F 1257 48.97 17.80 -4.27
C LEU F 1257 49.41 17.05 -3.05
N PHE F 1258 48.46 16.41 -2.39
CA PHE F 1258 48.71 15.71 -1.13
C PHE F 1258 49.72 14.61 -1.38
N VAL F 1259 49.58 13.95 -2.53
CA VAL F 1259 50.52 12.91 -2.86
C VAL F 1259 51.91 13.50 -2.97
N GLU F 1260 52.00 14.65 -3.64
CA GLU F 1260 53.24 15.38 -3.78
C GLU F 1260 53.73 15.90 -2.45
N GLN F 1261 52.79 16.33 -1.64
CA GLN F 1261 53.07 16.98 -0.37
C GLN F 1261 53.82 16.05 0.56
N HIS F 1262 53.49 14.76 0.50
CA HIS F 1262 54.00 13.79 1.46
C HIS F 1262 54.91 12.70 0.89
N LYS F 1263 55.77 13.05 -0.06
CA LYS F 1263 56.62 12.07 -0.71
C LYS F 1263 57.47 11.38 0.33
N HIS F 1264 57.74 12.06 1.42
CA HIS F 1264 58.64 11.53 2.44
C HIS F 1264 58.08 10.25 3.04
N TYR F 1265 56.78 10.05 2.92
CA TYR F 1265 56.11 8.90 3.49
C TYR F 1265 56.75 7.67 2.90
N LEU F 1266 57.25 7.80 1.68
CA LEU F 1266 57.80 6.66 1.01
C LEU F 1266 58.92 6.14 1.86
N ASP F 1267 59.74 7.04 2.40
CA ASP F 1267 60.82 6.57 3.27
C ASP F 1267 60.27 6.08 4.61
N GLU F 1268 59.21 6.69 5.09
CA GLU F 1268 58.59 6.23 6.32
C GLU F 1268 58.08 4.82 6.16
N ILE F 1269 57.47 4.53 5.01
CA ILE F 1269 56.92 3.22 4.74
C ILE F 1269 57.96 2.13 4.68
N ILE F 1270 59.06 2.39 3.99
CA ILE F 1270 60.14 1.43 3.92
C ILE F 1270 60.70 1.24 5.31
N GLU F 1271 60.72 2.31 6.08
CA GLU F 1271 61.08 2.22 7.45
C GLU F 1271 60.06 1.32 8.13
N GLN F 1272 58.80 1.46 7.76
CA GLN F 1272 57.79 0.58 8.34
C GLN F 1272 58.01 -0.88 7.98
N ILE F 1273 58.31 -1.14 6.71
CA ILE F 1273 58.62 -2.50 6.32
C ILE F 1273 59.89 -2.97 6.98
N SER F 1274 60.90 -2.13 6.99
CA SER F 1274 62.21 -2.60 7.32
C SER F 1274 62.19 -3.15 8.72
N GLU F 1275 61.53 -2.45 9.61
CA GLU F 1275 61.51 -2.84 11.00
C GLU F 1275 60.87 -4.19 11.07
N PHE F 1276 59.82 -4.34 10.29
CA PHE F 1276 59.05 -5.57 10.28
C PHE F 1276 59.93 -6.70 9.83
N SER F 1277 60.70 -6.46 8.78
CA SER F 1277 61.52 -7.52 8.25
C SER F 1277 62.56 -7.97 9.24
N LYS F 1278 63.15 -7.04 9.94
CA LYS F 1278 64.10 -7.40 10.99
C LYS F 1278 63.45 -8.15 12.13
N ARG F 1279 62.29 -7.68 12.58
CA ARG F 1279 61.61 -8.36 13.67
C ARG F 1279 61.02 -9.71 13.36
N VAL F 1280 60.30 -9.82 12.25
CA VAL F 1280 59.49 -11.00 12.03
C VAL F 1280 59.90 -11.86 10.86
N ILE F 1281 59.99 -11.26 9.69
CA ILE F 1281 60.24 -12.03 8.49
C ILE F 1281 61.58 -12.72 8.61
N LEU F 1282 62.57 -12.00 9.11
CA LEU F 1282 63.90 -12.54 9.30
C LEU F 1282 64.62 -12.74 7.99
N ALA F 1283 64.09 -12.13 6.93
CA ALA F 1283 64.73 -12.23 5.64
C ALA F 1283 65.75 -11.11 5.47
N ASP F 1284 66.82 -11.16 6.25
CA ASP F 1284 67.86 -10.14 6.17
C ASP F 1284 68.66 -10.10 4.88
N ALA F 1285 69.01 -11.26 4.37
CA ALA F 1285 69.83 -11.29 3.17
C ALA F 1285 69.06 -10.67 2.04
N ASN F 1286 67.78 -10.99 1.99
CA ASN F 1286 66.84 -10.43 1.02
C ASN F 1286 66.55 -8.95 1.23
N LEU F 1287 66.44 -8.57 2.49
CA LEU F 1287 66.04 -7.22 2.85
C LEU F 1287 67.03 -6.19 2.35
N ASP F 1288 68.31 -6.52 2.43
CA ASP F 1288 69.34 -5.61 1.98
C ASP F 1288 69.16 -5.36 0.52
N LYS F 1289 68.80 -6.40 -0.21
CA LYS F 1289 68.58 -6.29 -1.64
C LYS F 1289 67.42 -5.36 -1.92
N VAL F 1290 66.38 -5.43 -1.10
CA VAL F 1290 65.23 -4.56 -1.28
C VAL F 1290 65.60 -3.09 -1.09
N LEU F 1291 66.41 -2.80 -0.09
CA LEU F 1291 66.84 -1.44 0.16
C LEU F 1291 67.68 -0.89 -0.96
N SER F 1292 68.62 -1.68 -1.45
CA SER F 1292 69.53 -1.20 -2.47
C SER F 1292 68.71 -0.82 -3.65
N ALA F 1293 67.69 -1.62 -3.92
CA ALA F 1293 66.79 -1.27 -4.99
C ALA F 1293 66.05 0.01 -4.67
N TYR F 1294 65.50 0.14 -3.47
CA TYR F 1294 64.80 1.37 -3.13
C TYR F 1294 65.77 2.51 -3.02
N ASN F 1295 66.92 2.22 -2.43
CA ASN F 1295 67.88 3.25 -2.16
C ASN F 1295 68.27 3.81 -3.51
N LYS F 1296 68.34 2.93 -4.48
CA LYS F 1296 68.68 3.30 -5.85
C LYS F 1296 67.57 4.06 -6.57
N HIS F 1297 66.37 4.10 -6.00
CA HIS F 1297 65.30 4.84 -6.66
C HIS F 1297 64.49 5.79 -5.79
N ARG F 1298 65.13 6.85 -5.32
CA ARG F 1298 64.42 7.92 -4.64
C ARG F 1298 64.21 9.08 -5.57
N ASP F 1299 64.65 8.93 -6.81
CA ASP F 1299 64.63 10.01 -7.78
C ASP F 1299 63.57 9.86 -8.86
N LYS F 1300 63.11 8.64 -9.06
CA LYS F 1300 62.21 8.36 -10.15
C LYS F 1300 60.79 8.80 -9.87
N PRO F 1301 59.97 8.90 -11.00
CA PRO F 1301 58.65 9.47 -10.71
C PRO F 1301 57.93 8.62 -9.69
N ILE F 1302 57.20 9.29 -8.81
CA ILE F 1302 56.61 8.68 -7.65
C ILE F 1302 55.64 7.59 -8.00
N ARG F 1303 54.89 7.77 -9.08
CA ARG F 1303 53.90 6.78 -9.45
C ARG F 1303 54.63 5.50 -9.68
N GLU F 1304 55.77 5.58 -10.35
CA GLU F 1304 56.60 4.39 -10.51
C GLU F 1304 57.08 3.93 -9.15
N GLN F 1305 57.50 4.86 -8.31
CA GLN F 1305 58.01 4.49 -7.01
C GLN F 1305 56.94 3.82 -6.19
N ALA F 1306 55.74 4.38 -6.22
CA ALA F 1306 54.67 3.91 -5.36
C ALA F 1306 53.92 2.73 -5.96
N GLU F 1307 53.96 2.55 -7.29
CA GLU F 1307 53.58 1.25 -7.81
C GLU F 1307 54.60 0.22 -7.38
N ASN F 1308 55.87 0.52 -7.51
CA ASN F 1308 56.87 -0.47 -7.18
C ASN F 1308 57.19 -0.53 -5.69
N ILE F 1309 56.50 0.23 -4.84
CA ILE F 1309 56.60 -0.06 -3.42
C ILE F 1309 55.52 -1.06 -2.97
N ILE F 1310 54.46 -1.24 -3.78
CA ILE F 1310 53.45 -2.27 -3.55
C ILE F 1310 54.05 -3.67 -3.77
N HIS F 1311 55.07 -3.76 -4.61
CA HIS F 1311 55.69 -5.04 -4.89
C HIS F 1311 56.34 -5.66 -3.66
N LEU F 1312 56.89 -4.84 -2.79
CA LEU F 1312 57.69 -5.31 -1.69
C LEU F 1312 56.88 -6.24 -0.82
N PHE F 1313 55.60 -5.92 -0.65
CA PHE F 1313 54.77 -6.55 0.36
C PHE F 1313 54.63 -8.03 0.11
N THR F 1314 55.00 -8.41 -1.11
CA THR F 1314 55.10 -9.81 -1.46
C THR F 1314 56.15 -10.44 -0.55
N LEU F 1315 57.18 -9.69 -0.23
CA LEU F 1315 58.16 -10.17 0.75
C LEU F 1315 57.57 -10.36 2.14
N THR F 1316 56.74 -9.44 2.59
CA THR F 1316 56.26 -9.48 3.96
C THR F 1316 54.90 -10.09 4.17
N ASN F 1317 54.25 -10.47 3.08
CA ASN F 1317 52.90 -10.96 3.15
C ASN F 1317 52.86 -12.25 3.90
N LEU F 1318 51.72 -12.55 4.50
CA LEU F 1318 51.55 -13.74 5.29
C LEU F 1318 51.60 -14.97 4.42
N GLY F 1319 52.05 -16.07 4.98
CA GLY F 1319 52.11 -17.31 4.25
C GLY F 1319 53.44 -17.76 3.69
N ALA F 1320 53.58 -17.75 2.38
CA ALA F 1320 54.67 -18.46 1.77
C ALA F 1320 55.57 -17.61 0.89
N PRO F 1321 56.89 -18.07 0.80
CA PRO F 1321 57.76 -17.14 0.08
C PRO F 1321 57.32 -17.00 -1.35
N ALA F 1322 57.41 -15.81 -1.90
CA ALA F 1322 57.12 -15.65 -3.30
C ALA F 1322 58.14 -14.73 -3.89
N ALA F 1323 58.55 -15.01 -5.10
CA ALA F 1323 59.47 -14.12 -5.78
C ALA F 1323 58.77 -12.83 -6.09
N PHE F 1324 59.50 -11.73 -6.02
CA PHE F 1324 58.95 -10.46 -6.44
C PHE F 1324 60.02 -9.64 -7.11
N LYS F 1325 59.59 -8.75 -7.99
CA LYS F 1325 60.50 -7.88 -8.67
C LYS F 1325 60.21 -6.49 -8.19
N TYR F 1326 61.25 -5.76 -7.80
CA TYR F 1326 61.15 -4.35 -7.60
C TYR F 1326 61.90 -3.78 -8.77
N PHE F 1327 61.18 -3.14 -9.67
CA PHE F 1327 61.78 -2.64 -10.89
C PHE F 1327 62.47 -3.73 -11.70
N ASP F 1328 63.68 -3.47 -12.14
CA ASP F 1328 64.40 -4.41 -12.99
C ASP F 1328 65.15 -5.42 -12.13
N THR F 1329 65.11 -5.23 -10.82
CA THR F 1329 65.83 -6.13 -9.92
C THR F 1329 64.89 -7.11 -9.25
N THR F 1330 65.14 -8.40 -9.48
CA THR F 1330 64.26 -9.46 -9.03
C THR F 1330 64.82 -10.13 -7.80
N ILE F 1331 64.09 -10.03 -6.70
CA ILE F 1331 64.55 -10.58 -5.47
C ILE F 1331 63.78 -11.85 -5.19
N ASP F 1332 64.49 -12.94 -5.13
CA ASP F 1332 63.90 -14.24 -4.98
C ASP F 1332 63.36 -14.39 -3.57
N ARG F 1333 62.52 -15.39 -3.39
CA ARG F 1333 61.99 -15.73 -2.09
C ARG F 1333 63.00 -16.39 -1.18
N LYS F 1334 62.70 -16.33 0.10
CA LYS F 1334 63.48 -16.91 1.19
C LYS F 1334 62.60 -17.94 1.87
N ARG F 1335 62.72 -19.22 1.48
CA ARG F 1335 61.94 -20.28 2.11
C ARG F 1335 62.60 -20.71 3.39
N TYR F 1336 61.80 -21.12 4.37
CA TYR F 1336 62.34 -21.52 5.64
C TYR F 1336 62.51 -23.01 5.57
N THR F 1337 63.75 -23.47 5.50
CA THR F 1337 64.05 -24.82 5.03
C THR F 1337 64.14 -25.87 6.12
N SER F 1338 63.78 -25.50 7.33
CA SER F 1338 63.70 -26.48 8.41
C SER F 1338 62.67 -26.06 9.44
N THR F 1339 62.09 -26.99 10.18
CA THR F 1339 61.10 -26.63 11.20
C THR F 1339 61.48 -26.96 12.64
N LYS F 1340 62.76 -27.19 12.89
CA LYS F 1340 63.22 -27.59 14.21
C LYS F 1340 62.93 -26.53 15.26
N GLU F 1341 62.99 -25.29 14.88
CA GLU F 1341 62.81 -24.19 15.82
C GLU F 1341 61.44 -24.21 16.46
N VAL F 1342 60.46 -24.79 15.77
CA VAL F 1342 59.07 -24.81 16.21
C VAL F 1342 58.74 -25.53 17.52
N LEU F 1343 59.39 -26.65 17.76
CA LEU F 1343 59.00 -27.51 18.88
C LEU F 1343 59.21 -26.84 20.21
N ASP F 1344 59.97 -25.77 20.20
CA ASP F 1344 60.28 -25.00 21.40
C ASP F 1344 59.49 -23.71 21.50
N ALA F 1345 58.46 -23.58 20.68
CA ALA F 1345 57.53 -22.46 20.70
C ALA F 1345 56.29 -22.70 21.54
N THR F 1346 55.28 -21.84 21.34
CA THR F 1346 53.98 -22.06 21.91
C THR F 1346 53.08 -22.47 20.77
N LEU F 1347 52.36 -23.57 20.90
CA LEU F 1347 51.53 -24.03 19.80
C LEU F 1347 50.15 -23.45 19.95
N ILE F 1348 49.76 -22.63 18.99
CA ILE F 1348 48.51 -21.93 19.11
C ILE F 1348 47.46 -22.57 18.26
N HIS F 1349 46.43 -23.08 18.90
CA HIS F 1349 45.35 -23.71 18.19
C HIS F 1349 44.27 -22.66 18.18
N GLN F 1350 43.87 -22.26 16.98
CA GLN F 1350 42.91 -21.18 16.81
C GLN F 1350 41.49 -21.74 16.64
N SER F 1351 40.50 -20.86 16.81
CA SER F 1351 39.08 -21.10 16.54
C SER F 1351 38.69 -20.50 15.21
N ILE F 1352 37.42 -20.62 14.85
CA ILE F 1352 37.07 -20.14 13.51
C ILE F 1352 37.20 -18.63 13.46
N THR F 1353 36.72 -17.93 14.50
CA THR F 1353 36.99 -16.50 14.58
C THR F 1353 38.43 -16.22 14.96
N GLY F 1354 39.07 -17.17 15.64
CA GLY F 1354 40.33 -16.88 16.27
C GLY F 1354 40.18 -16.15 17.58
N LEU F 1355 38.94 -15.93 18.03
CA LEU F 1355 38.73 -15.37 19.36
C LEU F 1355 39.01 -16.41 20.44
N TYR F 1356 38.70 -17.68 20.13
CA TYR F 1356 38.73 -18.76 21.10
C TYR F 1356 39.98 -19.61 20.84
N GLU F 1357 41.05 -19.29 21.53
CA GLU F 1357 42.29 -20.02 21.36
C GLU F 1357 42.38 -21.13 22.40
N THR F 1358 43.44 -21.91 22.30
CA THR F 1358 43.97 -22.70 23.38
C THR F 1358 45.43 -22.87 23.09
N ARG F 1359 46.28 -22.44 24.02
CA ARG F 1359 47.70 -22.34 23.77
C ARG F 1359 48.50 -23.37 24.55
N ILE F 1360 49.40 -24.06 23.85
CA ILE F 1360 50.25 -25.04 24.47
C ILE F 1360 51.69 -24.59 24.38
N ASP F 1361 52.36 -24.49 25.52
CA ASP F 1361 53.77 -24.16 25.50
C ASP F 1361 54.48 -25.44 25.24
N LEU F 1362 55.33 -25.47 24.24
CA LEU F 1362 55.94 -26.71 23.85
C LEU F 1362 57.15 -27.03 24.68
N SER F 1363 56.91 -27.53 25.88
CA SER F 1363 57.97 -28.06 26.71
C SER F 1363 57.63 -29.51 26.98
N GLN F 1364 58.56 -30.41 26.69
CA GLN F 1364 58.38 -31.83 26.90
C GLN F 1364 59.43 -32.64 26.18
S SO4 I . -22.60 34.13 17.84
O1 SO4 I . -23.30 34.22 16.48
O2 SO4 I . -21.41 33.21 17.67
O3 SO4 I . -22.06 35.43 18.07
O4 SO4 I . -23.51 33.45 18.69
S SO4 J . 36.13 -15.50 -23.82
O1 SO4 J . 35.43 -15.41 -25.17
O2 SO4 J . 37.32 -16.42 -23.98
O3 SO4 J . 36.67 -14.20 -23.58
O4 SO4 J . 35.22 -16.18 -22.96
#